data_6ZOO
#
_entry.id   6ZOO
#
_cell.length_a   1.00
_cell.length_b   1.00
_cell.length_c   1.00
_cell.angle_alpha   90.00
_cell.angle_beta   90.00
_cell.angle_gamma   90.00
#
_symmetry.space_group_name_H-M   'P 1'
#
loop_
_entity.id
_entity.type
_entity.pdbx_description
1 polymer 'Photosystem I P700 chlorophyll a apoprotein A1'
2 polymer 'Photosystem I P700 chlorophyll a apoprotein A2'
3 polymer 'Photosystem I iron-sulfur center'
4 polymer PsaD
5 polymer 'Putative uncharacterized protein'
6 polymer 'Photosystem I reaction center subunit III'
7 polymer 'photosystem I reaction center'
8 polymer 'Photosystem I reaction center subunit VI,Photosystem I reaction center subunit VI'
9 polymer 'Photosystem I reaction center subunit VIII'
10 polymer 'Photosystem I reaction center subunit IX'
11 polymer 'Photosystem I reaction center subunit X psaK'
12 polymer 'PsaL domain-containing protein'
13 polymer 'Chlorophyll a-b binding protein 6, chloroplastic'
14 polymer 'Chlorophyll a-b binding protein, chloroplastic'
15 polymer 'Chlorophyll a-b binding protein 3, chloroplastic'
16 polymer 'Chlorophyll a-b binding protein P4, chloroplastic'
17 polymer 'Plastocyanin, chloroplastic'
18 non-polymer 'CHLOROPHYLL A ISOMER'
19 non-polymer 'CHLOROPHYLL A'
20 non-polymer PHYLLOQUINONE
21 non-polymer 'IRON/SULFUR CLUSTER'
22 non-polymer BETA-CAROTENE
23 non-polymer 1,2-DIPALMITOYL-PHOSPHATIDYL-GLYCEROLE
24 non-polymer DODECYL-BETA-D-MALTOSIDE
25 non-polymer 1,2-DISTEAROYL-MONOGALACTOSYL-DIGLYCERIDE
26 non-polymer 'CALCIUM ION'
27 non-polymer 'DIGALACTOSYL DIACYL GLYCEROL (DGDG)'
28 non-polymer "(3R,3'R,6S)-4,5-DIDEHYDRO-5,6-DIHYDRO-BETA,BETA-CAROTENE-3,3'-DIOL"
29 non-polymer 'CHLOROPHYLL B'
30 non-polymer "(3S,5R,6S,3'S,5'R,6'S)-5,6,5',6'-DIEPOXY-5,6,5',6'- TETRAHYDRO-BETA,BETA-CAROTENE-3,3'-DIOL"
31 non-polymer 1,2-DIACYL-GLYCEROL-3-SN-PHOSPHATE
32 non-polymer 'COPPER (II) ION'
33 water water
#
loop_
_entity_poly.entity_id
_entity_poly.type
_entity_poly.pdbx_seq_one_letter_code
_entity_poly.pdbx_strand_id
1 'polypeptide(L)'
;PEVKILVDRDPIKTSFEQWAKPGHFSRTIAKGPDTTTWIWNLHADAHDFDSHTSDLEEISRKVFSAHFGQLSIIFLWLSG
MYFHGARFSNYEAWLNDPT(SNK)IRPSAQVVWPIVGQEILNGDVGGGFRGIQITSGFFQIWRASGITSELQLYCTAIGA
LVFAALMLFAGWFHYHKAAPKLVWFQDVESMLNHHLAGLLGLGSLSWAGHQVHVSLPINQFLNAGVDPKEIPLPHEFILN
RDLLAQLYPSFAEGATPFFTLNWSKYADFLTFRGGLDPLTGGLWLTDIAHHHLAIAILFLIAGHMYRTNWGIGHGIKDIL
EAHKGPFTGQGHKGLYEILTTSWHAQLSINLAMLGSLTIIVAHHMYAMPPYPYLATDYGTQLSLFTHHMWIGGFLIVGAA
AHAAIFMVRDYDPTTRYNDLLDRVLRHRDAIISHLNWVCIFLGFHSFGLYIHNDTMSALGRPQDMFSDTAIQLQPVFAQW
IQNTHALAPGTTAPGATTSTSLTWGGGDLVSVGGKVALLPIPLGTADFLVHHIHAFTIHVTVLILLKGVLFARSSRLIPD
KANLGFRFPCDGPGRGGTCQVSAWDHVFLGLFWMYNAISVVIFHFSWKMQSDVWGSINDQGVVT(SNK)ITGGNFAQSSI
TINGWLRDFLWAQASQVIQSYGSSLSAYGLFFLGAHFVWAFSLMFLFSGRGYWQELIESIVWAHNKLKVAPATQPRALSI
VQGRAVGVTHYLLGGIATTWAFFLARIIAVG
;
A
2 'polypeptide(L)'
;ALRFPRFSQGLAQDPTTRRIWFGIATAHDFESHDDITEGRLYQNIFASHFGQLAIIFLWTSGNLFHVAWQGNFEAWVQDP
LHVRPIAHAIWDPHFGQPAVEAFTRGGALGPVNIAYSGVYQWWYTIGLRTNEDLYTGAIFLLFLSFISLLAGWLHLQPKW
KPSVSWFKNAESRLNHHLSGLFGVSSLAWAGHLVHVAIPGSRGEYVRWNNFLSVLPHPQGLGPLFTGQWNLYAQNPDSSN
HLFSTSQGAGTAILTLLGGFHPQTQSLWLTDMAHHHLAIAILFLIGGHMYRTNFGIGHSIKYILEAHIPPGGRLGRGHKG
LYDTINNSIHFQLGLALASLGVITSLVAQHMYSLPAYAFIAQDFTTQAALYTHHQYIAGFIMTGAFAHGAIFFIRDYNPE
QNADNVLARMLEHKEAIISHLSWASLFLGFHTLGLYVHNDVMLAFGTPEKQILIEPIFAQWIQSAHGKTSYGFDVLLSST
NSPALNAGRSIWLPGWLNAINENSNSLFLTIGPGDFLVHHAIALGLHTTTLILVKGALDARGSKLMPDKKDFGYSFPCDG
PGRGGTCDISAWDAFYLAVFWMLNTIGWVTFYWHWKHITLWQGNVSQFNESSTYLMGWLRDYLWLNSSQLINGYNPFGMN
SLSVWAWMFLFGHLVWATGFMFLISWRGYWQELIETLAWAHERTPLANLIRWRDKPVALSIVQARLVGLVHFSVGYIFTY
AAFLIASTSGKFG
;
B
3 'polypeptide(L)' SHSVKIYDTCIGCTQCVRACPTDVLEMIPWGGCKAKQIASAPRTEDCVGCKRCESACPTDFLSVRVYLWHETTRSMGLAY C
4 'polypeptide(L)'
;GFTPPELDPNTPSPIFGGSTGGLLRKAQVEEFYVITWESPKEQIFEMPTGGAAIMREGPNLLKLARKEQCLALGTRLRSK
YKIKYQFYRVFPSGEVQYLHPKDGVYPEKVNPGRQGVGVNFRSIGKNVSPIEVKFTGKQPYDL
;
D
5 'polypeptide(L)' PPIGPKRGAKVKILRQESYWYKGTGSVVAVDQDPNTRYPVVVRFNKVNYANVSTNNYALDEVEEVK E
6 'polypeptide(L)'
;DIAGLTPCKDSKQFAKREKQSIKKLESSLKLYAPDSAPALAINATIEKTKRRFDNYGKQGLLCGADGLPHLIVSGDQRHW
GEFITPGILFLYIAGWIGWVGRSYLIAIRDDKKPTQKEIIIDVPLATGLVFRGFSWPIAAYRELLNGELVAKDV
;
F
7 'polypeptide(L)'
;LNPSLVISLSTGLSLFLGRFVFFNFQRENVAKQGLPEQNGVTHFEAGDTRAKEYVSLLKSNDPVGFNIVDVLAWGSIGHI
VAYYILATSSNGYDPKF
;
G
8 'polypeptide(L)'
;YGDKSVYFDLEDLGNTTGQWDLYGSDAPSPYNSLQSKFFETFAAPFTKRGLLLKFLILGGGSTLAYFSATASGDILPIKK
GPQLPPQLGPRLG
;
H
9 'polypeptide(L)' INLPSLFVPLVGLLFPAVAMASLFLHVEKRL I
10 'polypeptide(L)' MRDLKTYLSVAPVASTLWFAALAGLLIEINRFFPDALTFPFF J
11 'polypeptide(L)'
;FIGSPTNLIMVTSTSLMLFAGRFGLAPSANRKATAGLKLEARDSGLQTGDPAGFTLADTLACGVVGHIIGVGVVLGLKNI
G
;
K
12 'polypeptide(L)'
;YQVVQPINGDPFIGSLETPVTSSPLVAWYLSNLPGYRTAVNPLLRGIEVGLAHGFLLVGPFVKAGPLRNTEIAGQAGSLA
AGGLVVILSICLTIYGISSFNEGDPSTAPSLTLTGRKKQPDQLQTADGWAKFTGGFFFGGISGVTWAFFLLYVLDLPYF
;
L
13 'polypeptide(L)'
;DWMPGQPRPSYLDGSAPGDFGFDPLRLGEVPENLERFKESELIHCRWAMLAVPGILVPEALGLGNWVKAQEWAALPGGQA
TYLGNPVPWGTLPTILVIEFLSIAFVEHQRSMEKDPEKKKYPGGAFDPLGYSKDPKKFHEYKIKEVKNGRLALLAFVGIC
VQQSAYPGTGPLENLATHLADPWHNTIGNVLIP
;
1
14 'polypeptide(L)'
;TVAEPDRPLWFPGSTPPPWLDGSLPGDFGFDPLGLGSDPESLRWNVQAELVHSRWAMLGAAGIFIPEFLTKLGILNTPSW
YTAGEQEYFTDTTTLFIVELVFIGWAEGRRWADILNPGCVNTDPIFPNNKLTGTDVGYPGGLWFDPLGWGSASPQKLKEL
RTKEIKNGRLAMLAVMGAWFQHIYTGTGPIDNLFAHLADPGHATIFAA
;
2
15 'polypeptide(L)'
;RPLWFASKQSLSYLDGSLPGDYGFDPLGLSDPEGTGGFIEPRWLAYGEVINGRFAMLGAVGAIAPEYLGKVGLIPQETAL
AWFQTGVIPPAGTYNYWADNYTLFVLEMALMGFAEHRRFQDWAKPGSMGKQYFLGLEKGFGGSGNPAYPGGPFFNPLGFG
KDEKSLKELKLKEVKNGRLAMLAILGYFIQGLVTGVGPYQNLLDHVADPVNNNVLTSLKFH
;
3
16 'polypeptide(L)'
;KKGEWLPGLASPGYLTGSLPGDNGFDPLGLAEDPENLKWFVQAELVNGRWAMLGVAGMLLPEVFTSIGIINVPKWYDAGK
EEYFASSSTLFVIEFILFHYVEIRRWQDIKNPGSVNQDPIFKQYSLPAGEVGYPGGIFNPLNFAPTLEAKEKEIANGRLA
MLAFLGFIIQHNVTGKGPFDNLLQHISDPWHNTIVQTL
;
4
17 'polypeptide(L)'
;VEVLLGASDGGLAFVPSSLEVSAGETIVFKNNAGFPHNVVFDEDEIPAGVDASKISMPEEDLLNAPGETYSVKLDAKGTY
KFYCSPHQGAGMVGQVTVN
;
P
#
# COMPACT_ATOMS: atom_id res chain seq x y z
N PRO A 1 -11.04 -32.13 -43.49
CA PRO A 1 -10.52 -33.34 -42.83
C PRO A 1 -9.00 -33.41 -42.85
N GLU A 2 -8.40 -33.06 -43.99
CA GLU A 2 -6.95 -33.10 -44.11
C GLU A 2 -6.32 -31.95 -43.34
N VAL A 3 -5.06 -32.14 -42.98
CA VAL A 3 -4.26 -31.12 -42.31
C VAL A 3 -3.46 -30.38 -43.37
N LYS A 4 -3.63 -29.06 -43.42
CA LYS A 4 -2.91 -28.24 -44.38
C LYS A 4 -2.69 -26.85 -43.79
N ILE A 5 -1.96 -26.03 -44.53
CA ILE A 5 -1.59 -24.69 -44.08
C ILE A 5 -2.57 -23.70 -44.68
N LEU A 6 -3.29 -22.99 -43.82
CA LEU A 6 -4.29 -22.01 -44.23
C LEU A 6 -3.97 -20.67 -43.58
N VAL A 7 -3.97 -19.60 -44.39
CA VAL A 7 -3.68 -18.26 -43.91
C VAL A 7 -4.52 -17.26 -44.67
N ASP A 8 -4.54 -16.03 -44.17
CA ASP A 8 -5.18 -14.90 -44.83
C ASP A 8 -4.16 -13.77 -44.96
N ARG A 9 -4.26 -13.04 -46.07
CA ARG A 9 -3.29 -12.02 -46.43
C ARG A 9 -3.73 -10.66 -45.92
N ASP A 10 -2.79 -9.91 -45.34
CA ASP A 10 -3.00 -8.53 -44.96
C ASP A 10 -4.33 -8.30 -44.24
N PRO A 11 -4.57 -8.99 -43.13
CA PRO A 11 -5.79 -8.72 -42.36
C PRO A 11 -5.80 -7.34 -41.73
N ILE A 12 -4.69 -6.94 -41.11
CA ILE A 12 -4.52 -5.61 -40.55
C ILE A 12 -3.26 -5.00 -41.14
N LYS A 13 -3.38 -3.77 -41.63
CA LYS A 13 -2.25 -3.05 -42.23
C LYS A 13 -1.54 -2.29 -41.12
N THR A 14 -0.23 -2.50 -41.01
CA THR A 14 0.56 -1.79 -40.02
C THR A 14 0.43 -0.29 -40.22
N SER A 15 0.20 0.43 -39.13
CA SER A 15 0.00 1.88 -39.19
C SER A 15 0.09 2.44 -37.78
N PHE A 16 -0.02 3.77 -37.70
CA PHE A 16 0.06 4.47 -36.42
C PHE A 16 -1.25 5.17 -36.06
N GLU A 17 -2.32 4.94 -36.82
CA GLU A 17 -3.58 5.63 -36.55
C GLU A 17 -4.12 5.25 -35.17
N GLN A 18 -4.13 3.95 -34.86
CA GLN A 18 -4.69 3.49 -33.60
C GLN A 18 -3.78 3.78 -32.41
N TRP A 19 -2.49 4.01 -32.64
CA TRP A 19 -1.61 4.43 -31.55
C TRP A 19 -2.04 5.79 -31.00
N ALA A 20 -2.41 6.71 -31.89
CA ALA A 20 -2.83 8.04 -31.46
C ALA A 20 -4.15 8.01 -30.70
N LYS A 21 -4.98 7.00 -30.92
CA LYS A 21 -6.27 6.91 -30.24
C LYS A 21 -6.15 5.91 -29.10
N PRO A 22 -6.12 6.34 -27.84
CA PRO A 22 -6.05 5.37 -26.74
C PRO A 22 -7.31 4.52 -26.63
N GLY A 23 -7.13 3.20 -26.64
CA GLY A 23 -8.24 2.29 -26.43
C GLY A 23 -9.14 2.13 -27.64
N HIS A 24 -8.53 1.85 -28.80
CA HIS A 24 -9.31 1.65 -30.02
C HIS A 24 -10.24 0.46 -29.91
N PHE A 25 -9.87 -0.56 -29.14
CA PHE A 25 -10.60 -1.82 -29.11
C PHE A 25 -12.03 -1.63 -28.63
N SER A 26 -12.23 -0.81 -27.60
CA SER A 26 -13.57 -0.59 -27.08
C SER A 26 -14.14 0.72 -27.62
N ARG A 27 -15.38 0.67 -28.10
CA ARG A 27 -15.97 1.85 -28.73
C ARG A 27 -16.07 3.00 -27.75
N THR A 28 -16.63 2.76 -26.57
CA THR A 28 -16.75 3.83 -25.57
C THR A 28 -15.37 4.34 -25.16
N ILE A 29 -14.41 3.42 -24.99
CA ILE A 29 -13.05 3.84 -24.68
C ILE A 29 -12.47 4.64 -25.84
N ALA A 30 -12.74 4.21 -27.07
CA ALA A 30 -12.25 4.95 -28.24
C ALA A 30 -12.81 6.37 -28.25
N LYS A 31 -14.03 6.56 -27.76
CA LYS A 31 -14.63 7.89 -27.77
C LYS A 31 -13.79 8.89 -27.00
N GLY A 32 -13.33 8.51 -25.81
CA GLY A 32 -12.48 9.37 -25.01
C GLY A 32 -12.70 9.20 -23.53
N PRO A 33 -11.87 9.87 -22.72
CA PRO A 33 -12.02 9.78 -21.26
C PRO A 33 -12.97 10.80 -20.67
N ASP A 34 -13.92 10.33 -19.87
CA ASP A 34 -14.78 11.23 -19.09
C ASP A 34 -14.27 11.41 -17.67
N THR A 35 -13.78 10.33 -17.07
CA THR A 35 -13.28 10.35 -15.70
C THR A 35 -11.99 9.55 -15.65
N THR A 36 -11.27 9.67 -14.53
CA THR A 36 -10.02 8.94 -14.40
C THR A 36 -10.23 7.43 -14.38
N THR A 37 -11.40 6.96 -13.95
CA THR A 37 -11.68 5.53 -13.98
C THR A 37 -11.39 4.94 -15.36
N TRP A 38 -11.80 5.66 -16.41
CA TRP A 38 -11.50 5.24 -17.78
C TRP A 38 -10.09 4.70 -17.89
N ILE A 39 -9.10 5.47 -17.42
CA ILE A 39 -7.70 5.09 -17.60
C ILE A 39 -7.48 3.67 -17.08
N TRP A 40 -7.91 3.42 -15.84
CA TRP A 40 -7.69 2.09 -15.27
C TRP A 40 -8.33 1.03 -16.13
N ASN A 41 -9.58 1.25 -16.55
CA ASN A 41 -10.24 0.26 -17.40
C ASN A 41 -9.40 -0.06 -18.62
N LEU A 42 -8.80 0.97 -19.22
CA LEU A 42 -8.03 0.77 -20.44
C LEU A 42 -6.95 -0.29 -20.23
N HIS A 43 -6.36 -0.33 -19.03
CA HIS A 43 -5.33 -1.32 -18.77
C HIS A 43 -5.94 -2.65 -18.32
N ALA A 44 -7.05 -2.59 -17.58
CA ALA A 44 -7.63 -3.80 -17.02
C ALA A 44 -8.11 -4.76 -18.09
N ASP A 45 -8.36 -4.28 -19.30
CA ASP A 45 -8.91 -5.09 -20.38
C ASP A 45 -8.01 -5.04 -21.60
N ALA A 46 -6.70 -4.88 -21.39
CA ALA A 46 -5.78 -4.79 -22.52
C ALA A 46 -5.69 -6.10 -23.29
N HIS A 47 -5.53 -7.21 -22.58
CA HIS A 47 -5.35 -8.52 -23.21
C HIS A 47 -6.60 -9.38 -23.15
N ASP A 48 -7.74 -8.79 -22.82
CA ASP A 48 -9.00 -9.52 -22.79
C ASP A 48 -9.57 -9.54 -24.21
N PHE A 49 -8.93 -10.32 -25.07
CA PHE A 49 -9.31 -10.34 -26.47
C PHE A 49 -10.74 -10.84 -26.67
N ASP A 50 -11.14 -11.87 -25.93
CA ASP A 50 -12.46 -12.46 -26.11
C ASP A 50 -13.60 -11.52 -25.74
N SER A 51 -13.31 -10.40 -25.06
CA SER A 51 -14.33 -9.41 -24.74
C SER A 51 -14.39 -8.27 -25.73
N HIS A 52 -13.27 -7.92 -26.38
CA HIS A 52 -13.29 -6.89 -27.40
C HIS A 52 -14.05 -7.32 -28.65
N THR A 53 -14.09 -8.62 -28.93
CA THR A 53 -14.79 -9.16 -30.09
C THR A 53 -15.37 -10.51 -29.70
N SER A 54 -16.07 -11.13 -30.64
CA SER A 54 -16.63 -12.46 -30.44
C SER A 54 -16.19 -13.47 -31.49
N ASP A 55 -15.45 -13.03 -32.51
CA ASP A 55 -14.98 -13.94 -33.54
C ASP A 55 -13.81 -14.75 -33.03
N LEU A 56 -13.90 -16.08 -33.14
CA LEU A 56 -12.83 -16.94 -32.66
C LEU A 56 -11.56 -16.74 -33.46
N GLU A 57 -11.68 -16.46 -34.76
CA GLU A 57 -10.51 -16.32 -35.61
C GLU A 57 -9.65 -15.14 -35.16
N GLU A 58 -10.29 -13.99 -34.89
CA GLU A 58 -9.53 -12.83 -34.45
C GLU A 58 -8.86 -13.08 -33.11
N ILE A 59 -9.57 -13.71 -32.17
CA ILE A 59 -8.98 -14.02 -30.88
C ILE A 59 -7.77 -14.92 -31.05
N SER A 60 -7.90 -15.94 -31.90
CA SER A 60 -6.79 -16.88 -32.11
C SER A 60 -5.59 -16.17 -32.73
N ARG A 61 -5.81 -15.30 -33.71
CA ARG A 61 -4.71 -14.59 -34.33
C ARG A 61 -4.01 -13.68 -33.32
N LYS A 62 -4.79 -12.98 -32.50
CA LYS A 62 -4.20 -12.13 -31.47
C LYS A 62 -3.39 -12.94 -30.48
N VAL A 63 -3.91 -14.11 -30.09
CA VAL A 63 -3.20 -14.96 -29.13
C VAL A 63 -1.88 -15.43 -29.73
N PHE A 64 -1.90 -15.87 -30.99
CA PHE A 64 -0.67 -16.32 -31.63
C PHE A 64 0.38 -15.21 -31.70
N SER A 65 -0.04 -14.02 -32.12
CA SER A 65 0.91 -12.91 -32.20
C SER A 65 1.44 -12.49 -30.84
N ALA A 66 0.58 -12.46 -29.81
CA ALA A 66 1.04 -12.14 -28.47
C ALA A 66 2.02 -13.18 -27.96
N HIS A 67 1.79 -14.45 -28.30
CA HIS A 67 2.75 -15.49 -27.98
C HIS A 67 4.10 -15.19 -28.61
N PHE A 68 4.10 -14.78 -29.87
CA PHE A 68 5.36 -14.43 -30.53
C PHE A 68 6.05 -13.28 -29.80
N GLY A 69 5.28 -12.27 -29.41
CA GLY A 69 5.87 -11.15 -28.69
C GLY A 69 6.50 -11.57 -27.37
N GLN A 70 5.80 -12.40 -26.61
CA GLN A 70 6.35 -12.85 -25.33
C GLN A 70 7.58 -13.72 -25.53
N LEU A 71 7.57 -14.55 -26.57
CA LEU A 71 8.76 -15.34 -26.88
C LEU A 71 9.94 -14.45 -27.22
N SER A 72 9.69 -13.36 -27.96
CA SER A 72 10.75 -12.40 -28.24
C SER A 72 11.28 -11.79 -26.95
N ILE A 73 10.38 -11.45 -26.02
CA ILE A 73 10.81 -10.88 -24.74
C ILE A 73 11.71 -11.86 -24.00
N ILE A 74 11.31 -13.14 -23.96
CA ILE A 74 12.12 -14.14 -23.27
C ILE A 74 13.49 -14.25 -23.91
N PHE A 75 13.54 -14.24 -25.25
CA PHE A 75 14.84 -14.33 -25.93
C PHE A 75 15.71 -13.12 -25.59
N LEU A 76 15.12 -11.93 -25.54
CA LEU A 76 15.89 -10.75 -25.17
C LEU A 76 16.43 -10.88 -23.75
N TRP A 77 15.62 -11.41 -22.83
CA TRP A 77 16.06 -11.62 -21.46
C TRP A 77 17.24 -12.58 -21.41
N LEU A 78 17.17 -13.68 -22.16
CA LEU A 78 18.27 -14.64 -22.17
C LEU A 78 19.53 -14.03 -22.76
N SER A 79 19.38 -13.24 -23.83
CA SER A 79 20.54 -12.58 -24.43
C SER A 79 21.18 -11.64 -23.43
N GLY A 80 20.37 -10.90 -22.66
CA GLY A 80 20.91 -10.06 -21.62
C GLY A 80 21.68 -10.86 -20.59
N MET A 81 21.14 -12.00 -20.18
CA MET A 81 21.85 -12.87 -19.24
C MET A 81 23.23 -13.22 -19.77
N TYR A 82 23.27 -13.74 -21.01
CA TYR A 82 24.53 -14.22 -21.55
C TYR A 82 25.52 -13.08 -21.73
N PHE A 83 25.04 -11.91 -22.16
CA PHE A 83 25.95 -10.77 -22.30
C PHE A 83 26.52 -10.34 -20.96
N HIS A 84 25.67 -10.25 -19.93
CA HIS A 84 26.17 -9.85 -18.61
C HIS A 84 27.17 -10.86 -18.08
N GLY A 85 26.91 -12.15 -18.27
CA GLY A 85 27.88 -13.15 -17.90
C GLY A 85 29.18 -13.01 -18.68
N ALA A 86 29.09 -12.60 -19.95
CA ALA A 86 30.27 -12.47 -20.78
C ALA A 86 31.14 -11.29 -20.38
N ARG A 87 30.54 -10.14 -20.13
CA ARG A 87 31.30 -8.91 -19.89
C ARG A 87 31.42 -8.54 -18.42
N PHE A 88 30.31 -8.47 -17.69
CA PHE A 88 30.30 -7.98 -16.32
C PHE A 88 30.26 -9.11 -15.29
N SER A 89 31.09 -10.14 -15.49
CA SER A 89 31.11 -11.30 -14.61
C SER A 89 32.53 -11.80 -14.43
N ASN A 90 32.71 -12.60 -13.39
CA ASN A 90 33.98 -13.26 -13.12
C ASN A 90 33.87 -14.75 -13.44
N TYR A 91 33.32 -15.07 -14.61
CA TYR A 91 33.01 -16.46 -14.91
C TYR A 91 34.28 -17.30 -15.03
N GLU A 92 35.33 -16.77 -15.67
CA GLU A 92 36.55 -17.56 -15.83
C GLU A 92 37.25 -17.78 -14.50
N ALA A 93 37.31 -16.74 -13.65
CA ALA A 93 37.90 -16.90 -12.33
C ALA A 93 37.16 -17.97 -11.54
N TRP A 94 35.84 -17.96 -11.59
CA TRP A 94 35.05 -18.97 -10.92
C TRP A 94 35.31 -20.35 -11.52
N LEU A 95 35.46 -20.40 -12.85
CA LEU A 95 35.72 -21.67 -13.52
C LEU A 95 37.05 -22.28 -13.07
N ASN A 96 38.07 -21.44 -12.85
CA ASN A 96 39.35 -21.96 -12.39
C ASN A 96 39.23 -22.58 -11.01
N ASP A 97 38.48 -21.95 -10.10
CA ASP A 97 38.30 -22.44 -8.74
C ASP A 97 36.84 -22.25 -8.34
N PRO A 98 35.98 -23.25 -8.58
CA PRO A 98 34.54 -23.06 -8.34
C PRO A 98 34.21 -22.80 -6.88
N THR A 99 34.64 -23.68 -5.99
CA THR A 99 34.29 -23.58 -4.57
C THR A 99 34.87 -22.32 -3.93
N ILE A 101 35.57 -19.07 -5.50
CA ILE A 101 34.98 -17.81 -5.92
C ILE A 101 33.46 -17.87 -5.84
N ARG A 102 32.86 -16.77 -5.42
CA ARG A 102 31.40 -16.66 -5.36
C ARG A 102 30.88 -16.06 -6.66
N PRO A 103 29.98 -16.73 -7.36
CA PRO A 103 29.56 -16.23 -8.69
C PRO A 103 28.96 -14.84 -8.60
N SER A 104 29.26 -14.03 -9.61
CA SER A 104 28.75 -12.65 -9.67
C SER A 104 28.76 -12.22 -11.11
N ALA A 105 27.68 -11.57 -11.56
CA ALA A 105 27.53 -11.12 -12.93
C ALA A 105 26.76 -9.81 -12.99
N GLN A 106 27.04 -8.91 -12.04
CA GLN A 106 26.41 -7.60 -12.05
C GLN A 106 27.25 -6.65 -11.22
N VAL A 107 27.64 -5.53 -11.80
CA VAL A 107 28.34 -4.46 -11.10
C VAL A 107 27.48 -3.22 -11.14
N VAL A 108 27.69 -2.33 -10.18
CA VAL A 108 26.95 -1.09 -10.07
C VAL A 108 27.92 0.07 -10.25
N TRP A 109 27.51 1.06 -11.05
CA TRP A 109 28.34 2.24 -11.23
C TRP A 109 28.45 2.99 -9.91
N PRO A 110 29.55 3.72 -9.68
CA PRO A 110 29.69 4.51 -8.45
C PRO A 110 29.13 5.93 -8.60
N ILE A 111 27.95 6.17 -8.05
CA ILE A 111 27.27 7.45 -8.27
C ILE A 111 26.93 8.13 -6.95
N VAL A 112 26.18 7.45 -6.08
CA VAL A 112 25.70 8.09 -4.84
C VAL A 112 26.17 7.29 -3.64
N GLY A 113 27.40 6.79 -3.70
CA GLY A 113 27.92 5.92 -2.66
C GLY A 113 27.37 4.51 -2.69
N GLN A 114 26.65 4.15 -3.75
CA GLN A 114 26.12 2.80 -3.87
C GLN A 114 27.20 1.77 -4.22
N GLU A 115 28.41 2.21 -4.55
CA GLU A 115 29.47 1.28 -4.91
C GLU A 115 29.81 0.32 -3.77
N ILE A 116 29.29 0.55 -2.57
CA ILE A 116 29.47 -0.40 -1.48
C ILE A 116 28.88 -1.75 -1.85
N LEU A 117 27.87 -1.76 -2.72
CA LEU A 117 27.25 -3.02 -3.14
C LEU A 117 28.19 -3.88 -3.98
N ASN A 118 29.22 -3.28 -4.58
CA ASN A 118 30.24 -4.04 -5.29
C ASN A 118 31.13 -4.71 -4.26
N GLY A 119 30.63 -5.82 -3.71
CA GLY A 119 31.34 -6.52 -2.68
C GLY A 119 32.44 -7.43 -3.21
N ASP A 120 33.26 -7.91 -2.28
CA ASP A 120 34.37 -8.79 -2.61
C ASP A 120 33.84 -10.20 -2.82
N VAL A 121 33.68 -10.59 -4.09
CA VAL A 121 33.15 -11.91 -4.43
C VAL A 121 34.27 -12.90 -4.79
N GLY A 122 35.51 -12.46 -4.77
CA GLY A 122 36.62 -13.32 -5.11
C GLY A 122 36.95 -13.29 -6.60
N GLY A 123 38.11 -13.84 -6.93
CA GLY A 123 38.57 -13.83 -8.30
C GLY A 123 38.96 -12.47 -8.81
N GLY A 124 39.47 -11.59 -7.94
CA GLY A 124 39.86 -10.26 -8.38
C GLY A 124 38.71 -9.46 -8.97
N PHE A 125 37.51 -9.62 -8.42
CA PHE A 125 36.31 -9.01 -8.96
C PHE A 125 35.47 -8.45 -7.83
N ARG A 126 34.78 -7.36 -8.10
CA ARG A 126 33.86 -6.74 -7.15
C ARG A 126 32.52 -6.54 -7.85
N GLY A 127 31.47 -7.16 -7.32
CA GLY A 127 30.16 -7.03 -7.89
C GLY A 127 29.10 -7.56 -6.96
N ILE A 128 27.92 -7.79 -7.52
CA ILE A 128 26.77 -8.29 -6.78
C ILE A 128 26.66 -9.79 -7.05
N GLN A 129 26.68 -10.57 -5.97
CA GLN A 129 26.60 -12.02 -6.11
C GLN A 129 25.24 -12.41 -6.67
N ILE A 130 25.25 -13.35 -7.61
CA ILE A 130 24.05 -13.79 -8.31
C ILE A 130 23.69 -15.20 -7.82
N THR A 131 22.40 -15.42 -7.57
CA THR A 131 21.90 -16.72 -7.13
C THR A 131 21.08 -17.42 -8.20
N SER A 132 21.12 -16.93 -9.44
CA SER A 132 20.33 -17.53 -10.51
C SER A 132 20.88 -18.88 -10.96
N GLY A 133 22.13 -19.20 -10.61
CA GLY A 133 22.71 -20.46 -11.01
C GLY A 133 23.12 -20.56 -12.46
N PHE A 134 23.41 -19.43 -13.11
CA PHE A 134 23.80 -19.46 -14.51
C PHE A 134 25.20 -20.05 -14.69
N PHE A 135 26.10 -19.78 -13.74
CA PHE A 135 27.47 -20.27 -13.87
C PHE A 135 27.50 -21.79 -13.95
N GLN A 136 26.68 -22.45 -13.12
CA GLN A 136 26.62 -23.90 -13.15
C GLN A 136 26.10 -24.41 -14.50
N ILE A 137 25.09 -23.73 -15.06
CA ILE A 137 24.57 -24.14 -16.35
C ILE A 137 25.64 -24.01 -17.42
N TRP A 138 26.37 -22.89 -17.42
CA TRP A 138 27.39 -22.68 -18.43
C TRP A 138 28.52 -23.70 -18.28
N ARG A 139 28.90 -24.02 -17.04
CA ARG A 139 29.90 -25.05 -16.83
C ARG A 139 29.42 -26.41 -17.32
N ALA A 140 28.15 -26.75 -17.06
CA ALA A 140 27.62 -28.02 -17.50
C ALA A 140 27.49 -28.08 -19.02
N SER A 141 27.30 -26.95 -19.68
CA SER A 141 27.20 -26.91 -21.13
C SER A 141 28.55 -26.98 -21.82
N GLY A 142 29.65 -26.74 -21.10
CA GLY A 142 30.97 -26.77 -21.66
C GLY A 142 31.54 -25.43 -22.06
N ILE A 143 30.90 -24.33 -21.66
CA ILE A 143 31.39 -22.99 -21.99
C ILE A 143 32.58 -22.69 -21.09
N THR A 144 33.71 -22.33 -21.70
CA THR A 144 34.95 -22.09 -20.97
C THR A 144 35.48 -20.67 -21.11
N SER A 145 35.19 -19.98 -22.20
CA SER A 145 35.67 -18.63 -22.44
C SER A 145 34.49 -17.68 -22.60
N GLU A 146 34.79 -16.39 -22.56
CA GLU A 146 33.77 -15.36 -22.74
C GLU A 146 33.42 -15.11 -24.20
N LEU A 147 34.24 -15.59 -25.13
CA LEU A 147 33.88 -15.49 -26.55
C LEU A 147 32.61 -16.29 -26.83
N GLN A 148 32.51 -17.49 -26.25
CA GLN A 148 31.31 -18.29 -26.44
C GLN A 148 30.09 -17.61 -25.84
N LEU A 149 30.24 -17.01 -24.66
CA LEU A 149 29.12 -16.29 -24.05
C LEU A 149 28.70 -15.09 -24.91
N TYR A 150 29.68 -14.36 -25.45
CA TYR A 150 29.36 -13.25 -26.34
C TYR A 150 28.58 -13.74 -27.57
N CYS A 151 29.05 -14.84 -28.16
CA CYS A 151 28.38 -15.37 -29.34
C CYS A 151 26.95 -15.80 -29.01
N THR A 152 26.77 -16.44 -27.85
CA THR A 152 25.42 -16.85 -27.46
C THR A 152 24.52 -15.64 -27.24
N ALA A 153 25.06 -14.58 -26.62
CA ALA A 153 24.27 -13.38 -26.41
C ALA A 153 23.84 -12.76 -27.74
N ILE A 154 24.78 -12.65 -28.69
CA ILE A 154 24.43 -12.08 -29.99
C ILE A 154 23.39 -12.95 -30.69
N GLY A 155 23.56 -14.27 -30.66
CA GLY A 155 22.58 -15.15 -31.29
C GLY A 155 21.21 -15.02 -30.67
N ALA A 156 21.15 -14.92 -29.33
CA ALA A 156 19.87 -14.75 -28.67
C ALA A 156 19.22 -13.42 -29.03
N LEU A 157 20.03 -12.36 -29.17
CA LEU A 157 19.48 -11.08 -29.63
C LEU A 157 18.88 -11.22 -31.03
N VAL A 158 19.59 -11.91 -31.93
CA VAL A 158 19.08 -12.10 -33.28
C VAL A 158 17.78 -12.89 -33.24
N PHE A 159 17.69 -13.91 -32.38
CA PHE A 159 16.47 -14.69 -32.31
C PHE A 159 15.33 -13.90 -31.70
N ALA A 160 15.63 -12.99 -30.77
CA ALA A 160 14.59 -12.10 -30.26
C ALA A 160 14.04 -11.22 -31.38
N ALA A 161 14.93 -10.68 -32.21
CA ALA A 161 14.47 -9.91 -33.36
C ALA A 161 13.63 -10.76 -34.30
N LEU A 162 14.04 -12.01 -34.51
CA LEU A 162 13.29 -12.90 -35.40
C LEU A 162 11.90 -13.20 -34.83
N MET A 163 11.81 -13.41 -33.52
CA MET A 163 10.51 -13.64 -32.88
C MET A 163 9.60 -12.43 -33.05
N LEU A 164 10.16 -11.23 -32.83
CA LEU A 164 9.36 -10.03 -32.98
C LEU A 164 8.85 -9.89 -34.41
N PHE A 165 9.73 -10.10 -35.39
CA PHE A 165 9.31 -10.02 -36.78
C PHE A 165 8.26 -11.07 -37.09
N ALA A 166 8.41 -12.27 -36.54
CA ALA A 166 7.43 -13.32 -36.78
C ALA A 166 6.06 -12.93 -36.26
N GLY A 167 6.02 -12.35 -35.06
CA GLY A 167 4.75 -11.87 -34.54
C GLY A 167 4.11 -10.83 -35.44
N TRP A 168 4.90 -9.83 -35.86
CA TRP A 168 4.36 -8.81 -36.74
C TRP A 168 3.84 -9.43 -38.04
N PHE A 169 4.65 -10.29 -38.65
CA PHE A 169 4.31 -10.86 -39.95
C PHE A 169 3.06 -11.72 -39.86
N HIS A 170 2.92 -12.48 -38.77
CA HIS A 170 1.78 -13.38 -38.66
C HIS A 170 0.50 -12.64 -38.29
N TYR A 171 0.60 -11.51 -37.59
CA TYR A 171 -0.62 -10.77 -37.32
C TYR A 171 -1.03 -9.83 -38.45
N HIS A 172 -0.08 -9.31 -39.21
CA HIS A 172 -0.37 -8.27 -40.19
C HIS A 172 -0.25 -8.71 -41.63
N LYS A 173 0.57 -9.72 -41.93
CA LYS A 173 0.79 -10.16 -43.31
C LYS A 173 0.13 -11.49 -43.62
N ALA A 174 0.36 -12.51 -42.79
CA ALA A 174 -0.16 -13.85 -43.03
C ALA A 174 -0.72 -14.39 -41.72
N ALA A 175 -2.02 -14.25 -41.53
CA ALA A 175 -2.66 -14.67 -40.28
C ALA A 175 -3.33 -16.02 -40.49
N PRO A 176 -2.94 -17.08 -39.75
CA PRO A 176 -3.58 -18.38 -39.97
C PRO A 176 -5.08 -18.33 -39.71
N LYS A 177 -5.81 -19.15 -40.46
CA LYS A 177 -7.26 -19.19 -40.33
C LYS A 177 -7.66 -20.11 -39.17
N LEU A 178 -8.96 -20.07 -38.84
CA LEU A 178 -9.44 -20.76 -37.64
C LEU A 178 -9.21 -22.27 -37.73
N VAL A 179 -9.49 -22.87 -38.89
CA VAL A 179 -9.31 -24.31 -39.03
C VAL A 179 -7.87 -24.70 -38.77
N TRP A 180 -6.92 -23.81 -39.04
CA TRP A 180 -5.52 -24.09 -38.73
C TRP A 180 -5.28 -24.20 -37.23
N PHE A 181 -5.85 -23.27 -36.45
CA PHE A 181 -5.71 -23.33 -35.00
C PHE A 181 -6.47 -24.51 -34.40
N GLN A 182 -7.60 -24.88 -34.99
CA GLN A 182 -8.42 -25.96 -34.44
C GLN A 182 -7.87 -27.34 -34.78
N ASP A 183 -6.77 -27.42 -35.51
CA ASP A 183 -6.15 -28.70 -35.86
C ASP A 183 -5.25 -29.13 -34.71
N VAL A 184 -5.83 -29.83 -33.74
CA VAL A 184 -5.10 -30.20 -32.54
C VAL A 184 -4.33 -31.51 -32.68
N GLU A 185 -4.77 -32.42 -33.53
CA GLU A 185 -4.05 -33.68 -33.70
C GLU A 185 -2.63 -33.44 -34.21
N SER A 186 -2.50 -32.68 -35.30
CA SER A 186 -1.18 -32.40 -35.86
C SER A 186 -0.35 -31.56 -34.89
N MET A 187 -1.00 -30.63 -34.19
CA MET A 187 -0.31 -29.81 -33.20
C MET A 187 0.32 -30.68 -32.12
N LEU A 188 -0.46 -31.62 -31.58
CA LEU A 188 0.06 -32.52 -30.56
C LEU A 188 1.15 -33.39 -31.11
N ASN A 189 0.98 -33.90 -32.34
CA ASN A 189 2.00 -34.76 -32.93
C ASN A 189 3.33 -34.01 -33.07
N HIS A 190 3.28 -32.76 -33.51
CA HIS A 190 4.51 -32.00 -33.71
C HIS A 190 5.15 -31.62 -32.38
N HIS A 191 4.34 -31.14 -31.43
CA HIS A 191 4.91 -30.72 -30.15
C HIS A 191 5.51 -31.91 -29.41
N LEU A 192 4.84 -33.06 -29.44
CA LEU A 192 5.39 -34.24 -28.78
C LEU A 192 6.68 -34.69 -29.44
N ALA A 193 6.72 -34.70 -30.77
CA ALA A 193 7.88 -35.19 -31.50
C ALA A 193 8.77 -34.07 -32.02
N GLY A 194 8.18 -33.10 -32.73
CA GLY A 194 9.00 -32.05 -33.34
C GLY A 194 9.70 -31.19 -32.32
N LEU A 195 9.04 -30.90 -31.19
CA LEU A 195 9.58 -29.97 -30.21
C LEU A 195 10.30 -30.71 -29.08
N LEU A 196 9.56 -31.51 -28.31
CA LEU A 196 10.12 -32.13 -27.12
C LEU A 196 11.09 -33.25 -27.48
N GLY A 197 10.63 -34.22 -28.27
CA GLY A 197 11.47 -35.35 -28.61
C GLY A 197 12.71 -34.94 -29.39
N LEU A 198 12.49 -34.16 -30.45
CA LEU A 198 13.60 -33.71 -31.28
C LEU A 198 14.54 -32.79 -30.50
N GLY A 199 13.98 -31.91 -29.68
CA GLY A 199 14.82 -31.03 -28.88
C GLY A 199 15.65 -31.80 -27.88
N SER A 200 15.06 -32.81 -27.24
CA SER A 200 15.83 -33.64 -26.32
C SER A 200 16.91 -34.42 -27.05
N LEU A 201 16.62 -34.93 -28.25
CA LEU A 201 17.66 -35.60 -29.03
C LEU A 201 18.80 -34.65 -29.35
N SER A 202 18.46 -33.41 -29.73
CA SER A 202 19.48 -32.43 -30.04
C SER A 202 20.35 -32.14 -28.83
N TRP A 203 19.72 -31.96 -27.66
CA TRP A 203 20.49 -31.67 -26.46
C TRP A 203 21.36 -32.85 -26.06
N ALA A 204 20.85 -34.07 -26.19
CA ALA A 204 21.66 -35.25 -25.93
C ALA A 204 22.86 -35.29 -26.87
N GLY A 205 22.65 -34.97 -28.14
CA GLY A 205 23.76 -34.91 -29.07
C GLY A 205 24.80 -33.90 -28.66
N HIS A 206 24.37 -32.73 -28.19
CA HIS A 206 25.32 -31.75 -27.70
C HIS A 206 26.09 -32.29 -26.50
N GLN A 207 25.39 -32.93 -25.56
CA GLN A 207 26.04 -33.39 -24.34
C GLN A 207 27.08 -34.45 -24.64
N VAL A 208 26.80 -35.33 -25.59
CA VAL A 208 27.75 -36.39 -25.93
C VAL A 208 29.03 -35.79 -26.49
N HIS A 209 28.92 -34.68 -27.22
CA HIS A 209 30.07 -34.16 -27.95
C HIS A 209 30.78 -33.03 -27.23
N VAL A 210 30.05 -32.21 -26.47
CA VAL A 210 30.59 -31.00 -25.86
C VAL A 210 30.62 -31.10 -24.34
N SER A 211 29.49 -31.43 -23.73
CA SER A 211 29.43 -31.49 -22.27
C SER A 211 30.37 -32.55 -21.71
N LEU A 212 30.28 -33.78 -22.24
CA LEU A 212 31.05 -34.87 -21.67
C LEU A 212 32.55 -34.64 -21.78
N PRO A 213 33.14 -34.51 -22.97
CA PRO A 213 34.59 -34.33 -23.06
C PRO A 213 35.11 -33.08 -22.37
N ILE A 214 34.37 -31.97 -22.42
CA ILE A 214 34.82 -30.74 -21.79
C ILE A 214 34.78 -30.85 -20.26
N ASN A 215 33.68 -31.37 -19.72
CA ASN A 215 33.60 -31.51 -18.27
C ASN A 215 34.58 -32.56 -17.76
N GLN A 216 34.87 -33.58 -18.56
CA GLN A 216 35.88 -34.55 -18.15
C GLN A 216 37.25 -33.89 -18.04
N PHE A 217 37.61 -33.07 -19.03
CA PHE A 217 38.86 -32.33 -18.95
C PHE A 217 38.88 -31.40 -17.75
N LEU A 218 37.77 -30.70 -17.51
CA LEU A 218 37.71 -29.77 -16.38
C LEU A 218 37.90 -30.50 -15.05
N ASN A 219 37.23 -31.65 -14.89
CA ASN A 219 37.33 -32.41 -13.64
C ASN A 219 38.67 -33.11 -13.51
N ALA A 220 39.37 -33.37 -14.62
CA ALA A 220 40.71 -33.92 -14.55
C ALA A 220 41.72 -32.93 -14.00
N GLY A 221 41.34 -31.66 -13.87
CA GLY A 221 42.22 -30.64 -13.32
C GLY A 221 42.86 -29.74 -14.36
N VAL A 222 42.58 -29.93 -15.65
CA VAL A 222 43.18 -29.10 -16.68
C VAL A 222 42.64 -27.68 -16.56
N ASP A 223 43.54 -26.71 -16.69
CA ASP A 223 43.13 -25.32 -16.66
C ASP A 223 42.14 -25.04 -17.80
N PRO A 224 41.10 -24.24 -17.57
CA PRO A 224 40.08 -24.07 -18.62
C PRO A 224 40.64 -23.56 -19.94
N LYS A 225 41.65 -22.70 -19.92
CA LYS A 225 42.17 -22.13 -21.15
C LYS A 225 43.06 -23.09 -21.93
N GLU A 226 43.51 -24.18 -21.32
CA GLU A 226 44.33 -25.18 -21.99
C GLU A 226 43.52 -26.31 -22.59
N ILE A 227 42.20 -26.32 -22.40
CA ILE A 227 41.34 -27.38 -22.91
C ILE A 227 41.15 -27.19 -24.40
N PRO A 228 41.12 -28.26 -25.21
CA PRO A 228 40.79 -28.09 -26.62
C PRO A 228 39.40 -27.52 -26.80
N LEU A 229 39.23 -26.74 -27.87
CA LEU A 229 37.94 -26.10 -28.11
C LEU A 229 36.88 -27.16 -28.40
N PRO A 230 35.61 -26.85 -28.12
CA PRO A 230 34.56 -27.87 -28.26
C PRO A 230 34.44 -28.43 -29.67
N HIS A 231 34.80 -27.64 -30.67
CA HIS A 231 34.75 -28.12 -32.05
C HIS A 231 35.85 -29.11 -32.38
N GLU A 232 37.03 -29.00 -31.75
CA GLU A 232 38.11 -29.93 -32.03
C GLU A 232 37.65 -31.36 -31.77
N PHE A 233 36.97 -31.59 -30.65
CA PHE A 233 36.46 -32.92 -30.32
C PHE A 233 35.61 -33.53 -31.42
N ILE A 234 35.12 -32.72 -32.35
CA ILE A 234 34.35 -33.21 -33.49
C ILE A 234 35.25 -33.47 -34.69
N LEU A 235 36.21 -32.58 -34.94
CA LEU A 235 37.11 -32.77 -36.08
C LEU A 235 37.94 -34.04 -35.89
N ASN A 236 38.81 -34.06 -34.90
CA ASN A 236 39.66 -35.21 -34.62
C ASN A 236 38.99 -36.07 -33.55
N ARG A 237 38.68 -37.32 -33.90
CA ARG A 237 37.89 -38.18 -33.04
C ARG A 237 38.72 -38.87 -31.96
N ASP A 238 40.03 -38.99 -32.14
CA ASP A 238 40.85 -39.59 -31.10
C ASP A 238 40.81 -38.78 -29.82
N LEU A 239 40.53 -37.47 -29.91
CA LEU A 239 40.31 -36.69 -28.71
C LEU A 239 39.23 -37.33 -27.84
N LEU A 240 38.10 -37.70 -28.44
CA LEU A 240 37.06 -38.39 -27.70
C LEU A 240 37.49 -39.81 -27.34
N ALA A 241 38.17 -40.49 -28.25
CA ALA A 241 38.58 -41.86 -27.98
C ALA A 241 39.41 -41.96 -26.72
N GLN A 242 40.26 -40.96 -26.45
CA GLN A 242 41.11 -41.01 -25.27
C GLN A 242 40.28 -41.03 -24.00
N LEU A 243 39.30 -40.13 -23.89
CA LEU A 243 38.47 -40.07 -22.69
C LEU A 243 37.60 -41.30 -22.55
N TYR A 244 36.93 -41.70 -23.64
CA TYR A 244 36.04 -42.86 -23.66
C TYR A 244 36.43 -43.73 -24.85
N PRO A 245 37.01 -44.91 -24.62
CA PRO A 245 37.50 -45.70 -25.76
C PRO A 245 36.42 -46.11 -26.75
N SER A 246 35.16 -46.21 -26.31
CA SER A 246 34.13 -46.81 -27.14
C SER A 246 33.79 -45.97 -28.36
N PHE A 247 34.26 -44.72 -28.40
CA PHE A 247 34.11 -43.89 -29.60
C PHE A 247 34.96 -44.37 -30.76
N ALA A 248 35.89 -45.29 -30.51
CA ALA A 248 36.77 -45.76 -31.58
C ALA A 248 35.98 -46.45 -32.69
N GLU A 249 35.07 -47.35 -32.33
CA GLU A 249 34.30 -48.05 -33.36
C GLU A 249 33.44 -47.09 -34.16
N GLY A 250 32.75 -46.17 -33.47
CA GLY A 250 32.03 -45.11 -34.15
C GLY A 250 30.78 -45.56 -34.88
N ALA A 251 29.66 -45.57 -34.19
CA ALA A 251 28.34 -45.72 -34.81
C ALA A 251 28.02 -47.16 -35.19
N THR A 252 29.02 -47.95 -35.59
CA THR A 252 28.75 -49.34 -35.92
C THR A 252 28.13 -50.11 -34.75
N PRO A 253 28.53 -49.91 -33.49
CA PRO A 253 27.77 -50.55 -32.41
C PRO A 253 26.31 -50.15 -32.40
N PHE A 254 26.00 -48.90 -32.75
CA PHE A 254 24.62 -48.43 -32.79
C PHE A 254 23.80 -49.10 -33.88
N PHE A 255 24.42 -49.49 -35.00
CA PHE A 255 23.71 -50.08 -36.12
C PHE A 255 23.73 -51.60 -36.12
N THR A 256 24.70 -52.22 -35.45
CA THR A 256 24.68 -53.66 -35.24
C THR A 256 23.95 -54.04 -33.95
N LEU A 257 23.38 -53.06 -33.25
CA LEU A 257 22.68 -53.29 -31.99
C LEU A 257 23.60 -53.86 -30.92
N ASN A 258 24.89 -53.53 -31.02
CA ASN A 258 25.83 -53.81 -29.94
C ASN A 258 25.92 -52.63 -28.99
N TRP A 259 24.76 -52.19 -28.50
CA TRP A 259 24.68 -50.97 -27.72
C TRP A 259 25.42 -51.07 -26.39
N SER A 260 25.65 -52.30 -25.89
CA SER A 260 26.38 -52.44 -24.65
C SER A 260 27.76 -51.80 -24.74
N LYS A 261 28.36 -51.79 -25.93
CA LYS A 261 29.67 -51.18 -26.12
C LYS A 261 29.67 -49.69 -25.80
N TYR A 262 28.51 -49.05 -25.82
CA TYR A 262 28.39 -47.63 -25.47
C TYR A 262 28.24 -47.41 -23.98
N ALA A 263 28.48 -48.44 -23.16
CA ALA A 263 28.34 -48.29 -21.71
C ALA A 263 29.34 -47.30 -21.14
N ASP A 264 30.38 -46.94 -21.89
CA ASP A 264 31.40 -46.02 -21.37
C ASP A 264 30.80 -44.68 -20.99
N PHE A 265 30.04 -44.06 -21.90
CA PHE A 265 29.48 -42.73 -21.67
C PHE A 265 27.97 -42.74 -21.56
N LEU A 266 27.32 -43.90 -21.65
CA LEU A 266 25.88 -44.03 -21.48
C LEU A 266 25.64 -45.01 -20.35
N THR A 267 25.60 -44.49 -19.13
CA THR A 267 25.55 -45.31 -17.92
C THR A 267 24.21 -45.17 -17.21
N PHE A 268 24.04 -45.99 -16.18
CA PHE A 268 22.88 -45.97 -15.29
C PHE A 268 23.35 -45.98 -13.85
N ARG A 269 24.31 -45.12 -13.51
CA ARG A 269 24.93 -45.17 -12.20
C ARG A 269 23.97 -44.70 -11.12
N GLY A 270 23.47 -43.47 -11.25
CA GLY A 270 22.68 -42.86 -10.21
C GLY A 270 23.54 -42.21 -9.14
N GLY A 271 22.88 -41.49 -8.24
CA GLY A 271 23.57 -40.78 -7.20
C GLY A 271 24.22 -39.51 -7.71
N LEU A 272 25.27 -39.10 -7.02
CA LEU A 272 25.97 -37.86 -7.32
C LEU A 272 27.43 -38.14 -7.67
N ASP A 273 28.02 -37.23 -8.44
CA ASP A 273 29.43 -37.29 -8.74
C ASP A 273 30.23 -36.81 -7.53
N PRO A 274 31.08 -37.65 -6.93
CA PRO A 274 31.77 -37.24 -5.70
C PRO A 274 32.69 -36.04 -5.88
N LEU A 275 33.14 -35.75 -7.10
CA LEU A 275 34.03 -34.62 -7.33
C LEU A 275 33.28 -33.30 -7.44
N THR A 276 32.23 -33.25 -8.25
CA THR A 276 31.49 -32.02 -8.49
C THR A 276 30.22 -31.90 -7.67
N GLY A 277 29.71 -33.00 -7.13
CA GLY A 277 28.50 -32.94 -6.34
C GLY A 277 27.23 -32.85 -7.14
N GLY A 278 27.27 -33.21 -8.42
CA GLY A 278 26.09 -33.22 -9.25
C GLY A 278 25.88 -34.59 -9.88
N LEU A 279 24.83 -34.68 -10.68
CA LEU A 279 24.52 -35.94 -11.36
C LEU A 279 25.59 -36.25 -12.40
N TRP A 280 25.84 -37.54 -12.61
CA TRP A 280 26.78 -37.96 -13.63
C TRP A 280 26.30 -37.50 -15.00
N LEU A 281 27.17 -36.78 -15.72
CA LEU A 281 26.78 -36.31 -17.05
C LEU A 281 26.54 -37.48 -18.00
N THR A 282 27.26 -38.59 -17.81
CA THR A 282 26.99 -39.79 -18.61
C THR A 282 25.61 -40.36 -18.33
N ASP A 283 25.02 -40.06 -17.17
CA ASP A 283 23.64 -40.41 -16.91
C ASP A 283 22.66 -39.43 -17.55
N ILE A 284 23.01 -38.15 -17.59
CA ILE A 284 22.11 -37.14 -18.16
C ILE A 284 22.03 -37.29 -19.68
N ALA A 285 23.16 -37.62 -20.31
CA ALA A 285 23.13 -37.84 -21.76
C ALA A 285 22.23 -39.02 -22.11
N HIS A 286 22.38 -40.12 -21.38
CA HIS A 286 21.52 -41.28 -21.58
C HIS A 286 20.07 -40.93 -21.28
N HIS A 287 19.84 -40.15 -20.23
CA HIS A 287 18.52 -39.63 -19.93
C HIS A 287 17.90 -38.98 -21.15
N HIS A 288 18.59 -38.01 -21.73
CA HIS A 288 18.02 -37.26 -22.84
C HIS A 288 17.86 -38.13 -24.08
N LEU A 289 18.75 -39.10 -24.30
CA LEU A 289 18.58 -40.01 -25.41
C LEU A 289 17.29 -40.83 -25.25
N ALA A 290 17.09 -41.41 -24.07
CA ALA A 290 15.89 -42.21 -23.83
C ALA A 290 14.64 -41.35 -23.94
N ILE A 291 14.70 -40.13 -23.42
CA ILE A 291 13.56 -39.21 -23.49
C ILE A 291 13.25 -38.89 -24.95
N ALA A 292 14.29 -38.68 -25.75
CA ALA A 292 14.09 -38.40 -27.17
C ALA A 292 13.38 -39.56 -27.85
N ILE A 293 13.83 -40.79 -27.58
CA ILE A 293 13.17 -41.95 -28.17
C ILE A 293 11.71 -41.98 -27.76
N LEU A 294 11.44 -41.82 -26.46
CA LEU A 294 10.08 -41.93 -25.95
C LEU A 294 9.17 -40.88 -26.58
N PHE A 295 9.64 -39.64 -26.69
CA PHE A 295 8.79 -38.58 -27.22
C PHE A 295 8.62 -38.71 -28.73
N LEU A 296 9.67 -39.10 -29.44
CA LEU A 296 9.53 -39.31 -30.88
C LEU A 296 8.54 -40.43 -31.17
N ILE A 297 8.46 -41.43 -30.28
CA ILE A 297 7.43 -42.45 -30.45
C ILE A 297 6.05 -41.90 -30.08
N ALA A 298 5.94 -41.20 -28.95
CA ALA A 298 4.64 -40.72 -28.49
C ALA A 298 4.04 -39.68 -29.42
N GLY A 299 4.85 -39.02 -30.23
CA GLY A 299 4.34 -38.00 -31.13
C GLY A 299 3.81 -38.56 -32.44
N HIS A 300 3.52 -39.86 -32.47
CA HIS A 300 2.99 -40.54 -33.64
C HIS A 300 1.65 -41.18 -33.32
N MET A 301 0.88 -40.55 -32.46
CA MET A 301 -0.36 -41.14 -31.95
C MET A 301 -1.60 -40.67 -32.68
N TYR A 302 -1.71 -39.37 -32.93
CA TYR A 302 -2.96 -38.81 -33.44
C TYR A 302 -2.94 -38.74 -34.96
N ARG A 303 -4.09 -39.05 -35.55
CA ARG A 303 -4.22 -39.10 -37.00
C ARG A 303 -4.27 -37.69 -37.57
N THR A 304 -3.51 -37.46 -38.64
CA THR A 304 -3.51 -36.17 -39.32
C THR A 304 -3.98 -36.30 -40.77
N ASN A 305 -3.22 -37.00 -41.63
CA ASN A 305 -3.53 -37.01 -43.06
C ASN A 305 -3.46 -38.38 -43.71
N TRP A 306 -2.86 -39.38 -43.09
CA TRP A 306 -2.61 -40.67 -43.73
C TRP A 306 -3.33 -41.81 -43.02
N GLY A 307 -4.53 -41.56 -42.54
CA GLY A 307 -5.33 -42.62 -41.94
C GLY A 307 -4.81 -43.17 -40.64
N ILE A 308 -3.56 -43.61 -40.60
CA ILE A 308 -3.00 -44.17 -39.38
C ILE A 308 -3.00 -43.10 -38.31
N GLY A 309 -3.41 -43.46 -37.10
CA GLY A 309 -3.40 -42.55 -35.99
C GLY A 309 -4.67 -42.69 -35.17
N HIS A 310 -4.82 -41.77 -34.22
CA HIS A 310 -5.94 -41.76 -33.28
C HIS A 310 -6.72 -40.46 -33.45
N GLY A 311 -8.03 -40.58 -33.54
CA GLY A 311 -8.88 -39.40 -33.47
C GLY A 311 -9.20 -39.10 -32.02
N ILE A 312 -8.86 -37.88 -31.56
CA ILE A 312 -9.07 -37.54 -30.16
C ILE A 312 -10.55 -37.63 -29.81
N LYS A 313 -11.43 -37.25 -30.74
CA LYS A 313 -12.86 -37.38 -30.51
C LYS A 313 -13.24 -38.82 -30.23
N ASP A 314 -12.68 -39.75 -31.01
CA ASP A 314 -12.99 -41.17 -30.81
C ASP A 314 -12.54 -41.64 -29.44
N ILE A 315 -11.31 -41.27 -29.04
CA ILE A 315 -10.82 -41.69 -27.73
C ILE A 315 -11.72 -41.15 -26.64
N LEU A 316 -12.06 -39.87 -26.73
CA LEU A 316 -12.87 -39.25 -25.69
C LEU A 316 -14.24 -39.91 -25.60
N GLU A 317 -14.92 -40.04 -26.74
CA GLU A 317 -16.28 -40.58 -26.75
C GLU A 317 -16.33 -42.09 -26.50
N ALA A 318 -15.20 -42.78 -26.58
CA ALA A 318 -15.20 -44.22 -26.30
C ALA A 318 -15.20 -44.52 -24.80
N HIS A 319 -14.99 -43.51 -23.97
CA HIS A 319 -14.92 -43.69 -22.51
C HIS A 319 -16.22 -43.21 -21.89
N LYS A 320 -16.86 -44.09 -21.11
CA LYS A 320 -18.09 -43.77 -20.40
C LYS A 320 -18.55 -45.02 -19.66
N GLY A 321 -19.04 -44.82 -18.44
CA GLY A 321 -19.43 -45.92 -17.60
C GLY A 321 -20.76 -45.68 -16.89
N PRO A 322 -21.18 -46.65 -16.08
CA PRO A 322 -22.50 -46.53 -15.43
C PRO A 322 -22.60 -45.37 -14.45
N PHE A 323 -21.49 -44.88 -13.91
CA PHE A 323 -21.53 -43.82 -12.91
C PHE A 323 -21.53 -42.43 -13.51
N THR A 324 -21.22 -42.29 -14.81
CA THR A 324 -21.06 -40.97 -15.43
C THR A 324 -21.89 -40.80 -16.69
N GLY A 325 -22.89 -41.65 -16.92
CA GLY A 325 -23.73 -41.52 -18.09
C GLY A 325 -22.97 -41.67 -19.39
N GLN A 326 -22.86 -40.60 -20.16
CA GLN A 326 -22.17 -40.58 -21.45
C GLN A 326 -20.93 -39.70 -21.39
N GLY A 327 -20.21 -39.76 -20.27
CA GLY A 327 -19.08 -38.88 -20.04
C GLY A 327 -18.10 -38.82 -21.19
N HIS A 328 -17.39 -37.69 -21.30
CA HIS A 328 -16.36 -37.48 -22.31
C HIS A 328 -16.93 -37.25 -23.70
N LYS A 329 -18.25 -37.35 -23.84
CA LYS A 329 -18.89 -37.04 -25.11
C LYS A 329 -19.21 -35.54 -25.14
N GLY A 330 -18.57 -34.82 -26.06
CA GLY A 330 -18.74 -33.39 -26.17
C GLY A 330 -17.58 -32.57 -25.64
N LEU A 331 -16.60 -33.19 -24.98
CA LEU A 331 -15.45 -32.45 -24.47
C LEU A 331 -14.54 -31.97 -25.59
N TYR A 332 -14.44 -32.74 -26.68
CA TYR A 332 -13.60 -32.33 -27.79
C TYR A 332 -14.06 -30.99 -28.35
N GLU A 333 -15.37 -30.82 -28.51
CA GLU A 333 -15.90 -29.56 -29.01
C GLU A 333 -15.73 -28.42 -28.01
N ILE A 334 -15.73 -28.73 -26.72
CA ILE A 334 -15.51 -27.69 -25.72
C ILE A 334 -14.07 -27.20 -25.75
N LEU A 335 -13.11 -28.11 -25.91
CA LEU A 335 -11.70 -27.78 -25.79
C LEU A 335 -11.09 -27.25 -27.08
N THR A 336 -11.86 -27.21 -28.17
CA THR A 336 -11.38 -26.67 -29.44
C THR A 336 -12.08 -25.39 -29.84
N THR A 337 -12.96 -24.85 -28.99
CA THR A 337 -13.66 -23.62 -29.29
C THR A 337 -13.52 -22.58 -28.18
N SER A 338 -12.98 -22.95 -27.03
CA SER A 338 -12.77 -22.03 -25.92
C SER A 338 -11.30 -22.01 -25.55
N TRP A 339 -10.70 -20.83 -25.58
CA TRP A 339 -9.29 -20.70 -25.20
C TRP A 339 -9.10 -20.78 -23.69
N HIS A 340 -10.08 -20.34 -22.91
CA HIS A 340 -9.92 -20.30 -21.47
C HIS A 340 -9.87 -21.70 -20.87
N ALA A 341 -10.61 -22.65 -21.44
CA ALA A 341 -10.52 -24.03 -21.00
C ALA A 341 -9.09 -24.57 -21.15
N GLN A 342 -8.53 -24.42 -22.34
CA GLN A 342 -7.16 -24.87 -22.59
C GLN A 342 -6.19 -24.15 -21.66
N LEU A 343 -6.39 -22.84 -21.48
CA LEU A 343 -5.48 -22.07 -20.64
C LEU A 343 -5.52 -22.56 -19.20
N SER A 344 -6.70 -22.87 -18.69
CA SER A 344 -6.79 -23.35 -17.32
C SER A 344 -6.14 -24.71 -17.17
N ILE A 345 -6.40 -25.64 -18.09
CA ILE A 345 -5.77 -26.95 -18.00
C ILE A 345 -4.25 -26.81 -18.03
N ASN A 346 -3.75 -26.04 -19.00
CA ASN A 346 -2.31 -25.90 -19.16
C ASN A 346 -1.69 -25.17 -17.98
N LEU A 347 -2.37 -24.18 -17.42
CA LEU A 347 -1.84 -23.48 -16.25
C LEU A 347 -1.73 -24.40 -15.06
N ALA A 348 -2.77 -25.21 -14.81
CA ALA A 348 -2.69 -26.17 -13.72
C ALA A 348 -1.52 -27.13 -13.91
N MET A 349 -1.39 -27.67 -15.11
CA MET A 349 -0.34 -28.63 -15.37
C MET A 349 1.05 -28.00 -15.24
N LEU A 350 1.22 -26.78 -15.74
CA LEU A 350 2.52 -26.12 -15.66
C LEU A 350 2.87 -25.76 -14.23
N GLY A 351 1.88 -25.33 -13.43
CA GLY A 351 2.18 -25.05 -12.04
C GLY A 351 2.61 -26.30 -11.29
N SER A 352 1.88 -27.40 -11.47
CA SER A 352 2.28 -28.65 -10.83
C SER A 352 3.67 -29.07 -11.31
N LEU A 353 3.94 -28.91 -12.60
CA LEU A 353 5.24 -29.29 -13.15
C LEU A 353 6.36 -28.46 -12.54
N THR A 354 6.15 -27.15 -12.37
CA THR A 354 7.17 -26.30 -11.77
C THR A 354 7.43 -26.70 -10.32
N ILE A 355 6.38 -27.01 -9.58
CA ILE A 355 6.58 -27.47 -8.21
C ILE A 355 7.40 -28.75 -8.18
N ILE A 356 7.04 -29.71 -9.04
CA ILE A 356 7.80 -30.96 -9.12
C ILE A 356 9.25 -30.68 -9.51
N VAL A 357 9.47 -29.69 -10.39
CA VAL A 357 10.82 -29.35 -10.79
C VAL A 357 11.62 -28.88 -9.59
N ALA A 358 11.03 -28.03 -8.76
CA ALA A 358 11.72 -27.58 -7.55
C ALA A 358 12.08 -28.78 -6.67
N HIS A 359 11.10 -29.66 -6.43
CA HIS A 359 11.34 -30.80 -5.55
C HIS A 359 12.48 -31.66 -6.07
N HIS A 360 12.41 -32.05 -7.34
CA HIS A 360 13.44 -32.90 -7.90
C HIS A 360 14.79 -32.21 -8.00
N MET A 361 14.81 -30.88 -8.17
CA MET A 361 16.07 -30.20 -8.34
C MET A 361 16.84 -30.07 -7.05
N TYR A 362 16.17 -29.86 -5.91
CA TYR A 362 16.97 -29.93 -4.67
C TYR A 362 17.15 -31.36 -4.20
N ALA A 363 16.29 -32.29 -4.65
CA ALA A 363 16.48 -33.68 -4.26
C ALA A 363 17.83 -34.22 -4.76
N MET A 364 18.02 -34.27 -6.08
CA MET A 364 19.30 -34.66 -6.67
C MET A 364 19.79 -33.51 -7.56
N PRO A 365 20.79 -32.76 -7.11
CA PRO A 365 21.26 -31.62 -7.91
C PRO A 365 21.78 -32.06 -9.26
N PRO A 366 21.31 -31.46 -10.35
CA PRO A 366 21.76 -31.89 -11.70
C PRO A 366 22.94 -31.13 -12.29
N TYR A 367 23.38 -30.03 -11.67
CA TYR A 367 24.48 -29.26 -12.21
C TYR A 367 25.71 -29.37 -11.31
N PRO A 368 26.91 -29.35 -11.88
CA PRO A 368 28.12 -29.44 -11.06
C PRO A 368 28.27 -28.23 -10.14
N TYR A 369 28.76 -28.49 -8.93
CA TYR A 369 29.02 -27.44 -7.95
C TYR A 369 27.77 -26.62 -7.66
N LEU A 370 26.60 -27.25 -7.80
CA LEU A 370 25.34 -26.60 -7.46
C LEU A 370 24.89 -26.98 -6.05
N ALA A 371 25.13 -28.23 -5.64
CA ALA A 371 24.67 -28.68 -4.33
C ALA A 371 25.29 -27.86 -3.21
N THR A 372 26.59 -27.58 -3.32
CA THR A 372 27.31 -26.84 -2.29
C THR A 372 27.13 -25.32 -2.42
N ASP A 373 26.52 -24.85 -3.50
CA ASP A 373 26.14 -23.44 -3.62
C ASP A 373 24.76 -23.29 -2.99
N TYR A 374 24.78 -23.14 -1.66
CA TYR A 374 23.53 -23.18 -0.90
C TYR A 374 22.60 -22.05 -1.30
N GLY A 375 23.13 -20.85 -1.52
CA GLY A 375 22.30 -19.75 -1.95
C GLY A 375 21.55 -20.06 -3.23
N THR A 376 22.25 -20.65 -4.20
CA THR A 376 21.62 -21.01 -5.45
C THR A 376 20.51 -22.03 -5.24
N GLN A 377 20.77 -23.07 -4.44
CA GLN A 377 19.76 -24.10 -4.20
C GLN A 377 18.51 -23.50 -3.56
N LEU A 378 18.69 -22.73 -2.50
CA LEU A 378 17.55 -22.14 -1.81
C LEU A 378 16.77 -21.22 -2.73
N SER A 379 17.47 -20.35 -3.46
CA SER A 379 16.80 -19.39 -4.33
C SER A 379 16.03 -20.10 -5.44
N LEU A 380 16.65 -21.12 -6.06
CA LEU A 380 15.98 -21.84 -7.13
C LEU A 380 14.72 -22.53 -6.62
N PHE A 381 14.83 -23.23 -5.48
CA PHE A 381 13.67 -23.91 -4.93
C PHE A 381 12.54 -22.92 -4.67
N THR A 382 12.85 -21.83 -3.97
CA THR A 382 11.81 -20.88 -3.60
C THR A 382 11.18 -20.24 -4.83
N HIS A 383 12.01 -19.86 -5.81
CA HIS A 383 11.50 -19.24 -7.03
C HIS A 383 10.55 -20.16 -7.76
N HIS A 384 10.95 -21.42 -7.98
CA HIS A 384 10.08 -22.34 -8.70
C HIS A 384 8.81 -22.63 -7.92
N MET A 385 8.90 -22.72 -6.59
CA MET A 385 7.70 -22.93 -5.79
C MET A 385 6.70 -21.80 -5.98
N TRP A 386 7.17 -20.56 -5.92
CA TRP A 386 6.27 -19.43 -6.08
C TRP A 386 5.66 -19.39 -7.47
N ILE A 387 6.48 -19.64 -8.51
CA ILE A 387 5.96 -19.63 -9.87
C ILE A 387 4.87 -20.68 -10.02
N GLY A 388 5.12 -21.89 -9.52
CA GLY A 388 4.12 -22.94 -9.63
C GLY A 388 2.83 -22.61 -8.91
N GLY A 389 2.94 -22.05 -7.69
CA GLY A 389 1.74 -21.67 -6.97
C GLY A 389 0.91 -20.64 -7.72
N PHE A 390 1.57 -19.62 -8.26
CA PHE A 390 0.85 -18.61 -9.01
C PHE A 390 0.17 -19.21 -10.24
N LEU A 391 0.86 -20.08 -10.96
CA LEU A 391 0.25 -20.70 -12.13
C LEU A 391 -0.97 -21.54 -11.74
N ILE A 392 -0.88 -22.26 -10.63
CA ILE A 392 -2.02 -23.07 -10.20
C ILE A 392 -3.21 -22.18 -9.88
N VAL A 393 -2.98 -21.06 -9.20
CA VAL A 393 -4.10 -20.17 -8.90
C VAL A 393 -4.71 -19.60 -10.18
N GLY A 394 -3.86 -19.27 -11.15
CA GLY A 394 -4.37 -18.82 -12.44
C GLY A 394 -5.21 -19.86 -13.13
N ALA A 395 -4.87 -21.13 -12.94
CA ALA A 395 -5.70 -22.19 -13.49
C ALA A 395 -7.15 -22.06 -13.04
N ALA A 396 -7.36 -21.88 -11.74
CA ALA A 396 -8.70 -21.68 -11.21
C ALA A 396 -9.33 -20.42 -11.76
N ALA A 397 -8.56 -19.33 -11.82
CA ALA A 397 -9.10 -18.09 -12.36
C ALA A 397 -9.70 -18.32 -13.74
N HIS A 398 -8.96 -18.98 -14.62
CA HIS A 398 -9.42 -19.15 -15.99
C HIS A 398 -10.48 -20.22 -16.13
N ALA A 399 -10.48 -21.25 -15.26
CA ALA A 399 -11.60 -22.17 -15.25
C ALA A 399 -12.89 -21.44 -14.92
N ALA A 400 -12.86 -20.56 -13.93
CA ALA A 400 -14.05 -19.78 -13.60
C ALA A 400 -14.43 -18.85 -14.74
N ILE A 401 -13.45 -18.23 -15.40
CA ILE A 401 -13.75 -17.36 -16.54
C ILE A 401 -14.48 -18.15 -17.63
N PHE A 402 -13.97 -19.34 -17.95
CA PHE A 402 -14.63 -20.18 -18.93
C PHE A 402 -16.05 -20.50 -18.48
N MET A 403 -16.20 -20.91 -17.22
CA MET A 403 -17.52 -21.30 -16.72
C MET A 403 -18.52 -20.16 -16.88
N VAL A 404 -18.11 -18.93 -16.57
CA VAL A 404 -19.02 -17.80 -16.68
C VAL A 404 -19.32 -17.48 -18.14
N ARG A 405 -18.29 -17.49 -19.00
CA ARG A 405 -18.40 -16.93 -20.33
C ARG A 405 -18.72 -17.95 -21.42
N ASP A 406 -17.92 -19.02 -21.55
CA ASP A 406 -18.02 -19.90 -22.69
C ASP A 406 -18.82 -21.17 -22.44
N TYR A 407 -19.17 -21.46 -21.19
CA TYR A 407 -19.97 -22.66 -20.91
C TYR A 407 -21.39 -22.45 -21.41
N ASP A 408 -21.89 -23.40 -22.20
CA ASP A 408 -23.21 -23.29 -22.79
C ASP A 408 -23.79 -24.69 -23.04
N PRO A 409 -24.71 -25.17 -22.20
CA PRO A 409 -25.27 -26.52 -22.42
C PRO A 409 -26.21 -26.62 -23.60
N THR A 410 -26.71 -25.50 -24.14
CA THR A 410 -27.66 -25.57 -25.25
C THR A 410 -26.97 -26.03 -26.53
N THR A 411 -25.73 -25.59 -26.74
CA THR A 411 -24.98 -25.93 -27.96
C THR A 411 -23.83 -26.89 -27.71
N ARG A 412 -23.10 -26.73 -26.61
CA ARG A 412 -21.97 -27.60 -26.26
C ARG A 412 -22.26 -28.20 -24.89
N TYR A 413 -22.87 -29.39 -24.89
CA TYR A 413 -23.28 -30.05 -23.66
C TYR A 413 -22.34 -31.19 -23.33
N ASN A 414 -21.89 -31.23 -22.08
CA ASN A 414 -21.04 -32.31 -21.57
C ASN A 414 -21.68 -32.90 -20.33
N ASP A 415 -21.56 -34.22 -20.19
CA ASP A 415 -22.28 -34.93 -19.13
C ASP A 415 -21.55 -34.85 -17.79
N LEU A 416 -20.23 -35.04 -17.80
CA LEU A 416 -19.48 -35.01 -16.56
C LEU A 416 -19.58 -33.64 -15.90
N LEU A 417 -19.43 -32.58 -16.70
CA LEU A 417 -19.54 -31.23 -16.16
C LEU A 417 -20.92 -30.97 -15.59
N ASP A 418 -21.95 -31.48 -16.27
CA ASP A 418 -23.32 -31.33 -15.76
C ASP A 418 -23.48 -32.03 -14.41
N ARG A 419 -22.95 -33.24 -14.28
CA ARG A 419 -23.10 -33.95 -13.01
C ARG A 419 -22.34 -33.25 -11.89
N VAL A 420 -21.16 -32.71 -12.20
CA VAL A 420 -20.41 -31.96 -11.21
C VAL A 420 -21.21 -30.73 -10.77
N LEU A 421 -21.78 -30.00 -11.73
CA LEU A 421 -22.57 -28.83 -11.37
C LEU A 421 -23.82 -29.22 -10.60
N ARG A 422 -24.27 -30.46 -10.76
CA ARG A 422 -25.50 -30.90 -10.08
C ARG A 422 -25.26 -31.38 -8.66
N HIS A 423 -24.06 -31.85 -8.32
CA HIS A 423 -23.75 -32.22 -6.94
C HIS A 423 -22.61 -31.39 -6.34
N ARG A 424 -22.43 -30.18 -6.87
CA ARG A 424 -21.47 -29.24 -6.28
C ARG A 424 -21.70 -29.02 -4.79
N ASP A 425 -22.94 -29.02 -4.34
CA ASP A 425 -23.18 -28.78 -2.92
C ASP A 425 -22.53 -29.86 -2.06
N ALA A 426 -22.72 -31.13 -2.43
CA ALA A 426 -22.07 -32.21 -1.70
C ALA A 426 -20.55 -32.10 -1.80
N ILE A 427 -20.04 -31.80 -3.00
CA ILE A 427 -18.60 -31.68 -3.16
C ILE A 427 -18.03 -30.65 -2.18
N ILE A 428 -18.61 -29.45 -2.18
CA ILE A 428 -18.07 -28.37 -1.37
C ILE A 428 -18.28 -28.64 0.10
N SER A 429 -19.40 -29.23 0.49
CA SER A 429 -19.61 -29.52 1.91
C SER A 429 -18.57 -30.50 2.43
N HIS A 430 -18.31 -31.57 1.69
CA HIS A 430 -17.31 -32.53 2.16
C HIS A 430 -15.92 -31.93 2.15
N LEU A 431 -15.61 -31.11 1.15
CA LEU A 431 -14.31 -30.44 1.13
C LEU A 431 -14.16 -29.50 2.33
N ASN A 432 -15.23 -28.80 2.69
CA ASN A 432 -15.22 -27.95 3.87
C ASN A 432 -14.95 -28.76 5.13
N TRP A 433 -15.62 -29.91 5.26
CA TRP A 433 -15.38 -30.75 6.43
C TRP A 433 -13.93 -31.20 6.49
N VAL A 434 -13.38 -31.63 5.36
CA VAL A 434 -11.99 -32.08 5.33
C VAL A 434 -11.07 -30.95 5.75
N CYS A 435 -11.33 -29.75 5.25
CA CYS A 435 -10.51 -28.60 5.61
C CYS A 435 -10.53 -28.35 7.11
N ILE A 436 -11.73 -28.38 7.71
CA ILE A 436 -11.83 -28.15 9.15
C ILE A 436 -11.07 -29.23 9.91
N PHE A 437 -11.27 -30.49 9.52
CA PHE A 437 -10.64 -31.60 10.23
C PHE A 437 -9.12 -31.49 10.16
N LEU A 438 -8.59 -31.21 8.98
CA LEU A 438 -7.14 -31.06 8.84
C LEU A 438 -6.63 -29.88 9.63
N GLY A 439 -7.36 -28.76 9.61
CA GLY A 439 -6.91 -27.58 10.33
C GLY A 439 -6.83 -27.84 11.83
N PHE A 440 -7.83 -28.54 12.38
CA PHE A 440 -7.82 -28.79 13.81
C PHE A 440 -6.67 -29.70 14.22
N HIS A 441 -6.40 -30.75 13.43
CA HIS A 441 -5.44 -31.76 13.86
C HIS A 441 -4.01 -31.38 13.52
N SER A 442 -3.81 -30.59 12.47
CA SER A 442 -2.46 -30.17 12.13
C SER A 442 -2.02 -29.00 13.02
N PHE A 443 -2.77 -27.90 12.98
CA PHE A 443 -2.41 -26.72 13.76
C PHE A 443 -2.74 -26.90 15.24
N GLY A 444 -3.82 -27.62 15.53
CA GLY A 444 -4.19 -27.84 16.92
C GLY A 444 -3.10 -28.57 17.70
N LEU A 445 -2.40 -29.48 17.02
CA LEU A 445 -1.29 -30.17 17.68
C LEU A 445 -0.17 -29.20 18.01
N TYR A 446 0.12 -28.25 17.12
CA TYR A 446 1.10 -27.22 17.42
C TYR A 446 0.69 -26.41 18.64
N ILE A 447 -0.59 -26.02 18.70
CA ILE A 447 -1.06 -25.23 19.82
C ILE A 447 -0.99 -26.05 21.11
N HIS A 448 -1.29 -27.34 21.01
CA HIS A 448 -1.19 -28.24 22.17
C HIS A 448 0.25 -28.31 22.67
N ASN A 449 1.20 -28.48 21.75
CA ASN A 449 2.61 -28.54 22.16
C ASN A 449 3.03 -27.23 22.82
N ASP A 450 2.62 -26.11 22.23
CA ASP A 450 2.98 -24.81 22.79
C ASP A 450 2.41 -24.64 24.20
N THR A 451 1.14 -25.02 24.39
CA THR A 451 0.52 -24.88 25.70
C THR A 451 1.18 -25.80 26.73
N MET A 452 1.50 -27.04 26.34
CA MET A 452 2.17 -27.94 27.26
C MET A 452 3.54 -27.41 27.65
N SER A 453 4.30 -26.91 26.68
CA SER A 453 5.61 -26.37 26.99
C SER A 453 5.50 -25.17 27.92
N ALA A 454 4.51 -24.31 27.69
CA ALA A 454 4.33 -23.14 28.55
C ALA A 454 3.96 -23.55 29.97
N LEU A 455 3.27 -24.67 30.15
CA LEU A 455 2.84 -25.13 31.47
C LEU A 455 3.87 -26.03 32.13
N GLY A 456 5.05 -26.19 31.53
CA GLY A 456 6.07 -27.04 32.11
C GLY A 456 5.70 -28.51 32.13
N ARG A 457 5.11 -29.01 31.05
CA ARG A 457 4.71 -30.41 30.92
C ARG A 457 5.25 -30.95 29.60
N PRO A 458 6.58 -30.99 29.43
CA PRO A 458 7.14 -31.53 28.19
C PRO A 458 6.82 -32.99 27.96
N GLN A 459 6.48 -33.74 29.01
CA GLN A 459 6.16 -35.15 28.84
C GLN A 459 4.84 -35.34 28.09
N ASP A 460 3.98 -34.33 28.09
CA ASP A 460 2.70 -34.41 27.41
C ASP A 460 2.74 -33.90 25.97
N MET A 461 3.89 -33.40 25.52
CA MET A 461 3.99 -32.81 24.20
C MET A 461 4.01 -33.88 23.11
N PHE A 462 3.65 -33.46 21.89
CA PHE A 462 3.75 -34.31 20.71
C PHE A 462 5.13 -34.11 20.10
N SER A 463 6.10 -34.81 20.68
CA SER A 463 7.50 -34.68 20.28
C SER A 463 8.10 -36.07 20.11
N ASP A 464 9.34 -36.11 19.63
CA ASP A 464 10.05 -37.37 19.48
C ASP A 464 10.41 -38.01 20.81
N THR A 465 10.39 -37.24 21.91
CA THR A 465 10.74 -37.75 23.22
C THR A 465 9.57 -37.85 24.17
N ALA A 466 8.36 -37.48 23.75
CA ALA A 466 7.19 -37.55 24.60
C ALA A 466 6.09 -38.41 23.98
N ILE A 467 5.28 -37.85 23.09
CA ILE A 467 4.30 -38.62 22.34
C ILE A 467 4.67 -38.54 20.87
N GLN A 468 5.17 -39.65 20.32
CA GLN A 468 5.72 -39.64 18.97
C GLN A 468 4.63 -39.84 17.93
N LEU A 469 4.72 -39.06 16.85
CA LEU A 469 3.85 -39.18 15.68
C LEU A 469 4.76 -39.46 14.49
N GLN A 470 5.26 -40.68 14.41
CA GLN A 470 6.25 -41.04 13.41
C GLN A 470 5.60 -41.30 12.05
N PRO A 471 6.05 -40.65 10.98
CA PRO A 471 5.48 -40.96 9.66
C PRO A 471 5.96 -42.32 9.16
N VAL A 472 5.29 -43.38 9.61
CA VAL A 472 5.75 -44.72 9.28
C VAL A 472 5.74 -44.95 7.78
N PHE A 473 4.74 -44.41 7.08
CA PHE A 473 4.63 -44.66 5.65
C PHE A 473 5.76 -44.02 4.88
N ALA A 474 6.10 -42.77 5.20
CA ALA A 474 7.20 -42.11 4.50
C ALA A 474 8.52 -42.78 4.81
N GLN A 475 8.73 -43.17 6.07
CA GLN A 475 9.94 -43.89 6.43
C GLN A 475 10.05 -45.19 5.66
N TRP A 476 8.95 -45.94 5.56
CA TRP A 476 8.98 -47.19 4.81
C TRP A 476 9.28 -46.95 3.34
N ILE A 477 8.68 -45.92 2.76
CA ILE A 477 8.89 -45.66 1.34
C ILE A 477 10.35 -45.30 1.07
N GLN A 478 10.93 -44.42 1.91
CA GLN A 478 12.32 -44.04 1.65
C GLN A 478 13.28 -45.17 1.99
N ASN A 479 12.90 -46.05 2.92
CA ASN A 479 13.71 -47.25 3.15
C ASN A 479 13.67 -48.18 1.95
N THR A 480 12.48 -48.36 1.33
CA THR A 480 12.39 -49.15 0.12
C THR A 480 13.20 -48.55 -1.00
N HIS A 481 13.21 -47.22 -1.10
CA HIS A 481 14.07 -46.54 -2.08
C HIS A 481 15.55 -46.77 -1.80
N ALA A 482 15.96 -46.72 -0.54
CA ALA A 482 17.38 -46.93 -0.22
C ALA A 482 17.85 -48.32 -0.62
N LEU A 483 17.02 -49.34 -0.39
CA LEU A 483 17.36 -50.70 -0.74
C LEU A 483 17.18 -51.00 -2.22
N ALA A 484 16.65 -50.06 -2.99
CA ALA A 484 16.26 -50.31 -4.37
C ALA A 484 17.43 -50.76 -5.25
N PRO A 485 18.57 -50.06 -5.25
CA PRO A 485 19.64 -50.42 -6.19
C PRO A 485 20.25 -51.77 -5.83
N GLY A 486 20.22 -52.70 -6.78
CA GLY A 486 20.74 -54.03 -6.61
C GLY A 486 19.71 -55.05 -6.22
N THR A 487 18.56 -54.62 -5.71
CA THR A 487 17.48 -55.52 -5.36
C THR A 487 16.36 -55.47 -6.39
N THR A 488 15.58 -54.40 -6.40
CA THR A 488 14.47 -54.24 -7.32
C THR A 488 14.86 -53.55 -8.61
N ALA A 489 15.89 -52.70 -8.58
CA ALA A 489 16.43 -52.08 -9.79
C ALA A 489 17.88 -52.49 -9.93
N PRO A 490 18.16 -53.69 -10.44
CA PRO A 490 19.53 -54.21 -10.42
C PRO A 490 20.52 -53.35 -11.19
N GLY A 491 20.10 -52.71 -12.27
CA GLY A 491 21.03 -52.01 -13.14
C GLY A 491 21.61 -50.73 -12.57
N ALA A 492 21.09 -50.25 -11.45
CA ALA A 492 21.59 -49.04 -10.82
C ALA A 492 22.52 -49.38 -9.67
N THR A 493 23.63 -48.64 -9.59
CA THR A 493 24.64 -48.84 -8.56
C THR A 493 24.34 -48.06 -7.30
N THR A 494 23.94 -46.80 -7.44
CA THR A 494 23.59 -45.94 -6.31
C THR A 494 22.11 -45.59 -6.39
N SER A 495 21.50 -45.37 -5.23
CA SER A 495 20.10 -44.99 -5.19
C SER A 495 19.88 -43.73 -6.02
N THR A 496 18.61 -43.49 -6.35
CA THR A 496 18.27 -42.32 -7.16
C THR A 496 18.80 -41.03 -6.56
N SER A 497 18.63 -40.86 -5.25
CA SER A 497 19.08 -39.67 -4.55
C SER A 497 19.69 -40.10 -3.22
N LEU A 498 20.52 -39.22 -2.66
CA LEU A 498 21.13 -39.48 -1.37
C LEU A 498 20.22 -39.12 -0.20
N THR A 499 19.06 -38.52 -0.47
CA THR A 499 18.10 -38.26 0.60
C THR A 499 17.37 -39.53 1.02
N TRP A 500 17.35 -40.56 0.17
CA TRP A 500 16.67 -41.80 0.52
C TRP A 500 17.34 -42.47 1.72
N GLY A 501 18.65 -42.60 1.66
CA GLY A 501 19.39 -43.28 2.70
C GLY A 501 20.61 -43.95 2.12
N GLY A 502 21.06 -45.00 2.80
CA GLY A 502 22.25 -45.72 2.41
C GLY A 502 23.55 -45.10 2.87
N GLY A 503 23.49 -44.00 3.63
CA GLY A 503 24.69 -43.34 4.09
C GLY A 503 25.36 -42.54 3.00
N ASP A 504 26.51 -43.05 2.51
CA ASP A 504 27.29 -42.45 1.44
C ASP A 504 27.08 -40.94 1.34
N LEU A 505 27.43 -40.22 2.39
CA LEU A 505 27.38 -38.76 2.35
C LEU A 505 28.30 -38.24 1.27
N VAL A 506 27.87 -37.19 0.58
CA VAL A 506 28.64 -36.58 -0.50
C VAL A 506 28.92 -35.13 -0.14
N SER A 507 30.20 -34.75 -0.18
CA SER A 507 30.66 -33.42 0.17
C SER A 507 31.64 -32.93 -0.87
N VAL A 508 31.73 -31.60 -0.99
CA VAL A 508 32.61 -30.98 -1.98
C VAL A 508 33.23 -29.73 -1.40
N GLY A 509 34.56 -29.65 -1.41
CA GLY A 509 35.25 -28.46 -0.94
C GLY A 509 34.99 -28.14 0.50
N GLY A 510 34.92 -29.15 1.36
CA GLY A 510 34.69 -28.95 2.76
C GLY A 510 33.25 -28.62 3.13
N LYS A 511 32.33 -28.68 2.18
CA LYS A 511 30.92 -28.39 2.40
C LYS A 511 30.09 -29.62 2.06
N VAL A 512 29.03 -29.82 2.82
CA VAL A 512 28.17 -30.98 2.63
C VAL A 512 27.30 -30.74 1.40
N ALA A 513 27.39 -31.64 0.42
CA ALA A 513 26.51 -31.57 -0.74
C ALA A 513 25.17 -32.21 -0.42
N LEU A 514 25.19 -33.46 0.03
CA LEU A 514 23.94 -34.14 0.36
C LEU A 514 24.21 -35.35 1.24
N LEU A 515 23.18 -35.75 1.97
CA LEU A 515 23.22 -36.88 2.89
C LEU A 515 21.78 -37.26 3.23
N PRO A 516 21.57 -38.43 3.82
CA PRO A 516 20.19 -38.87 4.11
C PRO A 516 19.44 -37.88 4.98
N ILE A 517 18.18 -37.64 4.61
CA ILE A 517 17.31 -36.74 5.36
C ILE A 517 16.41 -37.59 6.25
N PRO A 518 16.45 -37.41 7.58
CA PRO A 518 15.57 -38.19 8.46
C PRO A 518 14.19 -37.56 8.59
N LEU A 519 13.18 -38.41 8.72
CA LEU A 519 11.79 -37.99 8.89
C LEU A 519 11.34 -38.37 10.30
N GLY A 520 10.87 -37.38 11.04
CA GLY A 520 10.42 -37.61 12.41
C GLY A 520 9.05 -37.03 12.70
N THR A 521 8.80 -36.70 13.97
CA THR A 521 7.49 -36.18 14.35
C THR A 521 7.28 -34.76 13.82
N ALA A 522 8.32 -33.93 13.85
CA ALA A 522 8.19 -32.58 13.31
C ALA A 522 7.88 -32.60 11.82
N ASP A 523 8.51 -33.53 11.09
CA ASP A 523 8.21 -33.68 9.67
C ASP A 523 6.76 -34.09 9.46
N PHE A 524 6.27 -35.02 10.28
CA PHE A 524 4.86 -35.42 10.22
C PHE A 524 3.95 -34.20 10.40
N LEU A 525 4.21 -33.40 11.43
CA LEU A 525 3.36 -32.25 11.71
C LEU A 525 3.38 -31.25 10.57
N VAL A 526 4.58 -30.93 10.06
CA VAL A 526 4.67 -29.93 9.01
C VAL A 526 4.03 -30.45 7.72
N HIS A 527 4.16 -31.75 7.43
CA HIS A 527 3.50 -32.29 6.24
C HIS A 527 1.99 -32.20 6.35
N HIS A 528 1.44 -32.48 7.54
CA HIS A 528 0.01 -32.33 7.70
C HIS A 528 -0.42 -30.86 7.61
N ILE A 529 0.41 -29.94 8.07
CA ILE A 529 0.15 -28.52 7.87
C ILE A 529 0.08 -28.20 6.38
N HIS A 530 1.02 -28.74 5.61
CA HIS A 530 1.02 -28.54 4.17
C HIS A 530 -0.28 -29.04 3.55
N ALA A 531 -0.69 -30.24 3.94
CA ALA A 531 -1.93 -30.81 3.40
C ALA A 531 -3.11 -29.90 3.75
N PHE A 532 -3.16 -29.41 4.98
CA PHE A 532 -4.25 -28.53 5.40
C PHE A 532 -4.32 -27.29 4.54
N THR A 533 -3.18 -26.62 4.35
CA THR A 533 -3.18 -25.37 3.57
C THR A 533 -3.57 -25.63 2.13
N ILE A 534 -3.04 -26.70 1.52
CA ILE A 534 -3.38 -27.00 0.13
C ILE A 534 -4.87 -27.28 0.01
N HIS A 535 -5.43 -28.03 0.96
CA HIS A 535 -6.86 -28.33 0.88
C HIS A 535 -7.70 -27.08 1.04
N VAL A 536 -7.33 -26.16 1.93
CA VAL A 536 -8.14 -24.96 2.09
C VAL A 536 -8.09 -24.09 0.84
N THR A 537 -6.90 -23.91 0.27
CA THR A 537 -6.84 -23.11 -0.96
C THR A 537 -7.60 -23.78 -2.10
N VAL A 538 -7.52 -25.11 -2.18
CA VAL A 538 -8.31 -25.83 -3.19
C VAL A 538 -9.80 -25.62 -2.95
N LEU A 539 -10.21 -25.61 -1.68
CA LEU A 539 -11.61 -25.35 -1.36
C LEU A 539 -12.04 -24.01 -1.91
N ILE A 540 -11.25 -22.98 -1.62
CA ILE A 540 -11.61 -21.63 -2.08
C ILE A 540 -11.73 -21.60 -3.60
N LEU A 541 -10.72 -22.12 -4.29
CA LEU A 541 -10.71 -22.04 -5.75
C LEU A 541 -11.83 -22.88 -6.37
N LEU A 542 -12.03 -24.10 -5.87
CA LEU A 542 -13.07 -24.97 -6.41
C LEU A 542 -14.45 -24.41 -6.17
N LYS A 543 -14.67 -23.83 -4.98
CA LYS A 543 -15.95 -23.20 -4.70
C LYS A 543 -16.18 -21.99 -5.61
N GLY A 544 -15.12 -21.25 -5.89
CA GLY A 544 -15.24 -20.15 -6.84
C GLY A 544 -15.62 -20.61 -8.23
N VAL A 545 -15.03 -21.72 -8.67
CA VAL A 545 -15.30 -22.21 -10.03
C VAL A 545 -16.70 -22.81 -10.11
N LEU A 546 -17.07 -23.65 -9.14
CA LEU A 546 -18.33 -24.38 -9.24
C LEU A 546 -19.53 -23.47 -9.12
N PHE A 547 -19.50 -22.52 -8.18
CA PHE A 547 -20.62 -21.62 -7.93
C PHE A 547 -20.49 -20.31 -8.70
N ALA A 548 -19.77 -20.34 -9.83
CA ALA A 548 -19.57 -19.12 -10.62
C ALA A 548 -20.85 -18.65 -11.29
N ARG A 549 -21.68 -19.58 -11.76
CA ARG A 549 -22.87 -19.22 -12.54
C ARG A 549 -24.07 -18.93 -11.67
N SER A 550 -24.30 -19.74 -10.63
CA SER A 550 -25.49 -19.58 -9.80
C SER A 550 -25.26 -20.23 -8.45
N SER A 551 -26.10 -19.85 -7.50
CA SER A 551 -26.08 -20.43 -6.16
C SER A 551 -27.45 -20.22 -5.53
N ARG A 552 -27.63 -20.73 -4.32
CA ARG A 552 -28.87 -20.50 -3.60
C ARG A 552 -29.00 -19.06 -3.12
N LEU A 553 -27.94 -18.26 -3.20
CA LEU A 553 -28.01 -16.86 -2.81
C LEU A 553 -28.41 -15.98 -3.99
N ILE A 554 -27.65 -16.07 -5.08
CA ILE A 554 -27.91 -15.30 -6.29
C ILE A 554 -28.11 -16.27 -7.43
N PRO A 555 -29.37 -16.56 -7.81
CA PRO A 555 -29.62 -17.59 -8.83
C PRO A 555 -29.22 -17.17 -10.24
N ASP A 556 -28.84 -15.91 -10.44
CA ASP A 556 -28.49 -15.40 -11.76
C ASP A 556 -27.11 -14.75 -11.71
N LYS A 557 -26.18 -15.38 -11.00
CA LYS A 557 -24.85 -14.80 -10.85
C LYS A 557 -24.10 -14.71 -12.17
N ALA A 558 -24.39 -15.59 -13.13
CA ALA A 558 -23.70 -15.52 -14.41
C ALA A 558 -24.01 -14.24 -15.16
N ASN A 559 -25.25 -13.76 -15.09
CA ASN A 559 -25.64 -12.54 -15.79
C ASN A 559 -24.84 -11.34 -15.32
N LEU A 560 -24.35 -11.34 -14.08
CA LEU A 560 -23.52 -10.25 -13.59
C LEU A 560 -22.11 -10.30 -14.16
N GLY A 561 -21.64 -11.45 -14.61
CA GLY A 561 -20.32 -11.58 -15.20
C GLY A 561 -19.31 -12.23 -14.27
N PHE A 562 -18.12 -12.47 -14.82
CA PHE A 562 -17.05 -13.08 -14.04
C PHE A 562 -16.52 -12.11 -12.98
N ARG A 563 -16.41 -10.84 -13.33
CA ARG A 563 -15.84 -9.83 -12.45
C ARG A 563 -16.89 -8.78 -12.12
N PHE A 564 -17.20 -8.65 -10.83
CA PHE A 564 -18.11 -7.60 -10.38
C PHE A 564 -18.01 -7.47 -8.87
N PRO A 565 -18.29 -6.30 -8.31
CA PRO A 565 -18.08 -6.09 -6.88
C PRO A 565 -18.98 -6.93 -5.99
N CYS A 566 -20.26 -6.97 -6.29
CA CYS A 566 -21.23 -7.55 -5.37
C CYS A 566 -22.59 -7.59 -6.06
N ASP A 567 -23.64 -7.77 -5.26
CA ASP A 567 -25.01 -7.64 -5.71
C ASP A 567 -25.83 -6.86 -4.69
N GLY A 568 -25.20 -5.90 -4.02
CA GLY A 568 -25.88 -5.04 -3.08
C GLY A 568 -25.94 -5.60 -1.69
N PRO A 569 -26.39 -4.79 -0.73
CA PRO A 569 -26.45 -5.25 0.66
C PRO A 569 -27.71 -6.05 0.97
N GLY A 570 -28.39 -6.51 -0.06
CA GLY A 570 -29.58 -7.33 0.13
C GLY A 570 -29.23 -8.74 0.56
N ARG A 571 -30.27 -9.47 0.97
CA ARG A 571 -30.12 -10.85 1.43
C ARG A 571 -29.09 -10.95 2.56
N GLY A 572 -28.92 -9.87 3.32
CA GLY A 572 -27.94 -9.81 4.38
C GLY A 572 -26.61 -9.25 3.96
N GLY A 573 -26.34 -9.16 2.66
CA GLY A 573 -25.07 -8.71 2.15
C GLY A 573 -24.47 -9.69 1.17
N THR A 574 -24.14 -9.23 -0.03
CA THR A 574 -23.62 -10.10 -1.06
C THR A 574 -22.24 -9.65 -1.51
N CYS A 575 -21.39 -9.32 -0.55
CA CYS A 575 -20.03 -8.90 -0.85
C CYS A 575 -19.21 -10.08 -1.33
N GLN A 576 -18.41 -9.86 -2.38
CA GLN A 576 -17.46 -10.84 -2.87
C GLN A 576 -18.14 -12.19 -3.15
N VAL A 577 -19.15 -12.14 -4.01
CA VAL A 577 -19.83 -13.36 -4.46
C VAL A 577 -19.33 -13.84 -5.82
N SER A 578 -18.57 -13.01 -6.54
CA SER A 578 -18.10 -13.37 -7.86
C SER A 578 -16.92 -14.33 -7.79
N ALA A 579 -16.64 -14.98 -8.92
CA ALA A 579 -15.52 -15.92 -8.98
C ALA A 579 -14.19 -15.20 -8.89
N TRP A 580 -14.11 -13.99 -9.45
CA TRP A 580 -12.88 -13.21 -9.35
C TRP A 580 -12.50 -13.00 -7.89
N ASP A 581 -13.49 -12.76 -7.03
CA ASP A 581 -13.20 -12.58 -5.61
C ASP A 581 -12.71 -13.89 -4.98
N HIS A 582 -13.21 -15.03 -5.48
CA HIS A 582 -12.71 -16.30 -4.99
C HIS A 582 -11.25 -16.50 -5.37
N VAL A 583 -10.87 -16.09 -6.58
CA VAL A 583 -9.46 -16.10 -6.95
C VAL A 583 -8.67 -15.15 -6.06
N PHE A 584 -9.28 -14.01 -5.73
CA PHE A 584 -8.64 -13.01 -4.89
C PHE A 584 -8.32 -13.57 -3.51
N LEU A 585 -9.23 -14.38 -2.95
CA LEU A 585 -8.96 -15.01 -1.65
C LEU A 585 -8.00 -16.18 -1.79
N GLY A 586 -8.12 -16.94 -2.88
CA GLY A 586 -7.22 -18.03 -3.14
C GLY A 586 -5.79 -17.56 -3.23
N LEU A 587 -5.59 -16.31 -3.68
CA LEU A 587 -4.24 -15.75 -3.72
C LEU A 587 -3.65 -15.66 -2.32
N PHE A 588 -4.43 -15.16 -1.36
CA PHE A 588 -3.95 -15.07 0.01
C PHE A 588 -3.62 -16.45 0.56
N TRP A 589 -4.49 -17.43 0.30
CA TRP A 589 -4.26 -18.75 0.88
C TRP A 589 -3.09 -19.45 0.20
N MET A 590 -2.91 -19.24 -1.11
CA MET A 590 -1.74 -19.76 -1.80
C MET A 590 -0.46 -19.15 -1.23
N TYR A 591 -0.49 -17.84 -0.95
CA TYR A 591 0.66 -17.20 -0.33
C TYR A 591 0.97 -17.87 1.01
N ASN A 592 -0.05 -18.09 1.82
CA ASN A 592 0.15 -18.75 3.12
C ASN A 592 0.81 -20.11 2.93
N ALA A 593 0.25 -20.93 2.05
CA ALA A 593 0.76 -22.29 1.87
C ALA A 593 2.20 -22.29 1.39
N ILE A 594 2.50 -21.48 0.37
CA ILE A 594 3.85 -21.48 -0.19
C ILE A 594 4.85 -20.92 0.81
N SER A 595 4.45 -19.90 1.58
CA SER A 595 5.36 -19.38 2.61
C SER A 595 5.70 -20.47 3.62
N VAL A 596 4.70 -21.23 4.07
CA VAL A 596 5.00 -22.29 5.02
C VAL A 596 5.89 -23.36 4.38
N VAL A 597 5.65 -23.69 3.11
CA VAL A 597 6.46 -24.72 2.46
C VAL A 597 7.92 -24.28 2.38
N ILE A 598 8.16 -23.03 1.96
CA ILE A 598 9.54 -22.58 1.79
C ILE A 598 10.22 -22.44 3.15
N PHE A 599 9.47 -22.01 4.18
CA PHE A 599 10.05 -21.96 5.51
C PHE A 599 10.47 -23.35 5.98
N HIS A 600 9.61 -24.35 5.77
CA HIS A 600 9.97 -25.71 6.13
C HIS A 600 11.22 -26.16 5.39
N PHE A 601 11.27 -25.93 4.08
CA PHE A 601 12.43 -26.35 3.32
C PHE A 601 13.70 -25.70 3.85
N SER A 602 13.67 -24.39 4.05
CA SER A 602 14.87 -23.67 4.48
C SER A 602 15.34 -24.18 5.83
N TRP A 603 14.44 -24.24 6.82
CA TRP A 603 14.86 -24.65 8.15
C TRP A 603 15.34 -26.09 8.17
N LYS A 604 14.63 -27.00 7.47
CA LYS A 604 15.06 -28.39 7.47
C LYS A 604 16.42 -28.54 6.81
N MET A 605 16.65 -27.86 5.68
CA MET A 605 17.93 -27.95 5.01
C MET A 605 19.05 -27.45 5.90
N GLN A 606 18.83 -26.30 6.55
CA GLN A 606 19.87 -25.74 7.41
C GLN A 606 20.13 -26.63 8.61
N SER A 607 19.08 -27.27 9.15
CA SER A 607 19.22 -28.00 10.40
C SER A 607 19.81 -29.39 10.19
N ASP A 608 19.44 -30.07 9.11
CA ASP A 608 19.73 -31.49 8.97
C ASP A 608 20.48 -31.87 7.70
N VAL A 609 20.85 -30.93 6.84
CA VAL A 609 21.48 -31.29 5.57
C VAL A 609 22.69 -30.40 5.30
N TRP A 610 22.46 -29.10 5.14
CA TRP A 610 23.56 -28.20 4.85
C TRP A 610 24.48 -28.08 6.07
N GLY A 611 25.75 -27.84 5.79
CA GLY A 611 26.74 -27.72 6.84
C GLY A 611 28.13 -27.96 6.28
N SER A 612 29.09 -27.99 7.20
CA SER A 612 30.50 -28.13 6.87
C SER A 612 31.02 -29.47 7.35
N ILE A 613 31.72 -30.18 6.47
CA ILE A 613 32.40 -31.41 6.84
C ILE A 613 33.80 -31.07 7.35
N ASN A 614 34.36 -31.97 8.17
CA ASN A 614 35.68 -31.75 8.75
C ASN A 614 36.56 -32.96 8.45
N ASP A 615 37.78 -32.93 8.96
CA ASP A 615 38.77 -33.96 8.64
C ASP A 615 38.31 -35.33 9.12
N GLN A 616 37.76 -35.41 10.32
CA GLN A 616 37.31 -36.69 10.87
C GLN A 616 35.98 -37.14 10.31
N GLY A 617 35.34 -36.32 9.47
CA GLY A 617 34.02 -36.64 8.98
C GLY A 617 32.89 -36.16 9.85
N VAL A 618 33.18 -35.28 10.81
CA VAL A 618 32.16 -34.75 11.72
C VAL A 618 31.45 -33.60 11.00
N VAL A 619 30.16 -33.78 10.73
CA VAL A 619 29.38 -32.77 10.03
C VAL A 619 28.85 -31.77 11.05
N THR A 620 29.19 -30.51 10.85
CA THR A 620 28.63 -29.42 11.65
C THR A 620 27.59 -28.70 10.82
N ILE A 622 24.65 -25.99 9.66
CA ILE A 622 24.50 -24.55 9.82
C ILE A 622 23.72 -24.26 11.09
N THR A 623 22.60 -24.96 11.25
CA THR A 623 21.87 -25.01 12.51
C THR A 623 22.03 -26.40 13.10
N GLY A 624 22.43 -26.47 14.36
CA GLY A 624 22.81 -27.74 14.96
C GLY A 624 21.67 -28.69 15.21
N GLY A 625 20.92 -29.02 14.16
CA GLY A 625 19.87 -30.01 14.28
C GLY A 625 18.79 -29.65 15.29
N ASN A 626 18.43 -28.38 15.37
CA ASN A 626 17.40 -27.93 16.28
C ASN A 626 15.99 -28.02 15.70
N PHE A 627 15.87 -28.34 14.41
CA PHE A 627 14.56 -28.44 13.78
C PHE A 627 13.71 -29.52 14.42
N ALA A 628 14.29 -30.68 14.71
CA ALA A 628 13.51 -31.80 15.22
C ALA A 628 12.85 -31.47 16.55
N GLN A 629 13.49 -30.65 17.39
CA GLN A 629 12.99 -30.37 18.72
C GLN A 629 12.38 -28.98 18.89
N SER A 630 12.69 -28.05 17.99
CA SER A 630 12.20 -26.69 18.11
C SER A 630 11.05 -26.37 17.16
N SER A 631 10.92 -27.09 16.07
CA SER A 631 9.89 -26.79 15.08
C SER A 631 8.51 -27.29 15.49
N ILE A 632 8.39 -28.04 16.59
CA ILE A 632 7.11 -28.61 16.99
C ILE A 632 6.27 -27.64 17.79
N THR A 633 6.75 -26.41 18.01
CA THR A 633 5.98 -25.38 18.69
C THR A 633 6.07 -24.08 17.90
N ILE A 634 5.03 -23.26 18.00
CA ILE A 634 5.01 -21.98 17.30
C ILE A 634 6.07 -21.05 17.88
N ASN A 635 6.29 -21.12 19.19
CA ASN A 635 7.33 -20.30 19.81
C ASN A 635 8.70 -20.63 19.25
N GLY A 636 8.96 -21.91 18.95
CA GLY A 636 10.23 -22.27 18.33
C GLY A 636 10.37 -21.70 16.94
N TRP A 637 9.30 -21.74 16.15
CA TRP A 637 9.35 -21.12 14.82
C TRP A 637 9.58 -19.63 14.91
N LEU A 638 8.98 -18.96 15.89
CA LEU A 638 9.17 -17.52 16.04
C LEU A 638 10.56 -17.19 16.55
N ARG A 639 11.15 -18.06 17.37
CA ARG A 639 12.43 -17.76 18.03
C ARG A 639 13.60 -18.37 17.28
N ASP A 640 13.57 -19.68 17.06
CA ASP A 640 14.75 -20.37 16.50
C ASP A 640 14.83 -20.23 14.99
N PHE A 641 13.79 -19.73 14.34
CA PHE A 641 13.82 -19.57 12.90
C PHE A 641 13.80 -18.09 12.51
N LEU A 642 12.70 -17.40 12.82
CA LEU A 642 12.57 -16.01 12.38
C LEU A 642 13.54 -15.10 13.12
N TRP A 643 13.48 -15.10 14.46
CA TRP A 643 14.32 -14.21 15.24
C TRP A 643 15.80 -14.53 15.02
N ALA A 644 16.16 -15.80 15.11
CA ALA A 644 17.56 -16.19 15.02
C ALA A 644 18.14 -15.87 13.64
N GLN A 645 17.38 -16.17 12.58
CA GLN A 645 17.91 -16.03 11.23
C GLN A 645 17.66 -14.65 10.63
N ALA A 646 16.92 -13.77 11.31
CA ALA A 646 16.78 -12.41 10.83
C ALA A 646 17.98 -11.55 11.18
N SER A 647 18.86 -12.04 12.07
CA SER A 647 20.04 -11.28 12.45
C SER A 647 20.91 -10.99 11.25
N GLN A 648 21.04 -11.95 10.32
CA GLN A 648 21.88 -11.74 9.15
C GLN A 648 21.37 -10.58 8.31
N VAL A 649 20.06 -10.52 8.08
CA VAL A 649 19.52 -9.48 7.21
C VAL A 649 19.52 -8.13 7.91
N ILE A 650 19.14 -8.08 9.19
CA ILE A 650 19.01 -6.78 9.85
C ILE A 650 20.38 -6.13 10.04
N GLN A 651 21.44 -6.94 10.13
CA GLN A 651 22.78 -6.39 10.35
C GLN A 651 23.45 -5.96 9.05
N SER A 652 22.80 -6.22 7.91
CA SER A 652 23.47 -6.12 6.62
C SER A 652 23.95 -4.70 6.33
N TYR A 653 23.44 -3.72 7.09
CA TYR A 653 23.83 -2.33 6.86
C TYR A 653 25.32 -2.15 7.07
N GLY A 654 25.91 -1.27 6.27
CA GLY A 654 27.34 -1.04 6.29
C GLY A 654 28.16 -2.00 5.49
N SER A 655 27.53 -2.91 4.74
CA SER A 655 28.25 -3.90 3.97
C SER A 655 27.65 -4.05 2.57
N SER A 656 28.10 -5.05 1.83
CA SER A 656 27.61 -5.30 0.48
C SER A 656 26.18 -5.85 0.47
N LEU A 657 25.69 -6.35 1.60
CA LEU A 657 24.33 -6.87 1.70
C LEU A 657 23.34 -5.83 2.21
N SER A 658 23.76 -4.57 2.31
CA SER A 658 22.87 -3.54 2.82
C SER A 658 21.61 -3.42 1.97
N ALA A 659 21.73 -3.66 0.66
CA ALA A 659 20.56 -3.63 -0.20
C ALA A 659 19.51 -4.62 0.26
N TYR A 660 19.92 -5.78 0.79
CA TYR A 660 18.96 -6.75 1.27
C TYR A 660 18.20 -6.24 2.49
N GLY A 661 18.88 -5.56 3.41
CA GLY A 661 18.19 -4.96 4.53
C GLY A 661 17.23 -3.86 4.09
N LEU A 662 17.67 -3.04 3.14
CA LEU A 662 16.79 -2.00 2.60
C LEU A 662 15.54 -2.62 2.01
N PHE A 663 15.69 -3.69 1.23
CA PHE A 663 14.53 -4.34 0.62
C PHE A 663 13.67 -5.03 1.68
N PHE A 664 14.30 -5.54 2.74
CA PHE A 664 13.55 -6.11 3.85
C PHE A 664 12.58 -5.08 4.43
N LEU A 665 13.11 -3.90 4.77
CA LEU A 665 12.27 -2.86 5.35
C LEU A 665 11.24 -2.35 4.34
N GLY A 666 11.64 -2.19 3.08
CA GLY A 666 10.71 -1.70 2.08
C GLY A 666 9.58 -2.68 1.80
N ALA A 667 9.89 -3.97 1.81
CA ALA A 667 8.85 -4.98 1.65
C ALA A 667 7.90 -4.97 2.82
N HIS A 668 8.42 -4.84 4.04
CA HIS A 668 7.54 -4.65 5.19
C HIS A 668 6.61 -3.47 4.96
N PHE A 669 7.16 -2.35 4.48
CA PHE A 669 6.35 -1.16 4.27
C PHE A 669 5.26 -1.40 3.25
N VAL A 670 5.60 -2.00 2.10
CA VAL A 670 4.61 -2.20 1.05
C VAL A 670 3.52 -3.16 1.52
N TRP A 671 3.90 -4.19 2.27
CA TRP A 671 2.91 -5.11 2.80
C TRP A 671 1.95 -4.40 3.74
N ALA A 672 2.47 -3.60 4.67
CA ALA A 672 1.58 -2.86 5.57
C ALA A 672 0.73 -1.85 4.79
N PHE A 673 1.27 -1.32 3.69
CA PHE A 673 0.56 -0.38 2.86
C PHE A 673 -0.65 -1.03 2.20
N SER A 674 -0.50 -2.30 1.79
CA SER A 674 -1.61 -3.01 1.15
C SER A 674 -2.84 -3.03 2.05
N LEU A 675 -2.64 -3.13 3.37
CA LEU A 675 -3.77 -3.21 4.28
C LEU A 675 -4.65 -1.97 4.18
N MET A 676 -4.07 -0.85 3.75
CA MET A 676 -4.87 0.34 3.50
C MET A 676 -5.98 0.06 2.48
N PHE A 677 -5.64 -0.64 1.41
CA PHE A 677 -6.64 -0.98 0.39
C PHE A 677 -7.50 -2.17 0.80
N LEU A 678 -6.93 -3.13 1.54
CA LEU A 678 -7.68 -4.34 1.85
C LEU A 678 -8.74 -4.15 2.92
N PHE A 679 -8.64 -3.08 3.72
CA PHE A 679 -9.52 -2.91 4.87
C PHE A 679 -10.61 -1.86 4.66
N SER A 680 -10.47 -0.99 3.68
CA SER A 680 -11.37 0.16 3.51
C SER A 680 -12.27 -0.05 2.30
N GLY A 681 -13.21 0.88 2.12
CA GLY A 681 -14.10 0.88 0.99
C GLY A 681 -13.99 2.18 0.23
N ARG A 682 -14.49 2.16 -1.01
CA ARG A 682 -14.26 3.29 -1.91
C ARG A 682 -15.17 4.47 -1.60
N GLY A 683 -16.24 4.26 -0.84
CA GLY A 683 -17.13 5.37 -0.53
C GLY A 683 -16.45 6.47 0.27
N TYR A 684 -15.71 6.08 1.30
CA TYR A 684 -14.98 7.06 2.11
C TYR A 684 -13.98 7.82 1.25
N TRP A 685 -13.26 7.11 0.39
CA TRP A 685 -12.24 7.74 -0.44
C TRP A 685 -12.86 8.69 -1.45
N GLN A 686 -13.99 8.32 -2.03
CA GLN A 686 -14.67 9.23 -2.94
C GLN A 686 -15.14 10.49 -2.22
N GLU A 687 -15.68 10.32 -1.01
CA GLU A 687 -16.12 11.48 -0.25
C GLU A 687 -14.95 12.41 0.07
N LEU A 688 -13.80 11.84 0.43
CA LEU A 688 -12.62 12.66 0.69
C LEU A 688 -12.13 13.35 -0.57
N ILE A 689 -12.13 12.62 -1.69
CA ILE A 689 -11.71 13.21 -2.96
C ILE A 689 -12.63 14.35 -3.34
N GLU A 690 -13.89 14.32 -2.88
CA GLU A 690 -14.78 15.45 -3.14
C GLU A 690 -14.24 16.73 -2.53
N SER A 691 -13.82 16.67 -1.27
CA SER A 691 -13.27 17.86 -0.62
C SER A 691 -11.96 18.29 -1.28
N ILE A 692 -11.12 17.31 -1.66
CA ILE A 692 -9.89 17.66 -2.35
C ILE A 692 -10.19 18.38 -3.67
N VAL A 693 -11.14 17.85 -4.42
CA VAL A 693 -11.49 18.43 -5.71
C VAL A 693 -12.05 19.83 -5.52
N TRP A 694 -12.82 20.04 -4.44
CA TRP A 694 -13.31 21.38 -4.15
C TRP A 694 -12.15 22.33 -3.88
N ALA A 695 -11.17 21.89 -3.07
CA ALA A 695 -10.01 22.73 -2.83
C ALA A 695 -9.32 23.09 -4.13
N HIS A 696 -9.30 22.18 -5.08
CA HIS A 696 -8.71 22.48 -6.39
C HIS A 696 -9.58 23.45 -7.18
N ASN A 697 -10.90 23.27 -7.14
CA ASN A 697 -11.80 24.17 -7.86
C ASN A 697 -11.67 25.59 -7.36
N LYS A 698 -11.34 25.76 -6.07
CA LYS A 698 -11.22 27.11 -5.52
C LYS A 698 -10.11 27.91 -6.19
N LEU A 699 -9.13 27.24 -6.80
CA LEU A 699 -7.98 27.92 -7.40
C LEU A 699 -7.96 27.78 -8.92
N LYS A 700 -9.07 27.36 -9.54
CA LYS A 700 -9.12 27.19 -10.99
C LYS A 700 -8.09 26.19 -11.49
N VAL A 701 -7.79 25.18 -10.67
CA VAL A 701 -6.74 24.22 -11.01
C VAL A 701 -7.32 22.81 -10.93
N ALA A 702 -8.63 22.68 -11.14
CA ALA A 702 -9.24 21.36 -11.10
C ALA A 702 -9.06 20.65 -12.44
N PRO A 703 -8.76 19.36 -12.44
CA PRO A 703 -8.58 18.63 -13.71
C PRO A 703 -9.91 18.52 -14.45
N ALA A 704 -9.84 18.51 -15.79
CA ALA A 704 -11.05 18.31 -16.57
C ALA A 704 -11.53 16.88 -16.45
N THR A 705 -10.62 15.91 -16.57
CA THR A 705 -10.95 14.52 -16.32
C THR A 705 -11.21 14.34 -14.83
N GLN A 706 -12.47 14.13 -14.45
CA GLN A 706 -12.86 14.11 -13.05
C GLN A 706 -12.16 12.98 -12.30
N PRO A 707 -11.52 13.26 -11.17
CA PRO A 707 -10.81 12.19 -10.45
C PRO A 707 -11.73 11.35 -9.57
N ARG A 708 -12.07 10.16 -10.04
CA ARG A 708 -12.89 9.26 -9.25
C ARG A 708 -12.01 8.31 -8.43
N ALA A 709 -12.57 7.85 -7.32
CA ALA A 709 -11.89 6.85 -6.51
C ALA A 709 -11.88 5.51 -7.24
N LEU A 710 -10.97 4.64 -6.83
CA LEU A 710 -10.83 3.35 -7.48
C LEU A 710 -12.10 2.52 -7.32
N SER A 711 -12.38 1.70 -8.32
CA SER A 711 -13.51 0.81 -8.25
C SER A 711 -13.29 -0.24 -7.16
N ILE A 712 -14.38 -0.88 -6.74
CA ILE A 712 -14.31 -1.86 -5.66
C ILE A 712 -13.38 -2.99 -6.06
N VAL A 713 -13.58 -3.56 -7.24
CA VAL A 713 -12.75 -4.67 -7.69
C VAL A 713 -11.30 -4.21 -7.82
N GLN A 714 -11.08 -2.99 -8.29
CA GLN A 714 -9.72 -2.49 -8.37
C GLN A 714 -9.11 -2.32 -6.99
N GLY A 715 -9.90 -1.88 -6.01
CA GLY A 715 -9.39 -1.80 -4.65
C GLY A 715 -8.93 -3.15 -4.16
N ARG A 716 -9.74 -4.19 -4.39
CA ARG A 716 -9.34 -5.53 -4.00
C ARG A 716 -8.07 -5.98 -4.72
N ALA A 717 -7.99 -5.70 -6.03
CA ALA A 717 -6.84 -6.12 -6.81
C ALA A 717 -5.57 -5.43 -6.33
N VAL A 718 -5.65 -4.13 -6.06
CA VAL A 718 -4.50 -3.40 -5.57
C VAL A 718 -4.08 -3.92 -4.20
N GLY A 719 -5.05 -4.17 -3.33
CA GLY A 719 -4.72 -4.71 -2.02
C GLY A 719 -3.98 -6.03 -2.11
N VAL A 720 -4.50 -6.95 -2.93
CA VAL A 720 -3.86 -8.27 -3.02
C VAL A 720 -2.50 -8.17 -3.68
N THR A 721 -2.37 -7.33 -4.71
CA THR A 721 -1.09 -7.16 -5.38
C THR A 721 -0.03 -6.64 -4.40
N HIS A 722 -0.37 -5.60 -3.64
CA HIS A 722 0.60 -5.06 -2.69
C HIS A 722 0.91 -6.05 -1.58
N TYR A 723 -0.11 -6.75 -1.08
CA TYR A 723 0.12 -7.76 -0.05
C TYR A 723 1.11 -8.81 -0.53
N LEU A 724 0.86 -9.39 -1.71
CA LEU A 724 1.74 -10.42 -2.23
C LEU A 724 3.14 -9.87 -2.47
N LEU A 725 3.25 -8.70 -3.07
CA LEU A 725 4.57 -8.13 -3.33
C LEU A 725 5.34 -7.95 -2.04
N GLY A 726 4.72 -7.31 -1.04
CA GLY A 726 5.42 -7.06 0.20
C GLY A 726 5.86 -8.34 0.90
N GLY A 727 4.94 -9.29 1.04
CA GLY A 727 5.30 -10.53 1.73
C GLY A 727 6.39 -11.31 1.00
N ILE A 728 6.21 -11.50 -0.30
CA ILE A 728 7.17 -12.30 -1.06
C ILE A 728 8.52 -11.61 -1.09
N ALA A 729 8.54 -10.28 -1.19
CA ALA A 729 9.80 -9.56 -1.23
C ALA A 729 10.52 -9.57 0.11
N THR A 730 9.80 -9.44 1.22
CA THR A 730 10.47 -9.53 2.51
C THR A 730 11.04 -10.93 2.72
N THR A 731 10.31 -11.97 2.31
CA THR A 731 10.87 -13.32 2.42
C THR A 731 12.08 -13.48 1.50
N TRP A 732 12.02 -12.90 0.30
CA TRP A 732 13.14 -12.94 -0.63
C TRP A 732 14.39 -12.33 -0.02
N ALA A 733 14.26 -11.12 0.53
CA ALA A 733 15.39 -10.45 1.14
C ALA A 733 15.93 -11.25 2.32
N PHE A 734 15.03 -11.74 3.17
CA PHE A 734 15.44 -12.54 4.32
C PHE A 734 16.25 -13.76 3.90
N PHE A 735 15.70 -14.54 2.96
CA PHE A 735 16.38 -15.75 2.51
C PHE A 735 17.73 -15.42 1.90
N LEU A 736 17.77 -14.45 1.00
CA LEU A 736 19.01 -14.15 0.29
C LEU A 736 20.09 -13.68 1.26
N ALA A 737 19.76 -12.74 2.14
CA ALA A 737 20.74 -12.24 3.08
C ALA A 737 21.22 -13.35 4.01
N ARG A 738 20.29 -14.14 4.54
CA ARG A 738 20.66 -15.20 5.47
C ARG A 738 21.61 -16.20 4.81
N ILE A 739 21.25 -16.66 3.61
CA ILE A 739 22.03 -17.73 2.99
C ILE A 739 23.32 -17.21 2.36
N ILE A 740 23.40 -15.92 2.03
CA ILE A 740 24.66 -15.40 1.51
C ILE A 740 25.63 -15.10 2.65
N ALA A 741 25.13 -14.61 3.79
CA ALA A 741 26.02 -14.36 4.91
C ALA A 741 26.44 -15.65 5.60
N VAL A 742 25.54 -16.61 5.72
CA VAL A 742 25.85 -17.86 6.43
C VAL A 742 26.31 -18.97 5.48
N GLY A 743 25.92 -18.93 4.22
CA GLY A 743 26.34 -19.95 3.27
C GLY A 743 27.79 -19.79 2.86
N ALA B 1 -40.95 -8.38 20.26
CA ALA B 1 -41.30 -8.87 21.59
C ALA B 1 -41.53 -10.37 21.57
N LEU B 2 -41.96 -10.91 22.71
CA LEU B 2 -42.24 -12.34 22.86
C LEU B 2 -40.97 -13.19 22.79
N ARG B 3 -39.80 -12.54 22.71
CA ARG B 3 -38.53 -13.24 22.74
C ARG B 3 -37.42 -12.21 22.81
N PHE B 4 -36.22 -12.69 23.07
CA PHE B 4 -35.06 -11.80 23.12
C PHE B 4 -34.73 -11.31 21.71
N PRO B 5 -34.51 -10.00 21.52
CA PRO B 5 -34.61 -8.91 22.50
C PRO B 5 -36.05 -8.41 22.67
N ARG B 6 -36.40 -8.00 23.89
CA ARG B 6 -37.70 -7.40 24.13
C ARG B 6 -37.73 -5.90 23.83
N PHE B 7 -36.57 -5.27 23.69
CA PHE B 7 -36.51 -3.85 23.41
C PHE B 7 -36.64 -3.55 21.92
N SER B 8 -36.55 -4.55 21.06
CA SER B 8 -36.67 -4.36 19.62
C SER B 8 -37.64 -5.39 19.07
N GLN B 9 -38.80 -4.91 18.58
CA GLN B 9 -39.78 -5.79 17.97
C GLN B 9 -39.35 -6.22 16.58
N GLY B 10 -38.63 -5.37 15.86
CA GLY B 10 -38.14 -5.75 14.55
C GLY B 10 -37.10 -6.84 14.59
N LEU B 11 -36.23 -6.83 15.59
CA LEU B 11 -35.22 -7.88 15.73
C LEU B 11 -35.82 -9.19 16.22
N ALA B 12 -36.80 -9.13 17.12
CA ALA B 12 -37.36 -10.35 17.69
C ALA B 12 -38.06 -11.21 16.64
N GLN B 13 -38.38 -10.65 15.47
CA GLN B 13 -39.01 -11.40 14.40
C GLN B 13 -38.01 -11.91 13.37
N ASP B 14 -36.73 -11.62 13.54
CA ASP B 14 -35.73 -12.11 12.62
C ASP B 14 -35.57 -13.62 12.80
N PRO B 15 -35.78 -14.43 11.77
CA PRO B 15 -35.71 -15.89 11.93
C PRO B 15 -34.31 -16.46 11.91
N THR B 16 -33.28 -15.62 11.90
CA THR B 16 -31.89 -16.05 11.77
C THR B 16 -31.15 -15.81 13.09
N THR B 17 -29.91 -16.31 13.14
CA THR B 17 -29.07 -16.08 14.30
C THR B 17 -28.72 -14.60 14.46
N ARG B 18 -28.91 -13.80 13.41
CA ARG B 18 -28.68 -12.37 13.50
C ARG B 18 -29.40 -11.77 14.70
N ARG B 19 -30.64 -12.22 14.94
CA ARG B 19 -31.41 -11.69 16.06
C ARG B 19 -30.62 -11.74 17.36
N ILE B 20 -29.89 -12.83 17.58
CA ILE B 20 -29.08 -12.93 18.80
C ILE B 20 -27.98 -11.88 18.78
N TRP B 21 -27.20 -11.84 17.69
CA TRP B 21 -26.07 -10.93 17.63
C TRP B 21 -26.52 -9.49 17.83
N PHE B 22 -27.39 -9.00 16.95
CA PHE B 22 -27.87 -7.64 17.07
C PHE B 22 -28.69 -7.45 18.34
N GLY B 23 -29.16 -8.54 18.94
CA GLY B 23 -29.83 -8.42 20.23
C GLY B 23 -28.89 -7.97 21.32
N ILE B 24 -27.63 -8.39 21.24
CA ILE B 24 -26.65 -8.05 22.28
C ILE B 24 -26.00 -6.70 22.00
N ALA B 25 -25.85 -6.33 20.74
CA ALA B 25 -25.07 -5.17 20.34
C ALA B 25 -25.89 -3.88 20.29
N THR B 26 -27.13 -3.90 20.78
CA THR B 26 -27.95 -2.69 20.82
C THR B 26 -28.71 -2.58 22.15
N ALA B 27 -28.22 -3.23 23.20
CA ALA B 27 -28.95 -3.23 24.46
C ALA B 27 -28.86 -1.88 25.18
N HIS B 28 -27.76 -1.14 24.98
CA HIS B 28 -27.57 0.14 25.64
C HIS B 28 -27.92 1.32 24.75
N ASP B 29 -28.35 1.07 23.52
CA ASP B 29 -28.81 2.14 22.63
C ASP B 29 -30.30 2.34 22.90
N PHE B 30 -30.58 3.08 23.98
CA PHE B 30 -31.97 3.26 24.42
C PHE B 30 -32.79 4.04 23.41
N GLU B 31 -32.18 4.98 22.69
CA GLU B 31 -32.93 5.84 21.78
C GLU B 31 -33.58 5.06 20.65
N SER B 32 -33.02 3.91 20.27
CA SER B 32 -33.54 3.11 19.17
C SER B 32 -34.43 1.97 19.66
N HIS B 33 -34.78 1.96 20.94
CA HIS B 33 -35.62 0.92 21.50
C HIS B 33 -37.09 1.28 21.36
N ASP B 34 -37.92 0.25 21.23
CA ASP B 34 -39.34 0.46 20.97
C ASP B 34 -40.02 1.13 22.15
N ASP B 35 -41.00 1.99 21.85
CA ASP B 35 -41.79 2.66 22.87
C ASP B 35 -40.90 3.45 23.83
N ILE B 36 -39.94 4.16 23.26
CA ILE B 36 -39.00 4.95 24.05
C ILE B 36 -39.50 6.38 24.14
N THR B 37 -39.40 6.96 25.33
CA THR B 37 -39.78 8.35 25.58
C THR B 37 -38.62 9.09 26.22
N GLU B 38 -38.87 10.34 26.60
CA GLU B 38 -37.85 11.20 27.20
C GLU B 38 -37.49 10.75 28.61
N GLY B 39 -38.46 10.78 29.52
CA GLY B 39 -38.18 10.42 30.90
C GLY B 39 -37.67 9.00 31.03
N ARG B 40 -38.21 8.09 30.22
CA ARG B 40 -37.74 6.72 30.24
C ARG B 40 -36.25 6.66 29.91
N LEU B 41 -35.84 7.37 28.85
CA LEU B 41 -34.44 7.38 28.45
C LEU B 41 -33.56 7.94 29.57
N TYR B 42 -33.95 9.08 30.13
CA TYR B 42 -33.11 9.71 31.15
C TYR B 42 -33.02 8.84 32.39
N GLN B 43 -34.13 8.24 32.82
CA GLN B 43 -34.12 7.39 34.00
C GLN B 43 -33.26 6.15 33.78
N ASN B 44 -33.33 5.56 32.58
CA ASN B 44 -32.47 4.41 32.29
C ASN B 44 -31.00 4.80 32.34
N ILE B 45 -30.65 5.96 31.78
CA ILE B 45 -29.27 6.41 31.82
C ILE B 45 -28.82 6.59 33.28
N PHE B 46 -29.66 7.21 34.09
CA PHE B 46 -29.36 7.46 35.49
C PHE B 46 -29.11 6.16 36.25
N ALA B 47 -29.98 5.17 36.06
CA ALA B 47 -29.80 3.88 36.72
C ALA B 47 -28.55 3.18 36.24
N SER B 48 -28.25 3.26 34.94
CA SER B 48 -27.04 2.65 34.42
C SER B 48 -25.79 3.30 35.00
N HIS B 49 -25.82 4.61 35.23
CA HIS B 49 -24.71 5.26 35.89
C HIS B 49 -24.52 4.71 37.30
N PHE B 50 -25.63 4.51 38.02
CA PHE B 50 -25.51 3.89 39.34
C PHE B 50 -24.90 2.50 39.26
N GLY B 51 -25.33 1.71 38.28
CA GLY B 51 -24.75 0.39 38.11
C GLY B 51 -23.25 0.44 37.84
N GLN B 52 -22.83 1.39 37.00
CA GLN B 52 -21.40 1.53 36.72
C GLN B 52 -20.63 1.89 37.98
N LEU B 53 -21.17 2.79 38.80
CA LEU B 53 -20.48 3.14 40.03
C LEU B 53 -20.35 1.91 40.94
N ALA B 54 -21.40 1.11 41.03
CA ALA B 54 -21.34 -0.09 41.85
C ALA B 54 -20.26 -1.03 41.32
N ILE B 55 -20.18 -1.19 39.99
CA ILE B 55 -19.18 -2.09 39.42
C ILE B 55 -17.77 -1.59 39.73
N ILE B 56 -17.54 -0.29 39.59
CA ILE B 56 -16.22 0.27 39.86
C ILE B 56 -15.82 0.02 41.31
N PHE B 57 -16.75 0.29 42.23
CA PHE B 57 -16.44 0.07 43.64
C PHE B 57 -16.16 -1.39 43.92
N LEU B 58 -16.94 -2.29 43.33
CA LEU B 58 -16.71 -3.72 43.53
C LEU B 58 -15.34 -4.13 43.01
N TRP B 59 -14.94 -3.61 41.85
CA TRP B 59 -13.65 -3.97 41.27
C TRP B 59 -12.50 -3.54 42.15
N THR B 60 -12.52 -2.28 42.60
CA THR B 60 -11.42 -1.81 43.45
C THR B 60 -11.44 -2.53 44.80
N SER B 61 -12.63 -2.88 45.29
CA SER B 61 -12.71 -3.68 46.51
C SER B 61 -12.09 -5.05 46.32
N GLY B 62 -12.30 -5.66 45.15
CA GLY B 62 -11.66 -6.94 44.88
C GLY B 62 -10.15 -6.84 44.86
N ASN B 63 -9.63 -5.79 44.23
CA ASN B 63 -8.20 -5.56 44.26
C ASN B 63 -7.70 -5.49 45.70
N LEU B 64 -8.37 -4.69 46.53
CA LEU B 64 -7.98 -4.55 47.93
C LEU B 64 -8.00 -5.91 48.62
N PHE B 65 -9.09 -6.65 48.47
CA PHE B 65 -9.23 -7.91 49.19
C PHE B 65 -8.12 -8.87 48.81
N HIS B 66 -7.82 -8.98 47.51
CA HIS B 66 -6.81 -9.94 47.08
C HIS B 66 -5.42 -9.53 47.54
N VAL B 67 -5.12 -8.22 47.50
CA VAL B 67 -3.81 -7.79 47.99
C VAL B 67 -3.71 -8.00 49.49
N ALA B 68 -4.81 -7.91 50.22
CA ALA B 68 -4.77 -8.14 51.65
C ALA B 68 -4.68 -9.63 51.95
N TRP B 69 -5.20 -10.47 51.07
CA TRP B 69 -5.35 -11.89 51.35
C TRP B 69 -4.13 -12.69 50.90
N GLN B 70 -3.80 -12.67 49.59
CA GLN B 70 -2.62 -13.34 49.08
C GLN B 70 -1.49 -12.38 48.73
N GLY B 71 -1.54 -11.16 49.23
CA GLY B 71 -0.61 -10.13 48.82
C GLY B 71 0.71 -10.19 49.57
N ASN B 72 1.46 -9.11 49.43
CA ASN B 72 2.79 -8.99 50.02
C ASN B 72 2.95 -7.68 50.77
N PHE B 73 1.85 -7.05 51.17
CA PHE B 73 1.89 -5.67 51.63
C PHE B 73 2.72 -5.52 52.91
N GLU B 74 2.46 -6.37 53.90
CA GLU B 74 3.16 -6.25 55.18
C GLU B 74 4.66 -6.44 54.99
N ALA B 75 5.05 -7.40 54.14
CA ALA B 75 6.47 -7.56 53.84
C ALA B 75 6.99 -6.45 52.95
N TRP B 76 6.16 -5.98 52.00
CA TRP B 76 6.62 -4.96 51.07
C TRP B 76 6.95 -3.65 51.78
N VAL B 77 6.11 -3.24 52.73
CA VAL B 77 6.34 -1.98 53.44
C VAL B 77 7.62 -2.02 54.26
N GLN B 78 8.11 -3.20 54.63
CA GLN B 78 9.36 -3.31 55.36
C GLN B 78 10.56 -2.90 54.50
N ASP B 79 10.57 -3.32 53.24
CA ASP B 79 11.66 -2.99 52.33
C ASP B 79 11.09 -2.77 50.92
N PRO B 80 10.58 -1.56 50.64
CA PRO B 80 9.87 -1.36 49.36
C PRO B 80 10.71 -1.60 48.13
N LEU B 81 12.03 -1.49 48.21
CA LEU B 81 12.89 -1.53 47.03
C LEU B 81 13.41 -2.92 46.69
N HIS B 82 13.28 -3.89 47.59
CA HIS B 82 13.91 -5.20 47.40
C HIS B 82 12.91 -6.32 47.63
N VAL B 83 11.68 -6.15 47.16
CA VAL B 83 10.68 -7.21 47.22
C VAL B 83 9.60 -6.88 46.19
N ARG B 84 9.18 -7.91 45.46
CA ARG B 84 8.21 -7.72 44.38
C ARG B 84 6.79 -7.81 44.93
N PRO B 85 5.95 -6.80 44.70
CA PRO B 85 4.57 -6.87 45.20
C PRO B 85 3.79 -7.98 44.52
N ILE B 86 2.89 -8.59 45.28
CA ILE B 86 2.09 -9.73 44.81
C ILE B 86 0.67 -9.24 44.55
N ALA B 87 0.12 -9.60 43.39
CA ALA B 87 -1.25 -9.28 43.05
C ALA B 87 -2.22 -10.28 43.66
N HIS B 88 -2.16 -11.54 43.21
CA HIS B 88 -3.02 -12.58 43.75
C HIS B 88 -2.39 -13.92 43.45
N ALA B 89 -2.84 -14.95 44.17
CA ALA B 89 -2.31 -16.29 43.99
C ALA B 89 -2.86 -16.92 42.73
N ILE B 90 -2.15 -17.94 42.24
CA ILE B 90 -2.55 -18.71 41.07
C ILE B 90 -2.99 -20.08 41.55
N TRP B 91 -4.18 -20.51 41.13
CA TRP B 91 -4.64 -21.88 41.37
C TRP B 91 -5.13 -22.42 40.03
N ASP B 92 -4.22 -23.02 39.27
CA ASP B 92 -4.52 -23.55 37.95
C ASP B 92 -4.21 -25.04 37.93
N PRO B 93 -5.22 -25.91 37.83
CA PRO B 93 -4.94 -27.35 37.81
C PRO B 93 -4.18 -27.81 36.57
N HIS B 94 -4.03 -26.97 35.56
CA HIS B 94 -3.26 -27.32 34.37
C HIS B 94 -1.76 -27.14 34.55
N PHE B 95 -1.33 -26.44 35.59
CA PHE B 95 0.08 -26.20 35.80
C PHE B 95 0.82 -27.52 36.02
N GLY B 96 2.05 -27.58 35.49
CA GLY B 96 2.96 -28.65 35.80
C GLY B 96 3.82 -28.29 37.01
N GLN B 97 4.57 -29.27 37.49
CA GLN B 97 5.44 -29.03 38.64
C GLN B 97 6.45 -27.93 38.37
N PRO B 98 7.20 -27.94 37.26
CA PRO B 98 8.13 -26.82 37.02
C PRO B 98 7.44 -25.47 36.94
N ALA B 99 6.22 -25.41 36.42
CA ALA B 99 5.50 -24.13 36.41
C ALA B 99 5.20 -23.66 37.82
N VAL B 100 4.77 -24.57 38.69
CA VAL B 100 4.52 -24.21 40.08
C VAL B 100 5.81 -23.72 40.74
N GLU B 101 6.92 -24.39 40.44
CA GLU B 101 8.21 -23.95 40.98
C GLU B 101 8.59 -22.56 40.48
N ALA B 102 8.37 -22.30 39.19
CA ALA B 102 8.82 -21.03 38.61
C ALA B 102 7.95 -19.87 39.04
N PHE B 103 6.67 -20.09 39.29
CA PHE B 103 5.75 -19.00 39.55
C PHE B 103 5.63 -18.64 41.02
N THR B 104 6.32 -19.33 41.92
CA THR B 104 6.28 -18.99 43.34
C THR B 104 7.40 -17.99 43.63
N ARG B 105 7.02 -16.73 43.77
CA ARG B 105 7.95 -15.63 43.99
C ARG B 105 7.46 -14.78 45.14
N GLY B 106 8.20 -13.69 45.42
CA GLY B 106 7.77 -12.74 46.42
C GLY B 106 7.69 -13.28 47.82
N GLY B 107 8.30 -14.43 48.08
CA GLY B 107 8.22 -15.03 49.39
C GLY B 107 6.89 -15.68 49.72
N ALA B 108 6.11 -16.03 48.70
CA ALA B 108 4.84 -16.69 48.92
C ALA B 108 5.04 -18.20 49.07
N LEU B 109 3.98 -18.88 49.48
CA LEU B 109 3.99 -20.33 49.66
C LEU B 109 3.48 -21.07 48.44
N GLY B 110 3.18 -20.37 47.35
CA GLY B 110 2.70 -20.99 46.14
C GLY B 110 2.81 -20.04 44.96
N PRO B 111 2.40 -20.50 43.79
CA PRO B 111 2.46 -19.62 42.60
C PRO B 111 1.62 -18.37 42.81
N VAL B 112 2.20 -17.22 42.47
CA VAL B 112 1.56 -15.93 42.65
C VAL B 112 1.89 -15.05 41.44
N ASN B 113 1.14 -13.95 41.32
CA ASN B 113 1.34 -12.96 40.27
C ASN B 113 1.92 -11.69 40.87
N ILE B 114 2.88 -11.09 40.16
CA ILE B 114 3.54 -9.87 40.61
C ILE B 114 2.77 -8.67 40.07
N ALA B 115 2.21 -7.86 40.97
CA ALA B 115 1.37 -6.75 40.56
C ALA B 115 2.19 -5.69 39.84
N TYR B 116 1.65 -5.17 38.75
CA TYR B 116 2.26 -4.06 38.01
C TYR B 116 1.34 -2.86 37.90
N SER B 117 0.14 -2.92 38.51
CA SER B 117 -0.75 -1.77 38.49
C SER B 117 -0.24 -0.63 39.36
N GLY B 118 0.73 -0.89 40.23
CA GLY B 118 1.25 0.14 41.11
C GLY B 118 0.39 0.43 42.32
N VAL B 119 -0.53 -0.47 42.67
CA VAL B 119 -1.40 -0.22 43.81
C VAL B 119 -0.61 -0.23 45.12
N TYR B 120 0.45 -1.03 45.20
CA TYR B 120 1.22 -1.10 46.44
C TYR B 120 1.79 0.26 46.79
N GLN B 121 2.47 0.91 45.84
CA GLN B 121 3.05 2.22 46.10
C GLN B 121 1.97 3.24 46.44
N TRP B 122 0.87 3.21 45.70
CA TRP B 122 -0.21 4.18 45.93
C TRP B 122 -0.80 4.03 47.33
N TRP B 123 -1.13 2.80 47.72
CA TRP B 123 -1.70 2.57 49.04
C TRP B 123 -0.69 2.86 50.14
N TYR B 124 0.59 2.58 49.90
CA TYR B 124 1.61 2.91 50.88
C TYR B 124 1.72 4.41 51.09
N THR B 125 1.68 5.19 50.01
CA THR B 125 1.84 6.63 50.13
C THR B 125 0.68 7.26 50.90
N ILE B 126 -0.55 6.79 50.66
CA ILE B 126 -1.71 7.44 51.27
C ILE B 126 -1.82 7.11 52.76
N GLY B 127 -1.19 6.02 53.21
CA GLY B 127 -1.14 5.74 54.63
C GLY B 127 -1.43 4.31 55.04
N LEU B 128 -1.91 3.48 54.13
CA LEU B 128 -2.21 2.10 54.47
C LEU B 128 -0.91 1.36 54.77
N ARG B 129 -0.87 0.63 55.89
CA ARG B 129 0.34 -0.04 56.34
C ARG B 129 0.16 -1.54 56.58
N THR B 130 -0.97 -1.95 57.15
CA THR B 130 -1.20 -3.35 57.51
C THR B 130 -2.30 -3.94 56.66
N ASN B 131 -2.45 -5.27 56.77
CA ASN B 131 -3.52 -5.96 56.04
C ASN B 131 -4.89 -5.63 56.61
N GLU B 132 -4.95 -5.27 57.90
CA GLU B 132 -6.23 -4.89 58.50
C GLU B 132 -6.81 -3.66 57.82
N ASP B 133 -5.97 -2.68 57.51
CA ASP B 133 -6.45 -1.48 56.83
C ASP B 133 -7.03 -1.84 55.47
N LEU B 134 -6.35 -2.72 54.74
CA LEU B 134 -6.86 -3.16 53.44
C LEU B 134 -8.19 -3.89 53.58
N TYR B 135 -8.32 -4.74 54.60
CA TYR B 135 -9.58 -5.44 54.81
C TYR B 135 -10.71 -4.46 55.12
N THR B 136 -10.44 -3.47 55.97
CA THR B 136 -11.46 -2.48 56.29
C THR B 136 -11.86 -1.69 55.05
N GLY B 137 -10.87 -1.31 54.22
CA GLY B 137 -11.20 -0.61 52.99
C GLY B 137 -12.05 -1.45 52.06
N ALA B 138 -11.71 -2.75 51.94
CA ALA B 138 -12.49 -3.63 51.09
C ALA B 138 -13.93 -3.76 51.59
N ILE B 139 -14.12 -3.91 52.90
CA ILE B 139 -15.47 -4.02 53.44
C ILE B 139 -16.25 -2.72 53.21
N PHE B 140 -15.60 -1.58 53.46
CA PHE B 140 -16.27 -0.30 53.24
C PHE B 140 -16.69 -0.15 51.79
N LEU B 141 -15.85 -0.60 50.86
CA LEU B 141 -16.18 -0.45 49.45
C LEU B 141 -17.28 -1.41 49.03
N LEU B 142 -17.31 -2.61 49.60
CA LEU B 142 -18.44 -3.51 49.33
C LEU B 142 -19.74 -2.87 49.78
N PHE B 143 -19.73 -2.27 50.98
CA PHE B 143 -20.90 -1.55 51.45
C PHE B 143 -21.26 -0.42 50.49
N LEU B 144 -20.24 0.28 49.99
CA LEU B 144 -20.47 1.40 49.09
C LEU B 144 -21.12 0.95 47.78
N SER B 145 -20.63 -0.16 47.21
CA SER B 145 -21.24 -0.69 45.98
C SER B 145 -22.67 -1.13 46.23
N PHE B 146 -22.92 -1.76 47.39
CA PHE B 146 -24.29 -2.14 47.73
C PHE B 146 -25.19 -0.92 47.81
N ILE B 147 -24.70 0.17 48.41
CA ILE B 147 -25.49 1.40 48.52
C ILE B 147 -25.73 1.98 47.14
N SER B 148 -24.75 1.91 46.26
CA SER B 148 -24.93 2.41 44.89
C SER B 148 -26.03 1.63 44.18
N LEU B 149 -26.02 0.31 44.30
CA LEU B 149 -27.08 -0.50 43.70
C LEU B 149 -28.44 -0.15 44.30
N LEU B 150 -28.48 0.06 45.63
CA LEU B 150 -29.72 0.44 46.29
C LEU B 150 -30.24 1.76 45.74
N ALA B 151 -29.36 2.74 45.55
CA ALA B 151 -29.77 4.02 45.01
C ALA B 151 -30.33 3.85 43.60
N GLY B 152 -29.65 3.06 42.77
CA GLY B 152 -30.16 2.84 41.42
C GLY B 152 -31.54 2.23 41.44
N TRP B 153 -31.72 1.16 42.22
CA TRP B 153 -33.03 0.53 42.30
C TRP B 153 -34.09 1.50 42.82
N LEU B 154 -33.74 2.28 43.85
CA LEU B 154 -34.70 3.22 44.42
C LEU B 154 -35.17 4.21 43.38
N HIS B 155 -34.24 4.75 42.59
CA HIS B 155 -34.64 5.75 41.61
C HIS B 155 -35.30 5.12 40.39
N LEU B 156 -35.16 3.81 40.20
CA LEU B 156 -35.97 3.13 39.18
C LEU B 156 -37.44 3.15 39.55
N GLN B 157 -37.76 2.92 40.82
CA GLN B 157 -39.15 2.79 41.24
C GLN B 157 -39.90 4.10 40.98
N PRO B 158 -41.19 4.01 40.67
CA PRO B 158 -41.98 5.24 40.57
C PRO B 158 -41.89 6.03 41.87
N LYS B 159 -42.46 7.24 41.86
CA LYS B 159 -42.54 8.20 42.97
C LYS B 159 -41.17 8.62 43.48
N TRP B 160 -40.08 8.03 42.99
CA TRP B 160 -38.73 8.50 43.27
C TRP B 160 -37.97 8.85 42.00
N LYS B 161 -38.49 8.49 40.83
CA LYS B 161 -37.78 8.73 39.58
C LYS B 161 -37.85 10.20 39.20
N PRO B 162 -36.73 10.88 38.96
CA PRO B 162 -36.78 12.30 38.60
C PRO B 162 -37.46 12.51 37.25
N SER B 163 -38.08 13.67 37.11
CA SER B 163 -38.66 14.05 35.83
C SER B 163 -37.57 14.55 34.88
N VAL B 164 -37.95 14.73 33.61
CA VAL B 164 -36.99 15.21 32.61
C VAL B 164 -36.57 16.63 32.94
N SER B 165 -37.50 17.48 33.36
CA SER B 165 -37.16 18.86 33.68
C SER B 165 -36.04 18.91 34.71
N TRP B 166 -36.00 17.95 35.62
CA TRP B 166 -34.94 17.91 36.61
C TRP B 166 -33.60 17.57 35.96
N PHE B 167 -33.58 16.62 35.03
CA PHE B 167 -32.32 16.22 34.39
C PHE B 167 -31.69 17.37 33.62
N LYS B 168 -32.49 18.26 33.06
CA LYS B 168 -32.01 19.31 32.19
C LYS B 168 -31.69 20.60 32.93
N ASN B 169 -31.74 20.60 34.27
CA ASN B 169 -31.36 21.75 35.06
C ASN B 169 -29.84 21.85 35.10
N ALA B 170 -29.27 22.55 34.11
CA ALA B 170 -27.81 22.57 33.97
C ALA B 170 -27.15 23.49 34.99
N GLU B 171 -27.76 24.63 35.29
CA GLU B 171 -27.12 25.60 36.17
C GLU B 171 -26.86 25.00 37.55
N SER B 172 -27.89 24.42 38.16
CA SER B 172 -27.74 23.85 39.49
C SER B 172 -26.76 22.68 39.50
N ARG B 173 -26.82 21.83 38.48
CA ARG B 173 -25.87 20.72 38.41
C ARG B 173 -24.44 21.22 38.34
N LEU B 174 -24.18 22.23 37.50
CA LEU B 174 -22.84 22.76 37.41
C LEU B 174 -22.39 23.37 38.74
N ASN B 175 -23.28 24.12 39.39
CA ASN B 175 -22.93 24.70 40.67
C ASN B 175 -22.54 23.62 41.67
N HIS B 176 -23.38 22.59 41.81
CA HIS B 176 -23.11 21.55 42.80
C HIS B 176 -21.85 20.76 42.46
N HIS B 177 -21.67 20.41 41.19
CA HIS B 177 -20.51 19.61 40.81
C HIS B 177 -19.22 20.40 41.00
N LEU B 178 -19.18 21.66 40.60
CA LEU B 178 -17.97 22.45 40.79
C LEU B 178 -17.68 22.68 42.27
N SER B 179 -18.69 23.14 43.01
CA SER B 179 -18.49 23.45 44.42
C SER B 179 -18.58 22.24 45.33
N GLY B 180 -19.13 21.13 44.84
CA GLY B 180 -19.37 19.99 45.71
C GLY B 180 -18.62 18.74 45.30
N LEU B 181 -18.88 18.26 44.08
CA LEU B 181 -18.21 17.05 43.63
C LEU B 181 -16.71 17.24 43.50
N PHE B 182 -16.27 18.40 43.00
CA PHE B 182 -14.86 18.69 42.82
C PHE B 182 -14.25 19.38 44.04
N GLY B 183 -14.83 20.47 44.49
CA GLY B 183 -14.26 21.26 45.57
C GLY B 183 -14.23 20.56 46.92
N VAL B 184 -15.39 20.07 47.36
CA VAL B 184 -15.46 19.42 48.67
C VAL B 184 -14.66 18.12 48.67
N SER B 185 -14.67 17.41 47.54
CA SER B 185 -13.91 16.16 47.46
C SER B 185 -12.42 16.42 47.61
N SER B 186 -11.90 17.42 46.91
CA SER B 186 -10.49 17.74 47.04
C SER B 186 -10.16 18.31 48.41
N LEU B 187 -11.08 19.08 49.00
CA LEU B 187 -10.88 19.54 50.37
C LEU B 187 -10.76 18.37 51.33
N ALA B 188 -11.63 17.37 51.16
CA ALA B 188 -11.56 16.18 52.00
C ALA B 188 -10.27 15.40 51.76
N TRP B 189 -9.80 15.32 50.51
CA TRP B 189 -8.54 14.63 50.27
C TRP B 189 -7.39 15.35 50.95
N ALA B 190 -7.37 16.68 50.89
CA ALA B 190 -6.35 17.44 51.61
C ALA B 190 -6.45 17.19 53.11
N GLY B 191 -7.68 17.09 53.63
CA GLY B 191 -7.85 16.77 55.03
C GLY B 191 -7.27 15.41 55.39
N HIS B 192 -7.50 14.41 54.54
CA HIS B 192 -6.92 13.09 54.79
C HIS B 192 -5.40 13.15 54.75
N LEU B 193 -4.86 13.87 53.77
CA LEU B 193 -3.40 13.95 53.66
C LEU B 193 -2.80 14.61 54.90
N VAL B 194 -3.44 15.67 55.39
CA VAL B 194 -2.95 16.34 56.58
C VAL B 194 -3.10 15.45 57.82
N HIS B 195 -4.19 14.69 57.90
CA HIS B 195 -4.52 13.98 59.13
C HIS B 195 -3.94 12.58 59.22
N VAL B 196 -3.68 11.93 58.09
CA VAL B 196 -3.31 10.52 58.07
C VAL B 196 -2.04 10.28 57.26
N ALA B 197 -2.02 10.70 55.99
CA ALA B 197 -0.89 10.38 55.13
C ALA B 197 0.39 11.08 55.59
N ILE B 198 0.32 12.38 55.86
CA ILE B 198 1.51 13.10 56.31
C ILE B 198 1.99 12.58 57.64
N PRO B 199 1.15 12.40 58.67
CA PRO B 199 1.62 11.73 59.89
C PRO B 199 2.12 10.32 59.62
N GLY B 200 1.49 9.59 58.70
CA GLY B 200 1.95 8.25 58.40
C GLY B 200 3.35 8.22 57.84
N SER B 201 3.71 9.23 57.05
CA SER B 201 5.06 9.36 56.50
C SER B 201 6.04 9.95 57.50
N ARG B 202 5.68 9.98 58.79
CA ARG B 202 6.56 10.52 59.81
C ARG B 202 6.62 9.63 61.04
N GLY B 203 6.01 8.45 61.01
CA GLY B 203 6.09 7.52 62.12
C GLY B 203 4.76 7.28 62.81
N GLU B 204 3.97 8.33 63.00
CA GLU B 204 2.72 8.19 63.71
C GLU B 204 1.71 7.38 62.89
N TYR B 205 0.88 6.62 63.59
CA TYR B 205 -0.17 5.82 62.98
C TYR B 205 -1.51 6.37 63.46
N VAL B 206 -2.05 7.32 62.70
CA VAL B 206 -3.34 7.90 63.03
C VAL B 206 -4.44 7.10 62.37
N ARG B 207 -5.42 6.66 63.16
CA ARG B 207 -6.51 5.84 62.65
C ARG B 207 -7.82 6.33 63.26
N TRP B 208 -8.91 5.65 62.90
CA TRP B 208 -10.24 6.09 63.34
C TRP B 208 -10.32 6.15 64.87
N ASN B 209 -9.62 5.26 65.56
CA ASN B 209 -9.76 5.14 67.01
C ASN B 209 -8.96 6.18 67.78
N ASN B 210 -8.15 7.01 67.10
CA ASN B 210 -7.33 7.98 67.79
C ASN B 210 -7.09 9.26 67.00
N PHE B 211 -7.81 9.50 65.90
CA PHE B 211 -7.53 10.69 65.10
C PHE B 211 -8.10 11.95 65.72
N LEU B 212 -9.01 11.83 66.69
CA LEU B 212 -9.50 12.99 67.42
C LEU B 212 -8.60 13.37 68.60
N SER B 213 -7.65 12.50 68.97
CA SER B 213 -6.76 12.75 70.09
C SER B 213 -5.38 13.22 69.65
N VAL B 214 -5.16 13.40 68.35
CA VAL B 214 -3.86 13.76 67.80
C VAL B 214 -4.00 15.05 67.01
N LEU B 215 -3.13 16.01 67.30
CA LEU B 215 -3.13 17.26 66.57
C LEU B 215 -2.34 17.10 65.27
N PRO B 216 -2.93 17.40 64.11
CA PRO B 216 -2.13 17.35 62.88
C PRO B 216 -0.96 18.33 62.90
N HIS B 217 -1.07 19.43 63.64
CA HIS B 217 -0.02 20.40 63.80
C HIS B 217 0.08 20.78 65.26
N PRO B 218 1.28 21.11 65.76
CA PRO B 218 1.41 21.45 67.18
C PRO B 218 0.51 22.60 67.61
N GLN B 219 0.19 23.53 66.70
CA GLN B 219 -0.70 24.64 67.02
C GLN B 219 -1.96 24.55 66.17
N GLY B 220 -2.75 23.51 66.38
CA GLY B 220 -3.85 23.21 65.48
C GLY B 220 -4.89 24.30 65.35
N LEU B 221 -5.11 24.75 64.11
CA LEU B 221 -6.20 25.66 63.76
C LEU B 221 -6.06 27.05 64.36
N GLY B 222 -5.09 27.27 65.23
CA GLY B 222 -4.83 28.58 65.73
C GLY B 222 -4.37 29.51 64.62
N PRO B 223 -3.30 29.10 63.91
CA PRO B 223 -2.83 29.92 62.78
C PRO B 223 -3.85 30.09 61.67
N LEU B 224 -4.69 29.08 61.43
CA LEU B 224 -5.57 29.12 60.28
C LEU B 224 -6.59 30.25 60.40
N PHE B 225 -7.29 30.32 61.52
CA PHE B 225 -8.31 31.35 61.69
C PHE B 225 -7.71 32.71 62.02
N THR B 226 -6.54 32.73 62.67
CA THR B 226 -5.87 34.00 62.95
C THR B 226 -5.28 34.63 61.70
N GLY B 227 -5.15 33.87 60.61
CA GLY B 227 -4.64 34.38 59.36
C GLY B 227 -3.14 34.19 59.17
N GLN B 228 -2.40 33.94 60.26
CA GLN B 228 -0.96 33.75 60.18
C GLN B 228 -0.69 32.32 59.72
N TRP B 229 -0.95 32.09 58.42
CA TRP B 229 -0.89 30.74 57.87
C TRP B 229 0.53 30.22 57.72
N ASN B 230 1.53 31.12 57.65
CA ASN B 230 2.90 30.67 57.41
C ASN B 230 3.38 29.71 58.49
N LEU B 231 2.77 29.73 59.67
CA LEU B 231 3.17 28.83 60.73
C LEU B 231 3.01 27.36 60.32
N TYR B 232 2.19 27.08 59.31
CA TYR B 232 1.97 25.72 58.86
C TYR B 232 3.07 25.24 57.91
N ALA B 233 4.03 26.10 57.57
CA ALA B 233 5.12 25.73 56.67
C ALA B 233 6.49 26.03 57.27
N GLN B 234 6.59 26.18 58.59
CA GLN B 234 7.80 26.72 59.20
C GLN B 234 8.90 25.69 59.39
N ASN B 235 8.58 24.40 59.34
CA ASN B 235 9.57 23.35 59.62
C ASN B 235 9.32 22.17 58.70
N PRO B 236 9.81 22.23 57.46
CA PRO B 236 9.61 21.13 56.52
C PRO B 236 10.48 19.93 56.87
N ASP B 237 10.24 18.84 56.16
CA ASP B 237 11.03 17.63 56.34
C ASP B 237 12.43 17.83 55.77
N SER B 238 13.44 17.42 56.54
CA SER B 238 14.81 17.56 56.08
C SER B 238 15.08 16.65 54.89
N SER B 239 16.07 17.03 54.08
CA SER B 239 16.45 16.25 52.91
C SER B 239 17.04 14.89 53.28
N ASN B 240 17.40 14.68 54.53
CA ASN B 240 17.89 13.39 55.02
C ASN B 240 16.76 12.76 55.85
N HIS B 241 15.70 12.35 55.17
CA HIS B 241 14.51 11.83 55.82
C HIS B 241 14.12 10.51 55.19
N LEU B 242 14.12 9.45 55.99
CA LEU B 242 13.56 8.18 55.55
C LEU B 242 12.04 8.26 55.64
N PHE B 243 11.36 7.66 54.67
CA PHE B 243 9.94 7.93 54.47
C PHE B 243 9.11 7.65 55.71
N SER B 244 8.91 6.37 56.05
CA SER B 244 7.96 5.99 57.08
C SER B 244 8.55 6.01 58.48
N THR B 245 9.59 6.80 58.71
CA THR B 245 10.21 6.94 60.03
C THR B 245 10.34 8.40 60.40
N SER B 246 10.54 8.65 61.70
CA SER B 246 10.64 9.99 62.24
C SER B 246 12.05 10.57 62.11
N GLN B 247 12.99 9.83 61.53
CA GLN B 247 14.36 10.31 61.37
C GLN B 247 14.37 11.46 60.36
N GLY B 248 14.72 12.66 60.82
CA GLY B 248 14.78 13.80 59.93
C GLY B 248 13.43 14.34 59.52
N ALA B 249 12.38 14.09 60.30
CA ALA B 249 11.04 14.52 59.97
C ALA B 249 10.77 15.92 60.51
N GLY B 250 9.87 16.63 59.83
CA GLY B 250 9.47 17.96 60.21
C GLY B 250 8.09 18.01 60.81
N THR B 251 7.56 19.23 60.92
CA THR B 251 6.21 19.45 61.41
C THR B 251 5.32 20.22 60.44
N ALA B 252 5.86 20.72 59.34
CA ALA B 252 5.06 21.45 58.38
C ALA B 252 4.00 20.52 57.78
N ILE B 253 2.78 21.05 57.64
CA ILE B 253 1.70 20.32 57.00
C ILE B 253 1.41 20.84 55.60
N LEU B 254 1.73 22.09 55.30
CA LEU B 254 1.57 22.66 53.97
C LEU B 254 2.85 23.36 53.56
N THR B 255 3.28 23.12 52.32
CA THR B 255 4.51 23.72 51.81
C THR B 255 4.38 23.85 50.30
N LEU B 256 5.44 24.39 49.68
CA LEU B 256 5.50 24.55 48.23
C LEU B 256 6.99 24.54 47.85
N LEU B 257 7.56 23.34 47.81
CA LEU B 257 8.99 23.16 47.55
C LEU B 257 9.28 22.90 46.08
N GLY B 258 8.52 22.01 45.44
CA GLY B 258 8.57 21.80 44.02
C GLY B 258 9.48 20.67 43.56
N GLY B 259 10.37 20.21 44.42
CA GLY B 259 11.29 19.15 44.05
C GLY B 259 10.71 17.78 44.27
N PHE B 260 11.60 16.80 44.49
CA PHE B 260 11.22 15.44 44.82
C PHE B 260 11.72 15.10 46.21
N HIS B 261 11.10 14.08 46.81
CA HIS B 261 11.61 13.52 48.04
C HIS B 261 12.91 12.78 47.73
N PRO B 262 14.04 13.10 48.38
CA PRO B 262 15.31 12.50 47.95
C PRO B 262 15.31 10.98 48.01
N GLN B 263 14.68 10.38 49.01
CA GLN B 263 14.71 8.92 49.14
C GLN B 263 13.72 8.25 48.20
N THR B 264 12.46 8.70 48.21
CA THR B 264 11.42 8.07 47.41
C THR B 264 11.37 8.57 45.97
N GLN B 265 12.06 9.67 45.67
CA GLN B 265 12.07 10.24 44.32
C GLN B 265 10.65 10.54 43.84
N SER B 266 9.83 11.05 44.75
CA SER B 266 8.45 11.42 44.45
C SER B 266 8.14 12.75 45.10
N LEU B 267 6.98 13.31 44.76
CA LEU B 267 6.60 14.63 45.25
C LEU B 267 6.38 14.60 46.76
N TRP B 268 6.69 15.73 47.39
CA TRP B 268 6.46 15.86 48.82
C TRP B 268 4.98 15.76 49.14
N LEU B 269 4.65 15.02 50.20
CA LEU B 269 3.25 14.86 50.60
C LEU B 269 2.64 16.20 51.02
N THR B 270 3.41 17.02 51.74
CA THR B 270 2.91 18.33 52.14
C THR B 270 2.57 19.19 50.94
N ASP B 271 3.41 19.16 49.90
CA ASP B 271 3.11 19.89 48.68
C ASP B 271 1.80 19.43 48.08
N MET B 272 1.55 18.12 48.10
CA MET B 272 0.32 17.60 47.51
C MET B 272 -0.91 17.99 48.32
N ALA B 273 -0.81 17.94 49.64
CA ALA B 273 -1.92 18.38 50.49
C ALA B 273 -2.22 19.86 50.25
N HIS B 274 -1.16 20.67 50.14
CA HIS B 274 -1.34 22.08 49.83
C HIS B 274 -1.99 22.27 48.47
N HIS B 275 -1.57 21.49 47.48
CA HIS B 275 -2.17 21.56 46.15
C HIS B 275 -3.67 21.30 46.21
N HIS B 276 -4.05 20.21 46.89
CA HIS B 276 -5.46 19.85 46.95
C HIS B 276 -6.27 20.90 47.70
N LEU B 277 -5.72 21.42 48.80
CA LEU B 277 -6.42 22.48 49.52
C LEU B 277 -6.62 23.70 48.63
N ALA B 278 -5.57 24.10 47.90
CA ALA B 278 -5.68 25.27 47.06
C ALA B 278 -6.76 25.08 45.99
N ILE B 279 -6.67 23.99 45.22
CA ILE B 279 -7.64 23.81 44.15
C ILE B 279 -9.05 23.60 44.72
N ALA B 280 -9.16 23.07 45.94
CA ALA B 280 -10.48 23.00 46.57
C ALA B 280 -11.03 24.39 46.81
N ILE B 281 -10.19 25.31 47.28
CA ILE B 281 -10.64 26.69 47.45
C ILE B 281 -11.09 27.27 46.11
N LEU B 282 -10.29 27.05 45.07
CA LEU B 282 -10.63 27.61 43.75
C LEU B 282 -11.96 27.06 43.25
N PHE B 283 -12.17 25.73 43.38
CA PHE B 283 -13.41 25.14 42.92
C PHE B 283 -14.59 25.63 43.73
N LEU B 284 -14.42 25.74 45.06
CA LEU B 284 -15.53 26.20 45.90
C LEU B 284 -15.93 27.61 45.53
N ILE B 285 -14.95 28.48 45.26
CA ILE B 285 -15.28 29.84 44.86
C ILE B 285 -15.94 29.85 43.48
N GLY B 286 -15.39 29.08 42.54
CA GLY B 286 -15.88 29.12 41.17
C GLY B 286 -17.18 28.39 40.93
N GLY B 287 -17.64 27.59 41.88
CA GLY B 287 -18.89 26.89 41.75
C GLY B 287 -20.11 27.67 42.15
N HIS B 288 -19.98 28.99 42.35
CA HIS B 288 -21.09 29.87 42.70
C HIS B 288 -21.43 30.79 41.54
N MET B 289 -21.23 30.32 40.31
CA MET B 289 -21.35 31.18 39.14
C MET B 289 -22.77 31.25 38.59
N TYR B 290 -23.48 30.13 38.57
CA TYR B 290 -24.74 30.08 37.85
C TYR B 290 -25.92 30.26 38.81
N ARG B 291 -27.04 30.68 38.23
CA ARG B 291 -28.22 31.05 39.00
C ARG B 291 -29.08 29.83 39.28
N THR B 292 -29.58 29.73 40.52
CA THR B 292 -30.41 28.61 40.91
C THR B 292 -31.70 29.19 41.48
N ASN B 293 -32.01 28.94 42.75
CA ASN B 293 -33.28 29.38 43.34
C ASN B 293 -33.15 30.65 44.17
N PHE B 294 -31.97 31.25 44.26
CA PHE B 294 -31.74 32.34 45.20
C PHE B 294 -31.66 33.71 44.54
N GLY B 295 -31.96 33.82 43.26
CA GLY B 295 -32.11 35.11 42.62
C GLY B 295 -30.83 35.82 42.25
N ILE B 296 -29.67 35.19 42.44
CA ILE B 296 -28.40 35.75 42.02
C ILE B 296 -27.68 34.72 41.16
N GLY B 297 -26.75 35.19 40.35
CA GLY B 297 -25.90 34.34 39.55
C GLY B 297 -26.15 34.53 38.07
N HIS B 298 -25.68 33.54 37.30
CA HIS B 298 -25.66 33.63 35.85
C HIS B 298 -26.65 32.64 35.22
N SER B 299 -27.13 33.01 34.05
CA SER B 299 -27.89 32.11 33.18
C SER B 299 -26.99 31.78 31.99
N ILE B 300 -26.72 30.49 31.79
CA ILE B 300 -25.73 30.09 30.79
C ILE B 300 -26.14 30.54 29.40
N LYS B 301 -27.42 30.37 29.07
CA LYS B 301 -27.87 30.66 27.71
C LYS B 301 -27.71 32.13 27.37
N TYR B 302 -27.93 33.02 28.35
CA TYR B 302 -27.74 34.45 28.08
C TYR B 302 -26.28 34.76 27.82
N ILE B 303 -25.37 34.16 28.60
CA ILE B 303 -23.95 34.35 28.33
C ILE B 303 -23.62 33.88 26.92
N LEU B 304 -24.17 32.72 26.53
CA LEU B 304 -23.89 32.20 25.20
C LEU B 304 -24.38 33.15 24.12
N GLU B 305 -25.65 33.54 24.20
CA GLU B 305 -26.24 34.38 23.16
C GLU B 305 -25.65 35.77 23.11
N ALA B 306 -25.11 36.26 24.24
CA ALA B 306 -24.48 37.57 24.26
C ALA B 306 -23.08 37.56 23.64
N HIS B 307 -22.52 36.39 23.38
CA HIS B 307 -21.18 36.27 22.80
C HIS B 307 -21.32 36.09 21.30
N ILE B 308 -21.60 37.21 20.62
CA ILE B 308 -21.67 37.25 19.17
C ILE B 308 -20.83 38.43 18.71
N PRO B 309 -19.76 38.23 17.95
CA PRO B 309 -18.90 39.36 17.57
C PRO B 309 -19.63 40.27 16.60
N PRO B 310 -19.53 41.59 16.79
CA PRO B 310 -19.96 42.51 15.73
C PRO B 310 -19.08 42.35 14.51
N GLY B 311 -19.65 42.68 13.34
CA GLY B 311 -19.01 42.39 12.08
C GLY B 311 -19.41 41.08 11.47
N GLY B 312 -20.06 40.20 12.22
CA GLY B 312 -20.65 39.00 11.65
C GLY B 312 -19.65 38.05 11.03
N ARG B 313 -18.43 37.99 11.57
CA ARG B 313 -17.49 36.99 11.08
C ARG B 313 -17.85 35.60 11.56
N LEU B 314 -18.52 35.50 12.71
CA LEU B 314 -18.99 34.23 13.25
C LEU B 314 -20.48 34.02 13.03
N GLY B 315 -21.09 34.81 12.14
CA GLY B 315 -22.52 34.68 11.92
C GLY B 315 -23.29 35.15 13.14
N ARG B 316 -24.21 34.32 13.61
CA ARG B 316 -25.00 34.61 14.79
C ARG B 316 -24.29 34.18 16.08
N GLY B 317 -23.04 33.77 15.99
CA GLY B 317 -22.29 33.45 17.20
C GLY B 317 -22.80 32.18 17.85
N HIS B 318 -22.97 32.24 19.17
CA HIS B 318 -23.40 31.10 19.97
C HIS B 318 -24.89 31.13 20.28
N LYS B 319 -25.68 31.80 19.45
CA LYS B 319 -27.11 31.89 19.68
C LYS B 319 -27.76 30.55 19.36
N GLY B 320 -28.54 30.03 20.29
CA GLY B 320 -29.20 28.74 20.13
C GLY B 320 -28.38 27.55 20.55
N LEU B 321 -27.15 27.75 21.04
CA LEU B 321 -26.30 26.62 21.41
C LEU B 321 -26.72 25.99 22.74
N TYR B 322 -27.27 26.78 23.65
CA TYR B 322 -27.68 26.23 24.93
C TYR B 322 -28.73 25.14 24.73
N ASP B 323 -29.71 25.39 23.86
CA ASP B 323 -30.79 24.44 23.67
C ASP B 323 -30.34 23.20 22.91
N THR B 324 -29.44 23.35 21.95
CA THR B 324 -28.94 22.19 21.23
C THR B 324 -27.97 21.37 22.07
N ILE B 325 -27.33 21.96 23.07
CA ILE B 325 -26.49 21.18 23.97
C ILE B 325 -27.33 20.51 25.06
N ASN B 326 -28.28 21.24 25.64
CA ASN B 326 -29.09 20.68 26.71
C ASN B 326 -30.04 19.59 26.23
N ASN B 327 -30.57 19.74 25.01
CA ASN B 327 -31.50 18.75 24.48
C ASN B 327 -30.80 17.58 23.80
N SER B 328 -29.57 17.76 23.34
CA SER B 328 -28.81 16.70 22.70
C SER B 328 -27.88 16.06 23.71
N ILE B 329 -28.20 14.82 24.10
CA ILE B 329 -27.38 14.11 25.06
C ILE B 329 -26.08 13.62 24.42
N HIS B 330 -26.10 13.33 23.12
CA HIS B 330 -24.88 12.92 22.44
C HIS B 330 -23.86 14.06 22.39
N PHE B 331 -24.33 15.30 22.27
CA PHE B 331 -23.43 16.45 22.38
C PHE B 331 -22.74 16.46 23.73
N GLN B 332 -23.50 16.26 24.80
CA GLN B 332 -22.93 16.23 26.15
C GLN B 332 -21.92 15.10 26.28
N LEU B 333 -22.27 13.91 25.79
CA LEU B 333 -21.36 12.78 25.91
C LEU B 333 -20.08 13.02 25.12
N GLY B 334 -20.20 13.63 23.93
CA GLY B 334 -19.01 13.92 23.14
C GLY B 334 -18.10 14.92 23.83
N LEU B 335 -18.67 15.99 24.37
CA LEU B 335 -17.86 16.96 25.10
C LEU B 335 -17.17 16.31 26.30
N ALA B 336 -17.93 15.52 27.06
CA ALA B 336 -17.38 14.87 28.24
C ALA B 336 -16.25 13.92 27.86
N LEU B 337 -16.44 13.13 26.81
CA LEU B 337 -15.41 12.20 26.38
C LEU B 337 -14.18 12.95 25.89
N ALA B 338 -14.37 14.05 25.18
CA ALA B 338 -13.23 14.83 24.70
C ALA B 338 -12.40 15.34 25.88
N SER B 339 -13.05 16.00 26.84
CA SER B 339 -12.31 16.52 27.99
C SER B 339 -11.66 15.40 28.77
N LEU B 340 -12.38 14.28 28.96
CA LEU B 340 -11.84 13.16 29.71
C LEU B 340 -10.62 12.57 29.02
N GLY B 341 -10.66 12.43 27.70
CA GLY B 341 -9.50 11.91 26.99
C GLY B 341 -8.31 12.84 27.08
N VAL B 342 -8.56 14.15 26.98
CA VAL B 342 -7.45 15.10 27.11
C VAL B 342 -6.81 14.97 28.47
N ILE B 343 -7.62 14.91 29.53
CA ILE B 343 -7.03 14.85 30.87
C ILE B 343 -6.46 13.47 31.19
N THR B 344 -6.95 12.41 30.54
CA THR B 344 -6.32 11.10 30.70
C THR B 344 -4.93 11.09 30.08
N SER B 345 -4.80 11.66 28.89
CA SER B 345 -3.48 11.80 28.30
C SER B 345 -2.60 12.70 29.16
N LEU B 346 -3.17 13.74 29.77
CA LEU B 346 -2.41 14.58 30.68
C LEU B 346 -1.92 13.80 31.88
N VAL B 347 -2.78 12.95 32.45
CA VAL B 347 -2.38 12.09 33.55
C VAL B 347 -1.21 11.21 33.12
N ALA B 348 -1.32 10.61 31.94
CA ALA B 348 -0.24 9.75 31.46
C ALA B 348 1.06 10.53 31.34
N GLN B 349 0.99 11.75 30.80
CA GLN B 349 2.21 12.53 30.59
C GLN B 349 2.82 12.98 31.91
N HIS B 350 2.00 13.27 32.92
CA HIS B 350 2.51 13.80 34.18
C HIS B 350 2.94 12.71 35.17
N MET B 351 2.36 11.52 35.09
CA MET B 351 2.66 10.51 36.10
C MET B 351 4.11 10.01 36.00
N TYR B 352 4.67 9.94 34.79
CA TYR B 352 6.02 9.42 34.63
C TYR B 352 7.08 10.47 34.91
N SER B 353 6.78 11.75 34.69
CA SER B 353 7.77 12.81 34.87
C SER B 353 7.73 13.41 36.27
N LEU B 354 6.57 13.37 36.93
CA LEU B 354 6.41 13.89 38.29
C LEU B 354 5.72 12.83 39.14
N PRO B 355 6.39 11.73 39.46
CA PRO B 355 5.76 10.68 40.25
C PRO B 355 5.34 11.20 41.62
N ALA B 356 4.18 10.73 42.09
CA ALA B 356 3.65 11.16 43.37
C ALA B 356 3.64 10.05 44.42
N TYR B 357 3.86 8.80 44.01
CA TYR B 357 3.84 7.67 44.92
C TYR B 357 5.26 7.24 45.25
N ALA B 358 5.48 6.89 46.51
CA ALA B 358 6.82 6.59 46.98
C ALA B 358 7.35 5.31 46.35
N PHE B 359 8.60 5.36 45.91
CA PHE B 359 9.33 4.20 45.40
C PHE B 359 8.73 3.66 44.11
N ILE B 360 7.88 4.44 43.44
CA ILE B 360 7.35 4.04 42.15
C ILE B 360 8.29 4.42 41.00
N ALA B 361 9.06 5.50 41.15
CA ALA B 361 10.01 5.88 40.12
C ALA B 361 11.09 4.81 39.95
N GLN B 362 11.41 4.08 41.01
CA GLN B 362 12.37 2.98 40.93
C GLN B 362 11.73 1.69 40.44
N ASP B 363 10.40 1.62 40.38
CA ASP B 363 9.70 0.47 39.81
C ASP B 363 9.44 0.77 38.33
N PHE B 364 10.34 0.30 37.48
CA PHE B 364 10.31 0.71 36.07
C PHE B 364 9.15 0.07 35.32
N THR B 365 8.93 -1.23 35.52
CA THR B 365 7.85 -1.90 34.82
C THR B 365 6.49 -1.32 35.18
N THR B 366 6.29 -0.96 36.45
CA THR B 366 5.04 -0.32 36.84
C THR B 366 4.85 1.00 36.10
N GLN B 367 5.89 1.82 36.03
CA GLN B 367 5.80 3.10 35.34
C GLN B 367 5.44 2.89 33.87
N ALA B 368 6.13 1.96 33.20
CA ALA B 368 5.86 1.73 31.79
C ALA B 368 4.43 1.23 31.58
N ALA B 369 4.00 0.29 32.42
CA ALA B 369 2.65 -0.25 32.29
C ALA B 369 1.61 0.84 32.46
N LEU B 370 1.78 1.69 33.48
CA LEU B 370 0.81 2.74 33.73
C LEU B 370 0.75 3.74 32.57
N TYR B 371 1.92 4.14 32.05
CA TYR B 371 1.93 5.10 30.96
C TYR B 371 1.22 4.54 29.73
N THR B 372 1.59 3.31 29.33
CA THR B 372 0.94 2.71 28.16
C THR B 372 -0.56 2.56 28.39
N HIS B 373 -0.94 2.08 29.57
CA HIS B 373 -2.34 2.01 29.97
C HIS B 373 -3.07 3.30 29.67
N HIS B 374 -2.65 4.39 30.32
CA HIS B 374 -3.41 5.62 30.23
C HIS B 374 -3.38 6.20 28.84
N GLN B 375 -2.29 6.02 28.09
CA GLN B 375 -2.26 6.55 26.73
C GLN B 375 -3.25 5.81 25.83
N TYR B 376 -3.30 4.48 25.92
CA TYR B 376 -4.25 3.75 25.08
C TYR B 376 -5.68 4.10 25.44
N ILE B 377 -5.97 4.22 26.73
CA ILE B 377 -7.33 4.56 27.14
C ILE B 377 -7.69 5.97 26.65
N ALA B 378 -6.73 6.90 26.71
CA ALA B 378 -6.99 8.25 26.23
C ALA B 378 -7.28 8.25 24.74
N GLY B 379 -6.53 7.47 23.97
CA GLY B 379 -6.81 7.37 22.55
C GLY B 379 -8.20 6.84 22.28
N PHE B 380 -8.60 5.79 22.99
CA PHE B 380 -9.95 5.25 22.81
C PHE B 380 -11.00 6.29 23.17
N ILE B 381 -10.78 7.04 24.25
CA ILE B 381 -11.75 8.03 24.67
C ILE B 381 -11.88 9.14 23.63
N MET B 382 -10.76 9.58 23.05
CA MET B 382 -10.82 10.62 22.02
C MET B 382 -11.57 10.13 20.80
N THR B 383 -11.27 8.92 20.35
CA THR B 383 -11.97 8.37 19.19
C THR B 383 -13.47 8.27 19.48
N GLY B 384 -13.82 7.88 20.70
CA GLY B 384 -15.23 7.83 21.06
C GLY B 384 -15.90 9.19 21.08
N ALA B 385 -15.18 10.21 21.56
CA ALA B 385 -15.72 11.56 21.56
C ALA B 385 -16.08 12.00 20.15
N PHE B 386 -15.18 11.75 19.20
CA PHE B 386 -15.48 12.11 17.81
C PHE B 386 -16.63 11.27 17.27
N ALA B 387 -16.69 9.98 17.62
CA ALA B 387 -17.80 9.14 17.18
C ALA B 387 -19.12 9.71 17.65
N HIS B 388 -19.19 10.15 18.90
CA HIS B 388 -20.44 10.67 19.43
C HIS B 388 -20.77 12.05 18.89
N GLY B 389 -19.75 12.83 18.52
CA GLY B 389 -20.03 14.05 17.77
C GLY B 389 -20.73 13.75 16.45
N ALA B 390 -20.22 12.76 15.72
CA ALA B 390 -20.89 12.36 14.47
C ALA B 390 -22.30 11.87 14.74
N ILE B 391 -22.48 11.09 15.81
CA ILE B 391 -23.81 10.60 16.16
C ILE B 391 -24.75 11.76 16.43
N PHE B 392 -24.27 12.79 17.14
CA PHE B 392 -25.10 13.97 17.38
C PHE B 392 -25.49 14.63 16.06
N PHE B 393 -24.53 14.80 15.15
CA PHE B 393 -24.87 15.35 13.85
C PHE B 393 -25.99 14.57 13.20
N ILE B 394 -25.93 13.25 13.25
CA ILE B 394 -26.94 12.43 12.59
C ILE B 394 -28.30 12.59 13.27
N ARG B 395 -28.33 12.51 14.60
CA ARG B 395 -29.59 12.30 15.31
C ARG B 395 -30.18 13.59 15.88
N ASP B 396 -29.43 14.30 16.73
CA ASP B 396 -29.99 15.37 17.53
C ASP B 396 -29.83 16.76 16.93
N TYR B 397 -29.28 16.88 15.72
CA TYR B 397 -29.03 18.19 15.14
C TYR B 397 -30.28 18.71 14.44
N ASN B 398 -30.64 19.96 14.73
CA ASN B 398 -31.76 20.62 14.08
C ASN B 398 -31.24 21.77 13.23
N PRO B 399 -31.22 21.63 11.90
CA PRO B 399 -30.62 22.69 11.07
C PRO B 399 -31.26 24.06 11.26
N GLU B 400 -32.59 24.12 11.42
CA GLU B 400 -33.27 25.40 11.47
C GLU B 400 -33.05 26.12 12.80
N GLN B 401 -33.05 25.39 13.91
CA GLN B 401 -32.83 26.02 15.21
C GLN B 401 -31.38 26.45 15.40
N ASN B 402 -30.46 25.91 14.61
CA ASN B 402 -29.06 26.29 14.65
C ASN B 402 -28.68 27.15 13.44
N ALA B 403 -29.63 27.92 12.93
CA ALA B 403 -29.41 28.67 11.69
C ALA B 403 -28.32 29.72 11.89
N ASP B 404 -27.24 29.58 11.14
CA ASP B 404 -26.16 30.56 11.02
C ASP B 404 -25.35 30.72 12.30
N ASN B 405 -25.48 29.81 13.26
CA ASN B 405 -24.61 29.86 14.44
C ASN B 405 -23.30 29.16 14.11
N VAL B 406 -22.43 29.01 15.11
CA VAL B 406 -21.11 28.44 14.85
C VAL B 406 -21.22 27.02 14.32
N LEU B 407 -22.18 26.24 14.80
CA LEU B 407 -22.32 24.85 14.36
C LEU B 407 -22.69 24.78 12.88
N ALA B 408 -23.69 25.57 12.46
CA ALA B 408 -24.11 25.54 11.07
C ALA B 408 -22.98 26.01 10.16
N ARG B 409 -22.27 27.05 10.56
CA ARG B 409 -21.16 27.54 9.76
C ARG B 409 -20.01 26.54 9.70
N MET B 410 -19.81 25.76 10.77
CA MET B 410 -18.88 24.64 10.68
C MET B 410 -19.33 23.63 9.63
N LEU B 411 -20.63 23.32 9.63
CA LEU B 411 -21.14 22.35 8.65
C LEU B 411 -21.00 22.86 7.22
N GLU B 412 -21.13 24.17 7.01
CA GLU B 412 -21.24 24.70 5.65
C GLU B 412 -19.90 24.95 4.98
N HIS B 413 -18.79 24.96 5.71
CA HIS B 413 -17.47 25.05 5.12
C HIS B 413 -16.62 23.85 5.53
N LYS B 414 -17.28 22.70 5.69
CA LYS B 414 -16.58 21.47 6.05
C LYS B 414 -15.48 21.13 5.06
N GLU B 415 -15.66 21.49 3.79
CA GLU B 415 -14.73 21.06 2.76
C GLU B 415 -13.38 21.74 2.91
N ALA B 416 -13.37 23.03 3.26
CA ALA B 416 -12.09 23.70 3.49
C ALA B 416 -11.36 23.07 4.67
N ILE B 417 -12.09 22.77 5.75
CA ILE B 417 -11.48 22.13 6.91
C ILE B 417 -10.87 20.80 6.52
N ILE B 418 -11.64 19.96 5.83
CA ILE B 418 -11.16 18.63 5.48
C ILE B 418 -9.97 18.72 4.55
N SER B 419 -10.02 19.61 3.56
CA SER B 419 -8.92 19.72 2.59
C SER B 419 -7.65 20.21 3.26
N HIS B 420 -7.75 21.22 4.13
CA HIS B 420 -6.53 21.73 4.78
C HIS B 420 -5.94 20.72 5.75
N LEU B 421 -6.82 20.00 6.46
CA LEU B 421 -6.33 18.94 7.33
C LEU B 421 -5.66 17.83 6.53
N SER B 422 -6.21 17.53 5.34
CA SER B 422 -5.57 16.58 4.44
C SER B 422 -4.20 17.08 3.99
N TRP B 423 -4.09 18.36 3.69
CA TRP B 423 -2.79 18.92 3.29
C TRP B 423 -1.78 18.78 4.42
N ALA B 424 -2.20 19.08 5.65
CA ALA B 424 -1.29 18.95 6.78
C ALA B 424 -0.83 17.50 6.93
N SER B 425 -1.76 16.56 6.85
CA SER B 425 -1.39 15.15 6.94
C SER B 425 -0.42 14.75 5.83
N LEU B 426 -0.69 15.20 4.60
CA LEU B 426 0.18 14.84 3.48
C LEU B 426 1.58 15.40 3.69
N PHE B 427 1.68 16.66 4.11
CA PHE B 427 2.98 17.26 4.35
C PHE B 427 3.75 16.48 5.39
N LEU B 428 3.12 16.24 6.54
CA LEU B 428 3.80 15.54 7.63
C LEU B 428 4.26 14.16 7.18
N GLY B 429 3.36 13.38 6.58
CA GLY B 429 3.73 12.04 6.17
C GLY B 429 4.84 12.03 5.15
N PHE B 430 4.70 12.85 4.10
CA PHE B 430 5.70 12.90 3.05
C PHE B 430 7.07 13.16 3.65
N HIS B 431 7.18 14.22 4.44
CA HIS B 431 8.51 14.66 4.86
C HIS B 431 9.08 13.79 5.97
N THR B 432 8.25 13.34 6.91
CA THR B 432 8.75 12.45 7.94
C THR B 432 9.25 11.14 7.33
N LEU B 433 8.46 10.53 6.46
CA LEU B 433 8.90 9.29 5.82
C LEU B 433 10.11 9.54 4.94
N GLY B 434 10.14 10.68 4.24
CA GLY B 434 11.29 10.98 3.40
C GLY B 434 12.58 11.07 4.20
N LEU B 435 12.55 11.79 5.32
CA LEU B 435 13.75 11.91 6.14
C LEU B 435 14.15 10.56 6.72
N TYR B 436 13.17 9.79 7.21
CA TYR B 436 13.49 8.48 7.77
C TYR B 436 14.14 7.58 6.72
N VAL B 437 13.57 7.54 5.51
CA VAL B 437 14.10 6.69 4.46
C VAL B 437 15.46 7.19 4.01
N HIS B 438 15.65 8.52 3.97
CA HIS B 438 16.95 9.06 3.61
C HIS B 438 18.02 8.61 4.59
N ASN B 439 17.75 8.77 5.89
CA ASN B 439 18.73 8.35 6.90
C ASN B 439 18.98 6.85 6.80
N ASP B 440 17.92 6.08 6.59
CA ASP B 440 18.09 4.63 6.52
C ASP B 440 18.94 4.22 5.33
N VAL B 441 18.72 4.86 4.17
CA VAL B 441 19.54 4.57 3.01
C VAL B 441 20.98 5.02 3.26
N MET B 442 21.16 6.13 3.96
CA MET B 442 22.49 6.63 4.25
C MET B 442 23.27 5.64 5.09
N LEU B 443 22.63 5.07 6.10
CA LEU B 443 23.31 4.05 6.90
C LEU B 443 23.45 2.72 6.16
N ALA B 444 22.57 2.45 5.19
CA ALA B 444 22.76 1.27 4.36
C ALA B 444 24.06 1.36 3.57
N PHE B 445 24.43 2.56 3.12
CA PHE B 445 25.65 2.76 2.35
C PHE B 445 26.86 3.04 3.24
N GLY B 446 26.72 2.89 4.56
CA GLY B 446 27.86 3.01 5.44
C GLY B 446 28.37 4.42 5.64
N THR B 447 27.52 5.43 5.49
CA THR B 447 27.90 6.84 5.63
C THR B 447 26.94 7.53 6.57
N PRO B 448 26.99 7.20 7.86
CA PRO B 448 26.09 7.85 8.82
C PRO B 448 26.24 9.36 8.90
N GLU B 449 27.43 9.89 8.61
CA GLU B 449 27.68 11.33 8.74
C GLU B 449 26.90 12.16 7.75
N LYS B 450 26.31 11.56 6.73
CA LYS B 450 25.56 12.28 5.70
C LYS B 450 24.07 12.33 5.99
N GLN B 451 23.66 12.05 7.23
CA GLN B 451 22.26 12.05 7.59
C GLN B 451 21.73 13.47 7.74
N ILE B 452 20.40 13.59 7.72
CA ILE B 452 19.72 14.85 7.95
C ILE B 452 19.22 14.87 9.38
N LEU B 453 20.10 15.19 10.32
CA LEU B 453 19.76 15.22 11.74
C LEU B 453 19.38 16.65 12.12
N ILE B 454 18.10 16.87 12.37
CA ILE B 454 17.59 18.21 12.71
C ILE B 454 17.43 18.26 14.22
N GLU B 455 18.06 19.25 14.83
CA GLU B 455 17.99 19.40 16.28
C GLU B 455 16.62 19.93 16.70
N PRO B 456 15.90 19.26 17.60
CA PRO B 456 14.63 19.82 18.07
C PRO B 456 14.84 21.10 18.88
N ILE B 457 15.31 22.14 18.18
CA ILE B 457 15.83 23.32 18.87
C ILE B 457 14.74 24.06 19.63
N PHE B 458 13.51 24.09 19.11
CA PHE B 458 12.44 24.79 19.82
C PHE B 458 12.13 24.11 21.15
N ALA B 459 12.04 22.78 21.16
CA ALA B 459 11.77 22.08 22.41
C ALA B 459 12.92 22.25 23.39
N GLN B 460 14.15 22.24 22.89
CA GLN B 460 15.31 22.48 23.77
C GLN B 460 15.28 23.88 24.34
N TRP B 461 14.87 24.86 23.54
CA TRP B 461 14.73 26.23 24.04
C TRP B 461 13.67 26.30 25.13
N ILE B 462 12.55 25.60 24.94
CA ILE B 462 11.53 25.58 25.98
C ILE B 462 12.06 24.94 27.25
N GLN B 463 12.79 23.83 27.11
CA GLN B 463 13.38 23.18 28.27
C GLN B 463 14.33 24.13 29.00
N SER B 464 15.13 24.88 28.25
CA SER B 464 16.01 25.86 28.86
C SER B 464 15.21 26.94 29.58
N ALA B 465 14.09 27.36 28.99
CA ALA B 465 13.22 28.34 29.63
C ALA B 465 12.64 27.83 30.94
N HIS B 466 12.57 26.52 31.15
CA HIS B 466 12.12 25.95 32.41
C HIS B 466 13.21 25.89 33.46
N GLY B 467 14.46 26.08 33.08
CA GLY B 467 15.59 26.06 34.00
C GLY B 467 16.66 25.05 33.67
N LYS B 468 16.45 24.16 32.70
CA LYS B 468 17.49 23.21 32.34
C LYS B 468 18.68 23.95 31.73
N THR B 469 19.88 23.46 32.04
CA THR B 469 21.13 24.13 31.65
C THR B 469 22.06 23.14 30.96
N SER B 470 21.52 22.35 30.03
CA SER B 470 22.32 21.43 29.24
C SER B 470 22.47 21.86 27.79
N TYR B 471 21.71 22.85 27.34
CA TYR B 471 21.81 23.37 25.98
C TYR B 471 22.43 24.76 25.90
N GLY B 472 22.63 25.42 27.04
CA GLY B 472 23.27 26.72 27.06
C GLY B 472 22.51 27.78 26.29
N PHE B 473 21.18 27.82 26.45
CA PHE B 473 20.36 28.84 25.82
C PHE B 473 20.19 30.09 26.67
N ASP B 474 20.25 29.96 27.99
CA ASP B 474 20.24 31.11 28.89
C ASP B 474 18.97 31.92 28.70
N VAL B 475 17.85 31.31 29.10
CA VAL B 475 16.54 31.91 29.00
C VAL B 475 15.91 31.91 30.40
N LEU B 476 14.74 32.53 30.53
CA LEU B 476 14.00 32.58 31.79
C LEU B 476 14.23 31.30 32.60
N LEU B 477 14.48 31.49 33.90
CA LEU B 477 14.73 30.39 34.83
C LEU B 477 16.12 29.77 34.62
N SER B 478 16.63 29.79 33.39
CA SER B 478 17.99 29.38 33.12
C SER B 478 18.95 30.54 32.99
N SER B 479 18.46 31.79 33.08
CA SER B 479 19.34 32.95 33.09
C SER B 479 19.75 33.26 34.53
N THR B 480 20.08 34.51 34.81
CA THR B 480 20.51 34.90 36.15
C THR B 480 19.83 36.16 36.68
N ASN B 481 19.43 37.10 35.83
CA ASN B 481 18.79 38.33 36.28
C ASN B 481 17.38 38.48 35.72
N SER B 482 16.81 37.43 35.16
CA SER B 482 15.47 37.51 34.61
C SER B 482 14.45 37.69 35.73
N PRO B 483 13.43 38.53 35.53
CA PRO B 483 12.40 38.67 36.57
C PRO B 483 11.71 37.35 36.90
N ALA B 484 11.48 36.50 35.90
CA ALA B 484 10.83 35.22 36.16
C ALA B 484 11.67 34.37 37.11
N LEU B 485 12.98 34.32 36.88
CA LEU B 485 13.86 33.56 37.77
C LEU B 485 13.89 34.18 39.16
N ASN B 486 14.00 35.51 39.24
CA ASN B 486 14.16 36.16 40.54
C ASN B 486 12.89 36.12 41.37
N ALA B 487 11.73 36.01 40.73
CA ALA B 487 10.47 36.08 41.46
C ALA B 487 10.23 34.86 42.33
N GLY B 488 10.72 33.69 41.93
CA GLY B 488 10.44 32.46 42.64
C GLY B 488 11.63 31.82 43.32
N ARG B 489 12.72 32.56 43.48
CA ARG B 489 13.94 31.99 44.04
C ARG B 489 13.73 31.51 45.48
N SER B 490 12.74 32.03 46.19
CA SER B 490 12.55 31.71 47.59
C SER B 490 11.37 30.79 47.86
N ILE B 491 10.65 30.36 46.84
CA ILE B 491 9.46 29.53 47.04
C ILE B 491 9.74 28.10 46.56
N TRP B 492 9.67 27.89 45.24
CA TRP B 492 9.77 26.55 44.68
C TRP B 492 10.95 26.37 43.74
N LEU B 493 11.52 27.45 43.21
CA LEU B 493 12.58 27.31 42.22
C LEU B 493 13.78 26.52 42.73
N PRO B 494 14.23 26.66 43.97
CA PRO B 494 15.34 25.83 44.44
C PRO B 494 15.11 24.35 44.13
N GLY B 495 14.03 23.79 44.67
CA GLY B 495 13.75 22.38 44.44
C GLY B 495 13.48 22.06 42.99
N TRP B 496 12.75 22.94 42.30
CA TRP B 496 12.43 22.67 40.89
C TRP B 496 13.69 22.59 40.04
N LEU B 497 14.59 23.55 40.22
CA LEU B 497 15.84 23.56 39.46
C LEU B 497 16.74 22.40 39.85
N ASN B 498 16.73 22.02 41.13
CA ASN B 498 17.49 20.84 41.54
C ASN B 498 16.97 19.59 40.84
N ALA B 499 15.65 19.45 40.72
CA ALA B 499 15.07 18.27 40.12
C ALA B 499 15.24 18.24 38.60
N ILE B 500 15.04 19.38 37.94
CA ILE B 500 15.03 19.38 36.48
C ILE B 500 16.43 19.13 35.93
N ASN B 501 17.44 19.79 36.51
CA ASN B 501 18.81 19.61 36.05
C ASN B 501 19.40 18.27 36.44
N GLU B 502 18.78 17.56 37.40
CA GLU B 502 19.19 16.21 37.74
C GLU B 502 18.77 15.27 36.61
N ASN B 503 19.71 14.45 36.14
CA ASN B 503 19.56 13.74 34.88
C ASN B 503 19.42 12.23 35.08
N SER B 504 18.89 11.79 36.22
CA SER B 504 18.55 10.39 36.42
C SER B 504 17.06 10.15 36.50
N ASN B 505 16.25 11.20 36.60
CA ASN B 505 14.80 11.09 36.59
C ASN B 505 14.28 11.38 35.19
N SER B 506 12.95 11.42 35.05
CA SER B 506 12.31 11.69 33.77
C SER B 506 11.74 13.10 33.70
N LEU B 507 12.17 14.01 34.58
CA LEU B 507 11.69 15.39 34.56
C LEU B 507 12.42 16.13 33.45
N PHE B 508 11.76 16.27 32.30
CA PHE B 508 12.31 16.94 31.13
C PHE B 508 13.61 16.27 30.68
N LEU B 509 13.43 15.15 29.97
CA LEU B 509 14.55 14.40 29.44
C LEU B 509 15.26 15.22 28.37
N THR B 510 16.57 14.99 28.25
CA THR B 510 17.34 15.59 27.17
C THR B 510 16.87 15.01 25.84
N ILE B 511 16.77 15.88 24.83
CA ILE B 511 16.18 15.50 23.55
C ILE B 511 17.16 15.80 22.42
N GLY B 512 17.00 15.06 21.32
CA GLY B 512 17.85 15.21 20.16
C GLY B 512 17.09 14.94 18.87
N PRO B 513 17.82 14.76 17.78
CA PRO B 513 17.16 14.59 16.47
C PRO B 513 16.17 13.43 16.40
N GLY B 514 16.47 12.32 17.05
CA GLY B 514 15.53 11.20 17.06
C GLY B 514 14.21 11.63 17.64
N ASP B 515 14.27 12.42 18.69
CA ASP B 515 13.05 12.96 19.30
C ASP B 515 12.30 13.86 18.33
N PHE B 516 13.03 14.67 17.56
CA PHE B 516 12.39 15.50 16.54
C PHE B 516 11.61 14.65 15.55
N LEU B 517 12.27 13.64 14.98
CA LEU B 517 11.62 12.81 13.97
C LEU B 517 10.41 12.08 14.55
N VAL B 518 10.57 11.51 15.75
CA VAL B 518 9.46 10.73 16.31
C VAL B 518 8.31 11.65 16.70
N HIS B 519 8.59 12.86 17.18
CA HIS B 519 7.52 13.81 17.47
C HIS B 519 6.77 14.19 16.21
N HIS B 520 7.47 14.32 15.08
CA HIS B 520 6.76 14.62 13.85
C HIS B 520 5.93 13.42 13.37
N ALA B 521 6.41 12.20 13.63
CA ALA B 521 5.56 11.04 13.39
C ALA B 521 4.30 11.09 14.25
N ILE B 522 4.44 11.50 15.51
CA ILE B 522 3.29 11.65 16.39
C ILE B 522 2.32 12.66 15.82
N ALA B 523 2.84 13.80 15.36
CA ALA B 523 1.98 14.82 14.77
C ALA B 523 1.25 14.30 13.54
N LEU B 524 1.95 13.55 12.69
CA LEU B 524 1.32 12.93 11.54
C LEU B 524 0.16 12.05 11.98
N GLY B 525 0.38 11.21 12.99
CA GLY B 525 -0.67 10.33 13.44
C GLY B 525 -1.88 11.10 13.96
N LEU B 526 -1.62 12.10 14.80
CA LEU B 526 -2.72 12.90 15.34
C LEU B 526 -3.52 13.55 14.21
N HIS B 527 -2.81 14.16 13.25
CA HIS B 527 -3.50 14.88 12.19
C HIS B 527 -4.31 13.93 11.31
N THR B 528 -3.77 12.75 11.01
CA THR B 528 -4.51 11.83 10.14
C THR B 528 -5.72 11.25 10.86
N THR B 529 -5.57 10.89 12.13
CA THR B 529 -6.73 10.39 12.88
C THR B 529 -7.80 11.47 12.98
N THR B 530 -7.39 12.71 13.26
CA THR B 530 -8.34 13.81 13.29
C THR B 530 -8.98 14.02 11.93
N LEU B 531 -8.22 13.85 10.85
CA LEU B 531 -8.79 13.96 9.51
C LEU B 531 -9.90 12.96 9.32
N ILE B 532 -9.63 11.69 9.63
CA ILE B 532 -10.63 10.65 9.42
C ILE B 532 -11.87 10.95 10.24
N LEU B 533 -11.68 11.29 11.52
CA LEU B 533 -12.82 11.50 12.40
C LEU B 533 -13.62 12.74 12.02
N VAL B 534 -12.93 13.85 11.71
CA VAL B 534 -13.61 15.09 11.35
C VAL B 534 -14.36 14.91 10.04
N LYS B 535 -13.74 14.22 9.07
CA LYS B 535 -14.42 13.97 7.82
C LYS B 535 -15.64 13.08 8.03
N GLY B 536 -15.53 12.07 8.89
CA GLY B 536 -16.67 11.23 9.17
C GLY B 536 -17.80 11.97 9.86
N ALA B 537 -17.46 12.92 10.73
CA ALA B 537 -18.49 13.67 11.43
C ALA B 537 -19.15 14.70 10.53
N LEU B 538 -18.37 15.60 9.94
CA LEU B 538 -18.94 16.69 9.14
C LEU B 538 -19.71 16.18 7.93
N ASP B 539 -19.36 15.01 7.41
CA ASP B 539 -20.08 14.42 6.28
C ASP B 539 -21.11 13.39 6.71
N ALA B 540 -21.38 13.28 8.01
CA ALA B 540 -22.36 12.30 8.48
C ALA B 540 -23.74 12.58 7.93
N ARG B 541 -24.15 13.85 7.93
CA ARG B 541 -25.49 14.21 7.48
C ARG B 541 -25.69 14.03 5.99
N GLY B 542 -24.63 13.83 5.23
CA GLY B 542 -24.73 13.63 3.79
C GLY B 542 -23.62 14.34 3.05
N SER B 543 -23.33 13.86 1.83
CA SER B 543 -22.31 14.45 0.99
C SER B 543 -22.80 14.37 -0.45
N LYS B 544 -21.90 14.64 -1.40
CA LYS B 544 -22.28 14.59 -2.81
C LYS B 544 -22.55 13.15 -3.26
N LEU B 545 -21.83 12.18 -2.68
CA LEU B 545 -22.03 10.79 -3.08
C LEU B 545 -23.32 10.22 -2.51
N MET B 546 -23.78 10.73 -1.37
CA MET B 546 -25.00 10.25 -0.73
C MET B 546 -25.62 11.42 0.01
N PRO B 547 -26.33 12.31 -0.70
CA PRO B 547 -26.86 13.52 -0.06
C PRO B 547 -27.90 13.27 1.02
N ASP B 548 -28.55 12.10 1.03
CA ASP B 548 -29.61 11.78 1.98
C ASP B 548 -29.13 10.80 3.04
N LYS B 549 -27.86 10.93 3.44
CA LYS B 549 -27.28 9.98 4.40
C LYS B 549 -27.95 10.08 5.77
N LYS B 550 -28.42 11.27 6.14
CA LYS B 550 -28.97 11.46 7.49
C LYS B 550 -30.17 10.56 7.73
N ASP B 551 -30.88 10.17 6.69
CA ASP B 551 -32.06 9.34 6.81
C ASP B 551 -31.73 7.85 6.90
N PHE B 552 -30.46 7.48 6.75
CA PHE B 552 -30.05 6.08 6.79
C PHE B 552 -29.43 5.68 8.12
N GLY B 553 -29.39 6.56 9.11
CA GLY B 553 -28.87 6.23 10.42
C GLY B 553 -27.37 6.45 10.51
N TYR B 554 -26.86 6.21 11.72
CA TYR B 554 -25.43 6.39 11.96
C TYR B 554 -24.61 5.29 11.30
N SER B 555 -25.06 4.04 11.38
CA SER B 555 -24.32 2.90 10.88
C SER B 555 -25.20 2.10 9.92
N PHE B 556 -24.68 1.82 8.74
CA PHE B 556 -25.35 0.97 7.76
C PHE B 556 -24.30 0.42 6.83
N PRO B 557 -24.55 -0.73 6.19
CA PRO B 557 -23.51 -1.35 5.37
C PRO B 557 -23.00 -0.43 4.26
N CYS B 558 -23.91 0.00 3.39
CA CYS B 558 -23.54 0.78 2.23
C CYS B 558 -24.78 1.34 1.54
N ASP B 559 -24.63 1.78 0.30
CA ASP B 559 -25.74 2.21 -0.53
C ASP B 559 -25.78 1.41 -1.83
N GLY B 560 -25.24 0.20 -1.80
CA GLY B 560 -25.20 -0.65 -2.97
C GLY B 560 -24.05 -0.29 -3.89
N PRO B 561 -23.85 -1.10 -4.92
CA PRO B 561 -22.76 -0.85 -5.89
C PRO B 561 -23.03 0.24 -6.92
N GLY B 562 -24.20 0.88 -6.88
CA GLY B 562 -24.51 1.93 -7.82
C GLY B 562 -23.71 3.19 -7.57
N ARG B 563 -23.70 4.06 -8.58
CA ARG B 563 -22.96 5.33 -8.51
C ARG B 563 -21.48 5.10 -8.24
N GLY B 564 -20.91 4.04 -8.82
CA GLY B 564 -19.52 3.72 -8.67
C GLY B 564 -19.20 2.78 -7.53
N GLY B 565 -20.11 2.61 -6.58
CA GLY B 565 -19.86 1.78 -5.42
C GLY B 565 -19.74 2.62 -4.16
N THR B 566 -20.40 2.20 -3.09
CA THR B 566 -20.52 3.01 -1.88
C THR B 566 -20.11 2.19 -0.65
N CYS B 567 -18.99 1.48 -0.75
CA CYS B 567 -18.45 0.79 0.41
C CYS B 567 -17.99 1.79 1.46
N ASP B 568 -18.23 1.47 2.72
CA ASP B 568 -17.68 2.23 3.84
C ASP B 568 -18.00 3.72 3.70
N ILE B 569 -19.28 4.01 3.50
CA ILE B 569 -19.75 5.38 3.31
C ILE B 569 -20.40 5.96 4.55
N SER B 570 -20.64 5.17 5.58
CA SER B 570 -21.28 5.66 6.79
C SER B 570 -20.27 6.42 7.64
N ALA B 571 -20.79 7.20 8.59
CA ALA B 571 -19.95 7.80 9.62
C ALA B 571 -19.40 6.75 10.59
N TRP B 572 -20.18 5.71 10.87
CA TRP B 572 -19.67 4.59 11.64
C TRP B 572 -18.43 3.99 10.98
N ASP B 573 -18.43 3.92 9.65
CA ASP B 573 -17.27 3.38 8.94
C ASP B 573 -16.09 4.34 9.01
N ALA B 574 -16.35 5.66 9.07
CA ALA B 574 -15.26 6.60 9.28
C ALA B 574 -14.61 6.40 10.64
N PHE B 575 -15.43 6.25 11.68
CA PHE B 575 -14.90 5.90 13.00
C PHE B 575 -14.13 4.60 12.94
N TYR B 576 -14.68 3.63 12.21
CA TYR B 576 -14.05 2.33 12.06
C TYR B 576 -12.64 2.46 11.49
N LEU B 577 -12.48 3.26 10.44
CA LEU B 577 -11.16 3.45 9.85
C LEU B 577 -10.26 4.30 10.73
N ALA B 578 -10.84 5.18 11.55
CA ALA B 578 -10.05 5.99 12.45
C ALA B 578 -9.48 5.21 13.61
N VAL B 579 -10.14 4.11 14.01
CA VAL B 579 -9.60 3.32 15.12
C VAL B 579 -8.24 2.74 14.78
N PHE B 580 -8.05 2.28 13.53
CA PHE B 580 -6.75 1.76 13.13
C PHE B 580 -5.67 2.82 13.29
N TRP B 581 -5.95 4.04 12.84
CA TRP B 581 -4.97 5.11 12.95
C TRP B 581 -4.72 5.50 14.40
N MET B 582 -5.75 5.47 15.24
CA MET B 582 -5.53 5.73 16.65
C MET B 582 -4.60 4.69 17.25
N LEU B 583 -4.83 3.41 16.95
CA LEU B 583 -3.96 2.37 17.46
C LEU B 583 -2.54 2.58 16.99
N ASN B 584 -2.37 2.91 15.71
CA ASN B 584 -1.04 3.12 15.16
C ASN B 584 -0.33 4.30 15.85
N THR B 585 -1.05 5.40 16.05
CA THR B 585 -0.43 6.58 16.66
C THR B 585 -0.05 6.32 18.11
N ILE B 586 -0.95 5.72 18.88
CA ILE B 586 -0.62 5.42 20.27
C ILE B 586 0.50 4.39 20.34
N GLY B 587 0.57 3.49 19.35
CA GLY B 587 1.68 2.57 19.29
C GLY B 587 3.00 3.26 19.09
N TRP B 588 3.03 4.24 18.19
CA TRP B 588 4.25 5.04 18.02
C TRP B 588 4.59 5.78 19.31
N VAL B 589 3.59 6.37 19.96
CA VAL B 589 3.83 7.10 21.21
C VAL B 589 4.48 6.19 22.25
N THR B 590 3.90 5.01 22.44
CA THR B 590 4.39 4.12 23.49
C THR B 590 5.70 3.46 23.11
N PHE B 591 5.92 3.17 21.81
CA PHE B 591 7.22 2.72 21.37
C PHE B 591 8.29 3.73 21.72
N TYR B 592 8.04 5.00 21.39
CA TYR B 592 9.00 6.06 21.69
C TYR B 592 9.28 6.14 23.18
N TRP B 593 8.21 6.21 23.98
CA TRP B 593 8.38 6.32 25.43
C TRP B 593 9.16 5.15 25.99
N HIS B 594 8.77 3.93 25.61
CA HIS B 594 9.38 2.74 26.19
C HIS B 594 10.84 2.60 25.77
N TRP B 595 11.15 2.87 24.50
CA TRP B 595 12.55 2.76 24.09
C TRP B 595 13.40 3.80 24.79
N LYS B 596 12.94 5.05 24.85
CA LYS B 596 13.72 6.08 25.53
C LYS B 596 13.95 5.70 26.98
N HIS B 597 12.91 5.22 27.66
CA HIS B 597 13.05 4.94 29.08
C HIS B 597 13.87 3.67 29.35
N ILE B 598 13.77 2.67 28.48
CA ILE B 598 14.56 1.47 28.66
C ILE B 598 16.03 1.74 28.40
N THR B 599 16.35 2.64 27.47
CA THR B 599 17.75 3.01 27.27
C THR B 599 18.26 3.94 28.36
N LEU B 600 17.40 4.79 28.93
CA LEU B 600 17.83 5.63 30.05
C LEU B 600 18.04 4.81 31.32
N TRP B 601 17.17 3.85 31.58
CA TRP B 601 17.30 3.03 32.79
C TRP B 601 18.57 2.19 32.78
N GLN B 602 19.16 1.96 31.61
CA GLN B 602 20.40 1.22 31.47
C GLN B 602 21.62 2.14 31.47
N GLY B 603 21.43 3.45 31.64
CA GLY B 603 22.53 4.37 31.50
C GLY B 603 23.15 4.34 30.13
N ASN B 604 22.33 4.14 29.10
CA ASN B 604 22.78 3.96 27.73
C ASN B 604 21.96 4.81 26.78
N VAL B 605 21.67 6.05 27.19
CA VAL B 605 20.89 6.96 26.36
C VAL B 605 21.55 7.18 25.02
N SER B 606 22.89 7.11 24.98
CA SER B 606 23.56 7.23 23.69
C SER B 606 22.96 6.26 22.69
N GLN B 607 22.90 4.98 23.04
CA GLN B 607 22.45 3.96 22.09
C GLN B 607 21.15 4.39 21.40
N PHE B 608 20.18 4.86 22.17
CA PHE B 608 18.96 5.38 21.57
C PHE B 608 19.27 6.56 20.66
N ASN B 609 20.16 7.47 21.11
CA ASN B 609 20.46 8.64 20.30
C ASN B 609 21.01 8.25 18.92
N GLU B 610 21.90 7.26 18.89
CA GLU B 610 22.44 6.82 17.60
C GLU B 610 21.38 6.13 16.76
N SER B 611 20.66 5.18 17.36
CA SER B 611 19.85 4.26 16.55
C SER B 611 18.41 4.72 16.32
N SER B 612 18.01 5.87 16.86
CA SER B 612 16.62 6.30 16.66
C SER B 612 16.44 7.03 15.34
N THR B 613 17.51 7.52 14.72
CA THR B 613 17.37 8.41 13.57
C THR B 613 16.85 7.66 12.35
N TYR B 614 17.08 6.36 12.28
CA TYR B 614 16.68 5.55 11.13
C TYR B 614 15.82 4.39 11.57
N LEU B 615 14.98 3.91 10.64
CA LEU B 615 13.95 2.94 11.00
C LEU B 615 14.54 1.57 11.29
N MET B 616 15.61 1.19 10.59
CA MET B 616 16.25 -0.09 10.89
C MET B 616 16.75 -0.11 12.34
N GLY B 617 17.16 1.04 12.86
CA GLY B 617 17.51 1.09 14.28
C GLY B 617 16.34 0.75 15.16
N TRP B 618 15.15 1.27 14.83
CA TRP B 618 13.96 0.92 15.59
C TRP B 618 13.65 -0.57 15.48
N LEU B 619 13.78 -1.13 14.28
CA LEU B 619 13.40 -2.53 14.08
C LEU B 619 14.38 -3.48 14.77
N ARG B 620 15.67 -3.17 14.75
CA ARG B 620 16.69 -4.08 15.27
C ARG B 620 17.01 -3.81 16.73
N ASP B 621 17.39 -2.57 17.05
CA ASP B 621 17.89 -2.25 18.38
C ASP B 621 16.79 -2.17 19.42
N TYR B 622 15.52 -2.19 19.02
CA TYR B 622 14.41 -2.10 19.97
C TYR B 622 13.52 -3.33 19.93
N LEU B 623 12.88 -3.63 18.81
CA LEU B 623 11.97 -4.77 18.74
C LEU B 623 12.74 -6.08 18.80
N TRP B 624 13.69 -6.28 17.89
CA TRP B 624 14.43 -7.53 17.85
C TRP B 624 15.31 -7.69 19.08
N LEU B 625 15.95 -6.60 19.52
CA LEU B 625 16.94 -6.71 20.59
C LEU B 625 16.28 -7.00 21.93
N ASN B 626 15.21 -6.30 22.26
CA ASN B 626 14.56 -6.43 23.56
C ASN B 626 13.56 -7.58 23.60
N SER B 627 13.60 -8.49 22.64
CA SER B 627 12.61 -9.56 22.53
C SER B 627 13.23 -10.95 22.63
N SER B 628 14.34 -11.08 23.35
CA SER B 628 15.00 -12.38 23.47
C SER B 628 14.50 -13.15 24.69
N GLN B 629 14.51 -12.51 25.86
CA GLN B 629 14.03 -13.17 27.07
C GLN B 629 12.56 -13.54 26.93
N LEU B 630 11.76 -12.64 26.34
CA LEU B 630 10.33 -12.91 26.17
C LEU B 630 10.12 -14.17 25.35
N ILE B 631 10.76 -14.26 24.17
CA ILE B 631 10.56 -15.42 23.32
C ILE B 631 11.19 -16.66 23.95
N ASN B 632 12.15 -16.49 24.85
CA ASN B 632 12.75 -17.61 25.55
C ASN B 632 12.01 -17.95 26.84
N GLY B 633 10.91 -17.26 27.13
CA GLY B 633 10.11 -17.59 28.31
C GLY B 633 9.91 -19.08 28.50
N TYR B 634 9.75 -19.81 27.40
CA TYR B 634 9.77 -21.27 27.45
C TYR B 634 10.40 -21.79 26.16
N ASN B 635 11.21 -22.84 26.30
CA ASN B 635 11.94 -23.41 25.18
C ASN B 635 12.13 -24.91 25.44
N PRO B 636 12.70 -25.66 24.50
CA PRO B 636 12.83 -27.11 24.71
C PRO B 636 13.62 -27.50 25.95
N PHE B 637 14.25 -26.56 26.65
CA PHE B 637 15.05 -26.85 27.83
C PHE B 637 14.39 -26.40 29.12
N GLY B 638 13.09 -26.12 29.09
CA GLY B 638 12.35 -25.72 30.27
C GLY B 638 11.71 -24.36 30.11
N MET B 639 11.11 -23.90 31.20
CA MET B 639 10.40 -22.63 31.23
C MET B 639 10.76 -21.87 32.49
N ASN B 640 10.52 -20.55 32.46
CA ASN B 640 10.72 -19.71 33.62
C ASN B 640 9.49 -18.85 33.86
N SER B 641 9.58 -17.88 34.78
CA SER B 641 8.41 -17.09 35.16
C SER B 641 7.86 -16.25 34.02
N LEU B 642 8.65 -16.00 32.98
CA LEU B 642 8.19 -15.19 31.85
C LEU B 642 7.38 -15.99 30.83
N SER B 643 7.27 -17.31 31.01
CA SER B 643 6.57 -18.12 30.01
C SER B 643 5.16 -17.61 29.79
N VAL B 644 4.46 -17.24 30.87
CA VAL B 644 3.09 -16.78 30.73
C VAL B 644 3.01 -15.61 29.75
N TRP B 645 4.01 -14.73 29.78
CA TRP B 645 4.02 -13.64 28.80
C TRP B 645 4.35 -14.15 27.41
N ALA B 646 5.34 -15.04 27.30
CA ALA B 646 5.67 -15.60 25.99
C ALA B 646 4.46 -16.24 25.34
N TRP B 647 3.62 -16.92 26.13
CA TRP B 647 2.37 -17.46 25.61
C TRP B 647 1.44 -16.33 25.18
N MET B 648 1.23 -15.34 26.06
CA MET B 648 0.36 -14.24 25.72
C MET B 648 0.87 -13.52 24.48
N PHE B 649 2.19 -13.31 24.41
CA PHE B 649 2.78 -12.70 23.23
C PHE B 649 2.34 -13.41 21.96
N LEU B 650 2.33 -14.75 21.99
CA LEU B 650 1.84 -15.49 20.83
C LEU B 650 0.33 -15.38 20.70
N PHE B 651 -0.38 -15.42 21.83
CA PHE B 651 -1.83 -15.29 21.80
C PHE B 651 -2.23 -13.99 21.11
N GLY B 652 -1.64 -12.88 21.53
CA GLY B 652 -1.93 -11.61 20.89
C GLY B 652 -1.58 -11.59 19.42
N HIS B 653 -0.59 -12.40 19.02
CA HIS B 653 -0.27 -12.51 17.60
C HIS B 653 -1.35 -13.24 16.85
N LEU B 654 -1.99 -14.23 17.49
CA LEU B 654 -3.03 -15.01 16.82
C LEU B 654 -4.30 -14.19 16.66
N VAL B 655 -4.83 -13.64 17.77
CA VAL B 655 -6.03 -12.82 17.70
C VAL B 655 -5.90 -11.79 16.58
N TRP B 656 -4.87 -10.96 16.67
CA TRP B 656 -4.64 -9.94 15.66
C TRP B 656 -4.72 -10.54 14.25
N ALA B 657 -4.02 -11.66 14.04
CA ALA B 657 -4.01 -12.26 12.71
C ALA B 657 -5.40 -12.71 12.29
N THR B 658 -6.16 -13.35 13.19
CA THR B 658 -7.51 -13.74 12.79
C THR B 658 -8.38 -12.52 12.56
N GLY B 659 -8.04 -11.38 13.18
CA GLY B 659 -8.73 -10.16 12.84
C GLY B 659 -8.62 -9.84 11.36
N PHE B 660 -7.47 -10.10 10.76
CA PHE B 660 -7.30 -9.87 9.32
C PHE B 660 -8.32 -10.64 8.51
N MET B 661 -8.85 -11.74 9.04
CA MET B 661 -9.87 -12.52 8.34
C MET B 661 -11.08 -11.65 8.03
N PHE B 662 -11.81 -11.25 9.07
CA PHE B 662 -13.07 -10.53 8.88
C PHE B 662 -12.86 -9.23 8.12
N LEU B 663 -11.64 -8.70 8.10
CA LEU B 663 -11.36 -7.45 7.42
C LEU B 663 -11.09 -7.62 5.93
N ILE B 664 -10.70 -8.81 5.49
CA ILE B 664 -10.32 -9.02 4.10
C ILE B 664 -11.42 -9.79 3.38
N SER B 665 -11.76 -10.97 3.89
CA SER B 665 -12.88 -11.71 3.33
C SER B 665 -14.20 -11.08 3.76
N TRP B 666 -15.15 -11.02 2.83
CA TRP B 666 -16.41 -10.34 3.06
C TRP B 666 -17.56 -11.33 2.96
N ARG B 667 -18.79 -10.81 3.08
CA ARG B 667 -19.93 -11.64 3.49
C ARG B 667 -20.32 -12.73 2.49
N GLY B 668 -20.38 -12.40 1.20
CA GLY B 668 -21.03 -13.30 0.25
C GLY B 668 -20.42 -14.69 0.23
N TYR B 669 -19.09 -14.76 0.24
CA TYR B 669 -18.39 -16.04 0.27
C TYR B 669 -18.86 -16.89 1.44
N TRP B 670 -18.87 -16.28 2.63
CA TRP B 670 -19.25 -17.01 3.83
C TRP B 670 -20.72 -17.40 3.80
N GLN B 671 -21.57 -16.55 3.23
CA GLN B 671 -22.99 -16.89 3.14
C GLN B 671 -23.19 -18.13 2.28
N GLU B 672 -22.54 -18.19 1.11
CA GLU B 672 -22.69 -19.37 0.27
C GLU B 672 -22.11 -20.61 0.95
N LEU B 673 -20.98 -20.46 1.63
CA LEU B 673 -20.42 -21.59 2.36
C LEU B 673 -21.38 -22.11 3.42
N ILE B 674 -22.01 -21.20 4.16
CA ILE B 674 -22.95 -21.62 5.20
C ILE B 674 -24.18 -22.26 4.57
N GLU B 675 -24.61 -21.79 3.39
CA GLU B 675 -25.72 -22.44 2.71
C GLU B 675 -25.40 -23.90 2.41
N THR B 676 -24.23 -24.17 1.83
CA THR B 676 -23.89 -25.55 1.54
C THR B 676 -23.72 -26.36 2.83
N LEU B 677 -23.23 -25.74 3.90
CA LEU B 677 -23.14 -26.44 5.17
C LEU B 677 -24.52 -26.84 5.69
N ALA B 678 -25.50 -25.93 5.57
CA ALA B 678 -26.86 -26.24 6.00
C ALA B 678 -27.42 -27.40 5.19
N TRP B 679 -27.21 -27.39 3.88
CA TRP B 679 -27.63 -28.52 3.06
C TRP B 679 -27.01 -29.82 3.59
N ALA B 680 -25.70 -29.80 3.83
CA ALA B 680 -25.01 -31.01 4.25
C ALA B 680 -25.57 -31.52 5.57
N HIS B 681 -25.76 -30.64 6.54
CA HIS B 681 -26.29 -31.08 7.82
C HIS B 681 -27.69 -31.65 7.67
N GLU B 682 -28.52 -31.01 6.84
CA GLU B 682 -29.88 -31.50 6.66
C GLU B 682 -29.94 -32.81 5.91
N ARG B 683 -28.87 -33.18 5.19
CA ARG B 683 -28.88 -34.38 4.35
C ARG B 683 -28.16 -35.56 4.96
N THR B 684 -27.81 -35.52 6.25
CA THR B 684 -27.01 -36.60 6.80
C THR B 684 -27.81 -37.43 7.81
N PRO B 685 -27.59 -38.75 7.88
CA PRO B 685 -28.32 -39.56 8.85
C PRO B 685 -27.93 -39.24 10.29
N LEU B 686 -28.87 -39.47 11.20
CA LEU B 686 -28.72 -39.38 12.65
C LEU B 686 -28.50 -37.96 13.15
N ALA B 687 -27.98 -37.04 12.34
CA ALA B 687 -27.84 -35.66 12.76
C ALA B 687 -28.98 -34.76 12.28
N ASN B 688 -29.70 -35.14 11.22
CA ASN B 688 -30.91 -34.41 10.85
C ASN B 688 -32.02 -34.59 11.88
N LEU B 689 -31.88 -35.56 12.79
CA LEU B 689 -32.79 -35.63 13.93
C LEU B 689 -32.64 -34.42 14.84
N ILE B 690 -31.49 -33.75 14.80
CA ILE B 690 -31.27 -32.49 15.51
C ILE B 690 -31.50 -31.36 14.52
N ARG B 691 -32.31 -30.38 14.92
CA ARG B 691 -32.68 -29.27 14.06
C ARG B 691 -32.36 -27.96 14.73
N TRP B 692 -31.66 -27.09 14.02
CA TRP B 692 -31.44 -25.75 14.53
C TRP B 692 -32.76 -25.00 14.59
N ARG B 693 -32.80 -23.99 15.45
CA ARG B 693 -34.01 -23.20 15.66
C ARG B 693 -33.89 -21.78 15.13
N ASP B 694 -32.68 -21.26 14.98
CA ASP B 694 -32.43 -20.00 14.29
C ASP B 694 -31.62 -20.31 13.05
N LYS B 695 -32.10 -19.86 11.90
CA LYS B 695 -31.45 -20.21 10.64
C LYS B 695 -30.03 -19.66 10.63
N PRO B 696 -29.01 -20.49 10.42
CA PRO B 696 -27.64 -19.96 10.37
C PRO B 696 -27.47 -18.98 9.21
N VAL B 697 -26.74 -17.91 9.46
CA VAL B 697 -26.44 -16.92 8.44
C VAL B 697 -25.05 -16.37 8.69
N ALA B 698 -24.42 -15.87 7.62
CA ALA B 698 -23.14 -15.22 7.76
C ALA B 698 -23.30 -13.91 8.54
N LEU B 699 -22.21 -13.48 9.17
CA LEU B 699 -22.24 -12.25 9.94
C LEU B 699 -22.59 -11.07 9.05
N SER B 700 -23.28 -10.09 9.62
CA SER B 700 -23.61 -8.90 8.86
C SER B 700 -22.34 -8.16 8.45
N ILE B 701 -22.49 -7.25 7.48
CA ILE B 701 -21.34 -6.49 6.99
C ILE B 701 -20.78 -5.60 8.09
N VAL B 702 -21.66 -4.82 8.73
CA VAL B 702 -21.22 -3.95 9.82
C VAL B 702 -20.71 -4.80 10.98
N GLN B 703 -21.42 -5.89 11.29
CA GLN B 703 -20.98 -6.76 12.37
C GLN B 703 -19.62 -7.36 12.08
N ALA B 704 -19.40 -7.77 10.82
CA ALA B 704 -18.11 -8.34 10.46
C ALA B 704 -17.00 -7.31 10.61
N ARG B 705 -17.25 -6.07 10.19
CA ARG B 705 -16.26 -5.03 10.40
C ARG B 705 -15.96 -4.84 11.88
N LEU B 706 -17.01 -4.82 12.71
CA LEU B 706 -16.82 -4.62 14.14
C LEU B 706 -16.02 -5.76 14.76
N VAL B 707 -16.34 -7.00 14.39
CA VAL B 707 -15.64 -8.16 14.93
C VAL B 707 -14.18 -8.14 14.50
N GLY B 708 -13.93 -7.81 13.23
CA GLY B 708 -12.56 -7.72 12.77
C GLY B 708 -11.77 -6.66 13.52
N LEU B 709 -12.40 -5.49 13.74
CA LEU B 709 -11.72 -4.44 14.49
C LEU B 709 -11.46 -4.86 15.92
N VAL B 710 -12.41 -5.56 16.53
CA VAL B 710 -12.24 -6.01 17.92
C VAL B 710 -11.09 -6.99 18.01
N HIS B 711 -11.01 -7.93 17.07
CA HIS B 711 -9.88 -8.86 17.04
C HIS B 711 -8.57 -8.10 16.86
N PHE B 712 -8.53 -7.20 15.89
CA PHE B 712 -7.33 -6.40 15.64
C PHE B 712 -6.88 -5.71 16.93
N SER B 713 -7.81 -5.05 17.61
CA SER B 713 -7.44 -4.27 18.79
C SER B 713 -7.02 -5.16 19.94
N VAL B 714 -7.74 -6.26 20.18
CA VAL B 714 -7.39 -7.14 21.29
C VAL B 714 -6.01 -7.74 21.07
N GLY B 715 -5.73 -8.20 19.84
CA GLY B 715 -4.41 -8.73 19.56
C GLY B 715 -3.32 -7.68 19.71
N TYR B 716 -3.55 -6.49 19.15
CA TYR B 716 -2.64 -5.37 19.33
C TYR B 716 -2.29 -5.17 20.80
N ILE B 717 -3.31 -4.98 21.63
CA ILE B 717 -3.10 -4.65 23.03
C ILE B 717 -2.39 -5.79 23.75
N PHE B 718 -2.84 -7.03 23.53
CA PHE B 718 -2.28 -8.15 24.27
C PHE B 718 -0.82 -8.38 23.89
N THR B 719 -0.51 -8.37 22.60
CA THR B 719 0.87 -8.59 22.20
C THR B 719 1.77 -7.47 22.72
N TYR B 720 1.34 -6.21 22.62
CA TYR B 720 2.22 -5.15 23.12
C TYR B 720 2.37 -5.22 24.64
N ALA B 721 1.29 -5.51 25.37
CA ALA B 721 1.40 -5.61 26.82
C ALA B 721 2.36 -6.72 27.21
N ALA B 722 2.23 -7.88 26.57
CA ALA B 722 3.16 -8.97 26.83
C ALA B 722 4.60 -8.53 26.58
N PHE B 723 4.85 -7.92 25.42
CA PHE B 723 6.21 -7.52 25.09
C PHE B 723 6.75 -6.51 26.11
N LEU B 724 5.97 -5.47 26.39
CA LEU B 724 6.44 -4.42 27.28
C LEU B 724 6.74 -4.97 28.67
N ILE B 725 5.78 -5.70 29.25
CA ILE B 725 5.97 -6.19 30.61
C ILE B 725 7.12 -7.20 30.65
N ALA B 726 7.21 -8.11 29.68
CA ALA B 726 8.28 -9.09 29.71
C ALA B 726 9.65 -8.46 29.52
N SER B 727 9.78 -7.48 28.62
CA SER B 727 11.08 -6.87 28.38
C SER B 727 11.52 -5.98 29.53
N THR B 728 10.60 -5.18 30.10
CA THR B 728 11.00 -4.35 31.24
C THR B 728 11.22 -5.19 32.48
N SER B 729 10.35 -6.17 32.73
CA SER B 729 10.48 -7.04 33.89
C SER B 729 11.60 -8.04 33.71
N GLY B 730 11.89 -8.45 32.47
CA GLY B 730 12.98 -9.38 32.26
C GLY B 730 14.30 -8.81 32.76
N LYS B 731 14.56 -7.54 32.47
CA LYS B 731 15.75 -6.88 32.97
C LYS B 731 15.52 -6.22 34.33
N PHE B 732 14.27 -5.90 34.67
CA PHE B 732 13.96 -5.06 35.83
C PHE B 732 14.79 -3.78 35.81
N GLY B 733 15.07 -3.30 34.60
CA GLY B 733 15.93 -2.15 34.42
C GLY B 733 16.18 -1.86 32.96
N SER C 1 -39.11 -6.33 6.62
CA SER C 1 -39.36 -5.98 5.23
C SER C 1 -38.79 -4.61 4.90
N HIS C 2 -37.94 -4.55 3.88
CA HIS C 2 -37.34 -3.29 3.48
C HIS C 2 -38.40 -2.34 2.94
N SER C 3 -38.12 -1.05 3.05
CA SER C 3 -39.04 0.00 2.63
C SER C 3 -38.52 0.62 1.34
N VAL C 4 -39.33 0.57 0.29
CA VAL C 4 -39.00 1.13 -1.01
C VAL C 4 -39.95 2.30 -1.27
N LYS C 5 -39.38 3.46 -1.60
CA LYS C 5 -40.14 4.66 -1.86
C LYS C 5 -39.87 5.16 -3.27
N ILE C 6 -40.91 5.70 -3.90
CA ILE C 6 -40.81 6.33 -5.20
C ILE C 6 -41.12 7.80 -5.03
N TYR C 7 -40.23 8.66 -5.51
CA TYR C 7 -40.36 10.09 -5.36
C TYR C 7 -40.81 10.72 -6.66
N ASP C 8 -41.40 11.91 -6.53
CA ASP C 8 -42.10 12.55 -7.64
C ASP C 8 -41.19 12.99 -8.77
N THR C 9 -39.87 12.94 -8.58
CA THR C 9 -38.94 13.24 -9.66
C THR C 9 -38.89 12.15 -10.72
N CYS C 10 -39.55 11.01 -10.49
CA CYS C 10 -39.49 9.89 -11.42
C CYS C 10 -39.95 10.34 -12.80
N ILE C 11 -39.21 9.91 -13.83
CA ILE C 11 -39.55 10.24 -15.21
C ILE C 11 -40.20 9.06 -15.93
N GLY C 12 -40.55 8.00 -15.22
CA GLY C 12 -41.20 6.86 -15.85
C GLY C 12 -40.38 6.19 -16.92
N CYS C 13 -39.06 6.10 -16.73
CA CYS C 13 -38.21 5.47 -17.73
C CYS C 13 -38.37 3.96 -17.75
N THR C 14 -38.83 3.37 -16.64
CA THR C 14 -39.11 1.94 -16.49
C THR C 14 -37.85 1.12 -16.21
N GLN C 15 -36.68 1.74 -16.14
CA GLN C 15 -35.45 0.97 -16.01
C GLN C 15 -35.37 0.26 -14.67
N CYS C 16 -35.93 0.86 -13.62
CA CYS C 16 -35.92 0.21 -12.31
C CYS C 16 -36.76 -1.05 -12.33
N VAL C 17 -37.90 -1.02 -13.04
CA VAL C 17 -38.78 -2.18 -13.07
C VAL C 17 -38.11 -3.35 -13.75
N ARG C 18 -37.40 -3.09 -14.86
CA ARG C 18 -36.66 -4.14 -15.53
C ARG C 18 -35.60 -4.78 -14.63
N ALA C 19 -35.12 -4.06 -13.62
CA ALA C 19 -33.98 -4.50 -12.82
C ALA C 19 -34.36 -5.31 -11.60
N CYS C 20 -35.56 -5.12 -11.06
CA CYS C 20 -35.91 -5.76 -9.79
C CYS C 20 -35.84 -7.28 -9.95
N PRO C 21 -35.08 -7.98 -9.10
CA PRO C 21 -35.01 -9.44 -9.22
C PRO C 21 -35.98 -10.16 -8.30
N THR C 22 -37.07 -9.50 -7.92
CA THR C 22 -38.13 -10.17 -7.19
C THR C 22 -39.52 -9.64 -7.53
N ASP C 23 -39.65 -8.81 -8.57
CA ASP C 23 -40.94 -8.27 -8.98
C ASP C 23 -41.60 -7.52 -7.82
N VAL C 24 -40.95 -6.44 -7.41
CA VAL C 24 -41.45 -5.59 -6.34
C VAL C 24 -42.03 -4.29 -6.89
N LEU C 25 -41.48 -3.80 -7.99
CA LEU C 25 -41.87 -2.52 -8.55
C LEU C 25 -42.86 -2.71 -9.70
N GLU C 26 -43.52 -1.62 -10.07
CA GLU C 26 -44.51 -1.65 -11.16
C GLU C 26 -44.52 -0.28 -11.82
N MET C 27 -45.26 -0.20 -12.92
CA MET C 27 -45.58 1.05 -13.58
C MET C 27 -47.07 1.31 -13.46
N ILE C 28 -47.44 2.52 -13.06
CA ILE C 28 -48.84 2.87 -12.85
C ILE C 28 -49.18 4.14 -13.63
N PRO C 29 -50.44 4.35 -13.99
CA PRO C 29 -50.79 5.57 -14.72
C PRO C 29 -50.55 6.81 -13.87
N TRP C 30 -50.18 7.90 -14.54
CA TRP C 30 -49.80 9.14 -13.88
C TRP C 30 -49.86 10.24 -14.94
N GLY C 31 -49.77 11.49 -14.49
CA GLY C 31 -49.99 12.61 -15.40
C GLY C 31 -49.00 13.75 -15.31
N GLY C 32 -47.98 13.63 -14.48
CA GLY C 32 -47.04 14.70 -14.27
C GLY C 32 -45.81 14.71 -15.15
N CYS C 33 -45.71 13.79 -16.12
CA CYS C 33 -44.59 13.81 -17.07
C CYS C 33 -45.13 13.45 -18.44
N LYS C 34 -44.22 13.32 -19.41
CA LYS C 34 -44.57 12.98 -20.77
C LYS C 34 -45.02 11.54 -20.94
N ALA C 35 -44.45 10.61 -20.17
CA ALA C 35 -44.80 9.20 -20.28
C ALA C 35 -46.11 8.86 -19.58
N LYS C 36 -46.64 9.75 -18.74
CA LYS C 36 -47.83 9.47 -17.96
C LYS C 36 -47.65 8.21 -17.12
N GLN C 37 -46.43 7.97 -16.67
CA GLN C 37 -46.08 6.78 -15.91
C GLN C 37 -45.27 7.17 -14.69
N ILE C 38 -45.35 6.33 -13.66
CA ILE C 38 -44.55 6.50 -12.45
C ILE C 38 -44.43 5.13 -11.79
N ALA C 39 -43.34 4.94 -11.05
CA ALA C 39 -43.06 3.66 -10.43
C ALA C 39 -43.88 3.49 -9.15
N SER C 40 -44.23 2.24 -8.87
CA SER C 40 -44.95 1.87 -7.65
C SER C 40 -44.27 0.66 -7.02
N ALA C 41 -44.44 0.50 -5.71
CA ALA C 41 -43.82 -0.57 -4.95
C ALA C 41 -44.87 -1.27 -4.10
N PRO C 42 -45.76 -2.03 -4.72
CA PRO C 42 -46.85 -2.68 -3.96
C PRO C 42 -46.45 -3.98 -3.28
N ARG C 43 -45.28 -4.54 -3.57
CA ARG C 43 -44.88 -5.85 -3.07
C ARG C 43 -43.51 -5.78 -2.41
N THR C 44 -43.32 -4.81 -1.53
CA THR C 44 -42.04 -4.67 -0.85
C THR C 44 -41.76 -5.80 0.11
N GLU C 45 -42.76 -6.63 0.45
CA GLU C 45 -42.51 -7.78 1.30
C GLU C 45 -41.59 -8.80 0.65
N ASP C 46 -41.49 -8.79 -0.67
CA ASP C 46 -40.59 -9.68 -1.39
C ASP C 46 -39.27 -9.02 -1.75
N CYS C 47 -39.05 -7.77 -1.33
CA CYS C 47 -37.80 -7.08 -1.63
C CYS C 47 -36.65 -7.72 -0.86
N VAL C 48 -35.54 -7.98 -1.56
CA VAL C 48 -34.37 -8.56 -0.93
C VAL C 48 -33.34 -7.50 -0.54
N GLY C 49 -33.57 -6.24 -0.90
CA GLY C 49 -32.63 -5.19 -0.55
C GLY C 49 -31.41 -5.10 -1.44
N CYS C 50 -31.45 -5.72 -2.62
CA CYS C 50 -30.28 -5.72 -3.50
C CYS C 50 -29.94 -4.32 -3.98
N LYS C 51 -30.90 -3.40 -3.96
CA LYS C 51 -30.71 -2.04 -4.45
C LYS C 51 -30.29 -2.00 -5.91
N ARG C 52 -30.64 -3.05 -6.68
CA ARG C 52 -30.36 -3.06 -8.10
C ARG C 52 -31.23 -2.04 -8.83
N CYS C 53 -32.40 -1.72 -8.26
CA CYS C 53 -33.27 -0.72 -8.86
C CYS C 53 -32.63 0.66 -8.84
N GLU C 54 -31.99 1.01 -7.72
CA GLU C 54 -31.38 2.34 -7.61
C GLU C 54 -30.25 2.51 -8.61
N SER C 55 -29.50 1.45 -8.89
CA SER C 55 -28.41 1.54 -9.86
C SER C 55 -28.91 1.85 -11.26
N ALA C 56 -30.20 1.66 -11.53
CA ALA C 56 -30.76 1.90 -12.86
C ALA C 56 -31.45 3.24 -13.01
N CYS C 57 -31.66 3.97 -11.92
CA CYS C 57 -32.43 5.21 -11.99
C CYS C 57 -31.56 6.33 -12.55
N PRO C 58 -31.96 7.00 -13.63
CA PRO C 58 -31.13 8.05 -14.22
C PRO C 58 -31.31 9.44 -13.63
N THR C 59 -32.25 9.64 -12.73
CA THR C 59 -32.47 10.96 -12.16
C THR C 59 -31.42 11.23 -11.08
N ASP C 60 -31.23 12.52 -10.80
CA ASP C 60 -30.24 12.95 -9.81
C ASP C 60 -30.89 13.99 -8.90
N PHE C 61 -31.10 13.68 -7.62
CA PHE C 61 -30.78 12.38 -7.01
C PHE C 61 -31.77 11.32 -7.47
N LEU C 62 -31.73 10.16 -6.84
CA LEU C 62 -32.58 9.05 -7.25
C LEU C 62 -34.06 9.38 -7.06
N SER C 63 -34.90 8.71 -7.85
CA SER C 63 -36.34 8.76 -7.68
C SER C 63 -36.89 7.54 -6.96
N VAL C 64 -36.13 6.46 -6.88
CA VAL C 64 -36.50 5.26 -6.15
C VAL C 64 -35.46 5.04 -5.07
N ARG C 65 -35.90 4.93 -3.82
CA ARG C 65 -35.00 4.78 -2.68
C ARG C 65 -35.40 3.55 -1.89
N VAL C 66 -34.40 2.72 -1.56
CA VAL C 66 -34.61 1.50 -0.79
C VAL C 66 -33.99 1.73 0.58
N TYR C 67 -34.81 1.63 1.61
CA TYR C 67 -34.36 1.75 3.00
C TYR C 67 -34.44 0.38 3.66
N LEU C 68 -33.27 -0.22 3.92
CA LEU C 68 -33.26 -1.52 4.56
C LEU C 68 -33.82 -1.43 5.96
N TRP C 69 -34.65 -2.41 6.31
CA TRP C 69 -35.43 -2.36 7.54
C TRP C 69 -35.37 -3.74 8.19
N HIS C 70 -36.46 -4.14 8.84
CA HIS C 70 -36.50 -5.42 9.52
C HIS C 70 -36.31 -6.55 8.51
N GLU C 71 -35.56 -7.57 8.93
CA GLU C 71 -35.21 -8.69 8.06
C GLU C 71 -36.16 -9.85 8.30
N THR C 72 -36.66 -10.43 7.22
CA THR C 72 -37.47 -11.64 7.25
C THR C 72 -36.75 -12.73 6.44
N THR C 73 -37.29 -13.95 6.51
CA THR C 73 -36.72 -15.03 5.74
C THR C 73 -36.80 -14.77 4.24
N ARG C 74 -37.80 -13.99 3.81
CA ARG C 74 -37.89 -13.61 2.40
C ARG C 74 -36.86 -12.54 2.07
N SER C 75 -36.65 -11.57 2.98
CA SER C 75 -35.72 -10.49 2.71
C SER C 75 -34.27 -10.96 2.78
N MET C 76 -33.99 -11.99 3.58
CA MET C 76 -32.64 -12.52 3.71
C MET C 76 -32.26 -13.47 2.59
N GLY C 77 -33.21 -13.82 1.71
CA GLY C 77 -32.90 -14.66 0.57
C GLY C 77 -32.37 -16.02 0.96
N LEU C 78 -33.02 -16.68 1.92
CA LEU C 78 -32.61 -17.98 2.40
C LEU C 78 -33.49 -19.06 1.79
N ALA C 79 -32.87 -20.08 1.22
CA ALA C 79 -33.58 -21.21 0.63
C ALA C 79 -33.73 -22.38 1.60
N TYR C 80 -33.30 -22.22 2.85
CA TYR C 80 -33.39 -23.27 3.84
C TYR C 80 -34.07 -22.77 5.11
N GLY D 1 -61.58 -8.55 -13.84
CA GLY D 1 -60.26 -7.96 -13.77
C GLY D 1 -59.15 -9.00 -13.79
N PHE D 2 -59.06 -9.73 -14.89
CA PHE D 2 -58.05 -10.78 -15.08
C PHE D 2 -58.13 -11.80 -13.95
N THR D 3 -58.99 -12.79 -14.15
CA THR D 3 -59.02 -13.91 -13.24
C THR D 3 -57.68 -14.64 -13.36
N PRO D 4 -56.88 -14.71 -12.30
CA PRO D 4 -55.58 -15.36 -12.43
C PRO D 4 -55.75 -16.83 -12.78
N PRO D 5 -54.88 -17.38 -13.62
CA PRO D 5 -54.97 -18.80 -13.93
C PRO D 5 -54.84 -19.65 -12.68
N GLU D 6 -55.58 -20.74 -12.64
CA GLU D 6 -55.51 -21.68 -11.52
C GLU D 6 -54.40 -22.69 -11.76
N LEU D 7 -53.62 -22.94 -10.72
CA LEU D 7 -52.58 -23.95 -10.80
C LEU D 7 -53.20 -25.30 -11.13
N ASP D 8 -52.62 -25.98 -12.13
CA ASP D 8 -53.14 -27.26 -12.61
C ASP D 8 -52.12 -28.34 -12.34
N PRO D 9 -52.27 -29.13 -11.29
CA PRO D 9 -51.42 -30.33 -11.13
C PRO D 9 -51.68 -31.30 -12.28
N ASN D 10 -50.86 -32.35 -12.32
CA ASN D 10 -50.83 -33.38 -13.36
C ASN D 10 -50.06 -32.88 -14.58
N THR D 11 -49.77 -31.59 -14.67
CA THR D 11 -48.97 -31.09 -15.78
C THR D 11 -47.56 -31.65 -15.68
N PRO D 12 -46.97 -32.13 -16.79
CA PRO D 12 -45.63 -32.73 -16.70
C PRO D 12 -44.56 -31.76 -16.23
N SER D 13 -43.54 -32.28 -15.54
CA SER D 13 -42.41 -31.45 -15.14
C SER D 13 -41.23 -31.68 -16.09
N PRO D 14 -40.29 -30.73 -16.15
CA PRO D 14 -39.17 -30.87 -17.07
C PRO D 14 -38.30 -32.08 -16.75
N ILE D 15 -37.64 -32.59 -17.78
CA ILE D 15 -36.74 -33.73 -17.62
C ILE D 15 -35.51 -33.25 -16.86
N PHE D 16 -35.24 -33.85 -15.71
CA PHE D 16 -34.12 -33.48 -14.87
C PHE D 16 -33.59 -34.72 -14.15
N GLY D 17 -32.27 -34.80 -14.05
CA GLY D 17 -31.61 -35.96 -13.48
C GLY D 17 -31.40 -35.91 -11.98
N GLY D 18 -31.88 -34.88 -11.31
CA GLY D 18 -31.66 -34.72 -9.89
C GLY D 18 -30.51 -33.78 -9.59
N SER D 19 -30.58 -33.13 -8.42
CA SER D 19 -29.56 -32.16 -8.05
C SER D 19 -29.59 -31.98 -6.54
N THR D 20 -28.52 -31.38 -6.03
CA THR D 20 -28.41 -31.03 -4.62
C THR D 20 -28.86 -29.60 -4.33
N GLY D 21 -29.33 -28.88 -5.35
CA GLY D 21 -29.80 -27.52 -5.20
C GLY D 21 -31.31 -27.36 -5.13
N GLY D 22 -32.05 -28.43 -4.88
CA GLY D 22 -33.50 -28.40 -4.90
C GLY D 22 -34.12 -27.86 -3.63
N LEU D 23 -35.27 -28.41 -3.28
CA LEU D 23 -36.01 -27.96 -2.11
C LEU D 23 -35.35 -28.46 -0.83
N LEU D 24 -35.68 -27.80 0.28
CA LEU D 24 -35.16 -28.15 1.58
C LEU D 24 -36.32 -28.06 2.57
N ARG D 25 -36.01 -28.03 3.88
CA ARG D 25 -37.06 -28.06 4.89
C ARG D 25 -37.93 -26.82 4.86
N LYS D 26 -37.40 -25.71 4.34
CA LYS D 26 -38.23 -24.50 4.25
C LYS D 26 -39.44 -24.73 3.38
N ALA D 27 -39.27 -25.44 2.26
CA ALA D 27 -40.41 -25.81 1.45
C ALA D 27 -41.39 -26.68 2.23
N GLN D 28 -40.89 -27.48 3.18
CA GLN D 28 -41.75 -28.40 3.91
C GLN D 28 -42.57 -27.68 4.99
N VAL D 29 -41.98 -26.67 5.63
CA VAL D 29 -42.63 -26.05 6.79
C VAL D 29 -43.05 -24.61 6.56
N GLU D 30 -42.50 -23.92 5.57
CA GLU D 30 -42.80 -22.50 5.35
C GLU D 30 -43.50 -22.25 4.02
N GLU D 31 -42.81 -22.41 2.90
CA GLU D 31 -43.40 -22.08 1.60
C GLU D 31 -42.44 -22.51 0.51
N PHE D 32 -42.99 -22.70 -0.69
CA PHE D 32 -42.20 -22.93 -1.88
C PHE D 32 -42.98 -22.39 -3.08
N TYR D 33 -42.27 -22.21 -4.19
CA TYR D 33 -42.81 -21.54 -5.36
C TYR D 33 -42.87 -22.49 -6.54
N VAL D 34 -43.85 -22.26 -7.41
CA VAL D 34 -44.10 -23.10 -8.58
C VAL D 34 -44.21 -22.19 -9.79
N ILE D 35 -43.53 -22.55 -10.89
CA ILE D 35 -43.56 -21.79 -12.13
C ILE D 35 -44.04 -22.69 -13.24
N THR D 36 -44.86 -22.13 -14.14
CA THR D 36 -45.42 -22.88 -15.25
C THR D 36 -45.23 -22.08 -16.53
N TRP D 37 -44.95 -22.80 -17.63
CA TRP D 37 -44.83 -22.19 -18.94
C TRP D 37 -45.28 -23.23 -19.98
N GLU D 38 -45.18 -22.85 -21.26
CA GLU D 38 -45.68 -23.69 -22.33
C GLU D 38 -44.59 -24.29 -23.22
N SER D 39 -43.64 -23.49 -23.71
CA SER D 39 -42.54 -24.00 -24.52
C SER D 39 -43.07 -24.76 -25.74
N PRO D 40 -43.11 -24.15 -26.93
CA PRO D 40 -43.68 -24.84 -28.08
C PRO D 40 -43.02 -26.17 -28.40
N LYS D 41 -41.71 -26.26 -28.23
CA LYS D 41 -40.97 -27.46 -28.61
C LYS D 41 -40.05 -27.90 -27.47
N GLU D 42 -39.69 -29.17 -27.48
CA GLU D 42 -38.78 -29.72 -26.50
C GLU D 42 -37.37 -29.20 -26.74
N GLN D 43 -36.76 -28.65 -25.70
CA GLN D 43 -35.42 -28.08 -25.82
C GLN D 43 -34.77 -28.09 -24.44
N ILE D 44 -33.46 -27.89 -24.42
CA ILE D 44 -32.67 -27.94 -23.20
C ILE D 44 -32.42 -26.52 -22.72
N PHE D 45 -32.61 -26.30 -21.42
CA PHE D 45 -32.42 -25.00 -20.80
C PHE D 45 -31.58 -25.15 -19.55
N GLU D 46 -31.08 -24.02 -19.05
CA GLU D 46 -30.24 -24.00 -17.87
C GLU D 46 -31.12 -23.84 -16.63
N MET D 47 -31.02 -24.81 -15.71
CA MET D 47 -31.79 -24.72 -14.49
C MET D 47 -31.27 -23.57 -13.62
N PRO D 48 -32.13 -22.96 -12.79
CA PRO D 48 -31.67 -21.91 -11.89
C PRO D 48 -30.91 -22.42 -10.67
N THR D 49 -30.88 -23.73 -10.44
CA THR D 49 -30.26 -24.31 -9.26
C THR D 49 -29.07 -25.21 -9.58
N GLY D 50 -29.13 -25.99 -10.65
CA GLY D 50 -28.08 -26.93 -10.96
C GLY D 50 -27.65 -26.89 -12.41
N GLY D 51 -27.65 -28.04 -13.07
CA GLY D 51 -27.19 -28.14 -14.44
C GLY D 51 -28.26 -27.80 -15.46
N ALA D 52 -28.44 -28.68 -16.44
CA ALA D 52 -29.35 -28.44 -17.55
C ALA D 52 -30.52 -29.42 -17.48
N ALA D 53 -31.70 -28.93 -17.85
CA ALA D 53 -32.91 -29.73 -17.93
C ALA D 53 -33.54 -29.54 -19.31
N ILE D 54 -34.45 -30.44 -19.66
CA ILE D 54 -35.14 -30.39 -20.95
C ILE D 54 -36.62 -30.13 -20.70
N MET D 55 -37.15 -29.11 -21.36
CA MET D 55 -38.57 -28.81 -21.27
C MET D 55 -39.36 -29.80 -22.11
N ARG D 56 -40.38 -30.40 -21.51
CA ARG D 56 -41.24 -31.31 -22.25
C ARG D 56 -42.10 -30.55 -23.24
N GLU D 57 -42.61 -31.27 -24.23
CA GLU D 57 -43.58 -30.69 -25.15
C GLU D 57 -44.85 -30.35 -24.40
N GLY D 58 -45.38 -29.16 -24.65
CA GLY D 58 -46.59 -28.71 -23.99
C GLY D 58 -46.30 -28.09 -22.64
N PRO D 59 -47.30 -28.06 -21.76
CA PRO D 59 -47.12 -27.38 -20.46
C PRO D 59 -45.99 -27.99 -19.65
N ASN D 60 -45.28 -27.13 -18.92
CA ASN D 60 -44.21 -27.53 -18.02
C ASN D 60 -44.42 -26.87 -16.67
N LEU D 61 -44.15 -27.60 -15.60
CA LEU D 61 -44.27 -27.08 -14.24
C LEU D 61 -43.00 -27.39 -13.48
N LEU D 62 -42.46 -26.39 -12.81
CA LEU D 62 -41.23 -26.52 -12.03
C LEU D 62 -41.44 -25.86 -10.67
N LYS D 63 -41.02 -26.54 -9.61
CA LYS D 63 -41.15 -26.03 -8.26
C LYS D 63 -39.78 -25.59 -7.75
N LEU D 64 -39.71 -24.36 -7.27
CA LEU D 64 -38.47 -23.78 -6.74
C LEU D 64 -38.68 -23.38 -5.29
N ALA D 65 -37.56 -23.14 -4.60
CA ALA D 65 -37.59 -22.78 -3.19
C ALA D 65 -37.53 -21.28 -2.93
N ARG D 66 -37.25 -20.48 -3.96
CA ARG D 66 -37.13 -19.03 -3.79
C ARG D 66 -37.87 -18.31 -4.92
N LYS D 67 -38.46 -17.17 -4.60
CA LYS D 67 -39.12 -16.36 -5.62
C LYS D 67 -38.11 -15.80 -6.62
N GLU D 68 -36.93 -15.40 -6.12
CA GLU D 68 -35.89 -14.88 -7.00
C GLU D 68 -35.50 -15.91 -8.05
N GLN D 69 -35.44 -17.19 -7.67
CA GLN D 69 -35.16 -18.25 -8.63
C GLN D 69 -36.23 -18.31 -9.70
N CYS D 70 -37.50 -18.20 -9.29
CA CYS D 70 -38.59 -18.21 -10.26
C CYS D 70 -38.46 -17.05 -11.23
N LEU D 71 -38.11 -15.87 -10.71
CA LEU D 71 -37.98 -14.71 -11.59
C LEU D 71 -36.81 -14.86 -12.56
N ALA D 72 -35.68 -15.39 -12.10
CA ALA D 72 -34.56 -15.61 -13.00
C ALA D 72 -34.93 -16.59 -14.10
N LEU D 73 -35.60 -17.68 -13.73
CA LEU D 73 -36.03 -18.65 -14.72
C LEU D 73 -37.01 -18.03 -15.70
N GLY D 74 -37.94 -17.22 -15.20
CA GLY D 74 -38.90 -16.56 -16.08
C GLY D 74 -38.23 -15.58 -17.02
N THR D 75 -37.22 -14.85 -16.53
CA THR D 75 -36.50 -13.92 -17.39
C THR D 75 -35.79 -14.66 -18.50
N ARG D 76 -35.14 -15.78 -18.17
CA ARG D 76 -34.46 -16.57 -19.21
C ARG D 76 -35.47 -17.14 -20.20
N LEU D 77 -36.63 -17.59 -19.70
CA LEU D 77 -37.65 -18.13 -20.60
C LEU D 77 -38.25 -17.05 -21.49
N ARG D 78 -38.32 -15.82 -21.00
CA ARG D 78 -38.93 -14.72 -21.74
C ARG D 78 -38.00 -14.11 -22.77
N SER D 79 -36.71 -13.97 -22.45
CA SER D 79 -35.75 -13.32 -23.34
C SER D 79 -35.03 -14.28 -24.27
N LYS D 80 -34.70 -15.49 -23.81
CA LYS D 80 -33.97 -16.42 -24.65
C LYS D 80 -34.90 -17.22 -25.55
N TYR D 81 -35.97 -17.78 -24.98
CA TYR D 81 -36.84 -18.69 -25.68
C TYR D 81 -38.17 -18.07 -26.11
N LYS D 82 -38.47 -16.85 -25.66
CA LYS D 82 -39.72 -16.17 -26.01
C LYS D 82 -40.93 -17.02 -25.60
N ILE D 83 -41.03 -17.24 -24.29
CA ILE D 83 -42.08 -18.05 -23.70
C ILE D 83 -42.78 -17.25 -22.61
N LYS D 84 -44.09 -17.44 -22.51
CA LYS D 84 -44.89 -16.78 -21.48
C LYS D 84 -45.01 -17.70 -20.27
N TYR D 85 -44.84 -17.13 -19.08
CA TYR D 85 -44.74 -17.89 -17.85
C TYR D 85 -45.56 -17.23 -16.75
N GLN D 86 -45.89 -18.03 -15.74
CA GLN D 86 -46.52 -17.54 -14.52
C GLN D 86 -46.09 -18.46 -13.39
N PHE D 87 -45.91 -17.89 -12.19
CA PHE D 87 -45.52 -18.70 -11.04
C PHE D 87 -46.33 -18.30 -9.82
N TYR D 88 -46.40 -19.24 -8.88
CA TYR D 88 -47.25 -19.14 -7.70
C TYR D 88 -46.43 -19.35 -6.45
N ARG D 89 -47.04 -19.01 -5.31
CA ARG D 89 -46.49 -19.32 -3.99
C ARG D 89 -47.41 -20.32 -3.31
N VAL D 90 -46.83 -21.43 -2.86
CA VAL D 90 -47.58 -22.52 -2.26
C VAL D 90 -47.20 -22.62 -0.79
N PHE D 91 -48.19 -22.66 0.07
CA PHE D 91 -48.00 -22.78 1.51
C PHE D 91 -48.24 -24.22 1.95
N PRO D 92 -47.68 -24.63 3.09
CA PRO D 92 -47.89 -26.01 3.55
C PRO D 92 -49.35 -26.34 3.85
N SER D 93 -50.20 -25.33 4.04
CA SER D 93 -51.61 -25.60 4.32
C SER D 93 -52.32 -26.16 3.09
N GLY D 94 -51.75 -25.98 1.91
CA GLY D 94 -52.42 -26.30 0.67
C GLY D 94 -52.94 -25.10 -0.09
N GLU D 95 -52.53 -23.89 0.28
CA GLU D 95 -52.96 -22.69 -0.41
C GLU D 95 -52.05 -22.42 -1.61
N VAL D 96 -52.61 -21.83 -2.65
CA VAL D 96 -51.86 -21.36 -3.80
C VAL D 96 -52.16 -19.89 -3.98
N GLN D 97 -51.15 -19.14 -4.40
CA GLN D 97 -51.26 -17.68 -4.50
C GLN D 97 -50.62 -17.24 -5.81
N TYR D 98 -51.46 -16.81 -6.76
CA TYR D 98 -50.96 -16.25 -8.00
C TYR D 98 -50.08 -15.04 -7.69
N LEU D 99 -48.90 -14.98 -8.31
CA LEU D 99 -47.90 -13.99 -7.99
C LEU D 99 -47.52 -13.11 -9.17
N HIS D 100 -47.30 -13.69 -10.35
CA HIS D 100 -46.70 -12.95 -11.44
C HIS D 100 -47.05 -13.62 -12.76
N PRO D 101 -47.46 -12.85 -13.79
CA PRO D 101 -47.71 -11.41 -13.81
C PRO D 101 -49.02 -11.06 -13.10
N LYS D 102 -48.94 -10.17 -12.11
CA LYS D 102 -50.02 -10.04 -11.15
C LYS D 102 -51.37 -9.76 -11.82
N ASP D 103 -51.40 -8.81 -12.76
CA ASP D 103 -52.64 -8.38 -13.39
C ASP D 103 -52.68 -8.75 -14.87
N GLY D 104 -52.12 -9.91 -15.21
CA GLY D 104 -52.15 -10.41 -16.57
C GLY D 104 -51.18 -9.75 -17.52
N VAL D 105 -50.78 -8.52 -17.25
CA VAL D 105 -49.77 -7.81 -18.04
C VAL D 105 -48.54 -7.64 -17.16
N TYR D 106 -47.37 -7.85 -17.75
CA TYR D 106 -46.14 -7.80 -16.97
C TYR D 106 -45.99 -6.43 -16.33
N PRO D 107 -45.30 -6.36 -15.18
CA PRO D 107 -45.20 -5.08 -14.46
C PRO D 107 -44.48 -4.00 -15.24
N GLU D 108 -43.74 -4.35 -16.30
CA GLU D 108 -43.02 -3.36 -17.09
C GLU D 108 -43.95 -2.42 -17.85
N LYS D 109 -45.10 -2.90 -18.32
CA LYS D 109 -46.02 -2.11 -19.12
C LYS D 109 -47.09 -1.50 -18.21
N VAL D 110 -47.30 -0.20 -18.35
CA VAL D 110 -48.28 0.49 -17.52
C VAL D 110 -49.67 -0.06 -17.79
N ASN D 111 -50.43 -0.30 -16.72
CA ASN D 111 -51.78 -0.81 -16.81
C ASN D 111 -52.75 0.14 -16.11
N PRO D 112 -53.91 0.43 -16.69
CA PRO D 112 -54.84 1.38 -16.06
C PRO D 112 -55.51 0.86 -14.80
N GLY D 113 -55.19 -0.35 -14.33
CA GLY D 113 -55.86 -0.91 -13.17
C GLY D 113 -54.96 -1.08 -11.96
N ARG D 114 -53.95 -0.23 -11.82
CA ARG D 114 -53.00 -0.31 -10.73
C ARG D 114 -53.04 0.98 -9.90
N GLN D 115 -53.02 0.82 -8.58
CA GLN D 115 -52.94 1.94 -7.66
C GLN D 115 -51.51 2.10 -7.17
N GLY D 116 -51.20 3.33 -6.73
CA GLY D 116 -49.85 3.63 -6.28
C GLY D 116 -49.65 3.25 -4.82
N VAL D 117 -48.54 2.59 -4.54
CA VAL D 117 -48.17 2.18 -3.19
C VAL D 117 -46.79 2.71 -2.90
N GLY D 118 -46.64 3.38 -1.75
CA GLY D 118 -45.35 3.89 -1.34
C GLY D 118 -44.77 4.93 -2.27
N VAL D 119 -45.60 5.84 -2.77
CA VAL D 119 -45.17 6.92 -3.66
C VAL D 119 -45.22 8.22 -2.89
N ASN D 120 -44.11 8.95 -2.87
CA ASN D 120 -44.00 10.23 -2.18
C ASN D 120 -44.07 11.36 -3.19
N PHE D 121 -44.94 12.32 -2.94
CA PHE D 121 -45.14 13.44 -3.87
C PHE D 121 -44.25 14.60 -3.46
N ARG D 122 -42.95 14.36 -3.60
CA ARG D 122 -41.93 15.34 -3.28
C ARG D 122 -40.58 14.77 -3.70
N SER D 123 -39.61 15.66 -3.89
CA SER D 123 -38.26 15.22 -4.20
C SER D 123 -37.63 14.59 -2.96
N ILE D 124 -36.63 13.73 -3.19
CA ILE D 124 -35.99 13.00 -2.11
C ILE D 124 -35.28 13.92 -1.13
N GLY D 125 -35.00 15.16 -1.52
CA GLY D 125 -34.30 16.08 -0.65
C GLY D 125 -35.18 16.88 0.29
N LYS D 126 -36.48 16.60 0.34
CA LYS D 126 -37.42 17.34 1.17
C LYS D 126 -37.93 16.50 2.33
N ASN D 127 -37.17 15.49 2.75
CA ASN D 127 -37.51 14.70 3.91
C ASN D 127 -37.05 15.40 5.17
N VAL D 128 -37.87 15.30 6.22
CA VAL D 128 -37.52 15.93 7.49
C VAL D 128 -36.30 15.24 8.09
N SER D 129 -35.55 15.98 8.90
CA SER D 129 -34.42 15.42 9.59
C SER D 129 -34.90 14.47 10.69
N PRO D 130 -34.03 13.57 11.16
CA PRO D 130 -34.47 12.63 12.21
C PRO D 130 -34.96 13.33 13.47
N ILE D 131 -34.40 14.50 13.81
CA ILE D 131 -34.76 15.16 15.06
C ILE D 131 -36.25 15.46 15.11
N GLU D 132 -36.87 15.75 13.97
CA GLU D 132 -38.29 16.07 13.97
C GLU D 132 -39.17 14.84 14.21
N VAL D 133 -38.67 13.64 13.96
CA VAL D 133 -39.43 12.41 14.16
C VAL D 133 -38.86 11.59 15.32
N LYS D 134 -38.06 12.21 16.18
CA LYS D 134 -37.49 11.49 17.31
C LYS D 134 -38.55 11.20 18.34
N PHE D 135 -38.46 10.02 18.95
CA PHE D 135 -39.38 9.54 19.99
C PHE D 135 -40.79 9.33 19.46
N THR D 136 -40.97 9.33 18.14
CA THR D 136 -42.18 8.88 17.50
C THR D 136 -41.86 7.64 16.68
N GLY D 137 -42.82 6.72 16.58
CA GLY D 137 -42.56 5.47 15.91
C GLY D 137 -42.26 5.60 14.43
N LYS D 138 -42.53 6.77 13.84
CA LYS D 138 -42.37 6.95 12.41
C LYS D 138 -40.90 7.20 12.04
N GLN D 139 -40.59 6.95 10.78
CA GLN D 139 -39.28 7.25 10.20
C GLN D 139 -39.40 8.45 9.26
N PRO D 140 -38.33 9.21 9.04
CA PRO D 140 -38.45 10.42 8.21
C PRO D 140 -38.94 10.14 6.79
N TYR D 141 -38.65 8.96 6.24
CA TYR D 141 -39.10 8.65 4.89
C TYR D 141 -40.53 8.10 4.87
N ASP D 142 -40.99 7.53 5.98
CA ASP D 142 -42.35 6.99 6.03
C ASP D 142 -43.40 8.09 5.95
N LEU D 143 -43.04 9.33 6.27
CA LEU D 143 -43.97 10.45 6.20
C LEU D 143 -44.31 10.75 4.75
N PRO E 1 -46.38 33.60 -23.97
CA PRO E 1 -45.30 33.83 -23.01
C PRO E 1 -44.73 32.55 -22.39
N PRO E 2 -43.71 32.00 -23.02
CA PRO E 2 -42.92 30.93 -22.41
C PRO E 2 -42.58 31.18 -20.95
N ILE E 3 -42.37 30.06 -20.25
CA ILE E 3 -42.08 30.02 -18.82
C ILE E 3 -40.63 29.57 -18.64
N GLY E 4 -40.00 30.08 -17.59
CA GLY E 4 -38.66 29.67 -17.24
C GLY E 4 -37.62 30.28 -18.15
N PRO E 5 -36.36 29.90 -17.96
CA PRO E 5 -35.28 30.43 -18.80
C PRO E 5 -35.41 29.96 -20.25
N LYS E 6 -34.86 30.77 -21.14
CA LYS E 6 -34.89 30.46 -22.56
C LYS E 6 -33.92 29.33 -22.88
N ARG E 7 -34.15 28.70 -24.04
CA ARG E 7 -33.26 27.63 -24.48
C ARG E 7 -31.85 28.17 -24.68
N GLY E 8 -30.86 27.33 -24.34
CA GLY E 8 -29.48 27.71 -24.45
C GLY E 8 -29.00 28.69 -23.39
N ALA E 9 -29.78 28.93 -22.35
CA ALA E 9 -29.43 29.92 -21.34
C ALA E 9 -28.31 29.37 -20.45
N LYS E 10 -28.01 30.12 -19.39
CA LYS E 10 -26.93 29.79 -18.45
C LYS E 10 -27.51 29.89 -17.05
N VAL E 11 -27.80 28.75 -16.44
CA VAL E 11 -28.46 28.69 -15.14
C VAL E 11 -27.55 27.95 -14.16
N LYS E 12 -27.69 28.27 -12.87
CA LYS E 12 -27.00 27.56 -11.81
C LYS E 12 -28.03 26.86 -10.93
N ILE E 13 -27.68 25.65 -10.51
CA ILE E 13 -28.60 24.77 -9.80
C ILE E 13 -28.66 25.16 -8.33
N LEU E 14 -29.85 25.05 -7.74
CA LEU E 14 -30.06 25.35 -6.33
C LEU E 14 -30.61 24.16 -5.55
N ARG E 15 -30.78 23.01 -6.20
CA ARG E 15 -31.24 21.80 -5.52
C ARG E 15 -30.05 21.20 -4.79
N GLN E 16 -30.13 21.14 -3.45
CA GLN E 16 -28.97 20.80 -2.64
C GLN E 16 -28.61 19.32 -2.70
N GLU E 17 -29.50 18.45 -3.19
CA GLU E 17 -29.18 17.04 -3.33
C GLU E 17 -28.75 16.68 -4.75
N SER E 18 -28.50 17.67 -5.59
CA SER E 18 -28.03 17.45 -6.95
C SER E 18 -26.51 17.39 -6.98
N TYR E 19 -25.98 16.62 -7.94
CA TYR E 19 -24.54 16.54 -8.11
C TYR E 19 -23.95 17.91 -8.47
N TRP E 20 -24.64 18.65 -9.34
CA TRP E 20 -24.18 19.95 -9.81
C TRP E 20 -24.71 21.09 -8.95
N TYR E 21 -25.01 20.83 -7.68
CA TYR E 21 -25.49 21.88 -6.79
C TYR E 21 -24.48 23.02 -6.75
N LYS E 22 -24.97 24.25 -6.87
CA LYS E 22 -24.15 25.45 -6.95
C LYS E 22 -23.35 25.49 -8.25
N GLY E 23 -23.53 24.49 -9.11
CA GLY E 23 -22.84 24.43 -10.37
C GLY E 23 -23.60 25.20 -11.45
N THR E 24 -23.15 25.02 -12.68
CA THR E 24 -23.75 25.69 -13.83
C THR E 24 -24.03 24.70 -14.94
N GLY E 25 -25.13 24.93 -15.65
CA GLY E 25 -25.48 24.13 -16.80
C GLY E 25 -26.19 24.98 -17.82
N SER E 26 -26.40 24.40 -19.00
CA SER E 26 -27.06 25.07 -20.11
C SER E 26 -28.47 24.52 -20.26
N VAL E 27 -29.45 25.42 -20.31
CA VAL E 27 -30.84 25.00 -20.45
C VAL E 27 -31.05 24.42 -21.84
N VAL E 28 -31.75 23.29 -21.90
CA VAL E 28 -32.01 22.60 -23.15
C VAL E 28 -33.45 22.80 -23.61
N ALA E 29 -34.42 22.67 -22.70
CA ALA E 29 -35.82 22.84 -23.06
C ALA E 29 -36.64 22.97 -21.79
N VAL E 30 -37.62 23.86 -21.81
CA VAL E 30 -38.58 24.03 -20.72
C VAL E 30 -39.96 23.73 -21.29
N ASP E 31 -40.62 22.72 -20.72
CA ASP E 31 -41.93 22.34 -21.22
C ASP E 31 -42.96 23.42 -20.91
N GLN E 32 -43.73 23.80 -21.93
CA GLN E 32 -44.82 24.75 -21.75
C GLN E 32 -45.98 24.17 -20.96
N ASP E 33 -46.05 22.85 -20.82
CA ASP E 33 -47.18 22.23 -20.16
C ASP E 33 -47.17 22.59 -18.67
N PRO E 34 -48.32 23.01 -18.11
CA PRO E 34 -48.41 23.08 -16.65
C PRO E 34 -48.45 21.69 -16.05
N ASN E 35 -48.86 21.57 -14.78
CA ASN E 35 -49.01 20.29 -14.10
C ASN E 35 -47.76 19.42 -14.21
N THR E 36 -46.62 20.02 -14.55
CA THR E 36 -45.32 19.34 -14.51
C THR E 36 -44.39 20.18 -13.65
N ARG E 37 -43.88 19.57 -12.57
CA ARG E 37 -43.14 20.31 -11.57
C ARG E 37 -41.64 20.36 -11.82
N TYR E 38 -41.14 19.63 -12.82
CA TYR E 38 -39.72 19.67 -13.20
C TYR E 38 -39.64 19.83 -14.71
N PRO E 39 -39.97 21.02 -15.23
CA PRO E 39 -39.97 21.20 -16.69
C PRO E 39 -38.60 21.49 -17.25
N VAL E 40 -37.80 22.28 -16.54
CA VAL E 40 -36.51 22.71 -17.05
C VAL E 40 -35.60 21.51 -17.25
N VAL E 41 -34.93 21.47 -18.40
CA VAL E 41 -33.95 20.43 -18.71
C VAL E 41 -32.60 21.12 -18.90
N VAL E 42 -31.59 20.66 -18.17
CA VAL E 42 -30.28 21.29 -18.13
C VAL E 42 -29.23 20.26 -18.52
N ARG E 43 -28.23 20.72 -19.27
CA ARG E 43 -27.10 19.88 -19.67
C ARG E 43 -25.82 20.44 -19.07
N PHE E 44 -24.97 19.55 -18.56
CA PHE E 44 -23.72 19.92 -17.93
C PHE E 44 -22.56 19.30 -18.69
N ASN E 45 -21.39 19.92 -18.53
CA ASN E 45 -20.17 19.44 -19.17
C ASN E 45 -19.43 18.40 -18.34
N LYS E 46 -19.92 18.09 -17.14
CA LYS E 46 -19.33 17.07 -16.27
C LYS E 46 -20.39 16.05 -15.92
N VAL E 47 -20.03 14.77 -16.03
CA VAL E 47 -20.94 13.72 -15.64
C VAL E 47 -20.97 13.57 -14.12
N ASN E 48 -22.05 12.98 -13.62
CA ASN E 48 -22.19 12.71 -12.20
C ASN E 48 -21.62 11.33 -11.89
N TYR E 49 -21.86 10.83 -10.68
CA TYR E 49 -21.34 9.53 -10.30
C TYR E 49 -22.04 8.40 -11.04
N ALA E 50 -23.20 8.65 -11.62
CA ALA E 50 -23.91 7.67 -12.44
C ALA E 50 -23.63 7.84 -13.93
N ASN E 51 -22.70 8.73 -14.29
CA ASN E 51 -22.35 8.98 -15.69
C ASN E 51 -23.57 9.50 -16.47
N VAL E 52 -24.15 10.59 -15.96
CA VAL E 52 -25.32 11.23 -16.57
C VAL E 52 -25.05 12.72 -16.62
N SER E 53 -25.35 13.33 -17.77
CA SER E 53 -25.04 14.73 -18.01
C SER E 53 -26.28 15.60 -18.17
N THR E 54 -27.48 15.04 -18.04
CA THR E 54 -28.71 15.81 -18.18
C THR E 54 -29.62 15.49 -17.00
N ASN E 55 -30.39 16.49 -16.58
CA ASN E 55 -31.33 16.31 -15.49
C ASN E 55 -32.41 17.38 -15.58
N ASN E 56 -33.57 17.06 -15.03
CA ASN E 56 -34.69 17.99 -14.98
C ASN E 56 -34.73 18.69 -13.62
N TYR E 57 -35.22 19.92 -13.63
CA TYR E 57 -35.30 20.72 -12.42
C TYR E 57 -36.58 21.55 -12.43
N ALA E 58 -37.00 21.95 -11.23
CA ALA E 58 -38.15 22.83 -11.10
C ALA E 58 -37.74 24.27 -11.41
N LEU E 59 -38.75 25.12 -11.61
CA LEU E 59 -38.49 26.51 -11.98
C LEU E 59 -37.71 27.24 -10.89
N ASP E 60 -38.06 27.00 -9.62
CA ASP E 60 -37.36 27.65 -8.52
C ASP E 60 -35.98 27.05 -8.27
N GLU E 61 -35.73 25.82 -8.73
CA GLU E 61 -34.43 25.20 -8.51
C GLU E 61 -33.37 25.79 -9.43
N VAL E 62 -33.73 26.15 -10.65
CA VAL E 62 -32.81 26.81 -11.56
C VAL E 62 -32.93 28.31 -11.39
N GLU E 63 -31.84 29.02 -11.69
CA GLU E 63 -31.80 30.47 -11.56
C GLU E 63 -30.91 31.01 -12.66
N GLU E 64 -31.49 31.80 -13.56
CA GLU E 64 -30.71 32.36 -14.66
C GLU E 64 -29.60 33.25 -14.11
N VAL E 65 -28.37 32.93 -14.46
CA VAL E 65 -27.19 33.65 -14.01
C VAL E 65 -26.34 34.01 -15.23
N LYS E 66 -25.47 35.00 -15.06
CA LYS E 66 -24.68 35.52 -16.17
C LYS E 66 -23.36 34.78 -16.32
N ASP F 1 28.28 25.69 21.83
CA ASP F 1 27.59 26.43 20.79
C ASP F 1 26.07 26.27 20.92
N ILE F 2 25.35 26.37 19.81
CA ILE F 2 23.89 26.23 19.86
C ILE F 2 23.53 24.82 20.28
N ALA F 3 22.58 24.70 21.21
CA ALA F 3 22.05 23.41 21.64
C ALA F 3 23.13 22.52 22.22
N GLY F 4 24.19 23.11 22.75
CA GLY F 4 25.27 22.35 23.36
C GLY F 4 26.15 21.60 22.38
N LEU F 5 25.94 21.77 21.08
CA LEU F 5 26.77 21.12 20.09
C LEU F 5 28.07 21.89 19.90
N THR F 6 29.05 21.23 19.28
CA THR F 6 30.35 21.82 19.01
C THR F 6 30.65 21.76 17.52
N PRO F 7 31.44 22.71 17.00
CA PRO F 7 31.77 22.66 15.57
C PRO F 7 32.44 21.35 15.18
N CYS F 8 32.12 20.85 13.98
CA CYS F 8 32.68 19.57 13.56
C CYS F 8 34.18 19.69 13.32
N LYS F 9 34.67 20.87 12.95
CA LYS F 9 36.08 21.02 12.63
C LYS F 9 36.95 20.75 13.85
N ASP F 10 36.53 21.23 15.03
CA ASP F 10 37.28 21.01 16.25
C ASP F 10 36.71 19.89 17.11
N SER F 11 35.68 19.20 16.63
CA SER F 11 35.13 18.06 17.37
C SER F 11 36.04 16.85 17.23
N LYS F 12 36.01 15.98 18.24
CA LYS F 12 36.89 14.82 18.30
C LYS F 12 36.21 13.54 17.79
N GLN F 13 34.96 13.29 18.18
CA GLN F 13 34.28 12.11 17.69
C GLN F 13 34.08 12.17 16.18
N PHE F 14 33.91 13.37 15.62
CA PHE F 14 33.83 13.51 14.18
C PHE F 14 35.11 13.03 13.51
N ALA F 15 36.27 13.44 14.04
CA ALA F 15 37.55 13.00 13.50
C ALA F 15 37.73 11.50 13.68
N LYS F 16 37.30 10.96 14.83
CA LYS F 16 37.41 9.53 15.06
C LYS F 16 36.58 8.75 14.04
N ARG F 17 35.36 9.21 13.77
CA ARG F 17 34.52 8.57 12.77
C ARG F 17 35.15 8.65 11.38
N GLU F 18 35.73 9.80 11.06
CA GLU F 18 36.42 9.96 9.78
C GLU F 18 37.55 8.95 9.64
N LYS F 19 38.39 8.83 10.67
CA LYS F 19 39.48 7.88 10.64
C LYS F 19 38.97 6.45 10.52
N GLN F 20 37.91 6.11 11.26
CA GLN F 20 37.40 4.75 11.22
C GLN F 20 36.84 4.41 9.84
N SER F 21 36.14 5.36 9.22
CA SER F 21 35.62 5.14 7.88
C SER F 21 36.75 4.88 6.89
N ILE F 22 37.81 5.71 6.96
CA ILE F 22 38.92 5.52 6.02
C ILE F 22 39.62 4.20 6.29
N LYS F 23 39.77 3.82 7.56
CA LYS F 23 40.39 2.55 7.89
C LYS F 23 39.59 1.39 7.32
N LYS F 24 38.25 1.45 7.46
CA LYS F 24 37.40 0.40 6.92
C LYS F 24 37.56 0.31 5.40
N LEU F 25 37.57 1.47 4.72
CA LEU F 25 37.73 1.45 3.27
C LEU F 25 39.08 0.88 2.88
N GLU F 26 40.15 1.27 3.59
CA GLU F 26 41.49 0.81 3.24
C GLU F 26 41.65 -0.68 3.49
N SER F 27 40.94 -1.22 4.49
CA SER F 27 41.06 -2.64 4.78
C SER F 27 40.80 -3.50 3.55
N SER F 28 39.81 -3.12 2.75
CA SER F 28 39.50 -3.90 1.54
C SER F 28 40.57 -3.70 0.47
N LEU F 29 41.17 -2.51 0.41
CA LEU F 29 42.08 -2.19 -0.67
C LEU F 29 43.31 -3.09 -0.68
N LYS F 30 43.84 -3.42 0.49
CA LYS F 30 45.09 -4.18 0.57
C LYS F 30 44.95 -5.59 0.01
N LEU F 31 43.72 -6.08 -0.19
CA LEU F 31 43.54 -7.44 -0.68
C LEU F 31 43.85 -7.56 -2.17
N TYR F 32 43.51 -6.56 -2.97
CA TYR F 32 43.63 -6.66 -4.41
C TYR F 32 45.02 -6.25 -4.87
N ALA F 33 45.22 -6.29 -6.19
CA ALA F 33 46.47 -5.83 -6.76
C ALA F 33 46.60 -4.32 -6.56
N PRO F 34 47.82 -3.80 -6.45
CA PRO F 34 47.97 -2.36 -6.15
C PRO F 34 47.31 -1.44 -7.17
N ASP F 35 47.31 -1.81 -8.45
CA ASP F 35 46.85 -0.94 -9.52
C ASP F 35 45.88 -1.67 -10.45
N SER F 36 44.91 -2.36 -9.86
CA SER F 36 43.83 -2.97 -10.62
C SER F 36 42.59 -2.09 -10.57
N ALA F 37 41.62 -2.40 -11.43
CA ALA F 37 40.39 -1.62 -11.46
C ALA F 37 39.68 -1.59 -10.12
N PRO F 38 39.49 -2.70 -9.41
CA PRO F 38 38.91 -2.61 -8.06
C PRO F 38 39.72 -1.73 -7.13
N ALA F 39 41.05 -1.81 -7.20
CA ALA F 39 41.89 -0.98 -6.34
C ALA F 39 41.71 0.49 -6.68
N LEU F 40 41.65 0.82 -7.97
CA LEU F 40 41.42 2.21 -8.36
C LEU F 40 40.07 2.70 -7.87
N ALA F 41 39.04 1.87 -7.98
CA ALA F 41 37.72 2.27 -7.50
C ALA F 41 37.74 2.52 -5.99
N ILE F 42 38.40 1.64 -5.24
CA ILE F 42 38.44 1.80 -3.79
C ILE F 42 39.22 3.05 -3.41
N ASN F 43 40.31 3.33 -4.14
CA ASN F 43 41.08 4.54 -3.88
C ASN F 43 40.24 5.78 -4.17
N ALA F 44 39.47 5.75 -5.26
CA ALA F 44 38.60 6.88 -5.59
C ALA F 44 37.57 7.08 -4.49
N THR F 45 36.99 5.99 -3.98
CA THR F 45 36.03 6.11 -2.89
C THR F 45 36.68 6.68 -1.62
N ILE F 46 37.91 6.27 -1.32
CA ILE F 46 38.60 6.80 -0.14
C ILE F 46 38.83 8.30 -0.30
N GLU F 47 39.27 8.72 -1.49
CA GLU F 47 39.48 10.14 -1.73
C GLU F 47 38.17 10.90 -1.62
N LYS F 48 37.08 10.32 -2.12
CA LYS F 48 35.76 10.95 -2.00
C LYS F 48 35.38 11.13 -0.54
N THR F 49 35.62 10.09 0.29
CA THR F 49 35.30 10.19 1.71
C THR F 49 36.13 11.28 2.40
N LYS F 50 37.43 11.33 2.09
CA LYS F 50 38.28 12.37 2.67
C LYS F 50 37.79 13.76 2.28
N ARG F 51 37.46 13.95 1.01
CA ARG F 51 36.96 15.23 0.54
C ARG F 51 35.65 15.59 1.24
N ARG F 52 34.76 14.61 1.39
CA ARG F 52 33.49 14.88 2.06
C ARG F 52 33.70 15.35 3.48
N PHE F 53 34.53 14.65 4.25
CA PHE F 53 34.74 15.03 5.64
C PHE F 53 35.41 16.40 5.73
N ASP F 54 36.39 16.66 4.86
CA ASP F 54 37.03 17.97 4.86
C ASP F 54 36.03 19.08 4.55
N ASN F 55 35.14 18.84 3.58
CA ASN F 55 34.13 19.85 3.23
C ASN F 55 33.17 20.08 4.39
N TYR F 56 32.73 19.00 5.06
CA TYR F 56 31.84 19.16 6.19
C TYR F 56 32.49 20.00 7.28
N GLY F 57 33.77 19.72 7.56
CA GLY F 57 34.49 20.55 8.51
C GLY F 57 34.61 21.99 8.04
N LYS F 58 34.79 22.18 6.73
CA LYS F 58 35.00 23.51 6.17
C LYS F 58 33.77 24.38 6.30
N GLN F 59 32.60 23.85 5.92
CA GLN F 59 31.37 24.65 5.92
C GLN F 59 30.95 25.07 7.33
N GLY F 60 31.50 24.45 8.37
CA GLY F 60 31.18 24.84 9.73
C GLY F 60 29.88 24.24 10.24
N LEU F 61 29.68 22.95 9.97
CA LEU F 61 28.53 22.25 10.51
C LEU F 61 28.74 21.96 12.00
N LEU F 62 27.63 21.75 12.70
CA LEU F 62 27.67 21.43 14.11
C LEU F 62 27.57 19.92 14.32
N CYS F 63 28.40 19.41 15.22
CA CYS F 63 28.46 17.97 15.51
C CYS F 63 28.08 17.73 16.96
N GLY F 64 27.25 16.72 17.19
CA GLY F 64 26.82 16.35 18.52
C GLY F 64 27.77 15.36 19.16
N ALA F 65 27.35 14.85 20.32
CA ALA F 65 28.14 13.83 21.01
C ALA F 65 28.29 12.57 20.15
N ASP F 66 27.36 12.35 19.22
CA ASP F 66 27.45 11.20 18.33
C ASP F 66 28.56 11.38 17.31
N GLY F 67 29.02 12.60 17.09
CA GLY F 67 30.00 12.87 16.07
C GLY F 67 29.44 13.06 14.69
N LEU F 68 28.13 13.26 14.55
CA LEU F 68 27.50 13.44 13.26
C LEU F 68 27.00 14.88 13.10
N PRO F 69 26.98 15.41 11.88
CA PRO F 69 26.47 16.78 11.69
C PRO F 69 25.00 16.90 12.06
N HIS F 70 24.64 18.04 12.64
CA HIS F 70 23.26 18.36 13.01
C HIS F 70 22.87 19.67 12.34
N LEU F 71 21.62 19.75 11.89
CA LEU F 71 21.12 20.90 11.17
C LEU F 71 20.29 21.79 12.08
N ILE F 72 20.62 23.07 12.12
CA ILE F 72 19.88 24.05 12.90
C ILE F 72 18.91 24.76 11.95
N VAL F 73 17.63 24.74 12.30
CA VAL F 73 16.59 25.30 11.45
C VAL F 73 15.76 26.36 12.19
N SER F 74 16.23 26.81 13.35
CA SER F 74 15.50 27.84 14.08
C SER F 74 15.44 29.16 13.32
N GLY F 75 16.38 29.39 12.40
CA GLY F 75 16.50 30.65 11.70
C GLY F 75 17.79 31.39 11.99
N ASP F 76 18.69 30.81 12.78
CA ASP F 76 19.96 31.46 13.07
C ASP F 76 20.70 31.79 11.77
N GLN F 77 21.16 33.03 11.65
CA GLN F 77 21.80 33.47 10.42
C GLN F 77 23.11 32.75 10.17
N ARG F 78 23.70 32.13 11.19
CA ARG F 78 24.90 31.33 11.00
C ARG F 78 24.63 30.01 10.32
N HIS F 79 23.35 29.66 10.10
CA HIS F 79 23.01 28.36 9.56
C HIS F 79 21.96 28.44 8.44
N TRP F 80 21.80 29.61 7.82
CA TRP F 80 20.80 29.73 6.76
C TRP F 80 21.09 28.79 5.60
N GLY F 81 22.35 28.40 5.43
CA GLY F 81 22.69 27.45 4.39
C GLY F 81 22.23 26.04 4.63
N GLU F 82 21.65 25.76 5.80
CA GLU F 82 21.24 24.41 6.13
C GLU F 82 19.79 24.11 5.77
N PHE F 83 18.91 25.11 5.78
CA PHE F 83 17.50 24.86 5.54
C PHE F 83 16.77 26.02 4.88
N ILE F 84 17.21 27.25 5.12
CA ILE F 84 16.45 28.41 4.70
C ILE F 84 16.70 28.77 3.24
N THR F 85 17.95 28.81 2.79
CA THR F 85 18.14 29.14 1.38
C THR F 85 17.83 27.92 0.51
N PRO F 86 18.13 26.69 0.94
CA PRO F 86 17.55 25.54 0.22
C PRO F 86 16.03 25.53 0.26
N GLY F 87 15.42 26.00 1.34
CA GLY F 87 13.98 26.09 1.42
C GLY F 87 13.42 27.09 0.42
N ILE F 88 14.08 28.24 0.29
CA ILE F 88 13.66 29.22 -0.70
C ILE F 88 13.81 28.65 -2.10
N LEU F 89 14.91 27.94 -2.35
CA LEU F 89 15.10 27.32 -3.65
C LEU F 89 14.00 26.32 -3.94
N PHE F 90 13.65 25.47 -2.97
CA PHE F 90 12.58 24.51 -3.18
C PHE F 90 11.27 25.22 -3.45
N LEU F 91 10.96 26.26 -2.67
CA LEU F 91 9.70 26.96 -2.88
C LEU F 91 9.64 27.53 -4.29
N TYR F 92 10.75 28.12 -4.74
CA TYR F 92 10.79 28.63 -6.11
C TYR F 92 10.54 27.53 -7.13
N ILE F 93 11.22 26.39 -7.01
CA ILE F 93 11.06 25.33 -7.99
C ILE F 93 9.65 24.74 -7.95
N ALA F 94 9.11 24.50 -6.76
CA ALA F 94 7.80 23.90 -6.62
C ALA F 94 6.71 24.84 -7.14
N GLY F 95 6.84 26.14 -6.84
CA GLY F 95 5.91 27.09 -7.42
C GLY F 95 6.03 27.18 -8.93
N TRP F 96 7.26 27.03 -9.44
CA TRP F 96 7.44 26.93 -10.89
C TRP F 96 6.61 25.78 -11.45
N ILE F 97 6.76 24.59 -10.86
CA ILE F 97 6.06 23.42 -11.36
C ILE F 97 4.54 23.64 -11.28
N GLY F 98 4.07 24.06 -10.11
CA GLY F 98 2.63 24.22 -9.93
C GLY F 98 2.04 25.29 -10.83
N TRP F 99 2.74 26.42 -10.97
CA TRP F 99 2.26 27.49 -11.83
C TRP F 99 2.22 27.06 -13.29
N VAL F 100 3.25 26.35 -13.75
CA VAL F 100 3.27 25.87 -15.13
C VAL F 100 2.10 24.93 -15.37
N GLY F 101 1.90 23.98 -14.45
CA GLY F 101 0.79 23.05 -14.62
C GLY F 101 -0.57 23.72 -14.59
N ARG F 102 -0.74 24.69 -13.68
CA ARG F 102 -1.99 25.43 -13.62
C ARG F 102 -2.22 26.23 -14.90
N SER F 103 -1.16 26.86 -15.42
CA SER F 103 -1.29 27.60 -16.67
C SER F 103 -1.71 26.68 -17.80
N TYR F 104 -1.13 25.48 -17.86
CA TYR F 104 -1.53 24.52 -18.89
C TYR F 104 -3.00 24.14 -18.73
N LEU F 105 -3.42 23.85 -17.50
CA LEU F 105 -4.81 23.46 -17.28
C LEU F 105 -5.77 24.58 -17.68
N ILE F 106 -5.43 25.82 -17.33
CA ILE F 106 -6.29 26.95 -17.68
C ILE F 106 -6.31 27.16 -19.19
N ALA F 107 -5.17 26.98 -19.84
CA ALA F 107 -5.10 27.18 -21.28
C ALA F 107 -5.95 26.16 -22.03
N ILE F 108 -5.91 24.89 -21.60
CA ILE F 108 -6.64 23.85 -22.32
C ILE F 108 -8.08 23.71 -21.85
N ARG F 109 -8.55 24.57 -20.94
CA ARG F 109 -9.89 24.43 -20.38
C ARG F 109 -10.98 24.94 -21.31
N ASP F 110 -10.63 25.53 -22.45
CA ASP F 110 -11.60 26.16 -23.33
C ASP F 110 -12.02 25.29 -24.51
N ASP F 111 -11.40 24.14 -24.72
CA ASP F 111 -11.72 23.30 -25.86
C ASP F 111 -13.00 22.51 -25.60
N LYS F 112 -13.56 21.98 -26.69
CA LYS F 112 -14.78 21.17 -26.56
C LYS F 112 -14.49 19.87 -25.84
N LYS F 113 -13.28 19.33 -26.01
CA LYS F 113 -12.88 18.09 -25.35
C LYS F 113 -11.56 18.32 -24.63
N PRO F 114 -11.56 19.01 -23.49
CA PRO F 114 -10.30 19.27 -22.79
C PRO F 114 -9.59 18.00 -22.35
N THR F 115 -10.31 16.93 -22.10
CA THR F 115 -9.67 15.70 -21.63
C THR F 115 -8.73 15.13 -22.67
N GLN F 116 -8.99 15.36 -23.95
CA GLN F 116 -8.11 14.85 -25.00
C GLN F 116 -6.71 15.42 -24.87
N LYS F 117 -6.60 16.70 -24.51
CA LYS F 117 -5.32 17.35 -24.32
C LYS F 117 -4.71 17.08 -22.96
N GLU F 118 -5.35 16.23 -22.15
CA GLU F 118 -4.84 15.87 -20.83
C GLU F 118 -4.22 14.48 -20.79
N ILE F 119 -4.77 13.52 -21.51
CA ILE F 119 -4.12 12.22 -21.64
C ILE F 119 -3.08 12.22 -22.76
N ILE F 120 -3.19 13.12 -23.72
CA ILE F 120 -2.19 13.31 -24.77
C ILE F 120 -1.71 14.74 -24.65
N ILE F 121 -0.55 14.94 -24.05
CA ILE F 121 -0.08 16.28 -23.71
C ILE F 121 0.20 17.04 -25.00
N ASP F 122 -0.38 18.22 -25.13
CA ASP F 122 -0.12 19.10 -26.26
C ASP F 122 1.25 19.75 -26.03
N VAL F 123 2.30 19.06 -26.48
CA VAL F 123 3.65 19.54 -26.20
C VAL F 123 3.91 20.93 -26.76
N PRO F 124 3.46 21.27 -27.97
CA PRO F 124 3.74 22.63 -28.48
C PRO F 124 3.35 23.72 -27.51
N LEU F 125 2.16 23.62 -26.93
CA LEU F 125 1.71 24.62 -25.97
C LEU F 125 2.51 24.53 -24.67
N ALA F 126 2.83 23.30 -24.24
CA ALA F 126 3.54 23.11 -22.99
C ALA F 126 4.93 23.74 -23.04
N THR F 127 5.61 23.64 -24.17
CA THR F 127 6.96 24.20 -24.28
C THR F 127 6.93 25.73 -24.14
N GLY F 128 5.89 26.36 -24.71
CA GLY F 128 5.74 27.79 -24.49
C GLY F 128 5.41 28.12 -23.06
N LEU F 129 4.60 27.28 -22.40
CA LEU F 129 4.16 27.61 -21.05
C LEU F 129 5.23 27.38 -19.99
N VAL F 130 6.12 26.40 -20.19
CA VAL F 130 7.04 26.02 -19.12
C VAL F 130 7.90 27.20 -18.69
N PHE F 131 8.16 28.15 -19.58
CA PHE F 131 9.07 29.24 -19.26
C PHE F 131 8.43 30.34 -18.41
N ARG F 132 7.10 30.32 -18.23
CA ARG F 132 6.47 31.28 -17.33
C ARG F 132 6.87 31.04 -15.88
N GLY F 133 7.38 29.86 -15.56
CA GLY F 133 7.80 29.57 -14.20
C GLY F 133 9.05 30.28 -13.79
N PHE F 134 9.78 30.89 -14.74
CA PHE F 134 10.88 31.75 -14.35
C PHE F 134 10.39 32.93 -13.52
N SER F 135 9.27 33.52 -13.93
CA SER F 135 8.74 34.72 -13.32
C SER F 135 7.42 34.47 -12.58
N TRP F 136 7.04 33.22 -12.37
CA TRP F 136 5.84 32.95 -11.59
C TRP F 136 5.77 33.71 -10.26
N PRO F 137 6.89 34.00 -9.56
CA PRO F 137 6.73 34.77 -8.31
C PRO F 137 6.03 36.10 -8.52
N ILE F 138 6.21 36.73 -9.68
CA ILE F 138 5.55 37.98 -10.01
C ILE F 138 4.16 37.75 -10.59
N ALA F 139 4.04 36.76 -11.48
CA ALA F 139 2.75 36.48 -12.09
C ALA F 139 1.72 36.11 -11.04
N ALA F 140 2.09 35.25 -10.08
CA ALA F 140 1.17 34.84 -9.02
C ALA F 140 0.83 36.02 -8.11
N TYR F 141 1.82 36.86 -7.80
CA TYR F 141 1.56 38.00 -6.93
C TYR F 141 0.55 38.95 -7.56
N ARG F 142 0.76 39.31 -8.83
CA ARG F 142 -0.19 40.19 -9.51
C ARG F 142 -1.51 39.48 -9.79
N GLU F 143 -1.48 38.15 -9.93
CA GLU F 143 -2.69 37.37 -10.07
C GLU F 143 -3.54 37.44 -8.81
N LEU F 144 -2.90 37.40 -7.64
CA LEU F 144 -3.62 37.54 -6.38
C LEU F 144 -4.12 38.97 -6.19
N LEU F 145 -3.25 39.96 -6.40
CA LEU F 145 -3.67 41.35 -6.23
C LEU F 145 -4.81 41.70 -7.18
N ASN F 146 -4.69 41.26 -8.45
CA ASN F 146 -5.74 41.54 -9.41
C ASN F 146 -7.03 40.79 -9.07
N GLY F 147 -6.95 39.82 -8.15
CA GLY F 147 -8.12 39.17 -7.63
C GLY F 147 -8.66 38.03 -8.46
N GLU F 148 -7.91 37.53 -9.44
CA GLU F 148 -8.36 36.40 -10.25
C GLU F 148 -7.51 35.15 -10.07
N LEU F 149 -6.67 35.10 -9.04
CA LEU F 149 -6.03 33.84 -8.67
C LEU F 149 -7.05 32.84 -8.16
N VAL F 150 -7.99 33.32 -7.34
CA VAL F 150 -8.95 32.47 -6.66
C VAL F 150 -10.29 32.60 -7.36
N ALA F 151 -10.91 31.46 -7.67
CA ALA F 151 -12.19 31.48 -8.37
C ALA F 151 -13.28 32.04 -7.48
N LYS F 152 -13.73 33.25 -7.77
CA LYS F 152 -14.89 33.81 -7.10
C LYS F 152 -16.12 32.99 -7.45
N ASP F 153 -17.25 33.35 -6.83
CA ASP F 153 -18.50 32.64 -7.06
C ASP F 153 -18.40 31.19 -6.58
N VAL F 154 -17.38 30.89 -5.78
CA VAL F 154 -17.18 29.55 -5.26
C VAL F 154 -16.68 29.64 -3.83
N LEU G 1 -2.79 43.06 60.51
CA LEU G 1 -2.17 42.22 61.52
C LEU G 1 -3.23 41.65 62.48
N ASN G 2 -3.97 42.54 63.12
CA ASN G 2 -5.04 42.10 64.01
C ASN G 2 -6.13 41.44 63.17
N PRO G 3 -6.31 40.12 63.26
CA PRO G 3 -7.27 39.47 62.35
C PRO G 3 -8.68 40.01 62.47
N SER G 4 -9.17 40.26 63.68
CA SER G 4 -10.54 40.73 63.84
C SER G 4 -10.72 42.09 63.18
N LEU G 5 -9.77 43.01 63.39
CA LEU G 5 -9.87 44.34 62.80
C LEU G 5 -9.94 44.25 61.28
N VAL G 6 -8.99 43.53 60.68
CA VAL G 6 -8.93 43.44 59.23
C VAL G 6 -10.19 42.80 58.69
N ILE G 7 -10.63 41.69 59.29
CA ILE G 7 -11.80 40.96 58.78
C ILE G 7 -13.03 41.85 58.86
N SER G 8 -13.27 42.44 60.03
CA SER G 8 -14.48 43.26 60.19
C SER G 8 -14.45 44.46 59.25
N LEU G 9 -13.31 45.14 59.16
CA LEU G 9 -13.22 46.32 58.30
C LEU G 9 -13.47 45.94 56.84
N SER G 10 -12.80 44.88 56.36
CA SER G 10 -12.95 44.50 54.97
C SER G 10 -14.37 44.03 54.68
N THR G 11 -14.98 43.26 55.58
CA THR G 11 -16.34 42.79 55.34
C THR G 11 -17.33 43.95 55.32
N GLY G 12 -17.23 44.87 56.29
CA GLY G 12 -18.10 46.02 56.28
C GLY G 12 -17.92 46.87 55.04
N LEU G 13 -16.67 47.00 54.58
CA LEU G 13 -16.40 47.80 53.38
C LEU G 13 -16.99 47.13 52.14
N SER G 14 -16.85 45.81 52.03
CA SER G 14 -17.44 45.09 50.91
C SER G 14 -18.96 45.20 50.92
N LEU G 15 -19.56 45.09 52.11
CA LEU G 15 -21.01 45.26 52.20
C LEU G 15 -21.43 46.67 51.82
N PHE G 16 -20.66 47.67 52.23
CA PHE G 16 -20.95 49.04 51.82
C PHE G 16 -20.89 49.18 50.31
N LEU G 17 -19.86 48.60 49.68
CA LEU G 17 -19.74 48.68 48.23
C LEU G 17 -20.93 48.01 47.55
N GLY G 18 -21.34 46.85 48.05
CA GLY G 18 -22.49 46.17 47.48
C GLY G 18 -23.79 46.92 47.68
N ARG G 19 -23.94 47.57 48.82
CA ARG G 19 -25.20 48.20 49.20
C ARG G 19 -25.37 49.59 48.61
N PHE G 20 -24.28 50.31 48.31
CA PHE G 20 -24.37 51.71 47.92
C PHE G 20 -23.71 52.05 46.59
N VAL G 21 -22.91 51.16 46.02
CA VAL G 21 -22.16 51.51 44.82
C VAL G 21 -22.58 50.62 43.65
N PHE G 22 -22.36 49.32 43.78
CA PHE G 22 -22.66 48.36 42.71
C PHE G 22 -24.06 47.78 42.82
N PHE G 23 -24.89 48.32 43.71
CA PHE G 23 -26.22 47.74 43.93
C PHE G 23 -27.06 47.77 42.66
N ASN G 24 -27.19 48.96 42.06
CA ASN G 24 -28.09 49.10 40.91
C ASN G 24 -27.55 48.34 39.71
N PHE G 25 -26.22 48.33 39.52
CA PHE G 25 -25.63 47.62 38.41
C PHE G 25 -25.93 46.12 38.51
N GLN G 26 -25.74 45.54 39.69
CA GLN G 26 -26.00 44.11 39.87
C GLN G 26 -27.48 43.80 39.68
N ARG G 27 -28.36 44.64 40.21
CA ARG G 27 -29.79 44.41 40.05
C ARG G 27 -30.18 44.46 38.59
N GLU G 28 -29.67 45.44 37.84
CA GLU G 28 -29.97 45.53 36.42
C GLU G 28 -29.46 44.33 35.66
N ASN G 29 -28.24 43.87 35.98
CA ASN G 29 -27.68 42.74 35.26
C ASN G 29 -28.46 41.46 35.55
N VAL G 30 -28.82 41.23 36.81
CA VAL G 30 -29.58 40.03 37.14
C VAL G 30 -30.98 40.11 36.57
N ALA G 31 -31.52 41.33 36.42
CA ALA G 31 -32.82 41.47 35.77
C ALA G 31 -32.76 41.13 34.29
N LYS G 32 -31.76 41.67 33.59
CA LYS G 32 -31.68 41.45 32.15
C LYS G 32 -31.26 40.03 31.80
N GLN G 33 -30.39 39.40 32.59
CA GLN G 33 -30.04 38.01 32.33
C GLN G 33 -31.22 37.08 32.61
N GLY G 34 -31.95 37.32 33.69
CA GLY G 34 -33.16 36.59 33.98
C GLY G 34 -32.89 35.20 34.52
N LEU G 35 -33.98 34.49 34.79
CA LEU G 35 -33.88 33.12 35.27
C LEU G 35 -33.39 32.20 34.16
N PRO G 36 -32.62 31.17 34.49
CA PRO G 36 -32.27 30.17 33.48
C PRO G 36 -33.52 29.47 32.97
N GLU G 37 -33.55 29.21 31.67
CA GLU G 37 -34.72 28.62 31.02
C GLU G 37 -34.28 27.55 30.03
N GLN G 38 -35.15 26.57 29.84
CA GLN G 38 -34.90 25.46 28.93
C GLN G 38 -36.06 25.38 27.96
N ASN G 39 -35.76 25.38 26.66
CA ASN G 39 -36.78 25.31 25.60
C ASN G 39 -37.78 26.45 25.70
N GLY G 40 -37.32 27.61 26.18
CA GLY G 40 -38.13 28.80 26.26
C GLY G 40 -38.85 29.00 27.57
N VAL G 41 -38.97 27.97 28.40
CA VAL G 41 -39.64 28.06 29.69
C VAL G 41 -38.60 27.98 30.79
N THR G 42 -38.86 28.65 31.90
CA THR G 42 -37.98 28.54 33.05
C THR G 42 -37.97 27.11 33.57
N HIS G 43 -36.98 26.79 34.40
CA HIS G 43 -36.84 25.43 34.88
C HIS G 43 -38.07 24.98 35.66
N PHE G 44 -38.64 25.86 36.49
CA PHE G 44 -39.84 25.49 37.24
C PHE G 44 -41.03 25.27 36.31
N GLU G 45 -41.17 26.12 35.28
CA GLU G 45 -42.31 26.01 34.39
C GLU G 45 -42.30 24.75 33.54
N ALA G 46 -41.16 24.06 33.45
CA ALA G 46 -41.06 22.82 32.70
C ALA G 46 -41.45 21.60 33.52
N GLY G 47 -41.75 21.78 34.81
CA GLY G 47 -42.13 20.68 35.68
C GLY G 47 -41.14 20.37 36.77
N ASP G 48 -40.03 21.10 36.88
CA ASP G 48 -39.04 20.86 37.92
C ASP G 48 -39.48 21.61 39.17
N THR G 49 -40.07 20.89 40.12
CA THR G 49 -40.57 21.53 41.34
C THR G 49 -39.43 22.17 42.12
N ARG G 50 -38.28 21.50 42.20
CA ARG G 50 -37.18 22.01 43.00
C ARG G 50 -36.52 23.22 42.33
N ALA G 51 -36.83 23.47 41.06
CA ALA G 51 -36.27 24.63 40.38
C ALA G 51 -36.96 25.92 40.78
N LYS G 52 -38.05 25.82 41.54
CA LYS G 52 -38.82 26.99 41.94
C LYS G 52 -37.97 27.94 42.77
N GLU G 53 -38.00 29.22 42.40
CA GLU G 53 -37.25 30.22 43.14
C GLU G 53 -37.88 30.43 44.52
N TYR G 54 -37.03 30.47 45.54
CA TYR G 54 -37.49 30.63 46.93
C TYR G 54 -37.89 32.08 47.13
N VAL G 55 -39.14 32.38 46.76
CA VAL G 55 -39.63 33.75 46.84
C VAL G 55 -39.81 34.22 48.28
N SER G 56 -39.76 33.31 49.25
CA SER G 56 -40.04 33.69 50.64
C SER G 56 -38.87 34.44 51.26
N LEU G 57 -37.70 33.81 51.32
CA LEU G 57 -36.56 34.42 52.00
C LEU G 57 -35.83 35.47 51.18
N LEU G 58 -36.17 35.63 49.89
CA LEU G 58 -35.50 36.64 49.08
C LEU G 58 -36.00 38.04 49.37
N LYS G 59 -37.29 38.20 49.68
CA LYS G 59 -37.82 39.51 49.99
C LYS G 59 -37.24 40.04 51.30
N SER G 60 -37.09 41.35 51.39
CA SER G 60 -36.49 42.01 52.54
C SER G 60 -37.26 43.28 52.85
N ASN G 61 -36.98 43.85 54.02
CA ASN G 61 -37.54 45.13 54.43
C ASN G 61 -36.62 46.29 54.09
N ASP G 62 -35.47 46.03 53.47
CA ASP G 62 -34.56 47.10 53.13
C ASP G 62 -35.23 48.03 52.10
N PRO G 63 -34.96 49.34 52.16
CA PRO G 63 -35.61 50.25 51.21
C PRO G 63 -35.38 49.89 49.76
N VAL G 64 -34.21 49.33 49.40
CA VAL G 64 -33.87 49.08 48.02
C VAL G 64 -33.90 47.61 47.64
N GLY G 65 -34.15 46.71 48.59
CA GLY G 65 -34.21 45.28 48.31
C GLY G 65 -33.01 44.48 48.75
N PHE G 66 -32.07 45.08 49.49
CA PHE G 66 -30.93 44.35 50.01
C PHE G 66 -31.40 43.27 50.97
N ASN G 67 -31.18 42.01 50.61
CA ASN G 67 -31.81 40.89 51.31
C ASN G 67 -30.74 39.96 51.91
N ILE G 68 -31.13 38.72 52.18
CA ILE G 68 -30.22 37.77 52.84
C ILE G 68 -29.17 37.27 51.87
N VAL G 69 -29.57 36.89 50.66
CA VAL G 69 -28.65 36.24 49.74
C VAL G 69 -27.49 37.16 49.42
N ASP G 70 -27.75 38.45 49.20
CA ASP G 70 -26.67 39.37 48.88
C ASP G 70 -25.84 39.76 50.10
N VAL G 71 -26.40 39.76 51.32
CA VAL G 71 -25.51 39.91 52.46
C VAL G 71 -24.55 38.74 52.51
N LEU G 72 -25.04 37.52 52.28
CA LEU G 72 -24.14 36.37 52.22
C LEU G 72 -23.06 36.57 51.16
N ALA G 73 -23.47 36.97 49.96
CA ALA G 73 -22.51 37.09 48.87
C ALA G 73 -21.44 38.14 49.16
N TRP G 74 -21.86 39.35 49.54
CA TRP G 74 -20.91 40.43 49.73
C TRP G 74 -20.03 40.18 50.95
N GLY G 75 -20.60 39.60 52.02
CA GLY G 75 -19.79 39.24 53.17
C GLY G 75 -18.77 38.16 52.82
N SER G 76 -19.15 37.21 51.97
CA SER G 76 -18.19 36.21 51.53
C SER G 76 -17.05 36.84 50.76
N ILE G 77 -17.37 37.79 49.88
CA ILE G 77 -16.32 38.48 49.14
C ILE G 77 -15.40 39.23 50.10
N GLY G 78 -15.99 39.92 51.07
CA GLY G 78 -15.20 40.66 52.03
C GLY G 78 -14.28 39.76 52.83
N HIS G 79 -14.78 38.61 53.29
CA HIS G 79 -13.94 37.70 54.05
C HIS G 79 -12.85 37.09 53.19
N ILE G 80 -13.17 36.75 51.94
CA ILE G 80 -12.13 36.21 51.05
C ILE G 80 -10.99 37.20 50.90
N VAL G 81 -11.32 38.46 50.60
CA VAL G 81 -10.27 39.45 50.44
C VAL G 81 -9.55 39.70 51.76
N ALA G 82 -10.26 39.69 52.88
CA ALA G 82 -9.64 39.93 54.17
C ALA G 82 -8.62 38.85 54.50
N TYR G 83 -8.97 37.58 54.27
CA TYR G 83 -8.04 36.51 54.57
C TYR G 83 -6.90 36.48 53.57
N TYR G 84 -7.14 36.84 52.32
CA TYR G 84 -6.02 37.03 51.40
C TYR G 84 -5.05 38.06 51.95
N ILE G 85 -5.57 39.19 52.43
CA ILE G 85 -4.72 40.24 52.98
C ILE G 85 -3.93 39.71 54.16
N LEU G 86 -4.60 39.02 55.09
CA LEU G 86 -3.93 38.55 56.29
C LEU G 86 -2.83 37.55 55.96
N ALA G 87 -3.18 36.52 55.17
CA ALA G 87 -2.20 35.48 54.84
C ALA G 87 -1.02 36.07 54.09
N THR G 88 -1.28 36.94 53.11
CA THR G 88 -0.21 37.49 52.30
C THR G 88 0.65 38.49 53.08
N SER G 89 0.07 39.21 54.04
CA SER G 89 0.83 40.13 54.85
C SER G 89 1.68 39.43 55.90
N SER G 90 1.23 38.28 56.41
CA SER G 90 2.01 37.52 57.38
C SER G 90 2.88 36.45 56.74
N ASN G 91 2.79 36.26 55.42
CA ASN G 91 3.56 35.21 54.77
C ASN G 91 5.06 35.45 54.84
N GLY G 92 5.49 36.71 54.83
CA GLY G 92 6.91 37.01 54.82
C GLY G 92 7.59 36.84 53.48
N TYR G 93 6.83 36.60 52.42
CA TYR G 93 7.40 36.46 51.09
C TYR G 93 7.84 37.83 50.56
N ASP G 94 8.95 37.84 49.84
CA ASP G 94 9.47 39.08 49.29
C ASP G 94 10.04 38.83 47.89
N PRO G 95 9.53 39.48 46.85
CA PRO G 95 10.19 39.44 45.55
C PRO G 95 11.37 40.40 45.54
N LYS G 96 12.28 40.17 44.60
CA LYS G 96 13.52 40.92 44.54
C LYS G 96 13.55 41.75 43.26
N PHE G 97 13.76 43.05 43.42
CA PHE G 97 13.80 43.97 42.29
C PHE G 97 15.08 43.78 41.49
N TYR H 1 -50.10 -37.40 -7.43
CA TYR H 1 -48.66 -37.41 -7.31
C TYR H 1 -48.09 -38.75 -7.76
N GLY H 2 -47.12 -38.70 -8.68
CA GLY H 2 -46.49 -39.91 -9.17
C GLY H 2 -47.28 -40.64 -10.23
N ASP H 3 -48.25 -39.96 -10.87
CA ASP H 3 -49.05 -40.62 -11.90
C ASP H 3 -48.19 -41.06 -13.09
N LYS H 4 -47.28 -40.19 -13.54
CA LYS H 4 -46.41 -40.51 -14.66
C LYS H 4 -45.14 -39.67 -14.58
N SER H 5 -45.29 -38.35 -14.71
CA SER H 5 -44.21 -37.40 -14.48
C SER H 5 -44.64 -36.27 -13.56
N VAL H 6 -45.90 -36.22 -13.15
CA VAL H 6 -46.36 -35.20 -12.23
C VAL H 6 -45.62 -35.33 -10.91
N TYR H 7 -45.17 -34.21 -10.37
CA TYR H 7 -44.50 -34.20 -9.06
C TYR H 7 -45.09 -33.14 -8.14
N PHE H 8 -46.38 -32.81 -8.29
CA PHE H 8 -47.00 -31.73 -7.54
C PHE H 8 -48.49 -31.98 -7.43
N ASP H 9 -49.03 -31.85 -6.22
CA ASP H 9 -50.46 -31.90 -6.01
C ASP H 9 -50.78 -31.25 -4.67
N LEU H 10 -51.87 -30.49 -4.61
CA LEU H 10 -52.23 -29.82 -3.37
C LEU H 10 -52.84 -30.79 -2.36
N GLU H 11 -53.37 -31.91 -2.83
CA GLU H 11 -53.99 -32.87 -1.93
C GLU H 11 -52.97 -33.44 -0.95
N ASP H 12 -51.76 -33.72 -1.42
CA ASP H 12 -50.69 -34.30 -0.60
C ASP H 12 -49.45 -33.41 -0.72
N LEU H 13 -49.40 -32.38 0.12
CA LEU H 13 -48.24 -31.49 0.10
C LEU H 13 -47.03 -32.12 0.78
N GLY H 14 -47.27 -32.96 1.79
CA GLY H 14 -46.17 -33.61 2.47
C GLY H 14 -45.31 -34.44 1.53
N ASN H 15 -45.95 -35.25 0.69
CA ASN H 15 -45.20 -36.02 -0.29
C ASN H 15 -44.56 -35.11 -1.34
N THR H 16 -45.26 -34.04 -1.72
CA THR H 16 -44.74 -33.15 -2.75
C THR H 16 -43.46 -32.47 -2.31
N THR H 17 -43.38 -32.08 -1.04
CA THR H 17 -42.22 -31.39 -0.50
C THR H 17 -41.15 -32.35 0.04
N GLY H 18 -41.31 -33.64 -0.21
CA GLY H 18 -40.31 -34.60 0.25
C GLY H 18 -40.24 -34.74 1.75
N GLN H 19 -41.38 -34.78 2.43
CA GLN H 19 -41.42 -34.89 3.88
C GLN H 19 -41.46 -36.35 4.31
N TRP H 20 -40.50 -37.15 3.84
CA TRP H 20 -40.42 -38.55 4.17
C TRP H 20 -39.39 -38.78 5.28
N ASP H 21 -39.35 -40.00 5.79
CA ASP H 21 -38.31 -40.45 6.72
C ASP H 21 -37.51 -41.53 6.00
N LEU H 22 -36.29 -41.18 5.61
CA LEU H 22 -35.48 -42.08 4.80
C LEU H 22 -35.18 -43.40 5.49
N TYR H 23 -35.18 -43.44 6.83
CA TYR H 23 -34.70 -44.60 7.55
C TYR H 23 -35.58 -45.02 8.71
N GLY H 24 -36.75 -44.42 8.89
CA GLY H 24 -37.64 -44.85 9.95
C GLY H 24 -37.98 -46.32 9.84
N SER H 25 -37.92 -47.01 10.98
CA SER H 25 -38.11 -48.46 11.00
C SER H 25 -39.57 -48.86 10.86
N ASP H 26 -40.45 -48.31 11.71
CA ASP H 26 -41.85 -48.71 11.74
C ASP H 26 -42.00 -50.18 12.09
N ALA H 27 -41.07 -50.70 12.88
CA ALA H 27 -41.04 -52.10 13.29
C ALA H 27 -41.18 -52.20 14.80
N PRO H 28 -41.64 -53.34 15.30
CA PRO H 28 -41.84 -53.49 16.75
C PRO H 28 -40.53 -53.53 17.50
N SER H 29 -40.63 -53.35 18.82
CA SER H 29 -39.47 -53.27 19.67
C SER H 29 -38.63 -54.55 19.56
N PRO H 30 -37.33 -54.44 19.27
CA PRO H 30 -36.50 -55.66 19.24
C PRO H 30 -36.20 -56.21 20.61
N TYR H 31 -36.44 -55.44 21.67
CA TYR H 31 -36.24 -55.93 23.03
C TYR H 31 -37.40 -56.81 23.46
N ASN H 32 -37.08 -57.87 24.18
CA ASN H 32 -38.13 -58.65 24.83
C ASN H 32 -38.69 -57.87 26.01
N SER H 33 -39.92 -58.21 26.40
CA SER H 33 -40.61 -57.44 27.43
C SER H 33 -39.82 -57.40 28.72
N LEU H 34 -39.15 -58.50 29.07
CA LEU H 34 -38.51 -58.61 30.37
C LEU H 34 -37.43 -57.56 30.56
N GLN H 35 -36.55 -57.39 29.56
CA GLN H 35 -35.49 -56.39 29.67
C GLN H 35 -36.07 -54.99 29.75
N SER H 36 -37.03 -54.68 28.88
CA SER H 36 -37.67 -53.37 28.93
C SER H 36 -38.36 -53.15 30.26
N LYS H 37 -39.00 -54.20 30.80
CA LYS H 37 -39.67 -54.06 32.08
C LYS H 37 -38.70 -53.72 33.20
N PHE H 38 -37.42 -54.04 33.04
CA PHE H 38 -36.43 -53.64 34.02
C PHE H 38 -35.95 -52.21 33.76
N PHE H 39 -35.59 -51.91 32.51
CA PHE H 39 -35.01 -50.61 32.20
C PHE H 39 -36.01 -49.48 32.47
N GLU H 40 -37.27 -49.67 32.06
CA GLU H 40 -38.27 -48.63 32.22
C GLU H 40 -38.64 -48.44 33.68
N THR H 41 -38.32 -49.41 34.53
CA THR H 41 -38.63 -49.33 35.95
C THR H 41 -37.48 -48.74 36.77
N PHE H 42 -36.23 -49.03 36.40
CA PHE H 42 -35.10 -48.51 37.14
C PHE H 42 -34.60 -47.17 36.60
N ALA H 43 -34.85 -46.87 35.33
CA ALA H 43 -34.49 -45.59 34.75
C ALA H 43 -35.64 -44.59 34.77
N ALA H 44 -36.77 -44.96 35.40
CA ALA H 44 -37.93 -44.06 35.43
C ALA H 44 -37.61 -42.72 36.07
N PRO H 45 -36.94 -42.64 37.23
CA PRO H 45 -36.83 -41.36 37.93
C PRO H 45 -35.96 -40.33 37.24
N PHE H 46 -35.47 -40.59 36.04
CA PHE H 46 -34.59 -39.66 35.33
C PHE H 46 -35.24 -39.10 34.07
N THR H 47 -36.57 -39.17 33.95
CA THR H 47 -37.26 -38.82 32.71
C THR H 47 -38.15 -37.57 32.88
N LYS H 48 -37.75 -36.65 33.75
CA LYS H 48 -38.44 -35.38 33.92
C LYS H 48 -37.49 -34.25 33.54
N ARG H 49 -37.98 -33.32 32.72
CA ARG H 49 -37.12 -32.25 32.22
C ARG H 49 -36.54 -31.42 33.37
N GLY H 50 -37.39 -30.72 34.11
CA GLY H 50 -36.90 -29.85 35.17
C GLY H 50 -36.17 -30.61 36.26
N LEU H 51 -36.74 -31.72 36.71
CA LEU H 51 -36.10 -32.52 37.75
C LEU H 51 -34.73 -32.99 37.30
N LEU H 52 -34.65 -33.56 36.10
CA LEU H 52 -33.37 -34.06 35.62
C LEU H 52 -32.36 -32.93 35.46
N LEU H 53 -32.79 -31.79 34.91
CA LEU H 53 -31.86 -30.67 34.72
C LEU H 53 -31.31 -30.18 36.05
N LYS H 54 -32.20 -29.91 37.01
CA LYS H 54 -31.76 -29.40 38.30
C LYS H 54 -30.86 -30.40 39.00
N PHE H 55 -31.26 -31.68 39.00
CA PHE H 55 -30.46 -32.70 39.66
C PHE H 55 -29.09 -32.82 39.01
N LEU H 56 -29.05 -32.85 37.68
CA LEU H 56 -27.76 -32.96 37.00
C LEU H 56 -26.87 -31.77 37.34
N ILE H 57 -27.41 -30.56 37.27
CA ILE H 57 -26.59 -29.38 37.52
C ILE H 57 -26.03 -29.41 38.93
N LEU H 58 -26.90 -29.59 39.94
CA LEU H 58 -26.42 -29.50 41.31
C LEU H 58 -25.54 -30.70 41.68
N GLY H 59 -25.88 -31.89 41.19
CA GLY H 59 -25.08 -33.06 41.49
C GLY H 59 -23.70 -32.99 40.87
N GLY H 60 -23.62 -32.57 39.60
CA GLY H 60 -22.33 -32.37 38.98
C GLY H 60 -21.51 -31.29 39.67
N GLY H 61 -22.17 -30.21 40.09
CA GLY H 61 -21.46 -29.17 40.81
C GLY H 61 -20.89 -29.67 42.12
N SER H 62 -21.70 -30.37 42.90
CA SER H 62 -21.23 -30.90 44.17
C SER H 62 -20.13 -31.94 43.97
N THR H 63 -20.26 -32.79 42.94
CA THR H 63 -19.23 -33.77 42.66
C THR H 63 -17.92 -33.10 42.31
N LEU H 64 -17.97 -32.08 41.45
CA LEU H 64 -16.76 -31.35 41.09
C LEU H 64 -16.14 -30.68 42.31
N ALA H 65 -16.97 -30.05 43.14
CA ALA H 65 -16.44 -29.38 44.33
C ALA H 65 -15.78 -30.38 45.27
N TYR H 66 -16.41 -31.52 45.49
CA TYR H 66 -15.84 -32.52 46.38
C TYR H 66 -14.54 -33.08 45.82
N PHE H 67 -14.52 -33.41 44.52
CA PHE H 67 -13.34 -34.02 43.95
C PHE H 67 -12.17 -33.05 43.82
N SER H 68 -12.45 -31.75 43.69
CA SER H 68 -11.38 -30.76 43.60
C SER H 68 -10.91 -30.27 44.95
N ALA H 69 -11.78 -30.22 45.95
CA ALA H 69 -11.38 -29.76 47.28
C ALA H 69 -10.64 -30.81 48.07
N THR H 70 -10.70 -32.07 47.66
CA THR H 70 -10.08 -33.18 48.37
C THR H 70 -9.18 -33.99 47.44
N ALA H 71 -8.40 -33.31 46.62
CA ALA H 71 -7.48 -33.97 45.71
C ALA H 71 -6.18 -34.30 46.43
N SER H 72 -5.58 -35.43 46.07
CA SER H 72 -4.35 -35.89 46.70
C SER H 72 -3.14 -35.36 45.93
N GLY H 73 -1.99 -35.39 46.60
CA GLY H 73 -0.81 -34.70 46.08
C GLY H 73 -0.36 -35.22 44.74
N ASP H 74 -0.53 -36.52 44.50
CA ASP H 74 -0.15 -37.12 43.23
C ASP H 74 -1.09 -36.75 42.09
N ILE H 75 -2.20 -36.07 42.39
CA ILE H 75 -3.15 -35.65 41.38
C ILE H 75 -2.72 -34.35 40.71
N LEU H 76 -2.78 -33.24 41.45
CA LEU H 76 -2.57 -31.91 40.89
C LEU H 76 -1.28 -31.32 41.46
N PRO H 77 -0.25 -31.09 40.63
CA PRO H 77 0.94 -30.40 41.15
C PRO H 77 0.68 -28.98 41.62
N ILE H 78 -0.42 -28.36 41.19
CA ILE H 78 -0.68 -26.98 41.61
C ILE H 78 -0.81 -26.90 43.11
N LYS H 79 -1.57 -27.80 43.72
CA LYS H 79 -1.83 -27.75 45.15
C LYS H 79 -0.80 -28.52 45.97
N LYS H 80 -0.04 -29.42 45.36
CA LYS H 80 1.08 -30.04 46.06
C LYS H 80 2.09 -28.99 46.49
N GLY H 81 2.18 -27.89 45.75
CA GLY H 81 3.00 -26.77 46.14
C GLY H 81 4.43 -26.89 45.66
N PRO H 82 5.20 -25.81 45.79
CA PRO H 82 6.61 -25.85 45.41
C PRO H 82 7.43 -26.73 46.33
N GLN H 83 8.52 -27.26 45.79
CA GLN H 83 9.43 -28.13 46.53
C GLN H 83 10.87 -27.67 46.45
N LEU H 84 11.14 -26.46 45.95
CA LEU H 84 12.47 -25.93 45.77
C LEU H 84 12.56 -24.55 46.42
N PRO H 85 13.76 -24.12 46.80
CA PRO H 85 13.91 -22.76 47.30
C PRO H 85 13.69 -21.75 46.19
N PRO H 86 13.24 -20.54 46.52
CA PRO H 86 12.98 -19.55 45.47
C PRO H 86 14.23 -18.77 45.07
N GLN H 87 14.30 -18.48 43.77
CA GLN H 87 15.39 -17.67 43.23
C GLN H 87 15.11 -16.19 43.43
N LEU H 88 16.16 -15.39 43.28
CA LEU H 88 16.05 -13.95 43.39
C LEU H 88 15.97 -13.32 42.01
N GLY H 89 15.30 -12.16 41.94
CA GLY H 89 15.27 -11.39 40.72
C GLY H 89 16.60 -10.71 40.48
N PRO H 90 16.78 -10.16 39.29
CA PRO H 90 18.04 -9.44 39.00
C PRO H 90 18.48 -8.48 40.09
N ARG H 91 17.55 -7.80 40.76
CA ARG H 91 17.93 -6.96 41.89
C ARG H 91 16.87 -7.00 42.99
N LEU H 92 15.62 -7.30 42.63
CA LEU H 92 14.56 -7.45 43.61
C LEU H 92 14.57 -8.87 44.17
N GLY H 93 13.56 -9.22 44.97
CA GLY H 93 13.45 -10.55 45.52
C GLY H 93 13.16 -10.54 47.01
N ILE I 1 -10.66 -27.47 52.19
CA ILE I 1 -10.49 -26.37 53.12
C ILE I 1 -9.73 -25.23 52.45
N ASN I 2 -8.90 -25.58 51.47
CA ASN I 2 -8.19 -24.57 50.68
C ASN I 2 -9.22 -23.81 49.85
N LEU I 3 -9.55 -22.60 50.29
CA LEU I 3 -10.65 -21.85 49.70
C LEU I 3 -10.52 -21.69 48.19
N PRO I 4 -9.34 -21.38 47.63
CA PRO I 4 -9.23 -21.30 46.16
C PRO I 4 -9.63 -22.58 45.45
N SER I 5 -9.29 -23.73 46.02
CA SER I 5 -9.58 -25.01 45.35
C SER I 5 -11.07 -25.21 45.16
N LEU I 6 -11.87 -24.73 46.11
CA LEU I 6 -13.32 -24.87 45.98
C LEU I 6 -13.88 -23.90 44.95
N PHE I 7 -13.33 -22.68 44.91
CA PHE I 7 -14.00 -21.62 44.16
C PHE I 7 -13.58 -21.59 42.70
N VAL I 8 -12.33 -21.92 42.40
CA VAL I 8 -11.86 -21.81 41.02
C VAL I 8 -12.70 -22.71 40.13
N PRO I 9 -12.89 -24.00 40.46
CA PRO I 9 -13.85 -24.80 39.67
C PRO I 9 -15.27 -24.26 39.71
N LEU I 10 -15.68 -23.71 40.85
CA LEU I 10 -17.05 -23.21 40.99
C LEU I 10 -17.32 -22.06 40.03
N VAL I 11 -16.35 -21.15 39.88
CA VAL I 11 -16.52 -19.98 39.02
C VAL I 11 -16.08 -20.24 37.59
N GLY I 12 -15.29 -21.27 37.33
CA GLY I 12 -14.79 -21.53 35.99
C GLY I 12 -15.54 -22.63 35.27
N LEU I 13 -16.17 -23.53 36.00
CA LEU I 13 -16.92 -24.63 35.41
C LEU I 13 -18.40 -24.59 35.74
N LEU I 14 -18.77 -24.54 37.02
CA LEU I 14 -20.17 -24.56 37.40
C LEU I 14 -20.88 -23.29 36.96
N PHE I 15 -20.31 -22.13 37.30
CA PHE I 15 -20.97 -20.86 36.98
C PHE I 15 -21.16 -20.67 35.49
N PRO I 16 -20.14 -20.80 34.64
CA PRO I 16 -20.39 -20.67 33.20
C PRO I 16 -21.38 -21.69 32.68
N ALA I 17 -21.34 -22.93 33.18
CA ALA I 17 -22.28 -23.93 32.71
C ALA I 17 -23.71 -23.52 32.99
N VAL I 18 -24.00 -23.18 34.24
CA VAL I 18 -25.37 -22.81 34.62
C VAL I 18 -25.79 -21.54 33.89
N ALA I 19 -24.89 -20.56 33.80
CA ALA I 19 -25.22 -19.30 33.15
C ALA I 19 -25.51 -19.51 31.67
N MET I 20 -24.67 -20.28 30.97
CA MET I 20 -24.90 -20.52 29.55
C MET I 20 -26.18 -21.30 29.33
N ALA I 21 -26.45 -22.30 30.17
CA ALA I 21 -27.70 -23.05 30.02
C ALA I 21 -28.91 -22.13 30.20
N SER I 22 -28.89 -21.32 31.26
CA SER I 22 -30.02 -20.44 31.54
C SER I 22 -30.21 -19.41 30.44
N LEU I 23 -29.12 -18.81 29.96
CA LEU I 23 -29.23 -17.79 28.93
C LEU I 23 -29.63 -18.39 27.59
N PHE I 24 -29.16 -19.60 27.28
CA PHE I 24 -29.62 -20.27 26.08
C PHE I 24 -31.12 -20.55 26.15
N LEU I 25 -31.60 -21.00 27.30
CA LEU I 25 -33.03 -21.22 27.45
C LEU I 25 -33.81 -19.92 27.28
N HIS I 26 -33.32 -18.83 27.88
CA HIS I 26 -34.02 -17.56 27.80
C HIS I 26 -34.03 -17.00 26.38
N VAL I 27 -32.87 -16.96 25.73
CA VAL I 27 -32.78 -16.39 24.39
C VAL I 27 -33.48 -17.26 23.37
N GLU I 28 -33.46 -18.58 23.56
CA GLU I 28 -33.88 -19.53 22.52
C GLU I 28 -35.20 -20.20 22.85
N LYS I 29 -36.29 -19.45 22.82
CA LYS I 29 -37.63 -20.03 22.93
C LYS I 29 -38.67 -18.92 22.87
N ARG I 30 -39.81 -19.25 22.28
CA ARG I 30 -40.91 -18.29 22.17
C ARG I 30 -41.53 -18.03 23.53
N LEU I 31 -41.87 -16.78 23.81
CA LEU I 31 -42.53 -16.41 25.05
C LEU I 31 -44.00 -16.07 24.80
N MET J 1 4.57 9.67 -39.03
CA MET J 1 5.33 10.78 -38.38
C MET J 1 4.41 11.58 -37.47
N ARG J 2 3.33 12.10 -38.03
CA ARG J 2 2.37 12.86 -37.23
C ARG J 2 1.75 11.98 -36.14
N ASP J 3 1.33 10.77 -36.51
CA ASP J 3 0.80 9.85 -35.50
C ASP J 3 1.90 9.37 -34.57
N LEU J 4 3.13 9.23 -35.06
CA LEU J 4 4.24 8.92 -34.18
C LEU J 4 4.45 10.02 -33.15
N LYS J 5 4.38 11.28 -33.58
CA LYS J 5 4.46 12.39 -32.63
C LYS J 5 3.32 12.33 -31.63
N THR J 6 2.10 12.06 -32.11
CA THR J 6 0.94 12.03 -31.23
C THR J 6 1.11 10.96 -30.15
N TYR J 7 1.44 9.73 -30.55
CA TYR J 7 1.62 8.68 -29.58
C TYR J 7 2.82 8.95 -28.68
N LEU J 8 3.85 9.61 -29.20
CA LEU J 8 5.05 9.90 -28.43
C LEU J 8 4.82 10.97 -27.37
N SER J 9 3.68 11.64 -27.39
CA SER J 9 3.32 12.64 -26.38
C SER J 9 2.22 12.15 -25.45
N VAL J 10 1.80 10.90 -25.56
CA VAL J 10 0.76 10.38 -24.68
C VAL J 10 1.31 10.26 -23.26
N ALA J 11 0.40 10.38 -22.28
CA ALA J 11 0.74 10.50 -20.87
C ALA J 11 1.90 9.60 -20.43
N PRO J 12 1.80 8.28 -20.61
CA PRO J 12 2.88 7.39 -20.12
C PRO J 12 4.22 7.68 -20.76
N VAL J 13 4.26 7.81 -22.09
CA VAL J 13 5.52 8.02 -22.78
C VAL J 13 6.13 9.37 -22.40
N ALA J 14 5.31 10.42 -22.41
CA ALA J 14 5.81 11.73 -22.04
C ALA J 14 6.33 11.74 -20.61
N SER J 15 5.59 11.10 -19.70
CA SER J 15 6.02 11.06 -18.30
C SER J 15 7.33 10.31 -18.15
N THR J 16 7.48 9.18 -18.83
CA THR J 16 8.73 8.43 -18.70
C THR J 16 9.91 9.22 -19.25
N LEU J 17 9.72 9.90 -20.38
CA LEU J 17 10.82 10.69 -20.93
C LEU J 17 11.17 11.85 -20.00
N TRP J 18 10.14 12.53 -19.46
CA TRP J 18 10.38 13.64 -18.54
C TRP J 18 11.13 13.16 -17.30
N PHE J 19 10.74 12.03 -16.74
CA PHE J 19 11.37 11.54 -15.53
C PHE J 19 12.75 10.98 -15.79
N ALA J 20 12.98 10.39 -16.97
CA ALA J 20 14.34 9.98 -17.31
C ALA J 20 15.26 11.19 -17.42
N ALA J 21 14.79 12.26 -18.06
CA ALA J 21 15.59 13.48 -18.15
C ALA J 21 15.86 14.06 -16.77
N LEU J 22 14.83 14.12 -15.92
CA LEU J 22 15.01 14.66 -14.58
C LEU J 22 15.99 13.82 -13.77
N ALA J 23 15.87 12.49 -13.87
CA ALA J 23 16.79 11.62 -13.16
C ALA J 23 18.22 11.83 -13.62
N GLY J 24 18.42 11.91 -14.94
CA GLY J 24 19.76 12.17 -15.45
C GLY J 24 20.33 13.49 -14.95
N LEU J 25 19.50 14.53 -14.98
CA LEU J 25 19.96 15.84 -14.51
C LEU J 25 20.36 15.79 -13.04
N LEU J 26 19.51 15.19 -12.20
CA LEU J 26 19.82 15.11 -10.77
C LEU J 26 21.05 14.25 -10.53
N ILE J 27 21.19 13.16 -11.29
CA ILE J 27 22.35 12.29 -11.14
C ILE J 27 23.63 13.06 -11.45
N GLU J 28 23.62 13.82 -12.54
CA GLU J 28 24.82 14.58 -12.89
C GLU J 28 25.12 15.67 -11.86
N ILE J 29 24.08 16.35 -11.37
CA ILE J 29 24.30 17.38 -10.35
C ILE J 29 24.93 16.76 -9.11
N ASN J 30 24.40 15.61 -8.68
CA ASN J 30 24.98 14.93 -7.52
C ASN J 30 26.40 14.49 -7.80
N ARG J 31 26.68 14.01 -9.02
CA ARG J 31 28.03 13.57 -9.35
C ARG J 31 29.03 14.71 -9.25
N PHE J 32 28.66 15.89 -9.75
CA PHE J 32 29.60 17.01 -9.72
C PHE J 32 29.77 17.56 -8.32
N PHE J 33 28.68 17.61 -7.53
CA PHE J 33 28.71 18.13 -6.17
C PHE J 33 28.09 17.08 -5.25
N PRO J 34 28.78 15.98 -5.02
CA PRO J 34 28.24 14.94 -4.14
C PRO J 34 28.38 15.31 -2.67
N ASP J 35 27.63 14.58 -1.84
CA ASP J 35 27.77 14.67 -0.39
C ASP J 35 27.50 16.10 0.09
N ALA J 36 26.57 16.77 -0.57
CA ALA J 36 26.23 18.16 -0.25
C ALA J 36 25.08 18.17 0.75
N LEU J 37 25.35 18.71 1.94
CA LEU J 37 24.36 18.79 3.02
C LEU J 37 23.92 20.20 3.32
N THR J 38 24.56 21.21 2.72
CA THR J 38 24.21 22.60 2.93
C THR J 38 24.47 23.39 1.67
N PHE J 39 23.97 24.63 1.65
CA PHE J 39 24.18 25.55 0.54
C PHE J 39 25.25 26.57 0.94
N PRO J 40 26.51 26.38 0.56
CA PRO J 40 27.59 27.25 1.07
C PRO J 40 27.85 28.51 0.25
N PHE J 41 27.34 28.60 -0.97
CA PHE J 41 27.68 29.72 -1.83
C PHE J 41 27.24 31.04 -1.21
N PHE J 42 26.08 31.06 -0.58
CA PHE J 42 25.60 32.27 0.09
C PHE J 42 24.40 31.96 0.97
N PHE K 1 28.71 -59.78 -39.91
CA PHE K 1 27.60 -59.14 -39.20
C PHE K 1 26.34 -59.14 -40.04
N ILE K 2 26.36 -59.88 -41.15
CA ILE K 2 25.21 -60.05 -42.02
C ILE K 2 24.81 -61.52 -41.98
N GLY K 3 23.52 -61.78 -41.78
CA GLY K 3 23.05 -63.13 -41.53
C GLY K 3 23.21 -63.60 -40.12
N SER K 4 23.69 -62.75 -39.22
CA SER K 4 23.92 -63.11 -37.83
C SER K 4 22.60 -63.14 -37.07
N PRO K 5 22.58 -63.71 -35.86
CA PRO K 5 21.31 -63.82 -35.13
C PRO K 5 20.55 -62.52 -35.00
N THR K 6 21.23 -61.41 -34.72
CA THR K 6 20.54 -60.14 -34.58
C THR K 6 19.93 -59.70 -35.91
N ASN K 7 20.69 -59.81 -36.99
CA ASN K 7 20.18 -59.43 -38.31
C ASN K 7 18.99 -60.31 -38.69
N LEU K 8 19.11 -61.62 -38.45
CA LEU K 8 18.02 -62.53 -38.80
C LEU K 8 16.76 -62.20 -38.00
N ILE K 9 16.93 -61.93 -36.71
CA ILE K 9 15.77 -61.63 -35.86
C ILE K 9 15.10 -60.35 -36.33
N MET K 10 15.89 -59.30 -36.58
CA MET K 10 15.31 -58.04 -37.02
C MET K 10 14.63 -58.19 -38.38
N VAL K 11 15.28 -58.88 -39.32
CA VAL K 11 14.64 -59.17 -40.59
C VAL K 11 13.29 -59.82 -40.34
N THR K 12 13.29 -61.05 -39.80
CA THR K 12 12.04 -61.78 -39.65
C THR K 12 10.97 -60.92 -38.97
N SER K 13 11.35 -60.16 -37.95
CA SER K 13 10.36 -59.33 -37.26
C SER K 13 9.76 -58.30 -38.20
N THR K 14 10.60 -57.51 -38.87
CA THR K 14 10.11 -56.46 -39.75
C THR K 14 9.32 -57.04 -40.92
N SER K 15 9.83 -58.13 -41.51
CA SER K 15 9.15 -58.76 -42.63
C SER K 15 7.78 -59.28 -42.22
N LEU K 16 7.69 -59.94 -41.07
CA LEU K 16 6.42 -60.46 -40.60
C LEU K 16 5.44 -59.33 -40.32
N MET K 17 5.91 -58.27 -39.67
CA MET K 17 5.00 -57.15 -39.37
C MET K 17 4.50 -56.49 -40.65
N LEU K 18 5.40 -56.26 -41.60
CA LEU K 18 5.00 -55.63 -42.85
C LEU K 18 4.07 -56.54 -43.65
N PHE K 19 4.31 -57.86 -43.63
CA PHE K 19 3.40 -58.78 -44.28
C PHE K 19 2.02 -58.74 -43.66
N ALA K 20 1.96 -58.67 -42.33
CA ALA K 20 0.68 -58.49 -41.66
C ALA K 20 0.01 -57.20 -42.12
N GLY K 21 0.79 -56.10 -42.16
CA GLY K 21 0.21 -54.82 -42.54
C GLY K 21 -0.35 -54.82 -43.95
N ARG K 22 0.39 -55.39 -44.89
CA ARG K 22 -0.05 -55.38 -46.29
C ARG K 22 -1.37 -56.11 -46.45
N PHE K 23 -1.52 -57.27 -45.81
CA PHE K 23 -2.78 -57.98 -45.79
C PHE K 23 -3.61 -57.48 -44.60
N GLY K 24 -4.46 -58.32 -44.04
CA GLY K 24 -5.25 -57.92 -42.89
C GLY K 24 -4.38 -57.93 -41.63
N LEU K 25 -4.79 -58.69 -40.62
CA LEU K 25 -3.92 -59.02 -39.50
C LEU K 25 -3.48 -57.82 -38.66
N ALA K 26 -3.62 -56.60 -39.16
CA ALA K 26 -3.09 -55.43 -38.47
C ALA K 26 -3.84 -54.20 -38.97
N PRO K 27 -3.82 -53.10 -38.21
CA PRO K 27 -4.47 -51.87 -38.67
C PRO K 27 -3.68 -51.18 -39.78
N SER K 28 -4.14 -51.33 -41.02
CA SER K 28 -3.51 -50.68 -42.15
C SER K 28 -3.98 -49.24 -42.25
N ALA K 29 -3.39 -48.50 -43.18
CA ALA K 29 -3.80 -47.10 -43.39
C ALA K 29 -5.25 -47.03 -43.84
N ASN K 30 -5.67 -47.95 -44.70
CA ASN K 30 -7.03 -47.98 -45.20
C ASN K 30 -7.97 -48.81 -44.33
N ARG K 31 -7.47 -49.41 -43.25
CA ARG K 31 -8.27 -50.26 -42.39
C ARG K 31 -8.29 -49.67 -40.98
N LYS K 32 -9.47 -49.23 -40.55
CA LYS K 32 -9.67 -48.68 -39.22
C LYS K 32 -9.68 -49.78 -38.17
N ALA K 33 -9.37 -49.40 -36.93
CA ALA K 33 -9.45 -50.30 -35.78
C ALA K 33 -10.63 -49.89 -34.91
N THR K 34 -11.51 -50.84 -34.63
CA THR K 34 -12.66 -50.60 -33.77
C THR K 34 -12.22 -50.58 -32.31
N ALA K 35 -12.02 -51.77 -31.74
CA ALA K 35 -11.54 -51.89 -30.37
C ALA K 35 -10.44 -52.94 -30.25
N GLY K 36 -9.69 -53.18 -31.32
CA GLY K 36 -8.69 -54.22 -31.34
C GLY K 36 -9.20 -55.58 -31.75
N LEU K 37 -10.51 -55.73 -31.99
CA LEU K 37 -11.10 -57.00 -32.40
C LEU K 37 -11.46 -57.02 -33.87
N LYS K 38 -12.13 -55.98 -34.36
CA LYS K 38 -12.57 -55.91 -35.74
C LYS K 38 -11.91 -54.71 -36.42
N LEU K 39 -11.70 -54.83 -37.73
CA LEU K 39 -11.09 -53.79 -38.54
C LEU K 39 -12.08 -53.36 -39.62
N GLU K 40 -12.42 -52.07 -39.64
CA GLU K 40 -13.28 -51.51 -40.67
C GLU K 40 -12.44 -51.03 -41.85
N ALA K 41 -13.12 -50.80 -42.97
CA ALA K 41 -12.48 -50.37 -44.20
C ALA K 41 -12.77 -48.90 -44.46
N ARG K 42 -11.74 -48.15 -44.81
CA ARG K 42 -11.87 -46.73 -45.10
C ARG K 42 -10.87 -46.34 -46.18
N ASP K 43 -11.07 -45.16 -46.76
CA ASP K 43 -10.17 -44.60 -47.75
C ASP K 43 -9.49 -43.40 -47.12
N SER K 44 -8.16 -43.46 -47.00
CA SER K 44 -7.39 -42.43 -46.34
C SER K 44 -7.11 -41.22 -47.24
N GLY K 45 -7.46 -41.30 -48.52
CA GLY K 45 -7.24 -40.19 -49.44
C GLY K 45 -6.10 -40.47 -50.40
N LEU K 46 -4.91 -40.73 -49.87
CA LEU K 46 -3.77 -41.04 -50.70
C LEU K 46 -4.02 -42.34 -51.46
N GLN K 47 -3.83 -42.30 -52.77
CA GLN K 47 -4.10 -43.47 -53.60
C GLN K 47 -2.90 -44.41 -53.63
N THR K 48 -3.17 -45.67 -53.92
CA THR K 48 -2.18 -46.73 -53.87
C THR K 48 -2.05 -47.41 -55.22
N GLY K 49 -0.83 -47.90 -55.50
CA GLY K 49 -0.59 -48.70 -56.66
C GLY K 49 -0.73 -50.18 -56.36
N ASP K 50 -0.27 -50.59 -55.19
CA ASP K 50 -0.41 -51.98 -54.78
C ASP K 50 -1.90 -52.35 -54.75
N PRO K 51 -2.26 -53.54 -55.22
CA PRO K 51 -3.69 -53.89 -55.29
C PRO K 51 -4.39 -53.86 -53.95
N ALA K 52 -3.70 -54.20 -52.87
CA ALA K 52 -4.33 -54.33 -51.55
C ALA K 52 -4.45 -53.00 -50.82
N GLY K 53 -4.25 -51.87 -51.50
CA GLY K 53 -4.36 -50.58 -50.85
C GLY K 53 -3.32 -50.35 -49.78
N PHE K 54 -2.08 -50.79 -50.01
CA PHE K 54 -0.97 -50.60 -49.09
C PHE K 54 -0.28 -49.30 -49.45
N THR K 55 -0.53 -48.25 -48.66
CA THR K 55 0.02 -46.94 -48.96
C THR K 55 1.46 -46.82 -48.46
N LEU K 56 2.16 -45.80 -48.97
CA LEU K 56 3.53 -45.56 -48.53
C LEU K 56 3.60 -45.22 -47.06
N ALA K 57 2.65 -44.41 -46.57
CA ALA K 57 2.59 -44.14 -45.14
C ALA K 57 2.37 -45.42 -44.36
N ASP K 58 1.51 -46.30 -44.87
CA ASP K 58 1.25 -47.57 -44.20
C ASP K 58 2.51 -48.42 -44.12
N THR K 59 3.24 -48.54 -45.23
CA THR K 59 4.46 -49.37 -45.21
C THR K 59 5.52 -48.76 -44.31
N LEU K 60 5.64 -47.43 -44.32
CA LEU K 60 6.58 -46.78 -43.41
C LEU K 60 6.22 -47.08 -41.97
N ALA K 61 4.95 -46.94 -41.60
CA ALA K 61 4.53 -47.18 -40.23
C ALA K 61 4.76 -48.63 -39.82
N CYS K 62 4.37 -49.56 -40.69
CA CYS K 62 4.56 -50.98 -40.40
C CYS K 62 6.02 -51.33 -40.24
N GLY K 63 6.89 -50.83 -41.12
CA GLY K 63 8.31 -51.05 -40.96
C GLY K 63 8.82 -50.47 -39.65
N VAL K 64 8.41 -49.25 -39.32
CA VAL K 64 8.92 -48.60 -38.11
C VAL K 64 8.56 -49.42 -36.87
N VAL K 65 7.30 -49.83 -36.77
CA VAL K 65 6.90 -50.61 -35.60
C VAL K 65 7.56 -51.99 -35.62
N GLY K 66 7.75 -52.58 -36.80
CA GLY K 66 8.50 -53.82 -36.88
C GLY K 66 9.92 -53.67 -36.35
N HIS K 67 10.60 -52.59 -36.73
CA HIS K 67 11.93 -52.33 -36.21
C HIS K 67 11.90 -52.13 -34.70
N ILE K 68 10.89 -51.44 -34.19
CA ILE K 68 10.80 -51.25 -32.74
C ILE K 68 10.69 -52.58 -32.03
N ILE K 69 9.79 -53.46 -32.50
CA ILE K 69 9.61 -54.75 -31.83
C ILE K 69 10.86 -55.60 -31.98
N GLY K 70 11.49 -55.57 -33.16
CA GLY K 70 12.71 -56.33 -33.35
C GLY K 70 13.83 -55.85 -32.44
N VAL K 71 13.98 -54.54 -32.30
CA VAL K 71 15.01 -53.99 -31.42
C VAL K 71 14.73 -54.41 -29.98
N GLY K 72 13.48 -54.32 -29.54
CA GLY K 72 13.16 -54.75 -28.20
C GLY K 72 13.50 -56.22 -27.97
N VAL K 73 13.09 -57.09 -28.89
CA VAL K 73 13.30 -58.51 -28.73
C VAL K 73 14.79 -58.85 -28.72
N VAL K 74 15.53 -58.28 -29.68
CA VAL K 74 16.95 -58.58 -29.79
C VAL K 74 17.69 -58.07 -28.56
N LEU K 75 17.37 -56.86 -28.09
CA LEU K 75 18.06 -56.34 -26.92
C LEU K 75 17.76 -57.18 -25.69
N GLY K 76 16.50 -57.59 -25.51
CA GLY K 76 16.20 -58.45 -24.38
C GLY K 76 16.94 -59.78 -24.45
N LEU K 77 16.93 -60.41 -25.62
CA LEU K 77 17.60 -61.70 -25.78
C LEU K 77 19.09 -61.58 -25.49
N LYS K 78 19.74 -60.56 -26.06
CA LYS K 78 21.15 -60.35 -25.79
C LYS K 78 21.41 -59.97 -24.34
N ASN K 79 20.42 -59.39 -23.67
CA ASN K 79 20.58 -59.03 -22.26
C ASN K 79 20.53 -60.25 -21.36
N ILE K 80 19.71 -61.26 -21.68
CA ILE K 80 19.65 -62.48 -20.90
C ILE K 80 20.33 -63.65 -21.59
N GLY K 81 20.38 -63.68 -22.91
CA GLY K 81 21.02 -64.76 -23.64
C GLY K 81 20.34 -65.12 -24.94
N TYR L 1 -27.47 -48.25 -18.14
CA TYR L 1 -27.53 -48.39 -16.68
C TYR L 1 -26.83 -47.22 -16.00
N GLN L 2 -27.56 -46.52 -15.13
CA GLN L 2 -27.01 -45.46 -14.32
C GLN L 2 -27.29 -45.78 -12.85
N VAL L 3 -26.31 -45.44 -12.01
CA VAL L 3 -26.35 -45.81 -10.59
C VAL L 3 -27.04 -44.74 -9.75
N VAL L 4 -26.70 -43.48 -9.98
CA VAL L 4 -27.24 -42.38 -9.19
C VAL L 4 -28.58 -41.95 -9.77
N GLN L 5 -29.58 -41.81 -8.91
CA GLN L 5 -30.93 -41.44 -9.28
C GLN L 5 -31.43 -40.30 -8.39
N PRO L 6 -32.40 -39.52 -8.86
CA PRO L 6 -33.03 -38.53 -7.98
C PRO L 6 -33.83 -39.20 -6.87
N ILE L 7 -34.07 -38.45 -5.80
CA ILE L 7 -34.72 -39.01 -4.63
C ILE L 7 -36.13 -39.46 -5.01
N ASN L 8 -36.44 -40.73 -4.72
CA ASN L 8 -37.75 -41.32 -4.99
C ASN L 8 -38.27 -40.98 -6.38
N GLY L 9 -37.38 -40.68 -7.31
CA GLY L 9 -37.77 -40.27 -8.64
C GLY L 9 -38.16 -38.81 -8.75
N ASP L 10 -38.14 -38.05 -7.65
CA ASP L 10 -38.49 -36.64 -7.68
C ASP L 10 -37.21 -35.83 -7.88
N PRO L 11 -36.95 -35.30 -9.07
CA PRO L 11 -35.67 -34.64 -9.33
C PRO L 11 -35.58 -33.20 -8.87
N PHE L 12 -36.57 -32.69 -8.13
CA PHE L 12 -36.56 -31.30 -7.69
C PHE L 12 -36.50 -31.17 -6.17
N ILE L 13 -36.18 -32.25 -5.46
CA ILE L 13 -35.86 -32.20 -4.05
C ILE L 13 -34.35 -32.24 -3.90
N GLY L 14 -33.81 -31.35 -3.08
CA GLY L 14 -32.37 -31.20 -2.98
C GLY L 14 -31.67 -32.39 -2.38
N SER L 15 -31.55 -33.47 -3.15
CA SER L 15 -30.83 -34.66 -2.71
C SER L 15 -30.79 -35.63 -3.90
N LEU L 16 -30.05 -36.72 -3.73
CA LEU L 16 -29.88 -37.74 -4.75
C LEU L 16 -29.98 -39.12 -4.11
N GLU L 17 -30.12 -40.13 -4.97
CA GLU L 17 -30.08 -41.53 -4.56
C GLU L 17 -28.75 -42.11 -5.04
N THR L 18 -27.94 -42.58 -4.12
CA THR L 18 -26.62 -43.09 -4.43
C THR L 18 -26.37 -44.36 -3.61
N PRO L 19 -25.45 -45.23 -4.04
CA PRO L 19 -25.22 -46.46 -3.28
C PRO L 19 -24.88 -46.18 -1.83
N VAL L 20 -24.13 -45.11 -1.58
CA VAL L 20 -23.85 -44.71 -0.21
C VAL L 20 -25.12 -44.25 0.49
N THR L 21 -25.92 -43.43 -0.21
CA THR L 21 -27.11 -42.88 0.42
C THR L 21 -28.18 -43.95 0.61
N SER L 22 -28.43 -44.77 -0.43
CA SER L 22 -29.53 -45.72 -0.42
C SER L 22 -29.09 -47.02 -1.10
N SER L 23 -28.40 -47.87 -0.35
CA SER L 23 -28.15 -49.24 -0.77
C SER L 23 -28.84 -50.20 0.19
N PRO L 24 -29.23 -51.39 -0.28
CA PRO L 24 -30.00 -52.29 0.58
C PRO L 24 -29.39 -52.49 1.97
N LEU L 25 -28.12 -52.90 2.01
CA LEU L 25 -27.49 -53.16 3.30
C LEU L 25 -27.36 -51.89 4.13
N VAL L 26 -26.97 -50.78 3.50
CA VAL L 26 -26.85 -49.52 4.24
C VAL L 26 -28.21 -49.08 4.76
N ALA L 27 -29.26 -49.17 3.94
CA ALA L 27 -30.58 -48.78 4.39
C ALA L 27 -31.04 -49.64 5.57
N TRP L 28 -30.82 -50.96 5.48
CA TRP L 28 -31.20 -51.83 6.58
C TRP L 28 -30.45 -51.48 7.85
N TYR L 29 -29.13 -51.28 7.73
CA TYR L 29 -28.32 -50.98 8.90
C TYR L 29 -28.76 -49.68 9.55
N LEU L 30 -29.01 -48.64 8.74
CA LEU L 30 -29.42 -47.36 9.30
C LEU L 30 -30.81 -47.47 9.95
N SER L 31 -31.73 -48.19 9.31
CA SER L 31 -33.06 -48.34 9.88
C SER L 31 -33.04 -49.14 11.17
N ASN L 32 -32.05 -50.01 11.35
CA ASN L 32 -31.95 -50.83 12.54
C ASN L 32 -31.16 -50.18 13.67
N LEU L 33 -30.91 -48.85 13.59
CA LEU L 33 -30.24 -48.17 14.68
C LEU L 33 -31.25 -47.55 15.63
N PRO L 34 -30.89 -47.38 16.91
CA PRO L 34 -31.88 -46.86 17.87
C PRO L 34 -32.47 -45.53 17.50
N GLY L 35 -31.70 -44.65 16.87
CA GLY L 35 -32.24 -43.34 16.51
C GLY L 35 -33.40 -43.44 15.56
N TYR L 36 -33.45 -44.50 14.76
CA TYR L 36 -34.47 -44.66 13.73
C TYR L 36 -35.50 -45.74 14.06
N ARG L 37 -35.52 -46.24 15.29
CA ARG L 37 -36.54 -47.20 15.72
C ARG L 37 -37.75 -46.39 16.16
N THR L 38 -38.52 -45.93 15.17
CA THR L 38 -39.59 -44.96 15.44
C THR L 38 -40.67 -45.55 16.35
N ALA L 39 -41.04 -46.81 16.13
CA ALA L 39 -42.16 -47.43 16.82
C ALA L 39 -41.76 -48.05 18.17
N VAL L 40 -40.64 -47.63 18.74
CA VAL L 40 -40.14 -48.18 20.00
C VAL L 40 -40.16 -47.07 21.05
N ASN L 41 -40.34 -47.46 22.30
CA ASN L 41 -40.36 -46.50 23.39
C ASN L 41 -39.06 -45.71 23.40
N PRO L 42 -39.11 -44.38 23.42
CA PRO L 42 -37.86 -43.60 23.37
C PRO L 42 -36.90 -43.91 24.51
N LEU L 43 -37.41 -44.34 25.66
CA LEU L 43 -36.53 -44.61 26.80
C LEU L 43 -35.54 -45.73 26.47
N LEU L 44 -36.01 -46.79 25.83
CA LEU L 44 -35.12 -47.92 25.54
C LEU L 44 -34.09 -47.57 24.49
N ARG L 45 -34.49 -46.82 23.46
CA ARG L 45 -33.54 -46.34 22.46
C ARG L 45 -32.49 -45.45 23.13
N GLY L 46 -32.92 -44.56 24.02
CA GLY L 46 -31.97 -43.76 24.76
C GLY L 46 -31.03 -44.60 25.60
N ILE L 47 -31.55 -45.68 26.20
CA ILE L 47 -30.72 -46.57 27.00
C ILE L 47 -29.61 -47.16 26.13
N GLU L 48 -30.00 -47.66 24.95
CA GLU L 48 -29.01 -48.26 24.06
C GLU L 48 -27.95 -47.24 23.64
N VAL L 49 -28.40 -46.05 23.22
CA VAL L 49 -27.48 -45.02 22.77
C VAL L 49 -26.53 -44.63 23.89
N GLY L 50 -27.07 -44.43 25.09
CA GLY L 50 -26.24 -44.06 26.22
C GLY L 50 -25.23 -45.12 26.58
N LEU L 51 -25.65 -46.39 26.60
CA LEU L 51 -24.70 -47.46 26.88
C LEU L 51 -23.54 -47.42 25.89
N ALA L 52 -23.87 -47.38 24.59
CA ALA L 52 -22.82 -47.38 23.58
C ALA L 52 -21.87 -46.20 23.77
N HIS L 53 -22.43 -45.00 23.97
CA HIS L 53 -21.59 -43.81 24.03
C HIS L 53 -20.76 -43.76 25.29
N GLY L 54 -21.34 -44.10 26.44
CA GLY L 54 -20.58 -44.08 27.67
C GLY L 54 -19.45 -45.09 27.66
N PHE L 55 -19.72 -46.30 27.14
CA PHE L 55 -18.65 -47.27 26.99
C PHE L 55 -17.58 -46.76 26.03
N LEU L 56 -18.00 -46.08 24.97
CA LEU L 56 -17.07 -45.53 23.99
C LEU L 56 -16.12 -44.53 24.64
N LEU L 57 -16.67 -43.59 25.44
CA LEU L 57 -15.90 -42.44 25.87
C LEU L 57 -14.76 -42.79 26.82
N VAL L 58 -14.81 -43.95 27.48
CA VAL L 58 -13.84 -44.25 28.52
C VAL L 58 -12.44 -44.35 27.95
N GLY L 59 -12.29 -45.02 26.81
CA GLY L 59 -10.99 -45.30 26.24
C GLY L 59 -10.09 -44.08 26.09
N PRO L 60 -10.52 -43.13 25.25
CA PRO L 60 -9.65 -41.96 25.00
C PRO L 60 -9.28 -41.19 26.25
N PHE L 61 -10.23 -41.02 27.17
CA PHE L 61 -9.92 -40.29 28.39
C PHE L 61 -8.86 -41.01 29.21
N VAL L 62 -8.98 -42.33 29.31
CA VAL L 62 -8.07 -43.10 30.15
C VAL L 62 -6.67 -43.11 29.54
N LYS L 63 -6.58 -43.44 28.25
CA LYS L 63 -5.26 -43.68 27.65
C LYS L 63 -4.52 -42.37 27.42
N ALA L 64 -5.20 -41.35 26.92
CA ALA L 64 -4.55 -40.12 26.51
C ALA L 64 -4.60 -39.02 27.57
N GLY L 65 -5.21 -39.27 28.72
CA GLY L 65 -5.39 -38.26 29.74
C GLY L 65 -4.08 -37.86 30.39
N PRO L 66 -4.11 -36.77 31.17
CA PRO L 66 -2.89 -36.29 31.83
C PRO L 66 -2.33 -37.26 32.86
N LEU L 67 -3.14 -38.17 33.39
CA LEU L 67 -2.69 -39.12 34.40
C LEU L 67 -2.60 -40.54 33.84
N ARG L 68 -2.36 -40.67 32.54
CA ARG L 68 -2.25 -41.99 31.93
C ARG L 68 -1.09 -42.78 32.51
N ASN L 69 0.06 -42.13 32.69
CA ASN L 69 1.22 -42.82 33.24
C ASN L 69 1.02 -43.18 34.71
N THR L 70 0.31 -42.34 35.45
CA THR L 70 0.10 -42.59 36.86
C THR L 70 -0.73 -43.85 37.08
N GLU L 71 -0.58 -44.44 38.27
CA GLU L 71 -1.32 -45.66 38.59
C GLU L 71 -2.82 -45.45 38.58
N ILE L 72 -3.29 -44.21 38.76
CA ILE L 72 -4.71 -43.94 38.88
C ILE L 72 -5.29 -43.57 37.52
N ALA L 73 -4.68 -44.10 36.45
CA ALA L 73 -5.11 -43.76 35.10
C ALA L 73 -6.55 -44.18 34.87
N GLY L 74 -6.89 -45.41 35.26
CA GLY L 74 -8.25 -45.89 35.05
C GLY L 74 -9.27 -45.08 35.80
N GLN L 75 -9.01 -44.79 37.07
CA GLN L 75 -9.95 -44.02 37.87
C GLN L 75 -10.15 -42.63 37.28
N ALA L 76 -9.05 -41.95 36.95
CA ALA L 76 -9.16 -40.59 36.42
C ALA L 76 -9.90 -40.57 35.09
N GLY L 77 -9.55 -41.49 34.18
CA GLY L 77 -10.20 -41.51 32.88
C GLY L 77 -11.68 -41.86 32.99
N SER L 78 -12.03 -42.80 33.86
CA SER L 78 -13.43 -43.14 34.04
C SER L 78 -14.21 -41.98 34.62
N LEU L 79 -13.63 -41.26 35.58
CA LEU L 79 -14.31 -40.09 36.13
C LEU L 79 -14.51 -39.03 35.05
N ALA L 80 -13.50 -38.82 34.20
CA ALA L 80 -13.64 -37.84 33.13
C ALA L 80 -14.73 -38.25 32.15
N ALA L 81 -14.80 -39.55 31.81
CA ALA L 81 -15.85 -40.02 30.91
C ALA L 81 -17.22 -39.81 31.53
N GLY L 82 -17.35 -40.12 32.83
CA GLY L 82 -18.62 -39.88 33.50
C GLY L 82 -19.00 -38.41 33.49
N GLY L 83 -18.03 -37.53 33.73
CA GLY L 83 -18.31 -36.10 33.69
C GLY L 83 -18.76 -35.64 32.31
N LEU L 84 -18.12 -36.15 31.26
CA LEU L 84 -18.54 -35.80 29.91
C LEU L 84 -19.94 -36.30 29.63
N VAL L 85 -20.27 -37.50 30.12
CA VAL L 85 -21.63 -38.01 29.96
C VAL L 85 -22.63 -37.10 30.68
N VAL L 86 -22.26 -36.62 31.86
CA VAL L 86 -23.14 -35.71 32.59
C VAL L 86 -23.36 -34.43 31.80
N ILE L 87 -22.29 -33.88 31.21
CA ILE L 87 -22.42 -32.65 30.43
C ILE L 87 -23.28 -32.89 29.19
N LEU L 88 -23.13 -34.05 28.56
CA LEU L 88 -23.96 -34.37 27.41
C LEU L 88 -25.42 -34.50 27.81
N SER L 89 -25.68 -35.05 29.01
CA SER L 89 -27.04 -35.09 29.51
C SER L 89 -27.61 -33.69 29.72
N ILE L 90 -26.78 -32.78 30.25
CA ILE L 90 -27.21 -31.39 30.39
C ILE L 90 -27.58 -30.81 29.03
N CYS L 91 -26.72 -31.04 28.04
CA CYS L 91 -26.97 -30.52 26.70
C CYS L 91 -28.27 -31.08 26.13
N LEU L 92 -28.49 -32.38 26.28
CA LEU L 92 -29.71 -33.00 25.79
C LEU L 92 -30.94 -32.40 26.47
N THR L 93 -30.87 -32.23 27.79
CA THR L 93 -32.02 -31.71 28.52
C THR L 93 -32.35 -30.29 28.06
N ILE L 94 -31.34 -29.43 27.93
CA ILE L 94 -31.61 -28.06 27.52
C ILE L 94 -32.11 -28.02 26.09
N TYR L 95 -31.55 -28.86 25.20
CA TYR L 95 -32.04 -28.90 23.82
C TYR L 95 -33.50 -29.31 23.78
N GLY L 96 -33.87 -30.34 24.54
CA GLY L 96 -35.26 -30.77 24.56
C GLY L 96 -36.17 -29.71 25.12
N ILE L 97 -35.76 -29.05 26.20
CA ILE L 97 -36.60 -28.00 26.79
C ILE L 97 -36.79 -26.86 25.81
N SER L 98 -35.74 -26.48 25.08
CA SER L 98 -35.82 -25.33 24.20
C SER L 98 -36.60 -25.65 22.93
N SER L 99 -36.46 -26.87 22.41
CA SER L 99 -36.96 -27.21 21.08
C SER L 99 -38.33 -27.87 21.08
N PHE L 100 -38.90 -28.18 22.25
CA PHE L 100 -40.16 -28.91 22.32
C PHE L 100 -41.06 -28.30 23.38
N ASN L 101 -42.36 -28.51 23.20
CA ASN L 101 -43.37 -28.07 24.14
C ASN L 101 -44.31 -29.24 24.42
N GLU L 102 -44.89 -29.23 25.63
CA GLU L 102 -45.74 -30.35 26.04
C GLU L 102 -46.97 -30.46 25.15
N GLY L 103 -47.58 -29.34 24.79
CA GLY L 103 -48.85 -29.35 24.09
C GLY L 103 -48.76 -29.53 22.58
N ASP L 104 -47.56 -29.72 22.03
CA ASP L 104 -47.43 -29.83 20.58
C ASP L 104 -47.18 -31.28 20.17
N PRO L 105 -47.63 -31.68 18.98
CA PRO L 105 -47.37 -33.04 18.50
C PRO L 105 -45.92 -33.20 18.07
N SER L 106 -45.62 -34.39 17.53
CA SER L 106 -44.28 -34.68 17.04
C SER L 106 -44.01 -33.92 15.75
N THR L 107 -42.80 -33.35 15.65
CA THR L 107 -42.38 -32.67 14.43
C THR L 107 -41.78 -33.63 13.40
N ALA L 108 -41.70 -34.92 13.71
CA ALA L 108 -41.14 -35.88 12.79
C ALA L 108 -42.04 -36.02 11.56
N PRO L 109 -41.47 -36.38 10.42
CA PRO L 109 -42.30 -36.62 9.23
C PRO L 109 -43.30 -37.74 9.46
N SER L 110 -44.50 -37.56 8.90
CA SER L 110 -45.56 -38.54 9.03
C SER L 110 -45.65 -39.51 7.87
N LEU L 111 -44.89 -39.28 6.79
CA LEU L 111 -44.95 -40.10 5.60
C LEU L 111 -43.69 -40.95 5.48
N THR L 112 -43.82 -42.09 4.82
CA THR L 112 -42.71 -42.98 4.55
C THR L 112 -42.28 -42.84 3.10
N LEU L 113 -41.42 -43.76 2.64
CA LEU L 113 -40.85 -43.66 1.31
C LEU L 113 -41.79 -44.09 0.20
N THR L 114 -42.89 -44.76 0.54
CA THR L 114 -43.90 -45.14 -0.44
C THR L 114 -45.12 -44.25 -0.43
N GLY L 115 -45.18 -43.27 0.47
CA GLY L 115 -46.29 -42.34 0.51
C GLY L 115 -47.46 -42.74 1.38
N ARG L 116 -47.29 -43.74 2.25
CA ARG L 116 -48.35 -44.19 3.13
C ARG L 116 -48.19 -43.57 4.51
N LYS L 117 -49.31 -43.40 5.20
CA LYS L 117 -49.31 -42.76 6.51
C LYS L 117 -48.60 -43.64 7.54
N LYS L 118 -48.08 -42.99 8.58
CA LYS L 118 -47.50 -43.68 9.72
C LYS L 118 -47.45 -42.72 10.89
N GLN L 119 -47.58 -43.27 12.09
CA GLN L 119 -47.55 -42.44 13.29
C GLN L 119 -46.21 -41.72 13.38
N PRO L 120 -46.19 -40.39 13.43
CA PRO L 120 -44.90 -39.68 13.54
C PRO L 120 -44.14 -40.14 14.78
N ASP L 121 -42.82 -40.22 14.65
CA ASP L 121 -41.98 -40.71 15.72
C ASP L 121 -42.16 -39.84 16.96
N GLN L 122 -42.49 -40.48 18.08
CA GLN L 122 -42.75 -39.76 19.33
C GLN L 122 -41.48 -39.22 19.97
N LEU L 123 -40.31 -39.59 19.46
CA LEU L 123 -39.07 -39.07 20.04
C LEU L 123 -39.00 -37.56 19.94
N GLN L 124 -39.62 -36.98 18.91
CA GLN L 124 -39.57 -35.54 18.68
C GLN L 124 -40.64 -34.77 19.45
N THR L 125 -41.24 -35.39 20.46
CA THR L 125 -42.16 -34.70 21.34
C THR L 125 -41.41 -34.19 22.56
N ALA L 126 -42.12 -33.55 23.49
CA ALA L 126 -41.48 -33.04 24.69
C ALA L 126 -41.19 -34.17 25.68
N ASP L 127 -42.23 -34.90 26.10
CA ASP L 127 -42.03 -36.01 27.02
C ASP L 127 -41.29 -37.17 26.36
N GLY L 128 -41.48 -37.40 25.06
CA GLY L 128 -40.70 -38.43 24.39
C GLY L 128 -39.21 -38.13 24.44
N TRP L 129 -38.85 -36.88 24.14
CA TRP L 129 -37.44 -36.50 24.22
C TRP L 129 -36.94 -36.52 25.66
N ALA L 130 -37.78 -36.15 26.63
CA ALA L 130 -37.37 -36.22 28.03
C ALA L 130 -37.05 -37.66 28.42
N LYS L 131 -37.91 -38.61 28.02
CA LYS L 131 -37.64 -40.01 28.29
C LYS L 131 -36.37 -40.48 27.60
N PHE L 132 -36.19 -40.07 26.34
CA PHE L 132 -34.99 -40.48 25.61
C PHE L 132 -33.73 -39.97 26.29
N THR L 133 -33.73 -38.71 26.73
CA THR L 133 -32.54 -38.15 27.36
C THR L 133 -32.28 -38.75 28.73
N GLY L 134 -33.33 -39.03 29.51
CA GLY L 134 -33.13 -39.72 30.76
C GLY L 134 -32.53 -41.10 30.54
N GLY L 135 -33.07 -41.83 29.57
CA GLY L 135 -32.50 -43.13 29.24
C GLY L 135 -31.05 -43.02 28.79
N PHE L 136 -30.74 -41.98 28.02
CA PHE L 136 -29.36 -41.80 27.57
C PHE L 136 -28.44 -41.54 28.75
N PHE L 137 -28.87 -40.70 29.69
CA PHE L 137 -28.03 -40.43 30.86
C PHE L 137 -27.78 -41.70 31.66
N PHE L 138 -28.84 -42.46 31.93
CA PHE L 138 -28.70 -43.70 32.67
C PHE L 138 -27.77 -44.66 31.95
N GLY L 139 -27.98 -44.85 30.64
CA GLY L 139 -27.16 -45.76 29.89
C GLY L 139 -25.72 -45.31 29.79
N GLY L 140 -25.49 -44.00 29.70
CA GLY L 140 -24.13 -43.51 29.63
C GLY L 140 -23.37 -43.73 30.93
N ILE L 141 -24.02 -43.44 32.06
CA ILE L 141 -23.37 -43.72 33.33
C ILE L 141 -23.09 -45.21 33.47
N SER L 142 -24.05 -46.05 33.09
CA SER L 142 -23.84 -47.48 33.17
C SER L 142 -22.71 -47.94 32.27
N GLY L 143 -22.62 -47.38 31.06
CA GLY L 143 -21.57 -47.77 30.14
C GLY L 143 -20.20 -47.37 30.64
N VAL L 144 -20.09 -46.16 31.19
CA VAL L 144 -18.82 -45.73 31.77
C VAL L 144 -18.43 -46.65 32.91
N THR L 145 -19.39 -46.98 33.79
CA THR L 145 -19.11 -47.86 34.91
C THR L 145 -18.67 -49.24 34.43
N TRP L 146 -19.32 -49.75 33.38
CA TRP L 146 -18.98 -51.07 32.87
C TRP L 146 -17.58 -51.08 32.27
N ALA L 147 -17.27 -50.09 31.43
CA ALA L 147 -15.95 -50.03 30.82
C ALA L 147 -14.88 -49.90 31.89
N PHE L 148 -15.13 -49.10 32.92
CA PHE L 148 -14.17 -48.98 34.01
C PHE L 148 -14.03 -50.29 34.77
N PHE L 149 -15.13 -51.00 35.02
CA PHE L 149 -15.08 -52.26 35.74
C PHE L 149 -14.36 -53.32 34.91
N LEU L 150 -14.62 -53.33 33.60
CA LEU L 150 -14.05 -54.35 32.73
C LEU L 150 -12.53 -54.29 32.76
N LEU L 151 -11.97 -53.09 32.73
CA LEU L 151 -10.55 -52.91 32.92
C LEU L 151 -10.23 -52.59 34.38
N TYR L 152 -8.95 -52.64 34.72
CA TYR L 152 -8.47 -52.14 36.00
C TYR L 152 -9.10 -52.90 37.16
N VAL L 153 -10.42 -52.80 37.33
CA VAL L 153 -11.08 -53.60 38.36
C VAL L 153 -10.87 -55.09 38.09
N LEU L 154 -10.96 -55.48 36.82
CA LEU L 154 -10.57 -56.81 36.37
C LEU L 154 -9.42 -56.69 35.37
N ASP L 155 -8.43 -57.57 35.52
CA ASP L 155 -7.27 -57.51 34.64
C ASP L 155 -7.68 -57.63 33.18
N LEU L 156 -8.07 -58.84 32.77
CA LEU L 156 -8.52 -59.10 31.41
C LEU L 156 -7.50 -58.58 30.39
N PRO L 157 -6.52 -59.41 30.01
CA PRO L 157 -5.49 -58.93 29.07
C PRO L 157 -6.05 -58.48 27.73
N TYR L 158 -5.76 -57.24 27.35
CA TYR L 158 -6.18 -56.66 26.08
C TYR L 158 -4.95 -56.13 25.33
N PHE L 159 -5.20 -55.36 24.29
CA PHE L 159 -4.12 -54.80 23.47
C PHE L 159 -3.28 -55.92 22.87
N ASP M 1 -7.63 65.50 6.22
CA ASP M 1 -7.43 64.12 5.80
C ASP M 1 -6.08 63.59 6.30
N TRP M 2 -6.10 62.39 6.86
CA TRP M 2 -4.89 61.79 7.42
C TRP M 2 -3.91 61.32 6.36
N MET M 3 -4.32 61.27 5.11
CA MET M 3 -3.45 60.78 4.05
C MET M 3 -3.87 61.39 2.72
N PRO M 4 -3.31 62.53 2.32
CA PRO M 4 -3.70 63.15 1.05
C PRO M 4 -3.70 62.17 -0.12
N GLY M 5 -4.87 61.99 -0.75
CA GLY M 5 -5.01 61.10 -1.88
C GLY M 5 -5.67 59.77 -1.55
N GLN M 6 -5.93 59.45 -0.28
CA GLN M 6 -6.59 58.20 0.06
C GLN M 6 -8.07 58.45 0.30
N PRO M 7 -8.98 57.73 -0.35
CA PRO M 7 -10.41 57.99 -0.14
C PRO M 7 -10.81 57.75 1.31
N ARG M 8 -11.75 58.53 1.77
CA ARG M 8 -12.17 58.60 3.16
C ARG M 8 -13.26 57.56 3.44
N PRO M 9 -13.28 56.98 4.64
CA PRO M 9 -14.36 56.04 4.98
C PRO M 9 -15.72 56.72 4.94
N SER M 10 -16.74 55.94 4.55
CA SER M 10 -18.07 56.51 4.39
C SER M 10 -18.65 57.00 5.71
N TYR M 11 -18.47 56.22 6.78
CA TYR M 11 -19.07 56.55 8.07
C TYR M 11 -18.30 57.63 8.83
N LEU M 12 -17.12 58.02 8.35
CA LEU M 12 -16.35 59.13 8.92
C LEU M 12 -16.43 60.27 7.91
N ASP M 13 -17.28 61.26 8.21
CA ASP M 13 -17.47 62.37 7.27
C ASP M 13 -16.45 63.49 7.52
N GLY M 14 -16.19 63.79 8.78
CA GLY M 14 -15.31 64.88 9.13
C GLY M 14 -15.94 65.87 10.09
N SER M 15 -17.18 65.60 10.49
CA SER M 15 -17.91 66.49 11.40
C SER M 15 -17.54 66.26 12.86
N ALA M 16 -17.19 65.03 13.23
CA ALA M 16 -16.83 64.75 14.60
C ALA M 16 -15.52 65.47 14.95
N PRO M 17 -15.35 65.91 16.20
CA PRO M 17 -14.10 66.61 16.56
C PRO M 17 -12.89 65.69 16.45
N GLY M 18 -11.93 66.06 15.61
CA GLY M 18 -10.74 65.26 15.40
C GLY M 18 -10.86 64.22 14.31
N ASP M 19 -11.96 64.19 13.57
CA ASP M 19 -12.11 63.21 12.50
C ASP M 19 -11.22 63.58 11.32
N PHE M 20 -10.23 62.73 11.03
CA PHE M 20 -9.38 62.89 9.86
C PHE M 20 -9.44 61.69 8.93
N GLY M 21 -10.47 60.85 9.06
CA GLY M 21 -10.64 59.73 8.17
C GLY M 21 -9.66 58.59 8.37
N PHE M 22 -9.01 58.51 9.53
CA PHE M 22 -8.06 57.44 9.81
C PHE M 22 -8.80 56.28 10.44
N ASP M 23 -8.88 55.17 9.72
CA ASP M 23 -9.48 53.94 10.23
C ASP M 23 -9.14 52.80 9.28
N PRO M 24 -7.86 52.50 9.07
CA PRO M 24 -7.50 51.47 8.10
C PRO M 24 -8.13 50.12 8.39
N LEU M 25 -8.23 49.75 9.66
CA LEU M 25 -8.78 48.46 10.06
C LEU M 25 -10.31 48.47 10.10
N ARG M 26 -10.93 49.63 9.91
CA ARG M 26 -12.39 49.74 9.83
C ARG M 26 -13.06 49.20 11.08
N LEU M 27 -12.52 49.57 12.24
CA LEU M 27 -13.09 49.17 13.52
C LEU M 27 -14.38 49.90 13.84
N GLY M 28 -14.54 51.14 13.37
CA GLY M 28 -15.73 51.91 13.67
C GLY M 28 -16.82 51.73 12.64
N GLU M 29 -16.84 50.58 11.99
CA GLU M 29 -17.84 50.33 10.95
C GLU M 29 -19.25 50.40 11.51
N VAL M 30 -19.48 49.80 12.67
CA VAL M 30 -20.80 49.76 13.30
C VAL M 30 -20.95 51.01 14.17
N PRO M 31 -21.98 51.83 13.94
CA PRO M 31 -22.06 53.11 14.67
C PRO M 31 -22.08 52.97 16.19
N GLU M 32 -22.78 51.98 16.72
CA GLU M 32 -22.83 51.81 18.17
C GLU M 32 -21.48 51.40 18.73
N ASN M 33 -20.63 50.76 17.93
CA ASN M 33 -19.25 50.57 18.32
C ASN M 33 -18.45 51.87 18.22
N LEU M 34 -18.75 52.69 17.22
CA LEU M 34 -18.01 53.94 17.03
C LEU M 34 -18.24 54.90 18.19
N GLU M 35 -19.47 54.95 18.72
CA GLU M 35 -19.73 55.84 19.85
C GLU M 35 -18.91 55.44 21.07
N ARG M 36 -18.92 54.14 21.39
CA ARG M 36 -18.11 53.65 22.50
C ARG M 36 -16.63 53.90 22.25
N PHE M 37 -16.18 53.73 21.01
CA PHE M 37 -14.80 54.01 20.68
C PHE M 37 -14.46 55.47 20.93
N LYS M 38 -15.37 56.38 20.56
CA LYS M 38 -15.10 57.80 20.78
C LYS M 38 -14.97 58.11 22.26
N GLU M 39 -15.89 57.57 23.07
CA GLU M 39 -15.80 57.80 24.51
C GLU M 39 -14.50 57.23 25.07
N SER M 40 -14.15 56.01 24.64
CA SER M 40 -12.92 55.38 25.13
C SER M 40 -11.70 56.18 24.72
N GLU M 41 -11.69 56.70 23.49
CA GLU M 41 -10.57 57.51 23.03
C GLU M 41 -10.43 58.76 23.87
N LEU M 42 -11.54 59.43 24.17
CA LEU M 42 -11.45 60.64 24.98
C LEU M 42 -10.95 60.32 26.39
N ILE M 43 -11.41 59.20 26.95
CA ILE M 43 -10.95 58.82 28.29
C ILE M 43 -9.44 58.56 28.28
N HIS M 44 -8.98 57.78 27.30
CA HIS M 44 -7.55 57.49 27.19
C HIS M 44 -6.74 58.76 27.00
N CYS M 45 -7.22 59.64 26.11
CA CYS M 45 -6.51 60.89 25.84
C CYS M 45 -6.40 61.73 27.10
N ARG M 46 -7.50 61.85 27.84
CA ARG M 46 -7.49 62.65 29.05
C ARG M 46 -6.55 62.06 30.09
N TRP M 47 -6.56 60.74 30.27
CA TRP M 47 -5.64 60.12 31.21
C TRP M 47 -4.19 60.37 30.82
N ALA M 48 -3.86 60.19 29.55
CA ALA M 48 -2.47 60.39 29.12
C ALA M 48 -2.06 61.84 29.26
N MET M 49 -2.97 62.78 28.95
CA MET M 49 -2.63 64.19 29.06
C MET M 49 -2.42 64.60 30.51
N LEU M 50 -3.23 64.07 31.42
CA LEU M 50 -3.04 64.34 32.84
C LEU M 50 -1.84 63.58 33.42
N ALA M 51 -1.36 62.56 32.74
CA ALA M 51 -0.23 61.76 33.23
C ALA M 51 1.13 62.24 32.76
N VAL M 52 1.29 62.54 31.48
CA VAL M 52 2.61 62.80 30.91
C VAL M 52 3.28 63.95 31.65
N PRO M 53 2.58 65.05 31.94
CA PRO M 53 3.18 66.08 32.80
C PRO M 53 3.56 65.51 34.16
N GLY M 54 2.80 64.52 34.63
CA GLY M 54 3.11 63.86 35.88
C GLY M 54 4.35 62.98 35.78
N ILE M 55 4.60 62.43 34.60
CA ILE M 55 5.83 61.68 34.38
C ILE M 55 7.02 62.62 34.28
N LEU M 56 6.83 63.80 33.69
CA LEU M 56 7.94 64.69 33.39
C LEU M 56 8.24 65.67 34.52
N VAL M 57 7.21 66.31 35.08
CA VAL M 57 7.43 67.37 36.06
C VAL M 57 8.25 66.89 37.26
N PRO M 58 7.88 65.81 37.95
CA PRO M 58 8.71 65.36 39.08
C PRO M 58 10.12 64.99 38.65
N GLU M 59 10.27 64.43 37.46
CA GLU M 59 11.61 64.10 36.96
C GLU M 59 12.44 65.36 36.75
N ALA M 60 11.83 66.42 36.23
CA ALA M 60 12.55 67.67 36.06
C ALA M 60 13.09 68.19 37.40
N LEU M 61 12.34 67.99 38.48
CA LEU M 61 12.80 68.35 39.80
C LEU M 61 13.78 67.31 40.32
N GLY M 62 14.12 67.41 41.60
CA GLY M 62 15.16 66.57 42.16
C GLY M 62 14.71 65.19 42.59
N LEU M 63 13.66 64.67 41.96
CA LEU M 63 13.15 63.34 42.26
C LEU M 63 13.59 62.37 41.17
N GLY M 64 13.25 61.09 41.34
CA GLY M 64 13.62 60.07 40.39
C GLY M 64 12.71 60.05 39.18
N ASN M 65 13.00 59.13 38.27
CA ASN M 65 12.18 58.99 37.08
C ASN M 65 10.88 58.26 37.41
N TRP M 66 10.00 58.17 36.40
CA TRP M 66 8.68 57.61 36.64
C TRP M 66 8.72 56.15 37.06
N VAL M 67 9.80 55.43 36.77
CA VAL M 67 9.90 54.03 37.17
C VAL M 67 10.58 53.88 38.52
N LYS M 68 11.51 54.77 38.86
CA LYS M 68 12.13 54.72 40.18
C LYS M 68 11.18 55.20 41.27
N ALA M 69 10.28 56.13 40.94
CA ALA M 69 9.33 56.65 41.92
C ALA M 69 8.30 55.62 42.35
N GLN M 70 8.19 54.50 41.64
CA GLN M 70 7.23 53.46 41.98
C GLN M 70 7.95 52.13 42.19
N GLU M 71 9.17 52.19 42.74
CA GLU M 71 9.93 51.00 43.08
C GLU M 71 9.99 50.77 44.58
N TRP M 72 9.75 51.79 45.40
CA TRP M 72 9.74 51.63 46.84
C TRP M 72 8.70 50.62 47.31
N ALA M 73 7.67 50.37 46.51
CA ALA M 73 6.60 49.44 46.88
C ALA M 73 7.03 47.98 46.82
N ALA M 74 8.18 47.68 46.21
CA ALA M 74 8.65 46.31 46.08
C ALA M 74 9.53 45.87 47.25
N LEU M 75 9.64 46.69 48.30
CA LEU M 75 10.47 46.37 49.45
C LEU M 75 9.60 46.02 50.65
N PRO M 76 10.09 45.17 51.57
CA PRO M 76 9.29 44.81 52.75
C PRO M 76 8.91 46.01 53.60
N GLY M 77 9.72 47.06 53.55
CA GLY M 77 9.45 48.26 54.32
C GLY M 77 9.13 49.44 53.43
N GLY M 78 8.39 49.20 52.35
CA GLY M 78 8.08 50.25 51.40
C GLY M 78 7.35 51.40 52.07
N GLN M 79 7.84 52.62 51.82
CA GLN M 79 7.19 53.82 52.33
C GLN M 79 7.41 54.94 51.32
N ALA M 80 6.34 55.64 50.97
CA ALA M 80 6.37 56.59 49.87
C ALA M 80 7.05 57.89 50.31
N THR M 81 7.31 58.76 49.32
CA THR M 81 7.94 60.05 49.56
C THR M 81 7.39 61.04 48.55
N TYR M 82 6.79 62.12 49.04
CA TYR M 82 6.23 63.17 48.19
C TYR M 82 7.00 64.46 48.43
N LEU M 83 7.55 65.03 47.36
CA LEU M 83 8.29 66.29 47.45
C LEU M 83 9.36 66.24 48.53
N GLY M 84 10.02 65.08 48.65
CA GLY M 84 11.13 64.93 49.56
C GLY M 84 10.75 64.68 51.00
N ASN M 85 9.47 64.52 51.32
CA ASN M 85 9.10 64.17 52.69
C ASN M 85 8.33 62.86 52.72
N PRO M 86 8.63 61.97 53.67
CA PRO M 86 7.86 60.73 53.77
C PRO M 86 6.41 60.94 54.20
N VAL M 87 5.47 60.49 53.38
CA VAL M 87 4.04 60.57 53.73
C VAL M 87 3.73 59.54 54.82
N PRO M 88 2.77 59.80 55.71
CA PRO M 88 2.48 58.83 56.77
C PRO M 88 1.86 57.54 56.24
N TRP M 89 0.74 57.66 55.53
CA TRP M 89 -0.01 56.50 55.06
C TRP M 89 0.57 55.96 53.76
N GLY M 90 1.88 55.72 53.73
CA GLY M 90 2.54 55.33 52.50
C GLY M 90 2.66 53.83 52.29
N THR M 91 2.33 53.04 53.31
CA THR M 91 2.48 51.60 53.22
C THR M 91 1.51 51.04 52.18
N LEU M 92 1.95 49.98 51.51
CA LEU M 92 1.31 49.55 50.27
C LEU M 92 -0.15 49.16 50.42
N PRO M 93 -0.54 48.29 51.37
CA PRO M 93 -1.95 47.88 51.41
C PRO M 93 -2.91 49.05 51.55
N THR M 94 -2.53 50.05 52.34
CA THR M 94 -3.36 51.25 52.41
C THR M 94 -3.50 51.86 51.02
N ILE M 95 -2.45 52.53 50.54
CA ILE M 95 -2.51 53.18 49.24
C ILE M 95 -3.35 52.37 48.27
N LEU M 96 -3.13 51.05 48.28
CA LEU M 96 -3.83 50.17 47.34
C LEU M 96 -5.33 50.20 47.56
N VAL M 97 -5.78 49.97 48.80
CA VAL M 97 -7.23 49.90 49.04
C VAL M 97 -7.88 51.26 48.83
N ILE M 98 -7.26 52.33 49.30
CA ILE M 98 -7.88 53.65 49.13
C ILE M 98 -8.02 53.96 47.64
N GLU M 99 -6.96 53.71 46.87
CA GLU M 99 -7.03 53.94 45.43
C GLU M 99 -8.11 53.10 44.78
N PHE M 100 -8.16 51.80 45.10
CA PHE M 100 -9.15 50.93 44.47
C PHE M 100 -10.56 51.43 44.75
N LEU M 101 -10.85 51.75 46.00
CA LEU M 101 -12.20 52.19 46.35
C LEU M 101 -12.56 53.49 45.66
N SER M 102 -11.69 54.49 45.75
CA SER M 102 -12.01 55.78 45.15
C SER M 102 -12.22 55.65 43.65
N ILE M 103 -11.32 54.92 42.98
CA ILE M 103 -11.41 54.79 41.53
C ILE M 103 -12.65 54.00 41.14
N ALA M 104 -12.96 52.93 41.85
CA ALA M 104 -14.14 52.15 41.53
C ALA M 104 -15.40 52.99 41.67
N PHE M 105 -15.52 53.73 42.78
CA PHE M 105 -16.71 54.55 42.97
C PHE M 105 -16.84 55.60 41.88
N VAL M 106 -15.74 56.30 41.59
CA VAL M 106 -15.81 57.38 40.60
C VAL M 106 -16.13 56.83 39.22
N GLU M 107 -15.51 55.71 38.85
CA GLU M 107 -15.75 55.14 37.53
C GLU M 107 -17.19 54.64 37.39
N HIS M 108 -17.72 54.02 38.45
CA HIS M 108 -19.11 53.59 38.39
C HIS M 108 -20.05 54.79 38.25
N GLN M 109 -19.81 55.85 39.05
CA GLN M 109 -20.62 57.04 38.94
C GLN M 109 -20.53 57.63 37.54
N ARG M 110 -19.35 57.58 36.93
CA ARG M 110 -19.18 58.04 35.56
C ARG M 110 -20.00 57.21 34.59
N SER M 111 -19.98 55.89 34.77
CA SER M 111 -20.63 54.97 33.84
C SER M 111 -22.15 54.93 34.00
N MET M 112 -22.69 55.42 35.12
CA MET M 112 -24.13 55.49 35.32
C MET M 112 -24.77 56.62 34.51
N GLU M 113 -24.45 56.72 33.22
CA GLU M 113 -24.99 57.76 32.35
C GLU M 113 -25.30 57.19 30.99
N LYS M 114 -26.39 57.68 30.40
CA LYS M 114 -26.84 57.24 29.08
C LYS M 114 -27.40 58.42 28.30
N ASP M 115 -26.51 59.35 27.91
CA ASP M 115 -26.99 60.56 27.23
C ASP M 115 -27.11 60.37 25.72
N PRO M 116 -26.06 60.00 24.98
CA PRO M 116 -24.67 59.75 25.36
C PRO M 116 -23.70 60.88 24.99
N GLU M 117 -24.17 62.12 24.91
CA GLU M 117 -23.27 63.23 24.65
C GLU M 117 -22.57 63.70 25.93
N LYS M 118 -23.32 63.80 27.03
CA LYS M 118 -22.71 64.00 28.34
C LYS M 118 -21.87 62.80 28.74
N LYS M 119 -22.02 61.67 28.04
CA LYS M 119 -21.14 60.53 28.26
C LYS M 119 -19.69 60.90 27.97
N LYS M 120 -19.46 61.69 26.92
CA LYS M 120 -18.12 62.15 26.56
C LYS M 120 -17.83 63.57 27.05
N TYR M 121 -18.84 64.45 27.01
CA TYR M 121 -18.67 65.86 27.37
C TYR M 121 -19.71 66.21 28.42
N PRO M 122 -19.51 65.78 29.67
CA PRO M 122 -20.56 65.96 30.68
C PRO M 122 -20.85 67.41 30.99
N GLY M 123 -19.85 68.17 31.40
CA GLY M 123 -20.08 69.57 31.71
C GLY M 123 -20.72 69.75 33.08
N GLY M 124 -21.31 70.93 33.27
CA GLY M 124 -21.88 71.28 34.54
C GLY M 124 -20.82 71.45 35.61
N ALA M 125 -20.81 70.56 36.59
CA ALA M 125 -19.80 70.63 37.64
C ALA M 125 -18.39 70.52 37.10
N PHE M 126 -18.22 69.96 35.90
CA PHE M 126 -16.91 69.80 35.29
C PHE M 126 -16.58 70.91 34.30
N ASP M 127 -17.40 71.96 34.25
CA ASP M 127 -17.11 73.15 33.45
C ASP M 127 -17.34 74.39 34.30
N PRO M 128 -16.52 74.59 35.33
CA PRO M 128 -16.72 75.79 36.17
C PRO M 128 -16.56 77.09 35.41
N LEU M 129 -15.47 77.23 34.66
CA LEU M 129 -15.22 78.47 33.92
C LEU M 129 -16.30 78.72 32.87
N GLY M 130 -17.00 77.68 32.44
CA GLY M 130 -18.08 77.85 31.48
C GLY M 130 -17.60 78.20 30.08
N TYR M 131 -16.79 77.33 29.49
CA TYR M 131 -16.28 77.54 28.15
C TYR M 131 -17.20 77.02 27.06
N SER M 132 -18.31 76.35 27.43
CA SER M 132 -19.18 75.68 26.47
C SER M 132 -20.38 76.52 26.08
N LYS M 133 -20.22 77.85 26.04
CA LYS M 133 -21.35 78.72 25.78
C LYS M 133 -21.63 78.84 24.29
N ASP M 134 -20.64 79.29 23.51
CA ASP M 134 -20.81 79.42 22.08
C ASP M 134 -20.66 78.04 21.44
N PRO M 135 -21.69 77.52 20.76
CA PRO M 135 -21.61 76.14 20.28
C PRO M 135 -20.48 75.87 19.28
N LYS M 136 -20.08 76.85 18.48
CA LYS M 136 -19.01 76.65 17.50
C LYS M 136 -17.62 76.84 18.07
N LYS M 137 -17.44 77.79 18.99
CA LYS M 137 -16.18 77.92 19.70
C LYS M 137 -15.93 76.68 20.56
N PHE M 138 -16.99 76.15 21.15
CA PHE M 138 -16.92 74.88 21.86
C PHE M 138 -16.41 73.77 20.95
N HIS M 139 -16.82 73.79 19.68
CA HIS M 139 -16.38 72.75 18.75
C HIS M 139 -14.87 72.82 18.50
N GLU M 140 -14.34 74.03 18.30
CA GLU M 140 -12.90 74.14 18.11
C GLU M 140 -12.14 73.76 19.37
N TYR M 141 -12.70 74.04 20.54
CA TYR M 141 -12.09 73.54 21.77
C TYR M 141 -12.08 72.01 21.79
N LYS M 142 -13.16 71.38 21.34
CA LYS M 142 -13.19 69.93 21.25
C LYS M 142 -12.08 69.42 20.34
N ILE M 143 -11.90 70.08 19.19
CA ILE M 143 -10.87 69.66 18.24
C ILE M 143 -9.50 69.77 18.89
N LYS M 144 -9.24 70.89 19.57
CA LYS M 144 -7.95 71.06 20.24
C LYS M 144 -7.74 70.01 21.32
N GLU M 145 -8.79 69.70 22.08
CA GLU M 145 -8.68 68.68 23.12
C GLU M 145 -8.28 67.35 22.53
N VAL M 146 -8.98 66.90 21.48
CA VAL M 146 -8.68 65.59 20.91
C VAL M 146 -7.28 65.58 20.30
N LYS M 147 -6.88 66.68 19.66
CA LYS M 147 -5.54 66.73 19.06
C LYS M 147 -4.46 66.62 20.13
N ASN M 148 -4.55 67.44 21.18
CA ASN M 148 -3.57 67.38 22.25
C ASN M 148 -3.60 66.02 22.95
N GLY M 149 -4.78 65.41 23.05
CA GLY M 149 -4.87 64.10 23.67
C GLY M 149 -4.17 63.03 22.87
N ARG M 150 -4.34 63.05 21.55
CA ARG M 150 -3.63 62.10 20.70
C ARG M 150 -2.13 62.32 20.79
N LEU M 151 -1.70 63.59 20.83
CA LEU M 151 -0.27 63.87 20.99
C LEU M 151 0.24 63.31 22.32
N ALA M 152 -0.53 63.48 23.39
CA ALA M 152 -0.11 62.96 24.69
C ALA M 152 -0.06 61.44 24.71
N LEU M 153 -1.02 60.78 24.05
CA LEU M 153 -0.99 59.33 23.96
C LEU M 153 0.27 58.86 23.25
N LEU M 154 0.59 59.51 22.13
CA LEU M 154 1.82 59.16 21.41
C LEU M 154 3.05 59.39 22.29
N ALA M 155 3.05 60.49 23.04
CA ALA M 155 4.17 60.77 23.93
C ALA M 155 4.32 59.70 24.99
N PHE M 156 3.20 59.23 25.56
CA PHE M 156 3.26 58.19 26.57
C PHE M 156 3.80 56.89 25.97
N VAL M 157 3.36 56.56 24.75
CA VAL M 157 3.90 55.37 24.08
C VAL M 157 5.40 55.51 23.93
N GLY M 158 5.85 56.68 23.48
CA GLY M 158 7.29 56.89 23.33
C GLY M 158 8.03 56.76 24.64
N ILE M 159 7.46 57.28 25.73
CA ILE M 159 8.09 57.17 27.04
C ILE M 159 8.25 55.71 27.44
N CYS M 160 7.19 54.92 27.28
CA CYS M 160 7.25 53.52 27.68
C CYS M 160 8.25 52.75 26.82
N VAL M 161 8.25 53.00 25.51
CA VAL M 161 9.15 52.27 24.63
C VAL M 161 10.60 52.66 24.90
N GLN M 162 10.85 53.94 25.19
CA GLN M 162 12.18 54.35 25.60
C GLN M 162 12.61 53.65 26.88
N GLN M 163 11.71 53.58 27.87
CA GLN M 163 12.04 52.90 29.11
C GLN M 163 12.40 51.45 28.84
N SER M 164 11.67 50.78 27.95
CA SER M 164 12.00 49.41 27.60
C SER M 164 13.36 49.34 26.91
N ALA M 165 13.65 50.31 26.04
CA ALA M 165 14.91 50.33 25.30
C ALA M 165 16.11 50.51 26.23
N TYR M 166 16.02 51.47 27.14
CA TYR M 166 17.09 51.75 28.08
C TYR M 166 16.54 51.65 29.51
N PRO M 167 16.52 50.46 30.11
CA PRO M 167 15.94 50.34 31.45
C PRO M 167 16.67 51.20 32.48
N GLY M 168 15.89 51.70 33.44
CA GLY M 168 16.46 52.50 34.50
C GLY M 168 16.74 53.94 34.13
N THR M 169 16.07 54.46 33.10
CA THR M 169 16.26 55.83 32.65
C THR M 169 14.89 56.48 32.46
N GLY M 170 14.90 57.81 32.44
CA GLY M 170 13.69 58.58 32.27
C GLY M 170 13.69 59.39 30.99
N PRO M 171 12.51 59.86 30.57
CA PRO M 171 12.45 60.62 29.31
C PRO M 171 13.39 61.83 29.28
N LEU M 172 13.51 62.56 30.38
CA LEU M 172 14.40 63.70 30.41
C LEU M 172 15.86 63.27 30.28
N GLU M 173 16.21 62.13 30.88
CA GLU M 173 17.56 61.60 30.71
C GLU M 173 17.83 61.24 29.27
N ASN M 174 16.85 60.64 28.59
CA ASN M 174 17.02 60.32 27.18
C ASN M 174 17.21 61.59 26.36
N LEU M 175 16.40 62.63 26.66
CA LEU M 175 16.55 63.89 25.95
C LEU M 175 17.93 64.50 26.19
N ALA M 176 18.42 64.45 27.43
CA ALA M 176 19.71 65.02 27.74
C ALA M 176 20.84 64.28 27.03
N THR M 177 20.80 62.94 27.05
CA THR M 177 21.84 62.17 26.38
C THR M 177 21.76 62.31 24.86
N HIS M 178 20.57 62.58 24.31
CA HIS M 178 20.48 62.88 22.89
C HIS M 178 21.10 64.24 22.58
N LEU M 179 20.80 65.25 23.40
CA LEU M 179 21.37 66.57 23.19
C LEU M 179 22.88 66.58 23.38
N ALA M 180 23.41 65.71 24.26
CA ALA M 180 24.84 65.70 24.50
C ALA M 180 25.61 65.38 23.23
N ASP M 181 25.11 64.42 22.45
CA ASP M 181 25.75 64.02 21.20
C ASP M 181 24.66 63.55 20.24
N PRO M 182 24.03 64.48 19.52
CA PRO M 182 22.87 64.11 18.70
C PRO M 182 23.10 62.93 17.77
N TRP M 183 24.08 63.03 16.87
CA TRP M 183 24.16 62.09 15.75
C TRP M 183 24.45 60.66 16.22
N HIS M 184 25.43 60.50 17.12
CA HIS M 184 25.81 59.14 17.49
C HIS M 184 24.79 58.50 18.43
N ASN M 185 24.18 59.30 19.31
CA ASN M 185 23.20 58.79 20.27
C ASN M 185 21.81 59.09 19.74
N THR M 186 21.23 58.11 19.05
CA THR M 186 19.89 58.24 18.50
C THR M 186 19.19 56.90 18.63
N ILE M 187 18.04 56.77 17.97
CA ILE M 187 17.31 55.49 17.97
C ILE M 187 18.02 54.41 17.18
N GLY M 188 18.92 54.79 16.27
CA GLY M 188 19.55 53.79 15.41
C GLY M 188 20.25 52.71 16.20
N ASN M 189 21.03 53.10 17.21
CA ASN M 189 21.74 52.11 18.02
C ASN M 189 20.77 51.12 18.64
N VAL M 190 19.56 51.57 18.97
CA VAL M 190 18.54 50.64 19.47
C VAL M 190 18.04 49.74 18.34
N LEU M 191 17.74 50.34 17.17
CA LEU M 191 17.21 49.54 16.07
C LEU M 191 18.26 48.56 15.55
N ILE M 192 19.50 49.00 15.40
CA ILE M 192 20.57 48.18 14.87
C ILE M 192 21.70 48.14 15.88
N PRO M 193 21.70 47.19 16.83
CA PRO M 193 22.76 47.11 17.84
C PRO M 193 24.16 46.95 17.24
N THR N 1 7.16 24.87 -59.08
CA THR N 1 7.42 23.44 -58.95
C THR N 1 7.08 22.71 -60.24
N VAL N 2 7.91 21.72 -60.59
CA VAL N 2 7.68 20.87 -61.74
C VAL N 2 7.67 19.44 -61.23
N ALA N 3 6.48 18.87 -61.06
CA ALA N 3 6.32 17.51 -60.57
C ALA N 3 6.69 16.56 -61.70
N GLU N 4 7.69 15.72 -61.45
CA GLU N 4 8.16 14.76 -62.45
C GLU N 4 7.71 13.36 -62.09
N PRO N 5 6.56 12.89 -62.60
CA PRO N 5 6.12 11.52 -62.27
C PRO N 5 7.15 10.46 -62.66
N ASP N 6 7.93 10.71 -63.70
CA ASP N 6 8.84 9.71 -64.26
C ASP N 6 10.29 10.12 -64.07
N ARG N 7 10.62 10.68 -62.91
CA ARG N 7 12.00 10.95 -62.58
C ARG N 7 12.73 9.67 -62.20
N PRO N 8 14.05 9.61 -62.39
CA PRO N 8 14.79 8.44 -61.91
C PRO N 8 14.64 8.29 -60.40
N LEU N 9 14.52 7.05 -59.95
CA LEU N 9 14.20 6.75 -58.56
C LEU N 9 15.36 6.03 -57.88
N TRP N 10 15.39 6.16 -56.55
CA TRP N 10 16.43 5.50 -55.77
C TRP N 10 16.31 3.98 -55.82
N PHE N 11 15.10 3.46 -55.94
CA PHE N 11 14.85 2.02 -56.00
C PHE N 11 14.02 1.75 -57.24
N PRO N 12 14.67 1.43 -58.37
CA PRO N 12 13.93 1.29 -59.63
C PRO N 12 12.78 0.29 -59.53
N GLY N 13 11.63 0.66 -60.10
CA GLY N 13 10.47 -0.20 -60.10
C GLY N 13 9.51 0.00 -58.95
N SER N 14 9.82 0.88 -58.00
CA SER N 14 8.97 1.14 -56.86
C SER N 14 8.42 2.56 -56.92
N THR N 15 7.16 2.73 -56.55
CA THR N 15 6.54 4.05 -56.59
C THR N 15 7.08 4.92 -55.46
N PRO N 16 7.43 6.18 -55.74
CA PRO N 16 7.91 7.06 -54.68
C PRO N 16 6.78 7.47 -53.75
N PRO N 17 7.10 7.97 -52.55
CA PRO N 17 6.03 8.36 -51.63
C PRO N 17 5.24 9.52 -52.20
N PRO N 18 3.96 9.63 -51.84
CA PRO N 18 3.15 10.75 -52.36
C PRO N 18 3.72 12.12 -52.04
N TRP N 19 4.31 12.31 -50.86
CA TRP N 19 4.80 13.62 -50.47
C TRP N 19 6.06 14.04 -51.22
N LEU N 20 6.70 13.13 -51.94
CA LEU N 20 7.88 13.44 -52.74
C LEU N 20 7.46 13.38 -54.20
N ASP N 21 7.08 14.54 -54.75
CA ASP N 21 6.59 14.64 -56.12
C ASP N 21 7.63 15.22 -57.07
N GLY N 22 8.89 15.29 -56.64
CA GLY N 22 9.95 15.81 -57.49
C GLY N 22 10.11 17.31 -57.47
N SER N 23 9.35 18.03 -56.66
CA SER N 23 9.50 19.49 -56.60
C SER N 23 10.88 19.89 -56.14
N LEU N 24 11.37 19.25 -55.06
CA LEU N 24 12.63 19.67 -54.47
C LEU N 24 13.81 19.28 -55.37
N PRO N 25 14.91 20.02 -55.31
CA PRO N 25 16.11 19.63 -56.07
C PRO N 25 16.75 18.37 -55.52
N GLY N 26 16.94 17.38 -56.39
CA GLY N 26 17.57 16.14 -55.98
C GLY N 26 16.61 15.19 -55.29
N ASP N 27 15.39 15.09 -55.82
CA ASP N 27 14.37 14.22 -55.25
C ASP N 27 14.38 12.89 -56.00
N PHE N 28 14.70 11.81 -55.28
CA PHE N 28 14.70 10.47 -55.86
C PHE N 28 13.68 9.56 -55.19
N GLY N 29 12.83 10.10 -54.32
CA GLY N 29 11.79 9.30 -53.70
C GLY N 29 12.26 8.41 -52.58
N PHE N 30 13.38 8.74 -51.94
CA PHE N 30 13.94 7.93 -50.86
C PHE N 30 13.38 8.45 -49.54
N ASP N 31 12.42 7.73 -48.98
CA ASP N 31 11.89 8.01 -47.66
C ASP N 31 11.29 6.75 -47.06
N PRO N 32 12.10 5.71 -46.83
CA PRO N 32 11.55 4.47 -46.24
C PRO N 32 10.78 4.72 -44.95
N LEU N 33 11.41 5.36 -43.96
CA LEU N 33 10.73 5.63 -42.71
C LEU N 33 9.62 6.67 -42.86
N GLY N 34 9.55 7.35 -44.00
CA GLY N 34 8.53 8.36 -44.20
C GLY N 34 8.64 9.52 -43.23
N LEU N 35 9.86 10.00 -42.99
CA LEU N 35 10.06 11.02 -41.98
C LEU N 35 9.53 12.38 -42.43
N GLY N 36 9.60 12.67 -43.72
CA GLY N 36 9.24 13.96 -44.26
C GLY N 36 7.81 14.09 -44.75
N SER N 37 6.90 13.22 -44.30
CA SER N 37 5.54 13.26 -44.83
C SER N 37 4.85 14.59 -44.54
N ASP N 38 4.97 15.09 -43.32
CA ASP N 38 4.28 16.33 -42.95
C ASP N 38 4.88 17.49 -43.73
N PRO N 39 4.06 18.29 -44.44
CA PRO N 39 4.63 19.37 -45.27
C PRO N 39 5.56 20.31 -44.51
N GLU N 40 5.15 20.80 -43.35
CA GLU N 40 6.02 21.70 -42.58
C GLU N 40 7.29 20.98 -42.16
N SER N 41 7.15 19.73 -41.69
CA SER N 41 8.34 18.94 -41.37
C SER N 41 9.18 18.69 -42.62
N LEU N 42 8.53 18.56 -43.77
CA LEU N 42 9.28 18.38 -45.02
C LEU N 42 10.14 19.60 -45.32
N ARG N 43 9.57 20.80 -45.15
CA ARG N 43 10.35 22.02 -45.36
C ARG N 43 11.50 22.11 -44.37
N TRP N 44 11.22 21.81 -43.10
CA TRP N 44 12.26 21.87 -42.08
C TRP N 44 13.39 20.90 -42.41
N ASN N 45 13.04 19.68 -42.84
CA ASN N 45 14.05 18.70 -43.20
C ASN N 45 14.83 19.13 -44.43
N VAL N 46 14.17 19.78 -45.39
CA VAL N 46 14.89 20.26 -46.57
C VAL N 46 15.94 21.28 -46.16
N GLN N 47 15.55 22.21 -45.30
CA GLN N 47 16.53 23.18 -44.80
C GLN N 47 17.66 22.50 -44.05
N ALA N 48 17.32 21.51 -43.21
CA ALA N 48 18.33 20.79 -42.45
C ALA N 48 19.31 20.09 -43.39
N GLU N 49 18.79 19.44 -44.42
CA GLU N 49 19.66 18.76 -45.38
C GLU N 49 20.56 19.74 -46.11
N LEU N 50 20.01 20.91 -46.49
CA LEU N 50 20.83 21.89 -47.19
C LEU N 50 21.98 22.37 -46.30
N VAL N 51 21.67 22.73 -45.05
CA VAL N 51 22.70 23.24 -44.16
C VAL N 51 23.72 22.15 -43.84
N HIS N 52 23.24 20.93 -43.59
CA HIS N 52 24.15 19.81 -43.36
C HIS N 52 25.07 19.61 -44.54
N SER N 53 24.51 19.67 -45.75
CA SER N 53 25.31 19.48 -46.95
C SER N 53 26.40 20.54 -47.06
N ARG N 54 26.04 21.81 -46.83
CA ARG N 54 27.03 22.87 -46.98
C ARG N 54 28.13 22.74 -45.92
N TRP N 55 27.74 22.50 -44.66
CA TRP N 55 28.73 22.30 -43.62
C TRP N 55 29.65 21.13 -43.96
N ALA N 56 29.07 20.03 -44.44
CA ALA N 56 29.86 18.82 -44.69
C ALA N 56 30.75 18.99 -45.90
N MET N 57 30.33 19.76 -46.90
CA MET N 57 31.21 20.03 -48.03
C MET N 57 32.41 20.86 -47.59
N LEU N 58 32.16 21.90 -46.78
CA LEU N 58 33.28 22.64 -46.22
C LEU N 58 34.20 21.73 -45.43
N GLY N 59 33.63 20.85 -44.61
CA GLY N 59 34.44 19.96 -43.80
C GLY N 59 35.23 18.97 -44.62
N ALA N 60 34.59 18.38 -45.63
CA ALA N 60 35.29 17.43 -46.49
C ALA N 60 36.47 18.10 -47.18
N ALA N 61 36.26 19.30 -47.73
CA ALA N 61 37.36 20.03 -48.31
C ALA N 61 38.48 20.23 -47.30
N GLY N 62 38.14 20.76 -46.13
CA GLY N 62 39.15 21.14 -45.15
C GLY N 62 39.74 19.98 -44.38
N ILE N 63 39.25 18.78 -44.62
CA ILE N 63 39.83 17.59 -43.99
C ILE N 63 40.68 16.84 -45.01
N PHE N 64 40.25 16.81 -46.27
CA PHE N 64 40.92 15.99 -47.26
C PHE N 64 41.95 16.76 -48.09
N ILE N 65 41.62 17.96 -48.57
CA ILE N 65 42.57 18.71 -49.38
C ILE N 65 43.83 18.99 -48.56
N PRO N 66 43.72 19.47 -47.31
CA PRO N 66 44.94 19.71 -46.52
C PRO N 66 45.77 18.46 -46.29
N GLU N 67 45.13 17.30 -46.09
CA GLU N 67 45.91 16.10 -45.83
C GLU N 67 46.45 15.47 -47.10
N PHE N 68 45.71 15.55 -48.21
CA PHE N 68 46.30 15.22 -49.50
C PHE N 68 47.44 16.17 -49.85
N LEU N 69 47.44 17.36 -49.25
CA LEU N 69 48.47 18.37 -49.48
C LEU N 69 49.69 18.18 -48.60
N THR N 70 49.52 17.67 -47.38
CA THR N 70 50.62 17.36 -46.49
C THR N 70 51.19 15.97 -46.69
N LYS N 71 50.41 15.03 -47.23
CA LYS N 71 50.95 13.74 -47.61
C LYS N 71 52.09 13.92 -48.61
N LEU N 72 51.85 14.73 -49.63
CA LEU N 72 52.95 15.26 -50.43
C LEU N 72 53.62 16.39 -49.66
N GLY N 73 54.93 16.42 -49.70
CA GLY N 73 55.67 17.42 -48.95
C GLY N 73 55.48 18.82 -49.47
N ILE N 74 54.31 19.40 -49.24
CA ILE N 74 54.02 20.79 -49.60
C ILE N 74 53.89 21.68 -48.37
N LEU N 75 53.09 21.26 -47.40
CA LEU N 75 53.04 21.94 -46.11
C LEU N 75 52.65 20.91 -45.04
N ASN N 76 52.45 21.39 -43.82
CA ASN N 76 52.54 20.55 -42.62
C ASN N 76 51.30 20.68 -41.72
N THR N 77 50.11 20.55 -42.29
CA THR N 77 48.92 20.45 -41.45
C THR N 77 49.00 19.16 -40.62
N PRO N 78 48.70 19.20 -39.33
CA PRO N 78 48.69 17.96 -38.54
C PRO N 78 47.49 17.09 -38.84
N SER N 79 47.38 15.95 -38.17
CA SER N 79 46.24 15.07 -38.36
C SER N 79 44.96 15.78 -37.95
N TRP N 80 43.92 15.67 -38.79
CA TRP N 80 42.67 16.36 -38.52
C TRP N 80 42.02 15.86 -37.24
N TYR N 81 42.08 14.55 -36.99
CA TYR N 81 41.39 13.97 -35.83
C TYR N 81 41.93 14.57 -34.53
N THR N 82 43.24 14.70 -34.43
CA THR N 82 43.90 15.24 -33.25
C THR N 82 44.23 16.73 -33.39
N ALA N 83 43.64 17.41 -34.36
CA ALA N 83 43.93 18.82 -34.60
C ALA N 83 43.24 19.74 -33.60
N GLY N 84 42.40 19.21 -32.71
CA GLY N 84 41.64 20.06 -31.82
C GLY N 84 42.40 20.52 -30.59
N GLU N 85 43.47 19.81 -30.21
CA GLU N 85 44.19 20.12 -28.99
C GLU N 85 45.51 20.85 -29.20
N GLN N 86 46.06 20.85 -30.42
CA GLN N 86 47.29 21.58 -30.67
C GLN N 86 47.06 23.07 -30.39
N GLU N 87 47.74 23.58 -29.38
CA GLU N 87 47.46 24.92 -28.86
C GLU N 87 47.83 26.00 -29.89
N TYR N 88 46.96 27.00 -30.01
CA TYR N 88 47.10 28.08 -30.97
C TYR N 88 47.59 29.35 -30.27
N PHE N 89 47.10 30.51 -30.71
CA PHE N 89 47.52 31.76 -30.08
C PHE N 89 46.82 31.95 -28.74
N THR N 90 45.62 31.39 -28.58
CA THR N 90 44.89 31.46 -27.31
C THR N 90 44.29 30.09 -26.99
N ASP N 91 43.67 29.96 -25.81
CA ASP N 91 43.10 28.68 -25.43
C ASP N 91 41.83 28.40 -26.24
N THR N 92 41.42 27.13 -26.23
CA THR N 92 40.32 26.71 -27.08
C THR N 92 38.98 27.25 -26.59
N THR N 93 38.85 27.46 -25.27
CA THR N 93 37.56 27.88 -24.72
C THR N 93 37.19 29.29 -25.18
N THR N 94 38.15 30.22 -25.14
CA THR N 94 37.87 31.58 -25.58
C THR N 94 37.51 31.61 -27.06
N LEU N 95 38.25 30.87 -27.88
CA LEU N 95 37.91 30.77 -29.29
C LEU N 95 36.52 30.20 -29.46
N PHE N 96 36.17 29.18 -28.66
CA PHE N 96 34.85 28.59 -28.77
C PHE N 96 33.76 29.60 -28.47
N ILE N 97 33.95 30.41 -27.42
CA ILE N 97 32.91 31.36 -27.03
C ILE N 97 32.76 32.47 -28.07
N VAL N 98 33.89 33.03 -28.51
CA VAL N 98 33.84 34.11 -29.49
C VAL N 98 33.26 33.62 -30.81
N GLU N 99 33.63 32.40 -31.21
CA GLU N 99 33.03 31.77 -32.38
C GLU N 99 31.55 31.52 -32.16
N LEU N 100 31.18 31.16 -30.94
CA LEU N 100 29.79 30.81 -30.63
C LEU N 100 28.88 32.01 -30.81
N VAL N 101 29.29 33.17 -30.32
CA VAL N 101 28.42 34.33 -30.43
C VAL N 101 28.21 34.72 -31.90
N PHE N 102 29.28 34.70 -32.69
CA PHE N 102 29.16 35.05 -34.11
C PHE N 102 28.24 34.07 -34.84
N ILE N 103 28.52 32.77 -34.71
CA ILE N 103 27.71 31.79 -35.42
C ILE N 103 26.29 31.76 -34.88
N GLY N 104 26.11 32.11 -33.61
CA GLY N 104 24.76 32.23 -33.09
C GLY N 104 24.00 33.37 -33.72
N TRP N 105 24.68 34.50 -33.95
CA TRP N 105 24.06 35.60 -34.69
C TRP N 105 23.63 35.13 -36.08
N ALA N 106 24.56 34.50 -36.80
CA ALA N 106 24.24 34.06 -38.16
C ALA N 106 23.09 33.05 -38.16
N GLU N 107 23.12 32.10 -37.22
CA GLU N 107 22.09 31.07 -37.18
C GLU N 107 20.76 31.65 -36.72
N GLY N 108 20.78 32.69 -35.90
CA GLY N 108 19.54 33.36 -35.54
C GLY N 108 18.92 34.06 -36.73
N ARG N 109 19.74 34.74 -37.53
CA ARG N 109 19.22 35.32 -38.77
C ARG N 109 18.60 34.23 -39.65
N ARG N 110 19.32 33.12 -39.81
CA ARG N 110 18.81 32.03 -40.63
C ARG N 110 17.51 31.47 -40.07
N TRP N 111 17.43 31.30 -38.75
CA TRP N 111 16.23 30.78 -38.11
C TRP N 111 15.05 31.72 -38.35
N ALA N 112 15.27 33.01 -38.17
CA ALA N 112 14.22 33.99 -38.39
C ALA N 112 13.70 33.90 -39.82
N ASP N 113 14.61 33.76 -40.79
CA ASP N 113 14.17 33.63 -42.17
C ASP N 113 13.41 32.32 -42.40
N ILE N 114 13.88 31.23 -41.79
CA ILE N 114 13.23 29.93 -42.01
C ILE N 114 11.79 29.97 -41.51
N LEU N 115 11.58 30.46 -40.29
CA LEU N 115 10.25 30.45 -39.70
C LEU N 115 9.40 31.63 -40.15
N ASN N 116 9.96 32.54 -40.94
CA ASN N 116 9.20 33.67 -41.47
C ASN N 116 9.89 34.13 -42.75
N PRO N 117 9.61 33.48 -43.88
CA PRO N 117 10.36 33.76 -45.11
C PRO N 117 10.30 35.22 -45.51
N GLY N 118 11.43 35.73 -45.99
CA GLY N 118 11.49 37.09 -46.50
C GLY N 118 11.17 38.15 -45.47
N CYS N 119 11.75 38.03 -44.26
CA CYS N 119 11.53 39.00 -43.21
C CYS N 119 12.84 39.51 -42.58
N VAL N 120 13.99 39.10 -43.11
CA VAL N 120 15.28 39.55 -42.60
C VAL N 120 16.27 39.84 -43.72
N ASN N 121 15.81 40.12 -44.93
CA ASN N 121 16.70 40.28 -46.07
C ASN N 121 17.42 41.62 -46.04
N THR N 122 16.97 42.55 -45.21
CA THR N 122 17.53 43.89 -45.16
C THR N 122 18.57 44.01 -44.05
N ASP N 123 19.63 44.75 -44.35
CA ASP N 123 20.72 44.92 -43.39
C ASP N 123 20.28 45.85 -42.27
N PRO N 124 20.37 45.43 -41.01
CA PRO N 124 19.85 46.28 -39.91
C PRO N 124 20.60 47.59 -39.72
N ILE N 125 21.83 47.72 -40.22
CA ILE N 125 22.62 48.94 -40.04
C ILE N 125 22.41 49.90 -41.19
N PHE N 126 22.51 49.42 -42.42
CA PHE N 126 22.36 50.24 -43.63
C PHE N 126 21.22 49.66 -44.46
N PRO N 127 19.97 50.11 -44.26
CA PRO N 127 18.82 49.50 -44.94
C PRO N 127 18.70 49.83 -46.43
N ASN N 128 19.81 49.66 -47.14
CA ASN N 128 19.83 49.83 -48.60
C ASN N 128 20.66 48.74 -49.26
N ASN N 129 20.77 47.58 -48.61
CA ASN N 129 21.56 46.46 -49.11
C ASN N 129 20.69 45.36 -49.68
N LYS N 130 19.94 44.66 -48.83
CA LYS N 130 18.90 43.74 -49.30
C LYS N 130 19.49 42.51 -49.98
N LEU N 131 19.35 41.34 -49.36
CA LEU N 131 19.70 40.10 -50.02
C LEU N 131 18.72 39.82 -51.15
N THR N 132 19.24 39.48 -52.32
CA THR N 132 18.41 39.33 -53.51
C THR N 132 17.59 38.03 -53.45
N GLY N 133 18.15 37.00 -52.83
CA GLY N 133 17.50 35.70 -52.82
C GLY N 133 16.08 35.73 -52.28
N THR N 134 15.16 35.05 -52.97
CA THR N 134 13.76 35.01 -52.59
C THR N 134 13.32 33.62 -52.17
N ASP N 135 14.25 32.69 -51.97
CA ASP N 135 13.93 31.31 -51.61
C ASP N 135 14.53 30.99 -50.25
N VAL N 136 13.77 30.28 -49.42
CA VAL N 136 14.26 29.86 -48.13
C VAL N 136 15.39 28.84 -48.33
N GLY N 137 16.50 29.05 -47.64
CA GLY N 137 17.69 28.25 -47.84
C GLY N 137 18.60 28.76 -48.93
N TYR N 138 18.21 29.79 -49.66
CA TYR N 138 19.00 30.34 -50.76
C TYR N 138 19.04 31.86 -50.62
N PRO N 139 19.82 32.36 -49.66
CA PRO N 139 19.80 33.81 -49.39
C PRO N 139 20.20 34.66 -50.57
N GLY N 140 21.14 34.21 -51.40
CA GLY N 140 21.57 35.03 -52.52
C GLY N 140 22.20 36.32 -52.03
N GLY N 141 22.04 37.38 -52.82
CA GLY N 141 22.56 38.67 -52.46
C GLY N 141 24.03 38.84 -52.84
N LEU N 142 24.52 40.05 -52.62
CA LEU N 142 25.91 40.36 -52.97
C LEU N 142 26.88 39.59 -52.09
N TRP N 143 26.48 39.23 -50.87
CA TRP N 143 27.37 38.50 -49.97
C TRP N 143 27.43 37.02 -50.33
N PHE N 144 26.27 36.36 -50.40
CA PHE N 144 26.23 34.93 -50.64
C PHE N 144 26.10 34.57 -52.11
N ASP N 145 26.15 35.55 -53.01
CA ASP N 145 26.05 35.29 -54.43
C ASP N 145 26.61 36.47 -55.22
N PRO N 146 27.86 36.86 -54.96
CA PRO N 146 28.42 38.02 -55.68
C PRO N 146 28.47 37.83 -57.19
N LEU N 147 28.74 36.63 -57.66
CA LEU N 147 28.87 36.38 -59.09
C LEU N 147 27.52 36.26 -59.80
N GLY N 148 26.45 36.00 -59.06
CA GLY N 148 25.14 35.89 -59.70
C GLY N 148 25.06 34.77 -60.71
N TRP N 149 25.83 33.70 -60.50
CA TRP N 149 25.82 32.59 -61.44
C TRP N 149 24.45 31.91 -61.47
N GLY N 150 23.77 31.85 -60.32
CA GLY N 150 22.53 31.13 -60.21
C GLY N 150 21.33 32.02 -59.98
N SER N 151 21.02 32.87 -60.95
CA SER N 151 19.84 33.72 -60.93
C SER N 151 19.06 33.65 -62.24
N ALA N 152 19.35 32.68 -63.09
CA ALA N 152 18.75 32.60 -64.42
C ALA N 152 17.44 31.81 -64.32
N SER N 153 17.00 31.23 -65.44
CA SER N 153 15.73 30.53 -65.53
C SER N 153 15.58 29.53 -64.39
N PRO N 154 14.36 29.29 -63.91
CA PRO N 154 14.18 28.32 -62.81
C PRO N 154 14.65 26.92 -63.17
N GLN N 155 14.51 26.51 -64.44
CA GLN N 155 14.94 25.17 -64.83
C GLN N 155 16.44 24.99 -64.64
N LYS N 156 17.24 25.97 -65.06
CA LYS N 156 18.68 25.90 -64.86
C LYS N 156 19.02 25.88 -63.38
N LEU N 157 18.39 26.75 -62.60
CA LEU N 157 18.64 26.78 -61.16
C LEU N 157 18.24 25.46 -60.51
N LYS N 158 17.22 24.79 -61.05
CA LYS N 158 16.79 23.52 -60.50
C LYS N 158 17.91 22.48 -60.55
N GLU N 159 18.50 22.29 -61.73
CA GLU N 159 19.56 21.31 -61.85
C GLU N 159 20.85 21.76 -61.16
N LEU N 160 21.10 23.07 -61.09
CA LEU N 160 22.25 23.53 -60.31
C LEU N 160 22.07 23.19 -58.83
N ARG N 161 20.85 23.37 -58.30
CA ARG N 161 20.59 22.99 -56.92
C ARG N 161 20.71 21.49 -56.73
N THR N 162 20.29 20.71 -57.74
CA THR N 162 20.45 19.26 -57.66
C THR N 162 21.93 18.89 -57.57
N LYS N 163 22.77 19.54 -58.40
CA LYS N 163 24.21 19.34 -58.30
C LYS N 163 24.69 19.65 -56.89
N GLU N 164 24.24 20.77 -56.34
CA GLU N 164 24.65 21.16 -54.99
C GLU N 164 24.31 20.07 -53.98
N ILE N 165 23.06 19.60 -53.99
CA ILE N 165 22.62 18.66 -52.97
C ILE N 165 23.32 17.30 -53.14
N LYS N 166 23.56 16.88 -54.38
CA LYS N 166 24.26 15.61 -54.57
C LYS N 166 25.69 15.68 -54.07
N ASN N 167 26.41 16.76 -54.43
CA ASN N 167 27.74 16.94 -53.89
C ASN N 167 27.72 17.01 -52.37
N GLY N 168 26.69 17.62 -51.80
CA GLY N 168 26.57 17.69 -50.36
C GLY N 168 26.41 16.33 -49.72
N ARG N 169 25.55 15.48 -50.29
CA ARG N 169 25.37 14.14 -49.76
C ARG N 169 26.68 13.36 -49.82
N LEU N 170 27.39 13.47 -50.95
CA LEU N 170 28.68 12.81 -51.05
C LEU N 170 29.65 13.30 -49.98
N ALA N 171 29.67 14.62 -49.74
CA ALA N 171 30.58 15.17 -48.73
C ALA N 171 30.21 14.68 -47.33
N MET N 172 28.91 14.62 -47.02
CA MET N 172 28.49 14.13 -45.72
C MET N 172 28.99 12.71 -45.49
N LEU N 173 28.74 11.83 -46.46
CA LEU N 173 29.23 10.46 -46.34
C LEU N 173 30.75 10.43 -46.23
N ALA N 174 31.44 11.30 -46.97
CA ALA N 174 32.90 11.32 -46.93
C ALA N 174 33.41 11.69 -45.54
N VAL N 175 32.84 12.71 -44.93
CA VAL N 175 33.31 13.15 -43.62
C VAL N 175 33.05 12.07 -42.58
N MET N 176 31.85 11.47 -42.62
CA MET N 176 31.57 10.40 -41.67
C MET N 176 32.51 9.23 -41.89
N GLY N 177 32.86 8.94 -43.15
CA GLY N 177 33.81 7.87 -43.41
C GLY N 177 35.18 8.16 -42.88
N ALA N 178 35.64 9.42 -43.02
CA ALA N 178 36.94 9.79 -42.46
C ALA N 178 36.94 9.60 -40.95
N TRP N 179 35.87 10.04 -40.29
CA TRP N 179 35.79 9.86 -38.83
C TRP N 179 35.84 8.38 -38.46
N PHE N 180 35.02 7.57 -39.12
CA PHE N 180 34.95 6.16 -38.76
C PHE N 180 36.25 5.43 -39.07
N GLN N 181 36.95 5.86 -40.14
CA GLN N 181 38.25 5.27 -40.44
C GLN N 181 39.27 5.62 -39.37
N HIS N 182 39.36 6.90 -39.00
CA HIS N 182 40.35 7.29 -38.01
C HIS N 182 40.09 6.65 -36.66
N ILE N 183 38.82 6.42 -36.31
CA ILE N 183 38.55 5.75 -35.05
C ILE N 183 38.82 4.25 -35.17
N TYR N 184 38.51 3.65 -36.32
CA TYR N 184 38.73 2.22 -36.50
C TYR N 184 40.21 1.93 -36.70
N THR N 185 40.83 2.59 -37.67
CA THR N 185 42.27 2.51 -37.86
C THR N 185 42.94 3.56 -36.97
N GLY N 186 44.22 3.82 -37.19
CA GLY N 186 44.94 4.83 -36.45
C GLY N 186 45.78 5.71 -37.34
N THR N 187 45.36 5.86 -38.59
CA THR N 187 46.06 6.65 -39.59
C THR N 187 45.11 7.67 -40.20
N GLY N 188 45.58 8.34 -41.26
CA GLY N 188 44.79 9.35 -41.92
C GLY N 188 44.09 8.82 -43.15
N PRO N 189 43.06 9.53 -43.61
CA PRO N 189 42.33 9.08 -44.80
C PRO N 189 43.20 8.90 -46.02
N ILE N 190 44.18 9.79 -46.25
CA ILE N 190 45.05 9.64 -47.41
C ILE N 190 45.93 8.42 -47.25
N ASP N 191 46.40 8.14 -46.04
CA ASP N 191 47.15 6.91 -45.78
C ASP N 191 46.30 5.69 -46.10
N ASN N 192 45.03 5.72 -45.68
CA ASN N 192 44.13 4.61 -45.98
C ASN N 192 43.97 4.42 -47.48
N LEU N 193 43.76 5.53 -48.21
CA LEU N 193 43.59 5.43 -49.65
C LEU N 193 44.84 4.83 -50.30
N PHE N 194 46.02 5.32 -49.90
CA PHE N 194 47.25 4.83 -50.51
C PHE N 194 47.48 3.36 -50.19
N ALA N 195 47.26 2.95 -48.95
CA ALA N 195 47.44 1.54 -48.59
C ALA N 195 46.47 0.66 -49.36
N HIS N 196 45.21 1.07 -49.43
CA HIS N 196 44.22 0.26 -50.14
C HIS N 196 44.54 0.17 -51.62
N LEU N 197 44.95 1.28 -52.25
CA LEU N 197 45.35 1.22 -53.65
C LEU N 197 46.58 0.37 -53.87
N ALA N 198 47.52 0.37 -52.93
CA ALA N 198 48.67 -0.53 -53.04
C ALA N 198 48.22 -1.99 -52.99
N ASP N 199 47.30 -2.32 -52.08
CA ASP N 199 46.77 -3.68 -51.95
C ASP N 199 45.26 -3.64 -51.96
N PRO N 200 44.64 -3.47 -53.13
CA PRO N 200 43.17 -3.41 -53.18
C PRO N 200 42.48 -4.68 -52.73
N GLY N 201 43.18 -5.81 -52.72
CA GLY N 201 42.55 -7.08 -52.40
C GLY N 201 42.62 -7.46 -50.93
N HIS N 202 43.56 -6.89 -50.20
CA HIS N 202 43.77 -7.25 -48.80
C HIS N 202 43.68 -6.09 -47.82
N ALA N 203 43.95 -4.87 -48.26
CA ALA N 203 43.89 -3.70 -47.38
C ALA N 203 42.48 -3.12 -47.44
N THR N 204 41.60 -3.71 -46.63
CA THR N 204 40.20 -3.32 -46.59
C THR N 204 39.72 -3.34 -45.14
N ILE N 205 38.39 -3.40 -44.97
CA ILE N 205 37.82 -3.49 -43.63
C ILE N 205 38.28 -4.75 -42.93
N PHE N 206 38.29 -5.88 -43.63
CA PHE N 206 38.54 -7.18 -43.03
C PHE N 206 40.02 -7.47 -42.82
N ALA N 207 40.79 -6.46 -42.40
CA ALA N 207 42.20 -6.65 -42.08
C ALA N 207 42.46 -6.86 -40.61
N ALA N 208 41.52 -6.52 -39.73
CA ALA N 208 41.69 -6.70 -38.30
C ALA N 208 41.38 -8.15 -37.90
N ARG O 1 0.46 -39.07 -69.55
CA ARG O 1 1.04 -38.37 -68.42
C ARG O 1 1.13 -39.29 -67.20
N PRO O 2 2.32 -39.76 -66.87
CA PRO O 2 2.48 -40.59 -65.66
C PRO O 2 2.65 -39.76 -64.40
N LEU O 3 2.08 -40.27 -63.32
CA LEU O 3 2.12 -39.60 -62.02
C LEU O 3 2.71 -40.54 -60.98
N TRP O 4 3.49 -39.97 -60.07
CA TRP O 4 4.17 -40.74 -59.03
C TRP O 4 3.66 -40.30 -57.67
N PHE O 5 3.09 -41.25 -56.93
CA PHE O 5 2.74 -41.05 -55.53
C PHE O 5 1.97 -39.74 -55.35
N ALA O 6 0.99 -39.54 -56.22
CA ALA O 6 0.14 -38.36 -56.15
C ALA O 6 -1.00 -38.59 -55.15
N SER O 7 -1.68 -37.50 -54.82
CA SER O 7 -2.78 -37.52 -53.87
C SER O 7 -4.00 -36.85 -54.50
N LYS O 8 -5.18 -37.38 -54.18
CA LYS O 8 -6.40 -36.87 -54.78
C LYS O 8 -6.53 -35.36 -54.58
N GLN O 9 -6.23 -34.87 -53.38
CA GLN O 9 -6.24 -33.43 -53.15
C GLN O 9 -5.15 -32.74 -53.96
N SER O 10 -3.98 -33.38 -54.10
CA SER O 10 -2.91 -32.79 -54.88
C SER O 10 -3.24 -32.75 -56.35
N LEU O 11 -3.97 -33.77 -56.84
CA LEU O 11 -4.32 -33.80 -58.26
C LEU O 11 -5.22 -32.63 -58.62
N SER O 12 -5.91 -32.06 -57.63
CA SER O 12 -6.84 -30.96 -57.92
C SER O 12 -6.11 -29.74 -58.46
N TYR O 13 -5.07 -29.30 -57.77
CA TYR O 13 -4.33 -28.10 -58.16
C TYR O 13 -3.08 -28.41 -58.98
N LEU O 14 -2.79 -29.68 -59.23
CA LEU O 14 -1.67 -30.08 -60.10
C LEU O 14 -2.29 -30.76 -61.33
N ASP O 15 -2.63 -29.95 -62.32
CA ASP O 15 -3.31 -30.43 -63.51
C ASP O 15 -2.39 -30.61 -64.71
N GLY O 16 -1.21 -29.97 -64.71
CA GLY O 16 -0.27 -30.14 -65.80
C GLY O 16 0.11 -28.84 -66.49
N SER O 17 -0.37 -27.71 -65.97
CA SER O 17 -0.06 -26.43 -66.57
C SER O 17 1.39 -26.01 -66.35
N LEU O 18 2.14 -26.72 -65.50
CA LEU O 18 3.52 -26.38 -65.24
C LEU O 18 4.46 -27.49 -65.72
N PRO O 19 5.66 -27.15 -66.18
CA PRO O 19 6.58 -28.17 -66.66
C PRO O 19 6.99 -29.13 -65.55
N GLY O 20 7.16 -30.39 -65.91
CA GLY O 20 7.54 -31.40 -64.95
C GLY O 20 6.45 -31.78 -63.98
N ASP O 21 5.19 -31.53 -64.33
CA ASP O 21 4.07 -31.80 -63.43
C ASP O 21 3.79 -33.31 -63.42
N TYR O 22 4.29 -33.99 -62.40
CA TYR O 22 4.02 -35.41 -62.19
C TYR O 22 2.99 -35.64 -61.11
N GLY O 23 2.36 -34.58 -60.59
CA GLY O 23 1.35 -34.72 -59.56
C GLY O 23 1.90 -35.12 -58.22
N PHE O 24 3.22 -34.98 -58.01
CA PHE O 24 3.86 -35.43 -56.78
C PHE O 24 3.83 -34.30 -55.77
N ASP O 25 2.81 -34.31 -54.91
CA ASP O 25 2.71 -33.33 -53.82
C ASP O 25 1.95 -33.94 -52.66
N PRO O 26 2.39 -35.09 -52.15
CA PRO O 26 1.73 -35.69 -50.99
C PRO O 26 1.71 -34.76 -49.79
N LEU O 27 2.79 -34.01 -49.63
CA LEU O 27 2.92 -33.08 -48.52
C LEU O 27 1.84 -32.00 -48.58
N GLY O 28 1.56 -31.49 -49.77
CA GLY O 28 0.52 -30.49 -49.96
C GLY O 28 0.96 -29.08 -49.74
N LEU O 29 2.26 -28.78 -49.82
CA LEU O 29 2.75 -27.43 -49.57
C LEU O 29 2.18 -26.44 -50.56
N SER O 30 2.02 -26.87 -51.82
CA SER O 30 1.51 -25.97 -52.86
C SER O 30 0.01 -25.73 -52.75
N ASP O 31 -0.54 -25.62 -51.54
CA ASP O 31 -1.96 -25.37 -51.36
C ASP O 31 -2.31 -23.98 -51.90
N PRO O 32 -3.47 -23.80 -52.52
CA PRO O 32 -3.88 -22.50 -53.04
C PRO O 32 -5.00 -21.89 -52.22
N GLU O 33 -6.09 -22.62 -52.12
CA GLU O 33 -6.83 -22.72 -50.87
C GLU O 33 -6.16 -21.89 -49.79
N GLY O 34 -5.47 -22.57 -48.90
CA GLY O 34 -4.35 -21.96 -48.26
C GLY O 34 -3.34 -21.61 -49.33
N THR O 35 -3.33 -20.32 -49.68
CA THR O 35 -2.19 -19.65 -50.30
C THR O 35 -1.73 -18.56 -49.34
N GLY O 36 -0.43 -18.29 -49.32
CA GLY O 36 0.09 -17.27 -48.42
C GLY O 36 1.43 -16.71 -48.83
N GLY O 37 2.20 -16.23 -47.87
CA GLY O 37 3.51 -15.68 -48.17
C GLY O 37 4.52 -16.78 -48.43
N PHE O 38 5.15 -16.75 -49.59
CA PHE O 38 6.15 -17.74 -49.99
C PHE O 38 5.55 -19.13 -50.19
N ILE O 39 4.31 -19.35 -49.74
CA ILE O 39 3.60 -20.60 -49.98
C ILE O 39 2.71 -20.51 -51.20
N GLU O 40 2.65 -19.34 -51.86
CA GLU O 40 1.84 -19.20 -53.06
C GLU O 40 2.40 -20.11 -54.17
N PRO O 41 1.54 -20.83 -54.90
CA PRO O 41 2.05 -21.82 -55.86
C PRO O 41 2.98 -21.25 -56.93
N ARG O 42 2.70 -20.08 -57.49
CA ARG O 42 3.59 -19.51 -58.49
C ARG O 42 4.97 -19.22 -57.92
N TRP O 43 5.02 -18.68 -56.70
CA TRP O 43 6.32 -18.45 -56.07
C TRP O 43 7.06 -19.76 -55.86
N LEU O 44 6.34 -20.82 -55.48
CA LEU O 44 6.99 -22.12 -55.30
C LEU O 44 7.56 -22.64 -56.62
N ALA O 45 6.81 -22.49 -57.71
CA ALA O 45 7.32 -22.92 -59.01
C ALA O 45 8.56 -22.11 -59.40
N TYR O 46 8.51 -20.80 -59.18
CA TYR O 46 9.65 -19.95 -59.49
C TYR O 46 10.86 -20.36 -58.66
N GLY O 47 10.65 -20.66 -57.38
CA GLY O 47 11.73 -21.11 -56.54
C GLY O 47 12.31 -22.43 -57.02
N GLU O 48 11.44 -23.35 -57.43
CA GLU O 48 11.92 -24.62 -57.97
C GLU O 48 12.82 -24.38 -59.17
N VAL O 49 12.37 -23.54 -60.11
CA VAL O 49 13.16 -23.31 -61.32
C VAL O 49 14.49 -22.65 -60.98
N ILE O 50 14.47 -21.63 -60.12
CA ILE O 50 15.69 -20.89 -59.81
C ILE O 50 16.67 -21.79 -59.05
N ASN O 51 16.16 -22.54 -58.07
CA ASN O 51 17.01 -23.45 -57.31
C ASN O 51 17.60 -24.52 -58.23
N GLY O 52 16.81 -25.04 -59.17
CA GLY O 52 17.34 -26.00 -60.11
C GLY O 52 18.41 -25.42 -61.00
N ARG O 53 18.23 -24.18 -61.46
CA ARG O 53 19.24 -23.53 -62.28
C ARG O 53 20.55 -23.36 -61.51
N PHE O 54 20.46 -22.80 -60.30
CA PHE O 54 21.66 -22.62 -59.49
C PHE O 54 22.31 -23.96 -59.14
N ALA O 55 21.49 -24.97 -58.87
CA ALA O 55 22.03 -26.29 -58.53
C ALA O 55 22.71 -26.94 -59.73
N MET O 56 22.18 -26.73 -60.94
CA MET O 56 22.86 -27.24 -62.12
C MET O 56 24.21 -26.56 -62.29
N LEU O 57 24.25 -25.23 -62.13
CA LEU O 57 25.52 -24.53 -62.17
C LEU O 57 26.49 -25.11 -61.15
N GLY O 58 26.04 -25.24 -59.90
CA GLY O 58 26.91 -25.70 -58.83
C GLY O 58 27.31 -27.16 -58.95
N ALA O 59 26.48 -27.99 -59.56
CA ALA O 59 26.83 -29.39 -59.77
C ALA O 59 27.82 -29.57 -60.89
N VAL O 60 27.73 -28.77 -61.96
CA VAL O 60 28.75 -28.85 -62.99
C VAL O 60 30.03 -28.16 -62.54
N GLY O 61 29.96 -27.24 -61.57
CA GLY O 61 31.13 -26.52 -61.12
C GLY O 61 31.89 -27.19 -60.00
N ALA O 62 31.19 -27.69 -58.99
CA ALA O 62 31.84 -28.28 -57.83
C ALA O 62 32.59 -29.56 -58.20
N ILE O 63 32.22 -30.18 -59.32
CA ILE O 63 32.88 -31.41 -59.76
C ILE O 63 34.00 -31.14 -60.75
N ALA O 64 34.06 -29.94 -61.32
CA ALA O 64 34.96 -29.64 -62.42
C ALA O 64 36.43 -29.53 -61.99
N PRO O 65 36.76 -28.64 -61.04
CA PRO O 65 38.19 -28.39 -60.78
C PRO O 65 38.96 -29.63 -60.39
N GLU O 66 38.34 -30.56 -59.66
CA GLU O 66 39.03 -31.79 -59.26
C GLU O 66 38.97 -32.86 -60.35
N TYR O 67 38.20 -32.64 -61.42
CA TYR O 67 38.31 -33.50 -62.59
C TYR O 67 39.54 -33.12 -63.41
N LEU O 68 39.50 -31.94 -64.04
CA LEU O 68 40.61 -31.46 -64.84
C LEU O 68 41.89 -31.28 -64.01
N GLY O 69 41.81 -31.40 -62.69
CA GLY O 69 43.02 -31.44 -61.89
C GLY O 69 43.85 -32.68 -62.12
N LYS O 70 43.25 -33.72 -62.70
CA LYS O 70 43.97 -34.93 -63.09
C LYS O 70 44.42 -34.91 -64.54
N VAL O 71 43.69 -34.23 -65.41
CA VAL O 71 43.99 -34.17 -66.84
C VAL O 71 44.17 -32.71 -67.22
N GLY O 72 45.29 -32.41 -67.87
CA GLY O 72 45.54 -31.09 -68.39
C GLY O 72 46.70 -30.39 -67.67
N LEU O 73 47.04 -29.22 -68.21
CA LEU O 73 48.12 -28.41 -67.65
C LEU O 73 47.75 -27.80 -66.31
N ILE O 74 46.48 -27.82 -65.94
CA ILE O 74 45.95 -27.04 -64.83
C ILE O 74 46.75 -27.33 -63.57
N PRO O 75 47.18 -26.31 -62.82
CA PRO O 75 48.09 -26.55 -61.69
C PRO O 75 47.51 -27.49 -60.64
N GLN O 76 48.38 -28.30 -60.03
CA GLN O 76 47.94 -29.21 -58.98
C GLN O 76 47.40 -28.43 -57.79
N GLU O 77 48.08 -27.35 -57.40
CA GLU O 77 47.64 -26.57 -56.24
C GLU O 77 46.32 -25.88 -56.53
N THR O 78 46.03 -25.59 -57.79
CA THR O 78 44.81 -24.86 -58.13
C THR O 78 43.58 -25.76 -58.03
N ALA O 79 43.73 -27.05 -58.31
CA ALA O 79 42.60 -27.97 -58.36
C ALA O 79 42.39 -28.60 -56.99
N LEU O 80 41.25 -28.30 -56.38
CA LEU O 80 40.88 -28.87 -55.08
C LEU O 80 39.43 -29.32 -55.13
N ALA O 81 39.02 -30.05 -54.11
CA ALA O 81 37.63 -30.46 -53.98
C ALA O 81 36.76 -29.26 -53.65
N TRP O 82 35.45 -29.41 -53.85
CA TRP O 82 34.54 -28.30 -53.69
C TRP O 82 34.48 -27.76 -52.26
N PHE O 83 34.95 -28.53 -51.28
CA PHE O 83 34.93 -28.08 -49.89
C PHE O 83 36.28 -27.52 -49.42
N GLN O 84 37.35 -27.75 -50.17
CA GLN O 84 38.68 -27.26 -49.79
C GLN O 84 39.01 -25.92 -50.43
N THR O 85 38.08 -25.32 -51.18
CA THR O 85 38.33 -24.06 -51.86
C THR O 85 38.34 -22.86 -50.93
N GLY O 86 38.00 -23.05 -49.66
CA GLY O 86 37.80 -21.95 -48.74
C GLY O 86 36.34 -21.68 -48.42
N VAL O 87 35.42 -22.42 -49.03
CA VAL O 87 34.02 -22.28 -48.66
C VAL O 87 33.82 -22.65 -47.19
N ILE O 88 34.47 -23.72 -46.75
CA ILE O 88 34.47 -24.11 -45.33
C ILE O 88 35.91 -24.02 -44.84
N PRO O 89 36.31 -22.91 -44.24
CA PRO O 89 37.72 -22.72 -43.88
C PRO O 89 38.23 -23.82 -42.98
N PRO O 90 37.42 -24.32 -42.03
CA PRO O 90 37.90 -25.43 -41.19
C PRO O 90 38.31 -26.65 -42.00
N ALA O 91 37.67 -26.90 -43.14
CA ALA O 91 38.00 -28.03 -43.99
C ALA O 91 39.10 -27.72 -45.00
N GLY O 92 39.62 -26.50 -45.00
CA GLY O 92 40.65 -26.12 -45.94
C GLY O 92 40.43 -24.74 -46.52
N THR O 93 41.51 -24.01 -46.79
CA THR O 93 41.45 -22.66 -47.33
C THR O 93 42.36 -22.55 -48.54
N TYR O 94 42.33 -21.38 -49.18
CA TYR O 94 43.17 -21.08 -50.33
C TYR O 94 43.47 -19.59 -50.33
N ASN O 95 44.56 -19.22 -51.00
CA ASN O 95 45.05 -17.84 -51.02
C ASN O 95 44.83 -17.28 -52.41
N TYR O 96 43.68 -16.63 -52.60
CA TYR O 96 43.35 -15.99 -53.87
C TYR O 96 43.96 -14.58 -53.87
N TRP O 97 43.50 -13.75 -54.79
CA TRP O 97 43.96 -12.37 -54.87
C TRP O 97 43.31 -11.47 -53.82
N ALA O 98 42.42 -12.00 -52.99
CA ALA O 98 41.68 -11.21 -52.02
C ALA O 98 41.57 -12.01 -50.73
N ASP O 99 40.84 -11.45 -49.75
CA ASP O 99 40.88 -11.92 -48.37
C ASP O 99 39.93 -13.06 -48.07
N ASN O 100 39.03 -13.43 -49.00
CA ASN O 100 37.97 -14.40 -48.77
C ASN O 100 36.74 -13.72 -48.17
N TYR O 101 36.96 -12.64 -47.40
CA TYR O 101 35.86 -11.86 -46.85
C TYR O 101 35.50 -10.67 -47.72
N THR O 102 36.50 -9.90 -48.17
CA THR O 102 36.22 -8.90 -49.19
C THR O 102 35.74 -9.57 -50.47
N LEU O 103 36.21 -10.78 -50.73
CA LEU O 103 35.65 -11.57 -51.82
C LEU O 103 34.15 -11.76 -51.62
N PHE O 104 33.75 -12.11 -50.40
CA PHE O 104 32.34 -12.25 -50.12
C PHE O 104 31.60 -10.95 -50.34
N VAL O 105 32.15 -9.83 -49.85
CA VAL O 105 31.46 -8.56 -49.98
C VAL O 105 31.28 -8.17 -51.45
N LEU O 106 32.31 -8.37 -52.26
CA LEU O 106 32.23 -8.05 -53.69
C LEU O 106 31.22 -8.94 -54.40
N GLU O 107 31.31 -10.26 -54.16
CA GLU O 107 30.31 -11.19 -54.65
C GLU O 107 28.91 -10.74 -54.27
N MET O 108 28.75 -10.29 -53.02
CA MET O 108 27.44 -9.88 -52.52
C MET O 108 26.95 -8.64 -53.24
N ALA O 109 27.82 -7.66 -53.46
CA ALA O 109 27.38 -6.46 -54.17
C ALA O 109 26.89 -6.80 -55.58
N LEU O 110 27.69 -7.57 -56.31
CA LEU O 110 27.29 -7.91 -57.68
C LEU O 110 26.01 -8.73 -57.70
N MET O 111 25.98 -9.81 -56.92
CA MET O 111 24.79 -10.65 -56.85
C MET O 111 23.59 -9.86 -56.35
N GLY O 112 23.81 -8.85 -55.51
CA GLY O 112 22.70 -8.04 -55.03
C GLY O 112 22.10 -7.20 -56.13
N PHE O 113 22.95 -6.55 -56.91
CA PHE O 113 22.41 -5.84 -58.07
C PHE O 113 21.56 -6.79 -58.91
N ALA O 114 22.13 -7.93 -59.28
CA ALA O 114 21.43 -8.85 -60.17
C ALA O 114 20.10 -9.31 -59.55
N GLU O 115 20.13 -9.74 -58.29
CA GLU O 115 18.97 -10.36 -57.68
C GLU O 115 17.89 -9.34 -57.33
N HIS O 116 18.30 -8.14 -56.93
CA HIS O 116 17.34 -7.08 -56.69
C HIS O 116 16.61 -6.72 -57.98
N ARG O 117 17.35 -6.60 -59.09
CA ARG O 117 16.68 -6.34 -60.36
C ARG O 117 15.74 -7.47 -60.73
N ARG O 118 16.18 -8.72 -60.53
CA ARG O 118 15.33 -9.86 -60.84
C ARG O 118 14.03 -9.83 -60.02
N PHE O 119 14.13 -9.53 -58.73
CA PHE O 119 12.94 -9.54 -57.88
C PHE O 119 12.01 -8.38 -58.23
N GLN O 120 12.57 -7.21 -58.45
CA GLN O 120 11.71 -6.09 -58.81
C GLN O 120 11.02 -6.34 -60.14
N ASP O 121 11.64 -7.13 -61.01
CA ASP O 121 10.91 -7.61 -62.19
C ASP O 121 9.81 -8.58 -61.81
N TRP O 122 10.08 -9.51 -60.89
CA TRP O 122 9.05 -10.49 -60.52
C TRP O 122 7.83 -9.81 -59.91
N ALA O 123 8.03 -8.87 -59.00
CA ALA O 123 6.91 -8.24 -58.31
C ALA O 123 6.01 -7.49 -59.29
N LYS O 124 6.56 -6.46 -59.93
CA LYS O 124 5.84 -5.69 -60.94
C LYS O 124 6.45 -6.00 -62.31
N PRO O 125 5.91 -6.97 -63.04
CA PRO O 125 6.57 -7.39 -64.28
C PRO O 125 6.70 -6.25 -65.28
N GLY O 126 7.84 -6.22 -65.97
CA GLY O 126 8.10 -5.22 -66.98
C GLY O 126 8.54 -3.87 -66.45
N SER O 127 8.86 -3.77 -65.16
CA SER O 127 9.22 -2.50 -64.56
C SER O 127 10.70 -2.15 -64.73
N MET O 128 11.51 -3.07 -65.24
CA MET O 128 12.94 -2.82 -65.37
C MET O 128 13.34 -2.31 -66.75
N GLY O 129 12.38 -2.17 -67.67
CA GLY O 129 12.68 -1.67 -68.99
C GLY O 129 12.46 -0.18 -69.11
N LYS O 130 12.33 0.50 -67.96
CA LYS O 130 12.00 1.92 -67.93
C LYS O 130 13.17 2.78 -67.47
N GLN O 131 13.60 2.63 -66.22
CA GLN O 131 14.65 3.49 -65.68
C GLN O 131 15.98 3.22 -66.38
N TYR O 132 16.82 4.23 -66.42
CA TYR O 132 18.09 4.15 -67.12
C TYR O 132 19.05 3.22 -66.41
N PHE O 133 19.98 2.63 -67.16
CA PHE O 133 20.95 1.69 -66.63
C PHE O 133 22.09 1.51 -67.63
N LEU O 134 22.73 2.62 -68.00
CA LEU O 134 23.73 2.62 -69.07
C LEU O 134 23.18 1.93 -70.32
N GLY O 135 21.94 2.28 -70.67
CA GLY O 135 21.25 1.47 -71.64
C GLY O 135 20.94 0.11 -71.05
N LEU O 136 20.88 -0.89 -71.92
CA LEU O 136 20.68 -2.28 -71.51
C LEU O 136 19.31 -2.54 -70.88
N GLU O 137 18.54 -1.50 -70.60
CA GLU O 137 17.22 -1.69 -70.01
C GLU O 137 16.19 -2.20 -71.01
N LYS O 138 16.36 -1.89 -72.29
CA LYS O 138 15.46 -2.43 -73.30
C LYS O 138 15.59 -3.95 -73.42
N GLY O 139 16.69 -4.52 -72.94
CA GLY O 139 16.85 -5.95 -72.92
C GLY O 139 16.41 -6.57 -71.61
N PHE O 140 16.20 -5.74 -70.60
CA PHE O 140 15.71 -6.18 -69.29
C PHE O 140 14.21 -5.97 -69.14
N GLY O 141 13.46 -6.08 -70.22
CA GLY O 141 12.03 -5.89 -70.17
C GLY O 141 11.30 -7.04 -69.50
N GLY O 142 11.50 -8.25 -70.02
CA GLY O 142 10.82 -9.43 -69.52
C GLY O 142 9.86 -9.99 -70.55
N SER O 143 9.18 -11.07 -70.14
CA SER O 143 8.24 -11.74 -71.03
C SER O 143 6.94 -12.11 -70.32
N GLY O 144 6.61 -11.46 -69.21
CA GLY O 144 5.40 -11.79 -68.48
C GLY O 144 5.61 -12.93 -67.51
N ASN O 145 6.26 -13.99 -67.96
CA ASN O 145 6.59 -15.11 -67.10
C ASN O 145 7.94 -14.85 -66.43
N PRO O 146 8.00 -14.64 -65.11
CA PRO O 146 9.27 -14.28 -64.48
C PRO O 146 10.36 -15.32 -64.65
N ALA O 147 10.01 -16.59 -64.46
CA ALA O 147 11.02 -17.65 -64.52
C ALA O 147 11.65 -17.76 -65.90
N TYR O 148 11.01 -17.22 -66.93
CA TYR O 148 11.48 -17.31 -68.31
C TYR O 148 11.44 -15.92 -68.94
N PRO O 149 12.36 -15.03 -68.53
CA PRO O 149 12.30 -13.65 -69.03
C PRO O 149 12.70 -13.52 -70.49
N GLY O 150 13.68 -14.28 -70.94
CA GLY O 150 14.10 -14.18 -72.32
C GLY O 150 14.73 -12.83 -72.63
N GLY O 151 14.72 -12.49 -73.92
CA GLY O 151 15.28 -11.24 -74.38
C GLY O 151 16.66 -11.43 -74.97
N PRO O 152 17.26 -10.33 -75.44
CA PRO O 152 18.59 -10.43 -76.06
C PRO O 152 19.66 -10.98 -75.13
N PHE O 153 19.54 -10.74 -73.82
CA PHE O 153 20.56 -11.17 -72.87
C PHE O 153 20.33 -12.62 -72.43
N PHE O 154 19.11 -12.96 -72.04
CA PHE O 154 18.81 -14.26 -71.48
C PHE O 154 18.43 -15.30 -72.52
N ASN O 155 18.37 -14.94 -73.81
CA ASN O 155 18.05 -15.87 -74.87
C ASN O 155 18.57 -15.33 -76.20
N PRO O 156 19.89 -15.19 -76.33
CA PRO O 156 20.45 -14.63 -77.56
C PRO O 156 20.40 -15.58 -78.75
N LEU O 157 20.50 -16.89 -78.51
CA LEU O 157 20.46 -17.86 -79.60
C LEU O 157 19.06 -18.12 -80.13
N GLY O 158 18.03 -17.59 -79.48
CA GLY O 158 16.68 -17.70 -79.97
C GLY O 158 16.17 -19.13 -80.05
N PHE O 159 16.37 -19.90 -78.98
CA PHE O 159 15.89 -21.28 -78.93
C PHE O 159 14.38 -21.31 -78.77
N GLY O 160 13.73 -22.18 -79.53
CA GLY O 160 12.30 -22.41 -79.37
C GLY O 160 11.43 -21.29 -79.93
N LYS O 161 11.54 -21.05 -81.24
CA LYS O 161 10.69 -20.04 -81.86
C LYS O 161 9.21 -20.41 -81.77
N ASP O 162 8.89 -21.69 -81.98
CA ASP O 162 7.53 -22.17 -81.78
C ASP O 162 7.32 -22.52 -80.30
N GLU O 163 6.06 -22.77 -79.95
CA GLU O 163 5.68 -22.98 -78.55
C GLU O 163 5.93 -24.39 -78.05
N LYS O 164 5.70 -25.42 -78.86
CA LYS O 164 5.96 -26.76 -78.37
C LYS O 164 7.43 -26.90 -77.99
N SER O 165 8.34 -26.49 -78.87
CA SER O 165 9.75 -26.57 -78.54
C SER O 165 10.02 -25.98 -77.16
N LEU O 166 9.41 -24.84 -76.86
CA LEU O 166 9.57 -24.24 -75.55
C LEU O 166 9.00 -25.14 -74.46
N LYS O 167 7.86 -25.76 -74.71
CA LYS O 167 7.25 -26.65 -73.71
C LYS O 167 8.18 -27.79 -73.35
N GLU O 168 8.66 -28.53 -74.36
CA GLU O 168 9.52 -29.67 -74.08
C GLU O 168 10.88 -29.22 -73.53
N LEU O 169 11.38 -28.06 -73.96
CA LEU O 169 12.62 -27.55 -73.39
C LEU O 169 12.44 -27.21 -71.92
N LYS O 170 11.31 -26.63 -71.55
CA LYS O 170 11.05 -26.37 -70.14
C LYS O 170 10.98 -27.67 -69.35
N LEU O 171 10.34 -28.69 -69.91
CA LEU O 171 10.30 -29.98 -69.24
C LEU O 171 11.71 -30.53 -69.02
N LYS O 172 12.54 -30.47 -70.05
CA LYS O 172 13.92 -30.94 -69.91
C LYS O 172 14.68 -30.11 -68.87
N GLU O 173 14.45 -28.80 -68.88
CA GLU O 173 15.13 -27.93 -67.93
C GLU O 173 14.77 -28.29 -66.50
N VAL O 174 13.48 -28.46 -66.21
CA VAL O 174 13.09 -28.76 -64.85
C VAL O 174 13.59 -30.15 -64.45
N LYS O 175 13.56 -31.12 -65.35
CA LYS O 175 14.07 -32.44 -65.01
C LYS O 175 15.56 -32.41 -64.70
N ASN O 176 16.34 -31.71 -65.53
CA ASN O 176 17.78 -31.60 -65.28
C ASN O 176 18.05 -30.82 -64.01
N GLY O 177 17.25 -29.79 -63.73
CA GLY O 177 17.41 -29.07 -62.48
C GLY O 177 17.18 -29.95 -61.27
N ARG O 178 16.12 -30.76 -61.31
CA ARG O 178 15.88 -31.69 -60.21
C ARG O 178 17.02 -32.68 -60.07
N LEU O 179 17.52 -33.20 -61.19
CA LEU O 179 18.63 -34.15 -61.14
C LEU O 179 19.86 -33.52 -60.49
N ALA O 180 20.27 -32.35 -60.98
CA ALA O 180 21.44 -31.68 -60.41
C ALA O 180 21.21 -31.29 -58.96
N MET O 181 19.98 -30.95 -58.60
CA MET O 181 19.64 -30.56 -57.24
C MET O 181 19.84 -31.72 -56.27
N LEU O 182 19.22 -32.86 -56.58
CA LEU O 182 19.44 -34.05 -55.77
C LEU O 182 20.90 -34.47 -55.79
N ALA O 183 21.60 -34.26 -56.89
CA ALA O 183 23.02 -34.57 -56.96
C ALA O 183 23.84 -33.68 -56.04
N ILE O 184 23.46 -32.41 -55.90
CA ILE O 184 24.17 -31.54 -54.96
C ILE O 184 23.90 -31.98 -53.52
N LEU O 185 22.67 -32.41 -53.25
CA LEU O 185 22.42 -33.01 -51.93
C LEU O 185 23.36 -34.19 -51.71
N GLY O 186 23.52 -35.02 -52.72
CA GLY O 186 24.49 -36.11 -52.65
C GLY O 186 25.90 -35.62 -52.40
N TYR O 187 26.30 -34.56 -53.10
CA TYR O 187 27.61 -33.95 -52.88
C TYR O 187 27.79 -33.64 -51.40
N PHE O 188 26.82 -32.92 -50.83
CA PHE O 188 26.93 -32.48 -49.44
C PHE O 188 27.10 -33.67 -48.52
N ILE O 189 26.18 -34.65 -48.61
CA ILE O 189 26.20 -35.73 -47.63
C ILE O 189 27.39 -36.67 -47.84
N GLN O 190 27.79 -36.91 -49.10
CA GLN O 190 28.99 -37.71 -49.35
C GLN O 190 30.22 -37.03 -48.78
N GLY O 191 30.44 -35.77 -49.13
CA GLY O 191 31.59 -35.06 -48.59
C GLY O 191 31.56 -34.98 -47.07
N LEU O 192 30.38 -34.97 -46.47
CA LEU O 192 30.28 -35.01 -45.02
C LEU O 192 30.76 -36.35 -44.48
N VAL O 193 30.03 -37.43 -44.79
CA VAL O 193 30.37 -38.73 -44.21
C VAL O 193 31.66 -39.28 -44.81
N THR O 194 31.85 -39.15 -46.11
CA THR O 194 33.00 -39.75 -46.78
C THR O 194 34.22 -38.84 -46.83
N GLY O 195 34.03 -37.54 -46.97
CA GLY O 195 35.15 -36.61 -46.82
C GLY O 195 36.31 -36.87 -47.75
N VAL O 196 36.03 -37.08 -49.04
CA VAL O 196 37.07 -37.37 -50.02
C VAL O 196 36.92 -36.46 -51.23
N GLY O 197 35.68 -36.15 -51.59
CA GLY O 197 35.39 -35.38 -52.78
C GLY O 197 34.62 -36.20 -53.79
N PRO O 198 33.64 -35.58 -54.47
CA PRO O 198 32.74 -36.36 -55.33
C PRO O 198 33.43 -37.09 -56.48
N TYR O 199 34.35 -36.43 -57.18
CA TYR O 199 34.97 -37.07 -58.35
C TYR O 199 35.89 -38.20 -57.91
N GLN O 200 36.76 -37.94 -56.93
CA GLN O 200 37.63 -39.00 -56.44
C GLN O 200 36.81 -40.12 -55.82
N ASN O 201 35.67 -39.78 -55.22
CA ASN O 201 34.77 -40.80 -54.70
C ASN O 201 34.24 -41.68 -55.84
N LEU O 202 33.83 -41.06 -56.94
CA LEU O 202 33.39 -41.86 -58.09
C LEU O 202 34.51 -42.75 -58.60
N LEU O 203 35.73 -42.20 -58.66
CA LEU O 203 36.85 -42.96 -59.20
C LEU O 203 37.19 -44.16 -58.32
N ASP O 204 37.19 -43.97 -57.01
CA ASP O 204 37.55 -45.09 -56.13
C ASP O 204 36.39 -46.09 -56.01
N HIS O 205 35.15 -45.64 -56.21
CA HIS O 205 34.03 -46.57 -56.23
C HIS O 205 34.04 -47.41 -57.50
N VAL O 206 34.30 -46.79 -58.65
CA VAL O 206 34.26 -47.50 -59.92
C VAL O 206 35.40 -48.49 -60.08
N ALA O 207 36.44 -48.39 -59.24
CA ALA O 207 37.47 -49.42 -59.24
C ALA O 207 36.86 -50.78 -58.90
N ASP O 208 35.98 -50.80 -57.89
CA ASP O 208 35.17 -51.96 -57.56
C ASP O 208 34.11 -51.53 -56.54
N PRO O 209 32.98 -52.22 -56.47
CA PRO O 209 31.91 -51.78 -55.56
C PRO O 209 32.15 -52.20 -54.11
N VAL O 210 33.42 -52.34 -53.72
CA VAL O 210 33.74 -52.62 -52.32
C VAL O 210 33.29 -51.47 -51.43
N ASN O 211 33.34 -50.24 -51.95
CA ASN O 211 33.02 -49.05 -51.17
C ASN O 211 31.51 -48.81 -51.22
N ASN O 212 30.81 -49.54 -50.36
CA ASN O 212 29.37 -49.37 -50.21
C ASN O 212 29.07 -48.27 -49.21
N ASN O 213 27.80 -47.84 -49.17
CA ASN O 213 27.38 -46.87 -48.18
C ASN O 213 27.54 -47.41 -46.77
N VAL O 214 27.15 -48.67 -46.56
CA VAL O 214 27.24 -49.26 -45.23
C VAL O 214 28.69 -49.30 -44.75
N LEU O 215 29.64 -49.39 -45.68
CA LEU O 215 31.05 -49.39 -45.31
C LEU O 215 31.42 -48.11 -44.57
N THR O 216 30.95 -46.97 -45.07
CA THR O 216 31.28 -45.66 -44.52
C THR O 216 30.54 -45.39 -43.20
N SER O 217 29.65 -46.30 -42.79
CA SER O 217 28.90 -46.12 -41.56
C SER O 217 29.78 -45.99 -40.33
N LEU O 218 31.04 -46.44 -40.39
CA LEU O 218 31.94 -46.24 -39.26
C LEU O 218 32.13 -44.75 -38.97
N LYS O 219 32.18 -43.92 -40.02
CA LYS O 219 32.15 -42.46 -39.86
C LYS O 219 33.45 -41.97 -39.21
N PHE O 220 34.51 -41.94 -40.03
CA PHE O 220 35.82 -41.55 -39.52
C PHE O 220 35.82 -40.09 -39.08
N HIS O 221 35.19 -39.20 -39.86
CA HIS O 221 35.11 -37.79 -39.50
C HIS O 221 33.75 -37.21 -39.88
N LYS P 1 7.10 50.56 -37.85
CA LYS P 1 8.28 50.06 -37.15
C LYS P 1 8.29 50.57 -35.71
N LYS P 2 7.94 49.70 -34.78
CA LYS P 2 8.01 50.00 -33.35
C LYS P 2 9.31 49.50 -32.73
N GLY P 3 10.22 48.97 -33.53
CA GLY P 3 11.40 48.31 -32.99
C GLY P 3 11.10 46.89 -32.60
N GLU P 4 11.83 45.93 -33.18
CA GLU P 4 11.59 44.52 -32.95
C GLU P 4 12.79 43.94 -32.22
N TRP P 5 12.55 43.31 -31.06
CA TRP P 5 13.63 42.66 -30.33
C TRP P 5 14.06 41.37 -31.01
N LEU P 6 13.27 40.86 -31.95
CA LEU P 6 13.62 39.69 -32.74
C LEU P 6 13.01 39.89 -34.13
N PRO P 7 13.81 40.36 -35.11
CA PRO P 7 13.25 40.69 -36.42
C PRO P 7 12.22 39.70 -36.95
N GLY P 8 12.45 38.41 -36.75
CA GLY P 8 11.54 37.41 -37.26
C GLY P 8 10.32 37.15 -36.42
N LEU P 9 10.20 37.81 -35.27
CA LEU P 9 9.10 37.57 -34.33
C LEU P 9 8.19 38.79 -34.26
N ALA P 10 6.88 38.53 -34.27
CA ALA P 10 5.90 39.59 -34.09
C ALA P 10 5.88 40.05 -32.63
N SER P 11 5.42 41.28 -32.43
CA SER P 11 5.35 41.83 -31.08
C SER P 11 4.04 41.43 -30.41
N PRO P 12 4.01 41.40 -29.08
CA PRO P 12 2.75 41.08 -28.39
C PRO P 12 1.69 42.13 -28.67
N GLY P 13 0.43 41.68 -28.65
CA GLY P 13 -0.67 42.59 -28.94
C GLY P 13 -0.83 43.68 -27.90
N TYR P 14 -0.71 43.33 -26.62
CA TYR P 14 -0.87 44.32 -25.56
C TYR P 14 0.17 45.43 -25.63
N LEU P 15 1.28 45.19 -26.32
CA LEU P 15 2.27 46.24 -26.58
C LEU P 15 1.94 46.86 -27.93
N THR P 16 1.74 48.19 -27.94
CA THR P 16 1.26 48.88 -29.14
C THR P 16 2.20 50.02 -29.56
N GLY P 17 3.32 50.20 -28.87
CA GLY P 17 4.26 51.25 -29.20
C GLY P 17 3.95 52.59 -28.60
N SER P 18 2.84 52.73 -27.86
CA SER P 18 2.52 54.01 -27.24
C SER P 18 3.56 54.38 -26.19
N LEU P 19 3.99 53.41 -25.38
CA LEU P 19 4.94 53.70 -24.32
C LEU P 19 6.33 53.92 -24.92
N PRO P 20 7.11 54.85 -24.39
CA PRO P 20 8.49 55.00 -24.86
C PRO P 20 9.29 53.74 -24.62
N GLY P 21 10.19 53.43 -25.55
CA GLY P 21 11.02 52.26 -25.43
C GLY P 21 10.35 50.95 -25.73
N ASP P 22 9.15 50.98 -26.32
CA ASP P 22 8.40 49.77 -26.63
C ASP P 22 8.98 49.13 -27.87
N ASN P 23 9.80 48.10 -27.67
CA ASN P 23 10.37 47.32 -28.77
C ASN P 23 9.76 45.92 -28.87
N GLY P 24 8.66 45.67 -28.18
CA GLY P 24 7.98 44.39 -28.28
C GLY P 24 8.66 43.25 -27.57
N PHE P 25 9.50 43.53 -26.58
CA PHE P 25 10.25 42.51 -25.86
C PHE P 25 9.49 42.12 -24.60
N ASP P 26 8.93 40.90 -24.60
CA ASP P 26 8.23 40.38 -23.43
C ASP P 26 7.93 38.90 -23.64
N PRO P 27 8.95 38.05 -23.80
CA PRO P 27 8.68 36.63 -24.07
C PRO P 27 7.87 35.94 -22.98
N LEU P 28 8.07 36.31 -21.71
CA LEU P 28 7.37 35.66 -20.62
C LEU P 28 5.94 36.15 -20.45
N GLY P 29 5.52 37.16 -21.21
CA GLY P 29 4.16 37.64 -21.10
C GLY P 29 3.80 38.15 -19.72
N LEU P 30 4.69 38.94 -19.11
CA LEU P 30 4.46 39.45 -17.77
C LEU P 30 3.46 40.60 -17.74
N ALA P 31 3.10 41.17 -18.89
CA ALA P 31 2.22 42.32 -18.96
C ALA P 31 0.96 42.00 -19.75
N GLU P 32 0.43 40.79 -19.59
CA GLU P 32 -0.84 40.44 -20.22
C GLU P 32 -1.98 41.31 -19.72
N ASP P 33 -1.86 41.89 -18.53
CA ASP P 33 -2.90 42.67 -17.90
C ASP P 33 -2.57 44.16 -17.99
N PRO P 34 -3.50 45.01 -18.44
CA PRO P 34 -3.17 46.45 -18.49
C PRO P 34 -2.70 47.02 -17.17
N GLU P 35 -3.29 46.61 -16.05
CA GLU P 35 -2.84 47.13 -14.76
C GLU P 35 -1.42 46.69 -14.44
N ASN P 36 -1.09 45.44 -14.76
CA ASN P 36 0.28 44.97 -14.56
C ASN P 36 1.26 45.78 -15.40
N LEU P 37 0.90 46.07 -16.64
CA LEU P 37 1.75 46.90 -17.49
C LEU P 37 1.91 48.29 -16.91
N LYS P 38 0.81 48.87 -16.41
CA LYS P 38 0.86 50.22 -15.85
C LYS P 38 1.75 50.28 -14.61
N TRP P 39 1.72 49.22 -13.79
CA TRP P 39 2.60 49.19 -12.63
C TRP P 39 4.05 48.97 -13.04
N PHE P 40 4.28 48.07 -14.00
CA PHE P 40 5.64 47.72 -14.37
C PHE P 40 6.34 48.86 -15.10
N VAL P 41 5.60 49.70 -15.83
CA VAL P 41 6.25 50.84 -16.48
C VAL P 41 6.85 51.77 -15.44
N GLN P 42 6.11 52.06 -14.37
CA GLN P 42 6.64 52.89 -13.30
C GLN P 42 7.78 52.20 -12.59
N ALA P 43 7.65 50.88 -12.36
CA ALA P 43 8.74 50.12 -11.77
C ALA P 43 10.01 50.26 -12.59
N GLU P 44 9.89 50.11 -13.91
CA GLU P 44 11.04 50.24 -14.80
C GLU P 44 11.61 51.64 -14.76
N LEU P 45 10.76 52.67 -14.77
CA LEU P 45 11.26 54.03 -14.71
C LEU P 45 12.11 54.24 -13.46
N VAL P 46 11.58 53.90 -12.30
CA VAL P 46 12.27 54.17 -11.05
C VAL P 46 13.53 53.31 -10.94
N ASN P 47 13.42 52.03 -11.33
CA ASN P 47 14.58 51.15 -11.27
C ASN P 47 15.69 51.66 -12.18
N GLY P 48 15.34 52.11 -13.38
CA GLY P 48 16.34 52.62 -14.30
C GLY P 48 16.99 53.89 -13.80
N ARG P 49 16.19 54.79 -13.24
CA ARG P 49 16.76 56.05 -12.73
C ARG P 49 17.72 55.77 -11.57
N TRP P 50 17.30 54.91 -10.64
CA TRP P 50 18.19 54.54 -9.54
C TRP P 50 19.44 53.84 -10.05
N ALA P 51 19.29 52.96 -11.05
CA ALA P 51 20.43 52.25 -11.59
C ALA P 51 21.41 53.20 -12.25
N MET P 52 20.90 54.17 -13.02
CA MET P 52 21.78 55.14 -13.65
C MET P 52 22.55 55.93 -12.60
N LEU P 53 21.85 56.42 -11.57
CA LEU P 53 22.53 57.17 -10.53
C LEU P 53 23.58 56.31 -9.83
N GLY P 54 23.23 55.06 -9.51
CA GLY P 54 24.16 54.21 -8.79
C GLY P 54 25.38 53.83 -9.60
N VAL P 55 25.18 53.49 -10.88
CA VAL P 55 26.32 53.13 -11.71
C VAL P 55 27.22 54.33 -11.92
N ALA P 56 26.64 55.53 -12.08
CA ALA P 56 27.48 56.72 -12.16
C ALA P 56 28.29 56.89 -10.88
N GLY P 57 27.63 56.73 -9.73
CA GLY P 57 28.32 56.90 -8.46
C GLY P 57 29.44 55.91 -8.26
N MET P 58 29.26 54.69 -8.76
CA MET P 58 30.30 53.67 -8.61
C MET P 58 31.41 53.83 -9.64
N LEU P 59 31.08 54.36 -10.82
CA LEU P 59 32.05 54.40 -11.90
C LEU P 59 32.90 55.67 -11.85
N LEU P 60 32.25 56.83 -11.86
CA LEU P 60 32.97 58.09 -12.05
C LEU P 60 34.03 58.29 -10.97
N PRO P 61 33.70 58.12 -9.69
CA PRO P 61 34.74 58.26 -8.65
C PRO P 61 35.91 57.31 -8.86
N GLU P 62 35.62 56.07 -9.29
CA GLU P 62 36.69 55.09 -9.45
C GLU P 62 37.67 55.52 -10.54
N VAL P 63 37.16 55.94 -11.70
CA VAL P 63 38.05 56.37 -12.77
C VAL P 63 38.76 57.65 -12.38
N PHE P 64 38.08 58.56 -11.68
CA PHE P 64 38.70 59.80 -11.26
C PHE P 64 39.86 59.54 -10.31
N THR P 65 39.70 58.60 -9.38
CA THR P 65 40.80 58.29 -8.46
C THR P 65 41.89 57.49 -9.16
N SER P 66 41.53 56.68 -10.15
CA SER P 66 42.54 55.96 -10.92
C SER P 66 43.44 56.93 -11.68
N ILE P 67 42.84 57.95 -12.30
CA ILE P 67 43.63 58.94 -13.02
C ILE P 67 44.32 59.93 -12.09
N GLY P 68 43.90 60.01 -10.83
CA GLY P 68 44.59 60.80 -9.85
C GLY P 68 44.07 62.23 -9.71
N ILE P 69 42.84 62.37 -9.22
CA ILE P 69 42.27 63.67 -8.88
C ILE P 69 41.66 63.66 -7.48
N ILE P 70 40.93 62.59 -7.14
CA ILE P 70 40.38 62.41 -5.81
C ILE P 70 40.79 61.02 -5.33
N ASN P 71 40.80 60.85 -4.01
CA ASN P 71 41.21 59.58 -3.38
C ASN P 71 40.00 59.03 -2.62
N VAL P 72 39.07 58.44 -3.35
CA VAL P 72 37.91 57.79 -2.76
C VAL P 72 38.17 56.29 -2.70
N PRO P 73 37.50 55.55 -1.81
CA PRO P 73 37.67 54.10 -1.80
C PRO P 73 36.83 53.43 -2.87
N LYS P 74 36.95 52.11 -3.01
CA LYS P 74 36.10 51.39 -3.94
C LYS P 74 34.67 51.36 -3.41
N TRP P 75 33.73 51.08 -4.32
CA TRP P 75 32.32 51.10 -3.93
C TRP P 75 32.02 50.00 -2.93
N TYR P 76 32.60 48.82 -3.11
CA TYR P 76 32.28 47.71 -2.21
C TYR P 76 32.76 47.97 -0.79
N ASP P 77 33.95 48.56 -0.64
CA ASP P 77 34.52 48.80 0.68
C ASP P 77 34.24 50.19 1.21
N ALA P 78 33.47 51.01 0.49
CA ALA P 78 33.22 52.38 0.94
C ALA P 78 32.35 52.40 2.19
N GLY P 79 31.75 51.26 2.55
CA GLY P 79 30.89 51.22 3.73
C GLY P 79 31.63 51.38 5.04
N LYS P 80 32.89 50.96 5.12
CA LYS P 80 33.64 51.01 6.36
C LYS P 80 34.13 52.41 6.70
N GLU P 81 34.54 53.19 5.69
CA GLU P 81 35.06 54.51 5.95
C GLU P 81 34.14 55.27 6.88
N GLU P 82 34.69 55.79 7.97
CA GLU P 82 33.91 56.45 9.00
C GLU P 82 33.59 57.87 8.58
N TYR P 83 32.30 58.22 8.65
CA TYR P 83 31.81 59.53 8.30
C TYR P 83 31.47 60.30 9.58
N PHE P 84 30.97 61.52 9.40
CA PHE P 84 30.69 62.38 10.54
C PHE P 84 29.62 61.83 11.47
N ALA P 85 28.82 60.87 11.01
CA ALA P 85 27.73 60.32 11.80
C ALA P 85 27.81 58.81 11.78
N SER P 86 27.23 58.20 12.82
CA SER P 86 27.19 56.75 12.89
C SER P 86 26.40 56.19 11.71
N SER P 87 26.78 54.98 11.28
CA SER P 87 26.12 54.37 10.13
C SER P 87 24.63 54.19 10.37
N SER P 88 24.26 53.72 11.57
CA SER P 88 22.85 53.50 11.87
C SER P 88 22.07 54.80 11.86
N THR P 89 22.66 55.89 12.34
CA THR P 89 22.00 57.18 12.31
C THR P 89 21.70 57.60 10.88
N LEU P 90 22.69 57.46 9.98
CA LEU P 90 22.47 57.77 8.58
C LEU P 90 21.37 56.90 8.00
N PHE P 91 21.38 55.60 8.33
CA PHE P 91 20.38 54.71 7.79
C PHE P 91 18.97 55.10 8.23
N VAL P 92 18.80 55.45 9.50
CA VAL P 92 17.46 55.80 9.98
C VAL P 92 17.01 57.12 9.38
N ILE P 93 17.92 58.09 9.24
CA ILE P 93 17.55 59.35 8.60
C ILE P 93 17.06 59.09 7.18
N GLU P 94 17.84 58.30 6.43
CA GLU P 94 17.45 57.94 5.07
C GLU P 94 16.11 57.23 5.06
N PHE P 95 15.88 56.36 6.05
CA PHE P 95 14.63 55.62 6.12
C PHE P 95 13.45 56.56 6.27
N ILE P 96 13.56 57.54 7.17
CA ILE P 96 12.45 58.48 7.36
C ILE P 96 12.19 59.26 6.08
N LEU P 97 13.25 59.83 5.50
CA LEU P 97 13.07 60.69 4.34
C LEU P 97 12.45 59.91 3.18
N PHE P 98 12.97 58.71 2.92
CA PHE P 98 12.43 57.89 1.85
C PHE P 98 11.04 57.37 2.16
N HIS P 99 10.75 57.01 3.41
CA HIS P 99 9.40 56.62 3.78
C HIS P 99 8.39 57.72 3.49
N TYR P 100 8.81 58.98 3.56
CA TYR P 100 7.91 60.05 3.16
C TYR P 100 7.80 60.16 1.63
N VAL P 101 8.94 60.34 0.95
CA VAL P 101 8.89 60.69 -0.47
C VAL P 101 8.32 59.53 -1.30
N GLU P 102 8.68 58.30 -0.96
CA GLU P 102 8.21 57.15 -1.72
C GLU P 102 6.72 56.95 -1.53
N ILE P 103 6.20 57.26 -0.35
CA ILE P 103 4.75 57.18 -0.15
C ILE P 103 4.06 58.27 -0.95
N ARG P 104 4.67 59.45 -1.06
CA ARG P 104 4.13 60.48 -1.94
C ARG P 104 4.04 59.96 -3.38
N ARG P 105 5.13 59.35 -3.85
CA ARG P 105 5.16 58.81 -5.21
C ARG P 105 4.10 57.72 -5.38
N TRP P 106 3.94 56.88 -4.36
CA TRP P 106 2.95 55.82 -4.41
C TRP P 106 1.54 56.40 -4.52
N GLN P 107 1.25 57.44 -3.75
CA GLN P 107 -0.05 58.07 -3.83
C GLN P 107 -0.29 58.63 -5.22
N ASP P 108 0.74 59.23 -5.82
CA ASP P 108 0.61 59.66 -7.20
C ASP P 108 0.27 58.49 -8.11
N ILE P 109 0.98 57.37 -7.96
CA ILE P 109 0.78 56.24 -8.87
C ILE P 109 -0.63 55.69 -8.74
N LYS P 110 -1.11 55.52 -7.50
CA LYS P 110 -2.39 54.83 -7.29
C LYS P 110 -3.54 55.58 -7.93
N ASN P 111 -3.69 56.88 -7.66
CA ASN P 111 -4.70 57.71 -8.31
C ASN P 111 -4.03 59.00 -8.75
N PRO P 112 -3.73 59.14 -10.04
CA PRO P 112 -2.93 60.28 -10.49
C PRO P 112 -3.56 61.63 -10.17
N GLY P 113 -2.71 62.60 -9.81
CA GLY P 113 -3.14 63.96 -9.61
C GLY P 113 -3.56 64.32 -8.20
N SER P 114 -3.59 63.35 -7.28
CA SER P 114 -4.06 63.63 -5.93
C SER P 114 -2.98 64.24 -5.04
N VAL P 115 -1.73 64.26 -5.49
CA VAL P 115 -0.64 64.77 -4.66
C VAL P 115 0.25 65.71 -5.47
N ASN P 116 -0.38 66.57 -6.26
CA ASN P 116 0.35 67.62 -6.98
C ASN P 116 0.56 68.87 -6.15
N GLN P 117 0.01 68.92 -4.95
CA GLN P 117 -0.05 70.14 -4.15
C GLN P 117 0.91 70.05 -2.98
N ASP P 118 1.62 71.13 -2.71
CA ASP P 118 2.48 71.21 -1.53
C ASP P 118 1.62 71.10 -0.27
N PRO P 119 1.92 70.19 0.65
CA PRO P 119 1.05 70.01 1.82
C PRO P 119 1.24 71.05 2.91
N ILE P 120 2.27 71.89 2.83
CA ILE P 120 2.54 72.91 3.84
C ILE P 120 2.12 74.29 3.33
N PHE P 121 2.70 74.73 2.22
CA PHE P 121 2.28 75.97 1.59
C PHE P 121 1.20 75.68 0.55
N LYS P 122 -0.01 76.16 0.79
CA LYS P 122 -1.15 75.76 -0.02
C LYS P 122 -1.00 76.16 -1.49
N GLN P 123 -0.17 77.15 -1.80
CA GLN P 123 0.15 77.45 -3.19
C GLN P 123 1.23 76.45 -3.63
N TYR P 124 1.89 76.75 -4.76
CA TYR P 124 3.02 75.94 -5.22
C TYR P 124 2.60 74.48 -5.45
N SER P 125 1.72 74.27 -6.41
CA SER P 125 1.35 72.92 -6.82
C SER P 125 2.07 72.54 -8.11
N LEU P 126 2.26 71.24 -8.30
CA LEU P 126 2.92 70.77 -9.51
C LEU P 126 2.00 70.92 -10.73
N PRO P 127 2.57 71.17 -11.90
CA PRO P 127 1.75 71.15 -13.12
C PRO P 127 1.19 69.76 -13.37
N ALA P 128 -0.05 69.72 -13.87
CA ALA P 128 -0.71 68.45 -14.11
C ALA P 128 -0.01 67.66 -15.19
N GLY P 129 0.99 66.86 -14.81
CA GLY P 129 1.72 66.05 -15.76
C GLY P 129 1.16 64.65 -15.88
N GLU P 130 2.04 63.66 -16.05
CA GLU P 130 1.64 62.27 -16.17
C GLU P 130 2.46 61.43 -15.20
N VAL P 131 1.88 60.29 -14.81
CA VAL P 131 2.50 59.45 -13.79
C VAL P 131 3.90 59.04 -14.24
N GLY P 132 4.85 59.10 -13.32
CA GLY P 132 6.23 58.80 -13.61
C GLY P 132 7.00 59.95 -14.22
N TYR P 133 6.32 61.02 -14.61
CA TYR P 133 6.94 62.17 -15.26
C TYR P 133 6.42 63.46 -14.64
N PRO P 134 6.73 63.71 -13.37
CA PRO P 134 6.24 64.92 -12.69
C PRO P 134 7.17 66.10 -12.90
N GLY P 135 6.76 67.01 -13.78
CA GLY P 135 7.60 68.16 -14.10
C GLY P 135 7.63 69.19 -12.99
N GLY P 136 7.41 70.46 -13.33
CA GLY P 136 7.38 71.50 -12.32
C GLY P 136 8.74 71.66 -11.67
N ILE P 137 8.75 71.69 -10.33
CA ILE P 137 9.98 71.91 -9.58
C ILE P 137 11.00 70.81 -9.82
N PHE P 138 10.57 69.61 -10.18
CA PHE P 138 11.49 68.52 -10.51
C PHE P 138 12.21 68.74 -11.83
N ASN P 139 11.81 69.74 -12.61
CA ASN P 139 12.42 70.01 -13.92
C ASN P 139 12.75 71.49 -14.01
N PRO P 140 13.73 71.97 -13.25
CA PRO P 140 14.02 73.41 -13.24
C PRO P 140 14.40 73.96 -14.60
N LEU P 141 15.37 73.35 -15.28
CA LEU P 141 15.78 73.79 -16.61
C LEU P 141 14.66 73.71 -17.63
N ASN P 142 13.60 72.97 -17.34
CA ASN P 142 12.40 72.92 -18.19
C ASN P 142 12.72 72.37 -19.58
N PHE P 143 13.61 71.38 -19.65
CA PHE P 143 13.83 70.67 -20.91
C PHE P 143 12.52 70.04 -21.36
N ALA P 144 12.24 70.12 -22.66
CA ALA P 144 10.98 69.63 -23.19
C ALA P 144 10.84 68.13 -22.92
N PRO P 145 9.72 67.68 -22.34
CA PRO P 145 9.53 66.23 -22.14
C PRO P 145 9.10 65.53 -23.42
N THR P 146 9.80 65.78 -24.52
CA THR P 146 9.42 65.22 -25.80
C THR P 146 9.55 63.70 -25.77
N LEU P 147 8.76 63.04 -26.63
CA LEU P 147 8.72 61.58 -26.62
C LEU P 147 10.09 60.98 -26.91
N GLU P 148 10.83 61.56 -27.86
CA GLU P 148 12.12 60.99 -28.22
C GLU P 148 13.08 61.01 -27.04
N ALA P 149 13.06 62.08 -26.24
CA ALA P 149 13.91 62.14 -25.06
C ALA P 149 13.52 61.08 -24.03
N LYS P 150 12.22 60.80 -23.91
CA LYS P 150 11.79 59.74 -23.00
C LYS P 150 12.36 58.40 -23.42
N GLU P 151 12.38 58.12 -24.72
CA GLU P 151 12.98 56.88 -25.21
C GLU P 151 14.47 56.82 -24.86
N LYS P 152 15.16 57.95 -25.00
CA LYS P 152 16.58 57.98 -24.64
C LYS P 152 16.76 57.69 -23.16
N GLU P 153 15.89 58.26 -22.32
CA GLU P 153 15.96 57.98 -20.89
C GLU P 153 15.76 56.50 -20.62
N ILE P 154 14.75 55.90 -21.26
CA ILE P 154 14.46 54.48 -21.02
C ILE P 154 15.64 53.62 -21.44
N ALA P 155 16.21 53.91 -22.61
CA ALA P 155 17.32 53.11 -23.11
C ALA P 155 18.54 53.25 -22.21
N ASN P 156 18.85 54.46 -21.77
CA ASN P 156 20.00 54.66 -20.90
C ASN P 156 19.77 53.98 -19.55
N GLY P 157 18.54 54.00 -19.06
CA GLY P 157 18.25 53.32 -17.81
C GLY P 157 18.41 51.81 -17.91
N ARG P 158 17.93 51.23 -19.02
CA ARG P 158 18.13 49.80 -19.23
C ARG P 158 19.61 49.45 -19.31
N LEU P 159 20.38 50.27 -20.04
CA LEU P 159 21.82 50.04 -20.10
C LEU P 159 22.44 50.12 -18.72
N ALA P 160 22.00 51.08 -17.90
CA ALA P 160 22.55 51.25 -16.57
C ALA P 160 22.23 50.06 -15.68
N MET P 161 21.01 49.51 -15.81
CA MET P 161 20.66 48.33 -15.02
C MET P 161 21.52 47.13 -15.41
N LEU P 162 21.70 46.91 -16.71
CA LEU P 162 22.62 45.86 -17.15
C LEU P 162 24.01 46.09 -16.58
N ALA P 163 24.46 47.34 -16.61
CA ALA P 163 25.79 47.67 -16.12
C ALA P 163 25.93 47.40 -14.64
N PHE P 164 24.90 47.71 -13.86
CA PHE P 164 24.96 47.45 -12.43
C PHE P 164 25.03 45.95 -12.16
N LEU P 165 24.22 45.17 -12.87
CA LEU P 165 24.32 43.72 -12.75
C LEU P 165 25.74 43.25 -13.03
N GLY P 166 26.34 43.76 -14.11
CA GLY P 166 27.72 43.43 -14.40
C GLY P 166 28.68 43.87 -13.31
N PHE P 167 28.48 45.08 -12.79
CA PHE P 167 29.33 45.56 -11.70
C PHE P 167 29.35 44.57 -10.56
N ILE P 168 28.17 44.19 -10.08
CA ILE P 168 28.13 43.37 -8.88
C ILE P 168 28.66 41.97 -9.17
N ILE P 169 28.34 41.39 -10.31
CA ILE P 169 28.81 40.03 -10.59
C ILE P 169 30.33 40.03 -10.78
N GLN P 170 30.86 41.04 -11.47
CA GLN P 170 32.30 41.12 -11.66
C GLN P 170 33.01 41.31 -10.32
N HIS P 171 32.48 42.16 -9.45
CA HIS P 171 33.12 42.33 -8.15
C HIS P 171 33.06 41.03 -7.35
N ASN P 172 31.95 40.30 -7.43
CA ASN P 172 31.83 39.05 -6.69
C ASN P 172 32.85 38.03 -7.19
N VAL P 173 33.03 37.91 -8.50
CA VAL P 173 33.86 36.83 -9.03
C VAL P 173 35.35 37.21 -9.08
N THR P 174 35.67 38.46 -9.44
CA THR P 174 37.05 38.90 -9.54
C THR P 174 37.57 39.42 -8.20
N GLY P 175 36.95 40.48 -7.68
CA GLY P 175 37.33 41.02 -6.40
C GLY P 175 37.90 42.43 -6.46
N LYS P 176 37.39 43.24 -7.38
CA LYS P 176 37.82 44.64 -7.46
C LYS P 176 36.82 45.41 -8.31
N GLY P 177 37.07 46.71 -8.46
CA GLY P 177 36.16 47.59 -9.16
C GLY P 177 36.10 47.34 -10.65
N PRO P 178 34.99 47.73 -11.27
CA PRO P 178 34.85 47.51 -12.72
C PRO P 178 35.92 48.17 -13.57
N PHE P 179 36.34 49.38 -13.22
CA PHE P 179 37.32 50.07 -14.05
C PHE P 179 38.66 49.36 -14.03
N ASP P 180 39.06 48.83 -12.88
CA ASP P 180 40.28 48.03 -12.83
C ASP P 180 40.18 46.81 -13.75
N ASN P 181 39.00 46.17 -13.76
CA ASN P 181 38.80 45.03 -14.64
C ASN P 181 38.94 45.45 -16.11
N LEU P 182 38.33 46.57 -16.48
CA LEU P 182 38.43 47.03 -17.87
C LEU P 182 39.87 47.34 -18.23
N LEU P 183 40.60 48.02 -17.33
CA LEU P 183 41.98 48.36 -17.61
C LEU P 183 42.83 47.10 -17.79
N GLN P 184 42.63 46.12 -16.91
CA GLN P 184 43.36 44.87 -17.01
C GLN P 184 43.05 44.16 -18.32
N HIS P 185 41.77 44.14 -18.71
CA HIS P 185 41.40 43.53 -19.97
C HIS P 185 42.04 44.25 -21.16
N ILE P 186 42.08 45.58 -21.11
CA ILE P 186 42.66 46.35 -22.20
C ILE P 186 44.15 46.07 -22.31
N SER P 187 44.81 45.87 -21.18
CA SER P 187 46.25 45.61 -21.22
C SER P 187 46.58 44.41 -22.09
N ASP P 188 45.78 43.35 -21.98
CA ASP P 188 45.96 42.17 -22.82
C ASP P 188 44.62 41.45 -22.97
N PRO P 189 43.80 41.85 -23.95
CA PRO P 189 42.44 41.28 -24.04
C PRO P 189 42.40 39.77 -24.28
N TRP P 190 43.40 39.20 -24.94
CA TRP P 190 43.34 37.80 -25.35
C TRP P 190 43.69 36.83 -24.24
N HIS P 191 44.12 37.31 -23.08
CA HIS P 191 44.41 36.45 -21.93
C HIS P 191 43.76 36.96 -20.66
N ASN P 192 42.78 37.85 -20.78
CA ASN P 192 42.06 38.41 -19.63
C ASN P 192 40.58 38.47 -20.00
N THR P 193 39.85 37.42 -19.70
CA THR P 193 38.42 37.34 -20.00
C THR P 193 37.73 36.54 -18.90
N ILE P 194 36.45 36.27 -19.09
CA ILE P 194 35.70 35.49 -18.12
C ILE P 194 36.30 34.10 -17.97
N VAL P 195 36.77 33.51 -19.08
CA VAL P 195 37.33 32.16 -19.04
C VAL P 195 38.51 32.12 -18.08
N GLN P 196 39.45 33.05 -18.22
CA GLN P 196 40.59 33.09 -17.31
C GLN P 196 40.18 33.54 -15.91
N THR P 197 39.17 34.41 -15.82
CA THR P 197 38.67 34.82 -14.52
C THR P 197 38.09 33.64 -13.75
N LEU P 198 37.36 32.77 -14.44
CA LEU P 198 36.75 31.61 -13.82
C LEU P 198 37.72 30.43 -13.80
N VAL Q 1 39.72 -21.32 29.33
CA VAL Q 1 38.57 -21.10 30.25
C VAL Q 1 37.29 -20.92 29.44
N GLU Q 2 36.30 -21.82 29.59
CA GLU Q 2 34.97 -21.69 28.91
C GLU Q 2 34.01 -20.66 29.51
N VAL Q 3 33.39 -19.87 28.64
CA VAL Q 3 32.38 -18.83 28.97
C VAL Q 3 31.25 -19.02 27.96
N LEU Q 4 29.98 -19.04 28.37
CA LEU Q 4 28.83 -19.26 27.45
C LEU Q 4 28.27 -17.93 26.94
N LEU Q 5 27.98 -17.84 25.65
CA LEU Q 5 27.42 -16.64 25.05
C LEU Q 5 25.91 -16.66 25.22
N GLY Q 6 25.39 -15.77 26.07
CA GLY Q 6 23.97 -15.70 26.32
C GLY Q 6 23.53 -16.55 27.50
N ALA Q 7 22.61 -16.04 28.31
CA ALA Q 7 22.13 -16.77 29.46
C ALA Q 7 21.04 -17.77 29.11
N SER Q 8 20.74 -18.65 30.07
CA SER Q 8 19.70 -19.64 29.87
C SER Q 8 18.34 -18.99 29.65
N ASP Q 9 18.07 -17.91 30.37
CA ASP Q 9 16.79 -17.20 30.24
C ASP Q 9 16.70 -16.36 28.98
N GLY Q 10 17.64 -16.51 28.04
CA GLY Q 10 17.67 -15.67 26.87
C GLY Q 10 18.37 -14.33 27.08
N GLY Q 11 18.88 -14.07 28.28
CA GLY Q 11 19.61 -12.84 28.53
C GLY Q 11 20.84 -12.77 27.64
N LEU Q 12 21.11 -11.59 27.10
CA LEU Q 12 22.26 -11.37 26.22
C LEU Q 12 23.46 -10.93 27.07
N ALA Q 13 24.09 -11.92 27.69
CA ALA Q 13 25.23 -11.68 28.58
C ALA Q 13 26.17 -12.88 28.52
N PHE Q 14 27.40 -12.65 28.98
CA PHE Q 14 28.40 -13.70 29.06
C PHE Q 14 28.33 -14.40 30.41
N VAL Q 15 28.71 -15.69 30.38
CA VAL Q 15 28.72 -16.59 31.58
C VAL Q 15 30.10 -17.24 31.91
N PRO Q 16 30.84 -16.51 32.91
CA PRO Q 16 30.69 -15.07 33.80
C PRO Q 16 31.06 -13.94 32.85
N SER Q 17 30.55 -12.74 33.10
CA SER Q 17 30.81 -11.53 32.29
C SER Q 17 32.27 -11.13 32.39
N SER Q 18 32.85 -11.31 33.58
CA SER Q 18 34.23 -10.90 33.93
C SER Q 18 35.07 -12.15 34.13
N LEU Q 19 36.11 -12.31 33.33
CA LEU Q 19 36.91 -13.54 33.43
C LEU Q 19 38.32 -13.21 33.92
N GLU Q 20 38.70 -13.77 35.06
CA GLU Q 20 40.08 -13.52 35.56
C GLU Q 20 40.88 -14.80 35.26
N VAL Q 21 41.61 -14.85 34.14
CA VAL Q 21 42.35 -16.09 33.76
C VAL Q 21 43.85 -15.88 33.91
N SER Q 22 44.59 -17.00 34.05
CA SER Q 22 46.07 -16.97 34.10
C SER Q 22 46.60 -17.19 32.70
N ALA Q 23 47.80 -16.67 32.40
CA ALA Q 23 48.44 -16.79 31.07
C ALA Q 23 48.85 -18.24 30.78
N GLY Q 24 48.88 -18.59 29.51
CA GLY Q 24 49.13 -19.98 29.11
C GLY Q 24 47.80 -20.69 28.91
N GLU Q 25 46.71 -19.92 28.94
CA GLU Q 25 45.34 -20.47 28.78
C GLU Q 25 44.67 -19.75 27.62
N THR Q 26 43.73 -20.42 26.97
CA THR Q 26 42.98 -19.84 25.83
C THR Q 26 41.50 -19.95 26.16
N ILE Q 27 40.75 -18.90 25.87
CA ILE Q 27 39.29 -18.84 26.14
C ILE Q 27 38.54 -19.46 24.97
N VAL Q 28 37.58 -20.32 25.28
CA VAL Q 28 36.61 -20.89 24.30
C VAL Q 28 35.22 -20.27 24.55
N PHE Q 29 34.69 -19.57 23.56
CA PHE Q 29 33.40 -18.88 23.66
C PHE Q 29 32.32 -19.79 23.08
N LYS Q 30 31.76 -20.64 23.95
CA LYS Q 30 30.74 -21.60 23.48
C LYS Q 30 29.37 -20.93 23.46
N ASN Q 31 28.55 -21.32 22.50
CA ASN Q 31 27.22 -20.79 22.32
C ASN Q 31 26.25 -21.50 23.25
N ASN Q 32 25.34 -20.73 23.87
CA ASN Q 32 24.37 -21.29 24.79
C ASN Q 32 22.99 -20.97 24.25
N ALA Q 33 22.41 -19.81 24.58
CA ALA Q 33 21.10 -19.43 24.10
C ALA Q 33 21.15 -17.98 23.63
N GLY Q 34 20.22 -17.62 22.75
CA GLY Q 34 20.21 -16.31 22.14
C GLY Q 34 21.12 -16.17 20.95
N PHE Q 35 21.73 -17.26 20.48
CA PHE Q 35 22.57 -17.22 19.31
C PHE Q 35 21.73 -16.91 18.07
N PRO Q 36 22.36 -16.45 16.97
CA PRO Q 36 23.79 -16.30 16.71
C PRO Q 36 24.49 -15.23 17.55
N HIS Q 37 25.55 -15.64 18.26
CA HIS Q 37 26.32 -14.72 19.08
C HIS Q 37 27.69 -14.49 18.47
N ASN Q 38 28.20 -13.27 18.59
CA ASN Q 38 29.49 -12.88 18.08
C ASN Q 38 30.29 -12.28 19.23
N VAL Q 39 31.60 -12.58 19.25
CA VAL Q 39 32.53 -11.96 20.20
C VAL Q 39 33.55 -11.17 19.41
N VAL Q 40 33.64 -9.88 19.70
CA VAL Q 40 34.58 -8.98 19.04
C VAL Q 40 35.37 -8.26 20.13
N PHE Q 41 36.69 -8.19 19.94
CA PHE Q 41 37.57 -7.54 20.90
C PHE Q 41 37.66 -6.05 20.57
N ASP Q 42 37.75 -5.24 21.62
CA ASP Q 42 37.52 -3.79 21.52
C ASP Q 42 38.37 -3.11 20.46
N GLU Q 43 39.69 -3.35 20.48
CA GLU Q 43 40.67 -2.62 19.69
C GLU Q 43 41.12 -1.36 20.42
N ASP Q 44 40.31 -0.90 21.38
CA ASP Q 44 40.65 0.26 22.20
C ASP Q 44 40.59 -0.15 23.66
N GLU Q 45 41.23 0.65 24.51
CA GLU Q 45 41.51 0.24 25.89
C GLU Q 45 42.02 -1.19 25.92
N ILE Q 46 43.09 -1.43 25.18
CA ILE Q 46 43.66 -2.77 25.05
C ILE Q 46 45.18 -2.64 25.10
N PRO Q 47 45.87 -3.54 25.84
CA PRO Q 47 47.30 -3.37 26.15
C PRO Q 47 48.40 -3.30 25.09
N ALA Q 48 49.18 -2.21 25.15
CA ALA Q 48 50.40 -2.06 24.32
C ALA Q 48 50.07 -2.36 22.86
N GLY Q 49 50.42 -3.58 22.45
CA GLY Q 49 50.22 -4.07 21.08
C GLY Q 49 48.93 -4.87 20.97
N VAL Q 50 49.03 -6.08 20.42
CA VAL Q 50 47.93 -7.05 20.13
C VAL Q 50 47.04 -6.46 19.03
N ASP Q 51 47.26 -6.89 17.79
CA ASP Q 51 46.51 -6.37 16.59
C ASP Q 51 45.04 -6.80 16.65
N ALA Q 52 44.12 -6.09 15.99
CA ALA Q 52 42.77 -6.47 16.40
C ALA Q 52 42.33 -7.79 15.75
N SER Q 53 42.69 -7.99 14.48
CA SER Q 53 42.20 -9.15 13.75
C SER Q 53 42.65 -10.47 14.38
N LYS Q 54 43.70 -10.46 15.19
CA LYS Q 54 44.20 -11.71 15.77
C LYS Q 54 43.14 -12.37 16.64
N ILE Q 55 42.46 -11.58 17.47
CA ILE Q 55 41.50 -12.10 18.43
C ILE Q 55 40.06 -11.70 18.11
N SER Q 56 39.86 -10.80 17.14
CA SER Q 56 38.52 -10.48 16.69
C SER Q 56 38.04 -11.54 15.69
N MET Q 57 36.73 -11.50 15.53
CA MET Q 57 35.95 -12.20 14.50
C MET Q 57 35.62 -11.11 13.48
N PRO Q 58 35.44 -11.38 12.18
CA PRO Q 58 35.03 -10.32 11.25
C PRO Q 58 33.74 -9.64 11.76
N GLU Q 59 33.69 -8.31 11.70
CA GLU Q 59 32.56 -7.55 12.29
C GLU Q 59 31.29 -7.96 11.55
N GLU Q 60 31.45 -8.88 10.60
CA GLU Q 60 30.30 -9.38 9.83
C GLU Q 60 30.15 -10.89 9.86
N ASP Q 61 30.68 -11.56 10.88
CA ASP Q 61 30.49 -13.00 11.07
C ASP Q 61 29.70 -13.23 12.34
N LEU Q 62 28.99 -14.36 12.39
CA LEU Q 62 28.22 -14.74 13.57
C LEU Q 62 28.34 -16.24 13.77
N LEU Q 63 28.57 -16.67 15.01
CA LEU Q 63 28.51 -18.08 15.36
C LEU Q 63 27.07 -18.57 15.31
N ASN Q 64 26.86 -19.71 14.67
CA ASN Q 64 25.54 -20.31 14.52
C ASN Q 64 25.50 -21.65 15.25
N ALA Q 65 24.32 -22.25 15.24
CA ALA Q 65 24.11 -23.57 15.85
C ALA Q 65 24.22 -23.46 17.37
N PRO Q 66 23.45 -24.26 18.11
CA PRO Q 66 23.46 -24.12 19.59
C PRO Q 66 24.83 -24.31 20.21
N GLY Q 67 25.65 -25.22 19.69
CA GLY Q 67 26.93 -25.50 20.31
C GLY Q 67 28.13 -25.26 19.40
N GLU Q 68 28.46 -23.99 19.17
CA GLU Q 68 29.62 -23.62 18.37
C GLU Q 68 30.53 -22.74 19.22
N THR Q 69 31.83 -23.02 19.17
CA THR Q 69 32.82 -22.35 20.00
C THR Q 69 33.73 -21.47 19.15
N TYR Q 70 34.21 -20.39 19.76
CA TYR Q 70 35.24 -19.53 19.17
C TYR Q 70 36.48 -19.64 20.05
N SER Q 71 37.62 -19.92 19.43
CA SER Q 71 38.86 -20.20 20.15
C SER Q 71 39.81 -19.03 20.01
N VAL Q 72 40.24 -18.47 21.14
CA VAL Q 72 41.19 -17.36 21.17
C VAL Q 72 42.24 -17.67 22.24
N LYS Q 73 43.52 -17.64 21.84
CA LYS Q 73 44.63 -18.03 22.75
C LYS Q 73 45.09 -16.89 23.66
N LEU Q 74 44.84 -15.63 23.30
CA LEU Q 74 45.19 -14.46 24.12
C LEU Q 74 46.69 -14.50 24.38
N ASP Q 75 47.07 -14.67 25.65
CA ASP Q 75 48.48 -14.69 26.09
C ASP Q 75 49.19 -13.35 25.82
N ALA Q 76 48.92 -12.36 26.67
CA ALA Q 76 49.54 -11.04 26.66
C ALA Q 76 49.13 -10.32 27.94
N LYS Q 77 50.13 -9.85 28.69
CA LYS Q 77 49.88 -9.25 30.00
C LYS Q 77 48.98 -8.02 29.86
N GLY Q 78 48.00 -7.93 30.75
CA GLY Q 78 47.10 -6.80 30.81
C GLY Q 78 45.66 -7.27 30.91
N THR Q 79 44.72 -6.36 30.62
CA THR Q 79 43.27 -6.71 30.57
C THR Q 79 42.71 -6.49 29.17
N TYR Q 80 41.79 -7.35 28.74
CA TYR Q 80 41.14 -7.20 27.42
C TYR Q 80 39.63 -7.03 27.61
N LYS Q 81 39.02 -6.02 27.00
CA LYS Q 81 37.55 -5.91 27.15
C LYS Q 81 36.91 -6.39 25.86
N PHE Q 82 36.01 -7.36 25.95
CA PHE Q 82 35.41 -7.84 24.68
C PHE Q 82 33.91 -7.58 24.75
N TYR Q 83 33.27 -7.69 23.62
CA TYR Q 83 31.84 -7.43 23.55
C TYR Q 83 31.26 -8.11 22.32
N CYS Q 84 29.93 -8.15 22.28
CA CYS Q 84 29.19 -8.77 21.21
C CYS Q 84 28.62 -7.68 20.32
N SER Q 85 29.09 -7.62 19.08
CA SER Q 85 28.66 -6.55 18.17
C SER Q 85 27.13 -6.48 18.05
N PRO Q 86 26.41 -7.58 17.82
CA PRO Q 86 24.96 -7.46 17.69
C PRO Q 86 24.26 -7.07 18.97
N HIS Q 87 24.68 -7.59 20.11
CA HIS Q 87 24.01 -7.38 21.38
C HIS Q 87 24.77 -6.44 22.31
N GLN Q 88 25.75 -5.70 21.77
CA GLN Q 88 26.49 -4.74 22.58
C GLN Q 88 25.58 -3.66 23.16
N GLY Q 89 24.44 -3.38 22.52
CA GLY Q 89 23.51 -2.40 23.04
C GLY Q 89 22.62 -2.94 24.14
N ALA Q 90 22.59 -4.26 24.30
CA ALA Q 90 21.79 -4.90 25.34
C ALA Q 90 22.61 -5.25 26.56
N GLY Q 91 23.82 -4.70 26.69
CA GLY Q 91 24.66 -4.98 27.84
C GLY Q 91 25.53 -6.21 27.71
N MET Q 92 25.68 -6.76 26.50
CA MET Q 92 26.53 -7.93 26.29
C MET Q 92 27.97 -7.45 26.07
N VAL Q 93 28.56 -6.94 27.15
CA VAL Q 93 29.94 -6.48 27.17
C VAL Q 93 30.66 -7.19 28.30
N GLY Q 94 31.84 -7.74 28.01
CA GLY Q 94 32.58 -8.46 29.05
C GLY Q 94 33.97 -7.93 29.25
N GLN Q 95 34.81 -8.67 29.97
CA GLN Q 95 36.19 -8.23 30.24
C GLN Q 95 37.02 -9.41 30.73
N VAL Q 96 38.20 -9.62 30.14
CA VAL Q 96 39.10 -10.71 30.60
C VAL Q 96 40.45 -10.10 30.99
N THR Q 97 40.97 -10.48 32.17
CA THR Q 97 42.29 -9.97 32.58
C THR Q 97 43.22 -11.15 32.82
N VAL Q 98 44.48 -10.99 32.45
CA VAL Q 98 45.49 -12.02 32.68
C VAL Q 98 46.53 -11.42 33.61
N ASN Q 99 46.59 -11.92 34.84
CA ASN Q 99 47.55 -11.44 35.83
C ASN Q 99 48.62 -12.49 36.07
#